data_5NFR
#
_entry.id   5NFR
#
_cell.length_a   72.018
_cell.length_b   152.689
_cell.length_c   158.393
_cell.angle_alpha   103.77
_cell.angle_beta   101.46
_cell.angle_gamma   94.93
#
_symmetry.space_group_name_H-M   'P 1'
#
loop_
_entity.id
_entity.type
_entity.pdbx_description
1 polymer 'Malate dehydrogenase'
2 non-polymer 'CITRIC ACID'
#
_entity_poly.entity_id   1
_entity_poly.type   'polypeptide(L)'
_entity_poly.pdbx_seq_one_letter_code
;MTKIALIGSGQIGAIVGELCLLENLGDLILYDVVPGIPQGKALDLKHFSTILGVNRNILGTNQIEDIKDADIIVITAGVQ
RKEGMTREDLIGVNGKIMKSVAESVKLHCSKAFVICVSNPLDIMVNVFHKFSNLPHEKICGMAGILDTSRYCSLIADKLK
VSAEDVNAVILGGHGDLMVPLQRYTSVNGVPLSEFVKKNMISQNEIQEIIQKTRNMGAEIIKLAKASAAFAPAAAITKMI
KSYLYNENNLFTCAVYLNGHYNCSNLFVGSTAKINNKGAHPVEFPLTKEEQDLYTESIASVQSNTQKAFDLIKGHHHHHH
;
_entity_poly.pdbx_strand_id   A,B,C,D,E,F,G,H,I,J,K,L,M,N,O,P
#
loop_
_chem_comp.id
_chem_comp.type
_chem_comp.name
_chem_comp.formula
CIT non-polymer 'CITRIC ACID' 'C6 H8 O7'
#
# COMPACT_ATOMS: atom_id res chain seq x y z
N MET A 1 -39.92 -32.84 30.37
CA MET A 1 -40.45 -31.65 31.12
C MET A 1 -39.62 -30.30 30.92
N THR A 2 -38.29 -30.39 30.76
CA THR A 2 -37.40 -29.28 30.47
C THR A 2 -37.82 -28.50 29.26
N LYS A 3 -37.91 -27.18 29.38
CA LYS A 3 -38.28 -26.32 28.25
C LYS A 3 -37.09 -25.48 27.81
N ILE A 4 -36.68 -25.59 26.53
CA ILE A 4 -35.59 -24.80 25.96
C ILE A 4 -36.23 -23.77 24.96
N ALA A 5 -36.01 -22.46 25.19
CA ALA A 5 -36.52 -21.42 24.37
C ALA A 5 -35.43 -20.76 23.58
N LEU A 6 -35.62 -20.74 22.25
CA LEU A 6 -34.68 -20.24 21.32
C LEU A 6 -35.30 -18.90 20.88
N ILE A 7 -34.74 -17.82 21.37
CA ILE A 7 -35.14 -16.52 20.95
C ILE A 7 -34.28 -16.12 19.74
N GLY A 8 -34.89 -16.27 18.55
CA GLY A 8 -34.22 -16.14 17.30
C GLY A 8 -34.24 -17.52 16.64
N SER A 9 -34.87 -17.62 15.47
CA SER A 9 -34.96 -18.85 14.68
C SER A 9 -34.19 -18.81 13.36
N GLY A 10 -33.08 -18.07 13.30
CA GLY A 10 -32.14 -18.16 12.21
C GLY A 10 -31.32 -19.48 12.19
N GLN A 11 -30.21 -19.44 11.49
CA GLN A 11 -29.37 -20.57 11.29
C GLN A 11 -28.93 -21.22 12.66
N ILE A 12 -28.38 -20.40 13.55
CA ILE A 12 -27.84 -20.85 14.79
C ILE A 12 -28.89 -21.46 15.68
N GLY A 13 -29.96 -20.75 15.86
CA GLY A 13 -31.11 -21.18 16.63
C GLY A 13 -31.62 -22.51 16.14
N ALA A 14 -31.87 -22.63 14.83
CA ALA A 14 -32.44 -23.87 14.33
C ALA A 14 -31.50 -25.07 14.62
N ILE A 15 -30.20 -24.88 14.42
CA ILE A 15 -29.24 -25.95 14.56
C ILE A 15 -29.11 -26.37 16.08
N VAL A 16 -29.01 -25.38 16.98
CA VAL A 16 -29.17 -25.61 18.35
C VAL A 16 -30.39 -26.46 18.63
N GLY A 17 -31.53 -26.11 18.11
CA GLY A 17 -32.75 -26.86 18.30
C GLY A 17 -32.56 -28.25 17.76
N GLU A 18 -31.86 -28.39 16.61
CA GLU A 18 -31.61 -29.70 16.02
C GLU A 18 -30.69 -30.59 16.98
N LEU A 19 -29.59 -30.02 17.49
CA LEU A 19 -28.73 -30.69 18.43
C LEU A 19 -29.43 -31.06 19.76
N CYS A 20 -30.26 -30.18 20.25
CA CYS A 20 -30.98 -30.44 21.51
C CYS A 20 -31.88 -31.61 21.30
N LEU A 21 -32.49 -31.66 20.13
CA LEU A 21 -33.41 -32.81 19.80
C LEU A 21 -32.59 -34.16 19.75
N LEU A 22 -31.43 -34.09 19.15
CA LEU A 22 -30.61 -35.28 19.01
C LEU A 22 -30.24 -35.88 20.33
N GLU A 23 -29.96 -35.05 21.33
CA GLU A 23 -29.70 -35.50 22.69
C GLU A 23 -30.85 -35.47 23.65
N ASN A 24 -32.03 -35.37 23.16
CA ASN A 24 -33.21 -35.30 24.00
C ASN A 24 -33.10 -34.30 25.19
N LEU A 25 -32.47 -33.13 24.99
CA LEU A 25 -32.26 -32.21 26.10
C LEU A 25 -33.52 -31.63 26.63
N GLY A 26 -34.53 -31.49 25.79
CA GLY A 26 -35.78 -30.79 26.24
C GLY A 26 -36.79 -30.49 25.12
N ASP A 27 -38.00 -30.11 25.49
CA ASP A 27 -38.96 -29.57 24.61
C ASP A 27 -38.46 -28.22 24.04
N LEU A 28 -38.71 -27.94 22.77
CA LEU A 28 -38.27 -26.70 22.18
C LEU A 28 -39.40 -25.71 22.07
N ILE A 29 -39.07 -24.46 22.34
CA ILE A 29 -39.88 -23.30 21.89
C ILE A 29 -39.07 -22.42 20.97
N LEU A 30 -39.42 -22.50 19.69
CA LEU A 30 -38.77 -21.70 18.62
C LEU A 30 -39.52 -20.37 18.42
N TYR A 31 -38.87 -19.27 18.80
CA TYR A 31 -39.43 -17.99 18.74
C TYR A 31 -38.67 -17.17 17.70
N ASP A 32 -39.45 -16.36 16.95
CA ASP A 32 -38.88 -15.28 16.20
C ASP A 32 -39.91 -14.13 16.11
N VAL A 33 -39.40 -12.96 15.78
CA VAL A 33 -40.25 -11.83 15.47
C VAL A 33 -41.00 -12.00 14.09
N VAL A 34 -40.32 -12.53 13.07
CA VAL A 34 -40.87 -12.64 11.67
C VAL A 34 -41.94 -13.74 11.56
N PRO A 35 -43.19 -13.41 11.16
CA PRO A 35 -44.25 -14.44 11.19
C PRO A 35 -44.03 -15.55 10.18
N GLY A 36 -44.48 -16.76 10.56
CA GLY A 36 -44.29 -17.94 9.80
C GLY A 36 -42.93 -18.66 9.88
N ILE A 37 -41.82 -17.95 10.04
CA ILE A 37 -40.53 -18.57 9.99
C ILE A 37 -40.33 -19.72 11.09
N PRO A 38 -40.66 -19.45 12.35
CA PRO A 38 -40.51 -20.51 13.39
C PRO A 38 -41.46 -21.63 13.24
N GLN A 39 -42.63 -21.34 12.73
CA GLN A 39 -43.61 -22.39 12.52
C GLN A 39 -43.12 -23.42 11.43
N GLY A 40 -42.50 -22.89 10.37
CA GLY A 40 -42.00 -23.66 9.29
C GLY A 40 -40.76 -24.49 9.69
N LYS A 41 -39.88 -23.89 10.46
CA LYS A 41 -38.71 -24.61 10.93
C LYS A 41 -39.12 -25.71 11.99
N ALA A 42 -40.18 -25.41 12.73
CA ALA A 42 -40.72 -26.36 13.68
C ALA A 42 -41.28 -27.52 12.97
N LEU A 43 -41.91 -27.28 11.83
CA LEU A 43 -42.44 -28.41 11.05
C LEU A 43 -41.25 -29.36 10.59
N ASP A 44 -40.20 -28.76 10.06
CA ASP A 44 -39.12 -29.45 9.48
C ASP A 44 -38.45 -30.28 10.63
N LEU A 45 -38.20 -29.65 11.80
CA LEU A 45 -37.69 -30.27 13.00
C LEU A 45 -38.56 -31.37 13.52
N LYS A 46 -39.90 -31.27 13.44
CA LYS A 46 -40.77 -32.37 13.76
C LYS A 46 -40.55 -33.62 12.84
N HIS A 47 -40.48 -33.36 11.52
CA HIS A 47 -40.26 -34.41 10.60
C HIS A 47 -38.83 -35.11 10.83
N PHE A 48 -37.84 -34.28 11.15
CA PHE A 48 -36.49 -34.70 11.39
C PHE A 48 -36.56 -35.62 12.61
N SER A 49 -37.26 -35.16 13.64
CA SER A 49 -37.50 -35.90 14.86
C SER A 49 -38.18 -37.26 14.60
N THR A 50 -39.15 -37.31 13.71
CA THR A 50 -39.80 -38.55 13.34
C THR A 50 -38.90 -39.57 12.63
N ILE A 51 -37.97 -39.12 11.86
CA ILE A 51 -37.08 -40.00 11.16
C ILE A 51 -36.01 -40.56 12.11
N LEU A 52 -35.50 -39.73 13.01
CA LEU A 52 -34.44 -40.15 13.94
C LEU A 52 -34.93 -40.72 15.27
N GLY A 53 -36.22 -40.91 15.44
CA GLY A 53 -36.77 -41.49 16.65
C GLY A 53 -36.68 -40.63 17.90
N VAL A 54 -36.65 -39.31 17.77
CA VAL A 54 -36.76 -38.36 18.89
C VAL A 54 -38.16 -37.87 19.03
N ASN A 55 -38.63 -37.59 20.23
CA ASN A 55 -40.05 -37.40 20.48
C ASN A 55 -40.37 -36.23 21.30
N ARG A 56 -39.40 -35.39 21.55
CA ARG A 56 -39.66 -34.16 22.26
C ARG A 56 -40.57 -33.18 21.46
N ASN A 57 -41.25 -32.36 22.22
CA ASN A 57 -42.20 -31.44 21.69
C ASN A 57 -41.50 -30.20 21.11
N ILE A 58 -42.02 -29.71 20.00
CA ILE A 58 -41.46 -28.54 19.29
C ILE A 58 -42.57 -27.57 18.92
N LEU A 59 -42.47 -26.35 19.38
CA LEU A 59 -43.46 -25.35 19.15
C LEU A 59 -42.79 -24.15 18.50
N GLY A 60 -43.26 -23.79 17.30
CA GLY A 60 -42.82 -22.56 16.58
C GLY A 60 -43.82 -21.43 16.81
N THR A 61 -43.34 -20.26 17.17
CA THR A 61 -44.22 -19.20 17.65
C THR A 61 -43.66 -17.80 17.41
N ASN A 62 -44.60 -16.86 17.30
CA ASN A 62 -44.31 -15.43 17.26
C ASN A 62 -44.76 -14.68 18.50
N GLN A 63 -45.39 -15.39 19.43
CA GLN A 63 -45.85 -14.82 20.66
C GLN A 63 -44.78 -15.06 21.71
N ILE A 64 -44.06 -14.02 22.08
CA ILE A 64 -42.97 -14.16 23.08
C ILE A 64 -43.41 -14.61 24.46
N GLU A 65 -44.68 -14.45 24.80
CA GLU A 65 -45.21 -14.96 26.00
C GLU A 65 -45.15 -16.50 26.10
N ASP A 66 -45.04 -17.19 24.96
CA ASP A 66 -44.80 -18.64 24.95
C ASP A 66 -43.46 -19.09 25.57
N ILE A 67 -42.56 -18.15 25.78
CA ILE A 67 -41.34 -18.36 26.45
C ILE A 67 -41.47 -18.66 28.03
N LYS A 68 -42.68 -18.56 28.58
CA LYS A 68 -42.94 -18.72 30.00
C LYS A 68 -42.44 -20.03 30.50
N ASP A 69 -41.81 -19.95 31.66
CA ASP A 69 -41.32 -21.15 32.32
C ASP A 69 -40.23 -21.93 31.56
N ALA A 70 -39.58 -21.28 30.63
CA ALA A 70 -38.46 -21.87 29.99
C ALA A 70 -37.43 -22.07 31.07
N ASP A 71 -36.79 -23.22 31.04
CA ASP A 71 -35.62 -23.45 31.89
C ASP A 71 -34.41 -22.82 31.30
N ILE A 72 -34.30 -22.85 29.97
CA ILE A 72 -33.12 -22.38 29.24
C ILE A 72 -33.60 -21.40 28.15
N ILE A 73 -32.82 -20.34 27.92
CA ILE A 73 -33.04 -19.41 26.92
C ILE A 73 -31.76 -19.21 26.14
N VAL A 74 -31.85 -19.41 24.82
CA VAL A 74 -30.76 -19.08 23.87
C VAL A 74 -31.18 -17.87 23.00
N ILE A 75 -30.38 -16.81 23.04
CA ILE A 75 -30.66 -15.59 22.33
C ILE A 75 -29.74 -15.43 21.15
N THR A 76 -30.32 -15.54 19.96
CA THR A 76 -29.62 -15.26 18.68
C THR A 76 -30.27 -14.17 17.89
N ALA A 77 -31.34 -13.59 18.41
CA ALA A 77 -32.03 -12.47 17.79
C ALA A 77 -31.06 -11.34 17.51
N GLY A 78 -31.14 -10.78 16.32
CA GLY A 78 -30.22 -9.74 15.96
C GLY A 78 -29.71 -9.94 14.57
N VAL A 79 -28.98 -8.95 14.12
CA VAL A 79 -28.47 -8.88 12.77
C VAL A 79 -27.06 -9.45 12.84
N GLN A 80 -26.64 -10.12 11.78
CA GLN A 80 -25.30 -10.59 11.60
C GLN A 80 -24.49 -9.72 10.66
N ARG A 81 -23.19 -9.73 10.84
CA ARG A 81 -22.31 -8.88 10.09
C ARG A 81 -22.01 -9.51 8.77
N LYS A 82 -21.77 -8.64 7.78
CA LYS A 82 -21.41 -9.00 6.41
C LYS A 82 -19.91 -8.82 6.23
N GLU A 83 -19.42 -9.24 5.06
CA GLU A 83 -18.08 -8.99 4.66
C GLU A 83 -17.65 -7.52 4.85
N GLY A 84 -16.44 -7.30 5.35
CA GLY A 84 -15.91 -5.92 5.54
C GLY A 84 -16.35 -5.17 6.80
N MET A 85 -17.49 -5.58 7.38
CA MET A 85 -17.88 -5.17 8.73
C MET A 85 -17.11 -5.89 9.90
N THR A 86 -16.98 -5.18 11.03
CA THR A 86 -16.58 -5.79 12.31
C THR A 86 -17.86 -6.17 13.08
N ARG A 87 -17.67 -6.97 14.12
CA ARG A 87 -18.77 -7.34 15.00
C ARG A 87 -19.29 -6.08 15.67
N GLU A 88 -18.37 -5.18 16.00
CA GLU A 88 -18.68 -3.90 16.73
C GLU A 88 -19.58 -2.96 15.90
N ASP A 89 -19.57 -3.04 14.58
CA ASP A 89 -20.50 -2.29 13.76
C ASP A 89 -21.99 -2.56 14.05
N LEU A 90 -22.31 -3.68 14.68
CA LEU A 90 -23.71 -4.10 14.95
C LEU A 90 -24.22 -3.58 16.29
N ILE A 91 -23.31 -3.00 17.03
CA ILE A 91 -23.59 -2.39 18.33
C ILE A 91 -24.93 -1.62 18.36
N GLY A 92 -25.17 -0.73 17.40
CA GLY A 92 -26.34 0.13 17.43
C GLY A 92 -27.58 -0.72 17.33
N VAL A 93 -27.70 -1.47 16.25
CA VAL A 93 -28.94 -2.16 15.95
C VAL A 93 -29.25 -3.34 16.87
N ASN A 94 -28.21 -4.06 17.30
CA ASN A 94 -28.38 -5.23 18.17
C ASN A 94 -28.58 -4.97 19.70
N GLY A 95 -27.94 -3.91 20.20
CA GLY A 95 -28.19 -3.38 21.52
C GLY A 95 -29.66 -3.13 21.80
N LYS A 96 -30.35 -2.52 20.83
CA LYS A 96 -31.77 -2.20 20.97
C LYS A 96 -32.57 -3.51 21.03
N ILE A 97 -32.26 -4.45 20.12
CA ILE A 97 -32.94 -5.74 20.04
C ILE A 97 -32.67 -6.59 21.28
N MET A 98 -31.44 -6.59 21.71
CA MET A 98 -31.12 -7.22 23.02
C MET A 98 -31.90 -6.67 24.23
N LYS A 99 -32.01 -5.34 24.32
CA LYS A 99 -32.78 -4.70 25.41
C LYS A 99 -34.25 -5.14 25.40
N SER A 100 -34.82 -5.16 24.23
CA SER A 100 -36.20 -5.59 24.08
C SER A 100 -36.40 -7.05 24.52
N VAL A 101 -35.43 -7.91 24.19
CA VAL A 101 -35.48 -9.34 24.60
C VAL A 101 -35.31 -9.43 26.10
N ALA A 102 -34.37 -8.67 26.62
CA ALA A 102 -34.21 -8.58 28.07
C ALA A 102 -35.51 -8.26 28.77
N GLU A 103 -36.21 -7.24 28.30
CA GLU A 103 -37.46 -6.83 28.92
C GLU A 103 -38.52 -7.87 28.88
N SER A 104 -38.56 -8.60 27.79
CA SER A 104 -39.46 -9.74 27.67
C SER A 104 -39.11 -10.93 28.61
N VAL A 105 -37.85 -11.28 28.68
CA VAL A 105 -37.43 -12.35 29.60
C VAL A 105 -37.82 -11.93 31.05
N LYS A 106 -37.56 -10.65 31.37
CA LYS A 106 -37.82 -10.11 32.68
C LYS A 106 -39.26 -10.38 33.13
N LEU A 107 -40.25 -10.08 32.30
CA LEU A 107 -41.63 -10.32 32.71
C LEU A 107 -42.19 -11.70 32.49
N HIS A 108 -41.59 -12.51 31.61
CA HIS A 108 -42.16 -13.82 31.27
C HIS A 108 -41.49 -15.07 31.92
N CYS A 109 -40.17 -15.06 32.12
CA CYS A 109 -39.47 -16.19 32.78
C CYS A 109 -38.19 -15.77 33.43
N SER A 110 -38.34 -15.21 34.61
CA SER A 110 -37.21 -14.68 35.33
C SER A 110 -36.32 -15.76 35.95
N LYS A 111 -36.73 -17.03 35.97
CA LYS A 111 -35.89 -18.11 36.55
C LYS A 111 -34.98 -18.89 35.58
N ALA A 112 -35.00 -18.51 34.32
CA ALA A 112 -34.25 -19.19 33.32
C ALA A 112 -32.75 -18.93 33.44
N PHE A 113 -32.01 -19.85 32.83
CA PHE A 113 -30.57 -19.69 32.53
C PHE A 113 -30.46 -19.21 31.07
N VAL A 114 -29.71 -18.15 30.86
CA VAL A 114 -29.71 -17.37 29.63
C VAL A 114 -28.38 -17.38 28.93
N ILE A 115 -28.33 -17.98 27.74
CA ILE A 115 -27.12 -17.98 26.94
C ILE A 115 -27.36 -16.97 25.72
N CYS A 116 -26.60 -15.89 25.74
CA CYS A 116 -26.60 -14.89 24.78
C CYS A 116 -25.61 -15.25 23.71
N VAL A 117 -26.03 -15.03 22.46
CA VAL A 117 -25.15 -15.23 21.26
C VAL A 117 -25.06 -14.08 20.24
N SER A 118 -26.06 -13.23 20.11
CA SER A 118 -25.93 -11.95 19.30
C SER A 118 -24.63 -11.17 19.43
N ASN A 119 -24.08 -10.70 18.32
CA ASN A 119 -22.84 -9.92 18.29
C ASN A 119 -23.03 -8.40 18.38
N PRO A 120 -21.96 -7.66 18.70
CA PRO A 120 -20.76 -8.24 19.37
C PRO A 120 -21.01 -8.88 20.76
N LEU A 121 -20.54 -10.12 20.90
CA LEU A 121 -20.99 -11.02 21.96
C LEU A 121 -20.89 -10.42 23.43
N ASP A 122 -19.67 -10.10 23.87
CA ASP A 122 -19.49 -9.69 25.24
C ASP A 122 -20.31 -8.46 25.58
N ILE A 123 -20.36 -7.54 24.63
CA ILE A 123 -21.13 -6.33 24.79
C ILE A 123 -22.60 -6.65 25.01
N MET A 124 -23.15 -7.49 24.18
CA MET A 124 -24.57 -7.78 24.24
C MET A 124 -25.03 -8.53 25.46
N VAL A 125 -24.12 -9.31 26.03
CA VAL A 125 -24.35 -9.98 27.31
C VAL A 125 -24.54 -8.88 28.37
N ASN A 126 -23.66 -7.89 28.37
CA ASN A 126 -23.79 -6.76 29.33
C ASN A 126 -25.09 -5.97 29.18
N VAL A 127 -25.52 -5.79 27.96
CA VAL A 127 -26.81 -5.15 27.71
C VAL A 127 -27.91 -6.02 28.33
N PHE A 128 -27.85 -7.30 28.08
CA PHE A 128 -28.93 -8.16 28.57
C PHE A 128 -29.03 -8.12 30.07
N HIS A 129 -27.89 -8.12 30.71
CA HIS A 129 -27.90 -8.07 32.15
C HIS A 129 -28.58 -6.81 32.66
N LYS A 130 -28.14 -5.69 32.14
CA LYS A 130 -28.64 -4.45 32.52
C LYS A 130 -30.18 -4.37 32.51
N PHE A 131 -30.83 -4.84 31.47
CA PHE A 131 -32.30 -4.63 31.33
C PHE A 131 -33.14 -5.84 31.74
N SER A 132 -32.51 -6.92 32.17
CA SER A 132 -33.24 -8.20 32.39
C SER A 132 -33.61 -8.37 33.77
N ASN A 133 -32.81 -7.82 34.66
CA ASN A 133 -33.05 -8.01 36.10
C ASN A 133 -33.02 -9.53 36.45
N LEU A 134 -32.07 -10.23 35.87
CA LEU A 134 -31.73 -11.52 36.39
C LEU A 134 -30.43 -11.50 37.21
N PRO A 135 -30.26 -12.49 38.06
CA PRO A 135 -28.94 -12.68 38.67
C PRO A 135 -27.81 -12.87 37.71
N HIS A 136 -26.62 -12.38 38.02
CA HIS A 136 -25.55 -12.44 37.06
C HIS A 136 -25.04 -13.80 36.69
N GLU A 137 -25.13 -14.73 37.64
CA GLU A 137 -24.68 -16.13 37.39
C GLU A 137 -25.64 -16.81 36.41
N LYS A 138 -26.88 -16.31 36.30
CA LYS A 138 -27.87 -16.91 35.38
C LYS A 138 -27.77 -16.40 33.93
N ILE A 139 -26.73 -15.66 33.63
CA ILE A 139 -26.56 -15.06 32.34
C ILE A 139 -25.12 -15.33 31.90
N CYS A 140 -24.94 -15.70 30.63
CA CYS A 140 -23.60 -15.82 30.07
C CYS A 140 -23.72 -15.68 28.56
N GLY A 141 -22.57 -15.59 27.91
CA GLY A 141 -22.53 -15.68 26.50
C GLY A 141 -21.57 -16.73 25.98
N MET A 142 -21.90 -17.39 24.83
CA MET A 142 -20.96 -18.32 24.25
C MET A 142 -20.06 -17.62 23.33
N ALA A 143 -18.77 -17.84 23.51
CA ALA A 143 -17.78 -17.46 22.59
C ALA A 143 -16.52 -18.22 22.73
N GLY A 144 -15.93 -18.18 23.88
CA GLY A 144 -14.68 -18.91 24.14
C GLY A 144 -14.66 -20.34 23.60
N ILE A 145 -15.79 -21.06 23.68
CA ILE A 145 -15.75 -22.45 23.33
C ILE A 145 -15.53 -22.53 21.81
N LEU A 146 -16.14 -21.61 21.08
CA LEU A 146 -15.94 -21.50 19.63
C LEU A 146 -14.52 -21.09 19.25
N ASP A 147 -13.99 -20.05 19.88
CA ASP A 147 -12.63 -19.60 19.59
C ASP A 147 -11.60 -20.66 19.97
N THR A 148 -11.81 -21.31 21.12
CA THR A 148 -10.99 -22.44 21.58
C THR A 148 -11.03 -23.62 20.57
N SER A 149 -12.22 -23.99 20.12
CA SER A 149 -12.32 -25.04 19.13
C SER A 149 -11.53 -24.73 17.85
N ARG A 150 -11.49 -23.47 17.47
CA ARG A 150 -10.71 -23.07 16.29
C ARG A 150 -9.24 -23.18 16.54
N TYR A 151 -8.79 -22.53 17.56
CA TYR A 151 -7.38 -22.60 17.97
C TYR A 151 -6.87 -24.05 18.18
N CYS A 152 -7.65 -24.86 18.91
CA CYS A 152 -7.28 -26.24 19.14
C CYS A 152 -7.26 -27.07 17.86
N SER A 153 -8.24 -26.79 17.01
CA SER A 153 -8.33 -27.42 15.67
C SER A 153 -7.06 -27.14 14.84
N LEU A 154 -6.58 -25.92 14.88
CA LEU A 154 -5.36 -25.55 14.12
C LEU A 154 -4.10 -26.15 14.73
N ILE A 155 -4.03 -26.15 16.09
CA ILE A 155 -2.90 -26.74 16.80
C ILE A 155 -2.83 -28.20 16.46
N ALA A 156 -3.97 -28.87 16.53
CA ALA A 156 -4.04 -30.30 16.22
C ALA A 156 -3.51 -30.61 14.82
N ASP A 157 -3.97 -29.84 13.82
CA ASP A 157 -3.53 -30.03 12.41
C ASP A 157 -2.03 -29.88 12.28
N LYS A 158 -1.43 -28.85 12.88
CA LYS A 158 0.01 -28.67 12.78
C LYS A 158 0.81 -29.77 13.50
N LEU A 159 0.29 -30.33 14.59
CA LEU A 159 0.98 -31.37 15.33
C LEU A 159 0.70 -32.80 14.81
N LYS A 160 -0.14 -32.91 13.80
CA LYS A 160 -0.60 -34.20 13.28
C LYS A 160 -1.25 -35.07 14.35
N VAL A 161 -2.16 -34.49 15.14
CA VAL A 161 -2.85 -35.22 16.20
C VAL A 161 -4.30 -35.00 16.10
N SER A 162 -5.05 -35.86 16.72
CA SER A 162 -6.43 -35.68 16.92
C SER A 162 -6.67 -34.36 17.66
N ALA A 163 -7.64 -33.58 17.17
CA ALA A 163 -8.18 -32.45 17.91
C ALA A 163 -8.94 -32.92 19.18
N GLU A 164 -9.37 -34.20 19.26
CA GLU A 164 -10.27 -34.63 20.35
C GLU A 164 -9.80 -34.26 21.76
N ASP A 165 -8.52 -34.31 22.03
CA ASP A 165 -8.09 -33.99 23.41
C ASP A 165 -7.04 -32.90 23.46
N VAL A 166 -7.10 -31.98 22.50
CA VAL A 166 -6.39 -30.72 22.56
C VAL A 166 -7.29 -29.71 23.25
N ASN A 167 -6.82 -29.20 24.38
CA ASN A 167 -7.58 -28.28 25.17
C ASN A 167 -6.83 -27.01 25.35
N ALA A 168 -7.57 -25.94 25.54
CA ALA A 168 -6.96 -24.63 25.71
C ALA A 168 -7.87 -23.59 26.33
N VAL A 169 -7.26 -22.55 26.85
CA VAL A 169 -7.95 -21.47 27.49
C VAL A 169 -7.73 -20.26 26.62
N ILE A 170 -8.83 -19.64 26.23
CA ILE A 170 -8.77 -18.35 25.60
C ILE A 170 -9.58 -17.37 26.46
N LEU A 171 -8.89 -16.33 26.89
CA LEU A 171 -9.47 -15.26 27.69
C LEU A 171 -9.78 -14.05 26.82
N GLY A 172 -10.78 -13.30 27.26
CA GLY A 172 -11.09 -12.02 26.68
C GLY A 172 -12.23 -12.00 25.72
N GLY A 173 -12.47 -10.81 25.21
CA GLY A 173 -13.61 -10.52 24.30
C GLY A 173 -13.55 -11.30 22.98
N HIS A 174 -14.72 -11.61 22.45
CA HIS A 174 -14.83 -12.37 21.26
C HIS A 174 -14.54 -11.44 20.07
N GLY A 175 -13.27 -11.27 19.79
CA GLY A 175 -12.83 -10.25 18.92
C GLY A 175 -11.34 -10.30 18.80
N ASP A 176 -10.82 -9.28 18.10
CA ASP A 176 -9.40 -9.18 17.77
C ASP A 176 -8.47 -9.19 19.00
N LEU A 177 -9.01 -8.91 20.18
CA LEU A 177 -8.20 -8.86 21.40
C LEU A 177 -8.29 -10.13 22.27
N MET A 178 -8.69 -11.26 21.70
CA MET A 178 -8.59 -12.56 22.37
C MET A 178 -7.19 -12.77 22.85
N VAL A 179 -7.09 -13.48 23.96
CA VAL A 179 -5.80 -13.85 24.55
C VAL A 179 -5.72 -15.40 24.72
N PRO A 180 -5.25 -16.10 23.67
CA PRO A 180 -5.02 -17.54 23.85
C PRO A 180 -3.83 -17.77 24.73
N LEU A 181 -3.94 -18.70 25.68
CA LEU A 181 -2.85 -18.99 26.59
C LEU A 181 -2.15 -20.28 26.22
N GLN A 182 -0.95 -20.11 25.69
CA GLN A 182 -0.07 -21.23 25.41
C GLN A 182 0.21 -22.08 26.61
N ARG A 183 0.47 -21.44 27.73
CA ARG A 183 0.68 -22.15 29.00
C ARG A 183 -0.49 -23.08 29.35
N TYR A 184 -1.71 -22.66 29.02
CA TYR A 184 -2.94 -23.42 29.31
C TYR A 184 -3.45 -24.11 28.06
N THR A 185 -2.53 -24.60 27.22
CA THR A 185 -2.87 -25.44 26.11
C THR A 185 -2.21 -26.80 26.29
N SER A 186 -2.99 -27.85 26.20
CA SER A 186 -2.45 -29.21 26.34
C SER A 186 -2.97 -30.14 25.25
N VAL A 187 -2.20 -31.19 25.00
CA VAL A 187 -2.58 -32.29 24.10
C VAL A 187 -2.67 -33.56 24.96
N ASN A 188 -3.90 -34.00 25.20
CA ASN A 188 -4.20 -35.11 26.15
C ASN A 188 -3.37 -35.06 27.44
N GLY A 189 -3.25 -33.86 28.00
CA GLY A 189 -2.53 -33.64 29.23
C GLY A 189 -1.16 -33.05 29.09
N VAL A 190 -0.52 -33.28 27.95
CA VAL A 190 0.85 -32.81 27.73
C VAL A 190 0.85 -31.36 27.33
N PRO A 191 1.54 -30.49 28.11
CA PRO A 191 1.57 -29.05 27.72
C PRO A 191 2.12 -28.79 26.30
N LEU A 192 1.61 -27.73 25.63
CA LEU A 192 2.10 -27.30 24.30
C LEU A 192 3.59 -27.05 24.25
N SER A 193 4.14 -26.53 25.34
CA SER A 193 5.56 -26.24 25.48
C SER A 193 6.47 -27.46 25.25
N GLU A 194 5.96 -28.67 25.52
CA GLU A 194 6.70 -29.92 25.29
C GLU A 194 6.87 -30.20 23.79
N PHE A 195 5.84 -29.84 23.02
CA PHE A 195 5.88 -29.96 21.58
C PHE A 195 6.81 -28.91 20.93
N VAL A 196 6.98 -27.73 21.52
CA VAL A 196 7.96 -26.76 21.02
C VAL A 196 9.38 -27.27 21.29
N LYS A 197 9.63 -27.80 22.49
CA LYS A 197 10.96 -28.37 22.87
C LYS A 197 11.33 -29.54 21.99
N LYS A 198 10.33 -30.32 21.62
CA LYS A 198 10.52 -31.46 20.75
C LYS A 198 10.59 -31.03 19.25
N ASN A 199 10.56 -29.72 18.97
CA ASN A 199 10.58 -29.13 17.62
C ASN A 199 9.45 -29.57 16.71
N MET A 200 8.35 -30.03 17.27
CA MET A 200 7.22 -30.43 16.46
C MET A 200 6.38 -29.20 16.01
N ILE A 201 6.63 -28.04 16.63
CA ILE A 201 5.92 -26.79 16.34
C ILE A 201 6.77 -25.66 16.86
N SER A 202 6.72 -24.52 16.19
CA SER A 202 7.57 -23.37 16.56
C SER A 202 6.73 -22.22 17.10
N GLN A 203 7.39 -21.32 17.83
CA GLN A 203 6.73 -20.16 18.38
C GLN A 203 6.05 -19.30 17.30
N ASN A 204 6.67 -19.23 16.12
CA ASN A 204 6.11 -18.50 15.00
C ASN A 204 4.87 -19.17 14.44
N GLU A 205 4.93 -20.48 14.25
CA GLU A 205 3.76 -21.25 13.80
C GLU A 205 2.54 -21.03 14.75
N ILE A 206 2.84 -20.93 16.06
CA ILE A 206 1.82 -20.66 17.10
C ILE A 206 1.21 -19.25 16.99
N GLN A 207 2.05 -18.26 16.72
CA GLN A 207 1.58 -16.88 16.51
C GLN A 207 0.71 -16.74 15.24
N GLU A 208 1.11 -17.45 14.19
CA GLU A 208 0.32 -17.62 12.97
C GLU A 208 -1.07 -18.20 13.31
N ILE A 209 -1.08 -19.31 14.07
CA ILE A 209 -2.33 -19.96 14.49
C ILE A 209 -3.23 -19.03 15.32
N ILE A 210 -2.63 -18.27 16.22
CA ILE A 210 -3.36 -17.28 17.03
C ILE A 210 -3.99 -16.23 16.13
N GLN A 211 -3.25 -15.78 15.13
CA GLN A 211 -3.82 -14.85 14.11
C GLN A 211 -5.01 -15.43 13.32
N LYS A 212 -4.86 -16.65 12.83
CA LYS A 212 -5.97 -17.29 12.15
C LYS A 212 -7.20 -17.48 13.05
N THR A 213 -6.97 -17.75 14.35
CA THR A 213 -8.06 -17.92 15.32
C THR A 213 -8.82 -16.64 15.47
N ARG A 214 -8.07 -15.54 15.55
CA ARG A 214 -8.69 -14.20 15.65
C ARG A 214 -9.55 -13.88 14.44
N ASN A 215 -9.03 -14.10 13.24
CA ASN A 215 -9.72 -13.73 12.01
C ASN A 215 -10.72 -14.73 11.47
N MET A 216 -10.91 -15.82 12.21
CA MET A 216 -11.62 -16.97 11.68
C MET A 216 -13.06 -16.65 11.36
N GLY A 217 -13.69 -15.97 12.26
CA GLY A 217 -15.04 -15.53 12.06
C GLY A 217 -15.25 -14.73 10.78
N ALA A 218 -14.33 -13.84 10.48
CA ALA A 218 -14.35 -13.07 9.27
C ALA A 218 -14.04 -13.96 8.03
N GLU A 219 -13.08 -14.87 8.18
CA GLU A 219 -12.63 -15.69 7.05
C GLU A 219 -13.78 -16.55 6.57
N ILE A 220 -14.57 -17.06 7.50
CA ILE A 220 -15.74 -17.91 7.10
C ILE A 220 -16.75 -17.02 6.32
N ILE A 221 -17.00 -15.80 6.87
CA ILE A 221 -17.96 -14.88 6.25
C ILE A 221 -17.53 -14.63 4.77
N LYS A 222 -16.24 -14.36 4.58
CA LYS A 222 -15.65 -14.18 3.27
C LYS A 222 -15.85 -15.40 2.37
N LEU A 223 -15.52 -16.57 2.82
CA LEU A 223 -15.62 -17.78 2.02
C LEU A 223 -17.08 -18.22 1.84
N ALA A 224 -17.80 -18.45 2.92
CA ALA A 224 -19.14 -19.03 2.85
C ALA A 224 -20.20 -18.03 2.57
N LYS A 225 -19.87 -16.73 2.62
CA LYS A 225 -20.86 -15.65 2.40
C LYS A 225 -21.94 -15.57 3.46
N ALA A 226 -21.71 -16.24 4.57
CA ALA A 226 -22.60 -16.25 5.74
C ALA A 226 -21.74 -16.56 6.91
N SER A 227 -22.22 -16.21 8.07
CA SER A 227 -21.43 -16.42 9.26
C SER A 227 -21.55 -17.88 9.74
N ALA A 228 -20.55 -18.30 10.51
CA ALA A 228 -20.46 -19.69 11.06
C ALA A 228 -21.72 -20.01 11.87
N ALA A 229 -22.24 -21.23 11.69
CA ALA A 229 -23.53 -21.62 12.29
C ALA A 229 -23.43 -22.98 13.04
N PHE A 230 -22.72 -23.97 12.48
CA PHE A 230 -22.65 -25.29 13.10
C PHE A 230 -21.82 -25.29 14.40
N ALA A 231 -20.61 -24.74 14.34
CA ALA A 231 -19.75 -24.70 15.50
C ALA A 231 -20.34 -23.82 16.66
N PRO A 232 -20.92 -22.66 16.29
CA PRO A 232 -21.63 -21.90 17.37
C PRO A 232 -22.75 -22.67 18.00
N ALA A 233 -23.53 -23.38 17.20
CA ALA A 233 -24.64 -24.15 17.78
C ALA A 233 -24.11 -25.31 18.78
N ALA A 234 -23.01 -25.91 18.40
CA ALA A 234 -22.43 -27.09 19.13
C ALA A 234 -21.87 -26.59 20.48
N ALA A 235 -21.14 -25.50 20.41
CA ALA A 235 -20.73 -24.76 21.62
C ALA A 235 -21.89 -24.44 22.55
N ILE A 236 -22.95 -23.88 22.02
CA ILE A 236 -24.15 -23.49 22.82
C ILE A 236 -24.64 -24.74 23.51
N THR A 237 -24.85 -25.80 22.72
CA THR A 237 -25.42 -27.03 23.20
C THR A 237 -24.58 -27.59 24.36
N LYS A 238 -23.27 -27.44 24.28
CA LYS A 238 -22.39 -27.94 25.27
C LYS A 238 -22.61 -27.16 26.59
N MET A 239 -22.82 -25.86 26.54
CA MET A 239 -23.14 -25.07 27.72
C MET A 239 -24.53 -25.39 28.25
N ILE A 240 -25.52 -25.64 27.36
CA ILE A 240 -26.86 -26.04 27.83
C ILE A 240 -26.68 -27.37 28.75
N LYS A 241 -25.92 -28.32 28.22
CA LYS A 241 -25.79 -29.63 28.69
C LYS A 241 -25.14 -29.53 30.10
N SER A 242 -24.09 -28.71 30.20
CA SER A 242 -23.43 -28.46 31.45
C SER A 242 -24.31 -27.84 32.54
N TYR A 243 -25.29 -27.03 32.12
CA TYR A 243 -26.32 -26.52 33.06
C TYR A 243 -27.36 -27.59 33.44
N LEU A 244 -28.05 -28.19 32.47
CA LEU A 244 -29.12 -29.13 32.70
C LEU A 244 -28.67 -30.35 33.51
N TYR A 245 -27.47 -30.84 33.22
CA TYR A 245 -26.97 -32.04 33.83
C TYR A 245 -26.00 -31.77 35.00
N ASN A 246 -25.91 -30.51 35.46
CA ASN A 246 -25.09 -30.14 36.59
C ASN A 246 -23.69 -30.65 36.49
N GLU A 247 -23.13 -30.52 35.30
CA GLU A 247 -21.85 -31.11 35.02
C GLU A 247 -20.65 -30.41 35.67
N ASN A 248 -20.76 -29.14 35.91
CA ASN A 248 -19.65 -28.37 36.44
C ASN A 248 -18.40 -28.37 35.57
N ASN A 249 -18.60 -28.34 34.27
CA ASN A 249 -17.50 -28.25 33.29
C ASN A 249 -16.81 -26.88 33.32
N LEU A 250 -15.52 -26.86 33.05
CA LEU A 250 -14.72 -25.66 33.03
C LEU A 250 -14.48 -25.19 31.62
N PHE A 251 -15.20 -24.14 31.19
CA PHE A 251 -15.09 -23.55 29.84
C PHE A 251 -14.47 -22.17 29.87
N THR A 252 -14.31 -21.57 28.72
CA THR A 252 -14.29 -20.10 28.59
C THR A 252 -15.61 -19.59 27.98
N CYS A 253 -16.21 -18.60 28.62
CA CYS A 253 -17.40 -17.98 28.16
C CYS A 253 -17.56 -16.60 28.81
N ALA A 254 -18.46 -15.79 28.26
CA ALA A 254 -18.66 -14.47 28.74
C ALA A 254 -19.38 -14.65 30.03
N VAL A 255 -18.78 -14.17 31.10
CA VAL A 255 -19.29 -14.35 32.44
C VAL A 255 -19.07 -13.09 33.30
N TYR A 256 -19.92 -12.91 34.31
CA TYR A 256 -19.80 -11.74 35.24
C TYR A 256 -18.53 -11.85 36.08
N LEU A 257 -17.57 -10.97 35.84
CA LEU A 257 -16.40 -10.87 36.67
C LEU A 257 -16.67 -9.92 37.86
N ASN A 258 -16.08 -10.30 39.01
CA ASN A 258 -16.32 -9.68 40.30
C ASN A 258 -15.13 -9.70 41.20
N GLY A 259 -14.06 -9.00 40.79
CA GLY A 259 -12.77 -9.05 41.46
C GLY A 259 -11.81 -10.05 40.85
N HIS A 260 -12.27 -10.78 39.84
CA HIS A 260 -11.44 -11.75 39.17
C HIS A 260 -10.67 -11.05 38.04
N TYR A 261 -9.40 -11.36 37.93
CA TYR A 261 -8.49 -10.85 36.92
C TYR A 261 -8.50 -9.37 36.91
N ASN A 262 -8.49 -8.77 38.08
CA ASN A 262 -8.48 -7.28 38.30
C ASN A 262 -9.64 -6.55 37.66
N CYS A 263 -10.77 -7.24 37.56
CA CYS A 263 -11.90 -6.75 36.87
C CYS A 263 -13.15 -6.99 37.64
N SER A 264 -14.05 -6.00 37.63
CA SER A 264 -15.32 -6.06 38.38
C SER A 264 -16.43 -5.36 37.68
N ASN A 265 -17.65 -5.84 37.86
CA ASN A 265 -18.82 -5.30 37.21
C ASN A 265 -18.80 -5.29 35.67
N LEU A 266 -18.43 -6.43 35.07
CA LEU A 266 -18.47 -6.55 33.60
C LEU A 266 -18.57 -8.03 33.19
N PHE A 267 -19.40 -8.31 32.20
CA PHE A 267 -19.42 -9.63 31.53
C PHE A 267 -18.36 -9.62 30.44
N VAL A 268 -17.49 -10.62 30.46
CA VAL A 268 -16.41 -10.71 29.51
C VAL A 268 -15.94 -12.15 29.46
N GLY A 269 -15.38 -12.54 28.37
CA GLY A 269 -14.84 -13.86 28.20
C GLY A 269 -13.81 -14.22 29.25
N SER A 270 -14.06 -15.29 29.97
CA SER A 270 -13.18 -15.73 31.06
C SER A 270 -13.42 -17.19 31.41
N THR A 271 -12.53 -17.74 32.22
CA THR A 271 -12.62 -19.14 32.67
C THR A 271 -13.76 -19.29 33.66
N ALA A 272 -14.68 -20.23 33.44
CA ALA A 272 -15.85 -20.37 34.24
C ALA A 272 -16.40 -21.75 34.22
N LYS A 273 -17.13 -22.07 35.28
CA LYS A 273 -17.70 -23.40 35.45
C LYS A 273 -19.16 -23.19 35.24
N ILE A 274 -19.81 -24.16 34.61
CA ILE A 274 -21.24 -24.09 34.49
C ILE A 274 -21.83 -25.32 35.21
N ASN A 275 -22.86 -25.07 36.01
CA ASN A 275 -23.63 -26.07 36.66
C ASN A 275 -25.10 -25.66 36.88
N ASN A 276 -25.86 -26.47 37.64
CA ASN A 276 -27.25 -26.23 38.09
C ASN A 276 -27.64 -24.80 38.44
N LYS A 277 -26.67 -24.09 38.98
CA LYS A 277 -26.87 -22.77 39.53
C LYS A 277 -26.46 -21.67 38.57
N GLY A 278 -25.85 -22.01 37.42
CA GLY A 278 -25.42 -21.02 36.46
C GLY A 278 -23.92 -21.02 36.15
N ALA A 279 -23.42 -19.87 35.70
CA ALA A 279 -22.03 -19.71 35.28
C ALA A 279 -21.27 -18.96 36.34
N HIS A 280 -20.12 -19.51 36.76
CA HIS A 280 -19.35 -19.02 37.90
C HIS A 280 -17.92 -18.81 37.46
N PRO A 281 -17.40 -17.58 37.55
CA PRO A 281 -16.02 -17.39 37.14
C PRO A 281 -15.02 -18.09 38.06
N VAL A 282 -13.85 -18.42 37.53
CA VAL A 282 -12.76 -19.00 38.29
C VAL A 282 -11.51 -18.27 37.87
N GLU A 283 -10.73 -17.80 38.81
CA GLU A 283 -9.50 -17.10 38.52
C GLU A 283 -8.33 -18.03 38.58
N PHE A 284 -7.51 -18.06 37.55
CA PHE A 284 -6.24 -18.79 37.57
C PHE A 284 -5.07 -17.82 37.60
N PRO A 285 -3.90 -18.28 38.11
CA PRO A 285 -2.75 -17.36 38.26
C PRO A 285 -2.09 -17.03 36.95
N LEU A 286 -2.37 -15.86 36.42
CA LEU A 286 -1.71 -15.37 35.18
C LEU A 286 -0.35 -14.71 35.43
N THR A 287 0.54 -14.77 34.45
CA THR A 287 1.79 -13.96 34.49
C THR A 287 1.42 -12.49 34.30
N LYS A 288 2.35 -11.58 34.61
CA LYS A 288 2.15 -10.14 34.39
C LYS A 288 1.76 -9.87 32.93
N GLU A 289 2.50 -10.48 32.01
CA GLU A 289 2.30 -10.23 30.58
C GLU A 289 0.95 -10.72 30.06
N GLU A 290 0.56 -11.88 30.55
CA GLU A 290 -0.73 -12.46 30.24
C GLU A 290 -1.86 -11.59 30.75
N GLN A 291 -1.77 -11.20 32.01
CA GLN A 291 -2.77 -10.33 32.63
C GLN A 291 -2.89 -8.99 31.92
N ASP A 292 -1.74 -8.46 31.48
CA ASP A 292 -1.67 -7.15 30.76
C ASP A 292 -2.45 -7.25 29.51
N LEU A 293 -2.22 -8.32 28.75
CA LEU A 293 -2.99 -8.57 27.52
C LEU A 293 -4.49 -8.70 27.81
N TYR A 294 -4.82 -9.45 28.90
CA TYR A 294 -6.20 -9.69 29.25
C TYR A 294 -6.86 -8.38 29.63
N THR A 295 -6.21 -7.61 30.50
CA THR A 295 -6.74 -6.27 30.87
C THR A 295 -7.00 -5.33 29.62
N GLU A 296 -6.08 -5.34 28.66
CA GLU A 296 -6.26 -4.63 27.44
C GLU A 296 -7.54 -5.04 26.67
N SER A 297 -7.80 -6.34 26.61
CA SER A 297 -9.07 -6.85 26.00
C SER A 297 -10.30 -6.41 26.79
N ILE A 298 -10.17 -6.49 28.11
CA ILE A 298 -11.22 -6.06 29.04
C ILE A 298 -11.54 -4.59 28.84
N ALA A 299 -10.52 -3.78 28.61
CA ALA A 299 -10.72 -2.31 28.36
C ALA A 299 -11.61 -2.04 27.16
N SER A 300 -11.35 -2.71 26.01
CA SER A 300 -12.24 -2.56 24.84
C SER A 300 -13.67 -2.91 25.15
N VAL A 301 -13.84 -4.02 25.85
CA VAL A 301 -15.15 -4.48 26.17
C VAL A 301 -15.85 -3.43 27.04
N GLN A 302 -15.13 -2.94 28.07
CA GLN A 302 -15.61 -1.81 28.86
C GLN A 302 -16.11 -0.66 27.98
N SER A 303 -15.21 -0.11 27.13
CA SER A 303 -15.51 1.03 26.25
C SER A 303 -16.75 0.81 25.41
N ASN A 304 -16.72 -0.29 24.66
CA ASN A 304 -17.79 -0.63 23.76
C ASN A 304 -19.12 -0.92 24.44
N THR A 305 -19.06 -1.42 25.68
CA THR A 305 -20.24 -1.63 26.47
C THR A 305 -20.88 -0.32 26.85
N GLN A 306 -20.05 0.61 27.34
CA GLN A 306 -20.53 2.00 27.57
C GLN A 306 -21.17 2.57 26.29
N LYS A 307 -20.43 2.50 25.18
CA LYS A 307 -20.92 2.94 23.88
C LYS A 307 -22.29 2.37 23.61
N ALA A 308 -22.45 1.10 23.87
CA ALA A 308 -23.72 0.44 23.64
C ALA A 308 -24.84 1.00 24.49
N PHE A 309 -24.58 1.19 25.79
CA PHE A 309 -25.57 1.85 26.70
C PHE A 309 -25.96 3.25 26.21
N ASP A 310 -24.95 4.01 25.80
CA ASP A 310 -25.14 5.37 25.28
C ASP A 310 -26.06 5.36 24.02
N LEU A 311 -25.74 4.53 23.04
CA LEU A 311 -26.49 4.43 21.79
C LEU A 311 -27.90 3.87 21.95
N ILE A 312 -28.19 3.24 23.09
CA ILE A 312 -29.54 2.79 23.38
C ILE A 312 -30.50 3.93 23.75
N LYS A 313 -30.01 5.12 24.07
CA LYS A 313 -30.89 6.30 24.20
C LYS A 313 -30.73 7.18 22.93
N MET B 1 -11.88 -44.57 6.41
CA MET B 1 -11.54 -44.80 4.95
C MET B 1 -12.71 -44.44 3.92
N THR B 2 -14.00 -44.69 4.31
CA THR B 2 -15.20 -44.34 3.55
C THR B 2 -15.21 -42.86 3.14
N LYS B 3 -15.41 -42.59 1.85
CA LYS B 3 -15.49 -41.19 1.34
C LYS B 3 -16.89 -40.87 0.92
N ILE B 4 -17.47 -39.85 1.55
CA ILE B 4 -18.81 -39.39 1.23
C ILE B 4 -18.72 -38.00 0.51
N ALA B 5 -19.20 -37.96 -0.73
CA ALA B 5 -19.12 -36.71 -1.54
C ALA B 5 -20.47 -36.04 -1.65
N LEU B 6 -20.53 -34.78 -1.21
CA LEU B 6 -21.74 -33.99 -1.26
C LEU B 6 -21.61 -33.04 -2.45
N ILE B 7 -22.28 -33.39 -3.56
CA ILE B 7 -22.29 -32.53 -4.73
C ILE B 7 -23.40 -31.47 -4.62
N GLY B 8 -23.00 -30.31 -4.10
CA GLY B 8 -23.94 -29.28 -3.63
C GLY B 8 -23.71 -29.01 -2.16
N SER B 9 -23.32 -27.76 -1.81
CA SER B 9 -23.02 -27.36 -0.50
C SER B 9 -23.99 -26.34 0.05
N GLY B 10 -25.25 -26.45 -0.31
CA GLY B 10 -26.32 -25.65 0.32
C GLY B 10 -26.76 -26.23 1.66
N GLN B 11 -27.95 -25.82 2.07
CA GLN B 11 -28.50 -26.18 3.32
C GLN B 11 -28.46 -27.72 3.52
N ILE B 12 -29.06 -28.45 2.58
CA ILE B 12 -29.25 -29.86 2.70
C ILE B 12 -27.91 -30.58 2.76
N GLY B 13 -27.03 -30.28 1.88
CA GLY B 13 -25.72 -30.80 1.80
C GLY B 13 -24.98 -30.60 3.09
N ALA B 14 -25.01 -29.39 3.64
CA ALA B 14 -24.22 -29.12 4.81
C ALA B 14 -24.77 -29.92 6.04
N ILE B 15 -26.07 -30.01 6.21
CA ILE B 15 -26.67 -30.71 7.27
C ILE B 15 -26.36 -32.21 7.13
N VAL B 16 -26.53 -32.77 5.92
CA VAL B 16 -26.12 -34.15 5.66
C VAL B 16 -24.70 -34.34 6.14
N GLY B 17 -23.82 -33.42 5.77
CA GLY B 17 -22.41 -33.49 6.15
C GLY B 17 -22.39 -33.53 7.69
N GLU B 18 -23.21 -32.67 8.35
CA GLU B 18 -23.19 -32.59 9.80
C GLU B 18 -23.64 -33.91 10.40
N LEU B 19 -24.71 -34.50 9.92
CA LEU B 19 -25.23 -35.76 10.42
C LEU B 19 -24.28 -36.92 10.14
N CYS B 20 -23.58 -36.87 9.05
CA CYS B 20 -22.60 -37.92 8.76
C CYS B 20 -21.44 -37.82 9.74
N LEU B 21 -21.05 -36.62 10.13
CA LEU B 21 -20.00 -36.43 11.08
C LEU B 21 -20.44 -36.90 12.49
N LEU B 22 -21.67 -36.65 12.86
CA LEU B 22 -22.15 -37.10 14.12
C LEU B 22 -22.12 -38.59 14.31
N GLU B 23 -22.42 -39.38 13.27
CA GLU B 23 -22.34 -40.84 13.32
C GLU B 23 -21.09 -41.36 12.74
N ASN B 24 -20.12 -40.52 12.46
CA ASN B 24 -18.85 -41.05 11.96
C ASN B 24 -18.95 -41.94 10.70
N LEU B 25 -19.86 -41.59 9.77
CA LEU B 25 -20.10 -42.40 8.60
C LEU B 25 -18.98 -42.40 7.63
N GLY B 26 -18.17 -41.36 7.61
CA GLY B 26 -17.08 -41.28 6.64
C GLY B 26 -16.38 -39.94 6.62
N ASP B 27 -15.24 -39.87 5.93
CA ASP B 27 -14.69 -38.56 5.49
C ASP B 27 -15.66 -37.83 4.52
N LEU B 28 -15.70 -36.49 4.62
CA LEU B 28 -16.52 -35.68 3.74
C LEU B 28 -15.73 -35.00 2.67
N ILE B 29 -16.33 -35.00 1.49
CA ILE B 29 -15.90 -34.09 0.41
C ILE B 29 -17.07 -33.18 0.09
N LEU B 30 -16.96 -31.92 0.49
CA LEU B 30 -17.97 -30.84 0.19
C LEU B 30 -17.63 -30.11 -1.09
N TYR B 31 -18.42 -30.43 -2.12
CA TYR B 31 -18.26 -29.83 -3.45
C TYR B 31 -19.39 -28.81 -3.72
N ASP B 32 -18.99 -27.69 -4.30
CA ASP B 32 -19.98 -26.74 -4.95
C ASP B 32 -19.31 -26.03 -6.12
N VAL B 33 -20.16 -25.55 -7.01
CA VAL B 33 -19.69 -24.79 -8.15
C VAL B 33 -19.19 -23.42 -7.69
N VAL B 34 -19.84 -22.84 -6.69
CA VAL B 34 -19.56 -21.43 -6.27
C VAL B 34 -18.27 -21.40 -5.44
N PRO B 35 -17.26 -20.65 -5.85
CA PRO B 35 -16.02 -20.61 -5.05
C PRO B 35 -16.16 -20.06 -3.68
N GLY B 36 -15.36 -20.63 -2.79
CA GLY B 36 -15.32 -20.26 -1.39
C GLY B 36 -16.39 -20.89 -0.52
N ILE B 37 -17.58 -21.15 -1.05
CA ILE B 37 -18.65 -21.61 -0.20
C ILE B 37 -18.35 -22.97 0.55
N PRO B 38 -17.95 -24.04 -0.16
CA PRO B 38 -17.61 -25.27 0.45
C PRO B 38 -16.42 -25.17 1.38
N GLN B 39 -15.46 -24.34 1.07
CA GLN B 39 -14.30 -24.17 1.93
C GLN B 39 -14.71 -23.57 3.33
N GLY B 40 -15.65 -22.65 3.33
CA GLY B 40 -16.08 -21.99 4.49
C GLY B 40 -16.95 -22.90 5.37
N LYS B 41 -17.83 -23.67 4.73
CA LYS B 41 -18.67 -24.56 5.47
C LYS B 41 -17.77 -25.67 6.07
N ALA B 42 -16.76 -26.07 5.33
CA ALA B 42 -15.85 -27.12 5.75
C ALA B 42 -15.12 -26.62 6.98
N LEU B 43 -14.73 -25.35 6.99
CA LEU B 43 -14.10 -24.79 8.25
C LEU B 43 -15.05 -24.85 9.41
N ASP B 44 -16.27 -24.39 9.19
CA ASP B 44 -17.28 -24.43 10.24
C ASP B 44 -17.49 -25.91 10.79
N LEU B 45 -17.66 -26.88 9.85
CA LEU B 45 -17.83 -28.28 10.15
C LEU B 45 -16.59 -28.94 10.87
N LYS B 46 -15.35 -28.53 10.56
CA LYS B 46 -14.23 -28.90 11.32
C LYS B 46 -14.31 -28.41 12.80
N HIS B 47 -14.73 -27.15 13.02
CA HIS B 47 -14.81 -26.60 14.37
C HIS B 47 -15.94 -27.29 15.19
N PHE B 48 -17.02 -27.59 14.46
CA PHE B 48 -18.13 -28.35 15.00
C PHE B 48 -17.55 -29.74 15.50
N SER B 49 -16.79 -30.38 14.63
CA SER B 49 -16.24 -31.69 14.83
C SER B 49 -15.30 -31.63 16.07
N THR B 50 -14.50 -30.59 16.19
CA THR B 50 -13.66 -30.44 17.30
C THR B 50 -14.40 -30.35 18.67
N ILE B 51 -15.52 -29.69 18.68
CA ILE B 51 -16.27 -29.50 19.88
C ILE B 51 -17.00 -30.79 20.26
N LEU B 52 -17.52 -31.53 19.29
CA LEU B 52 -18.25 -32.78 19.58
C LEU B 52 -17.37 -34.05 19.61
N GLY B 53 -16.05 -33.93 19.47
CA GLY B 53 -15.16 -35.07 19.50
C GLY B 53 -15.25 -36.04 18.33
N VAL B 54 -15.63 -35.53 17.14
CA VAL B 54 -15.59 -36.30 15.85
C VAL B 54 -14.35 -35.91 15.06
N ASN B 55 -13.73 -36.87 14.39
CA ASN B 55 -12.35 -36.66 13.89
C ASN B 55 -12.19 -36.92 12.42
N ARG B 56 -13.28 -37.19 11.76
CA ARG B 56 -13.24 -37.49 10.32
C ARG B 56 -12.73 -36.26 9.51
N ASN B 57 -12.15 -36.58 8.40
CA ASN B 57 -11.63 -35.60 7.51
C ASN B 57 -12.72 -34.87 6.64
N ILE B 58 -12.55 -33.56 6.48
CA ILE B 58 -13.54 -32.72 5.84
C ILE B 58 -12.85 -31.78 4.83
N LEU B 59 -13.18 -31.93 3.57
CA LEU B 59 -12.52 -31.17 2.51
C LEU B 59 -13.59 -30.40 1.72
N GLY B 60 -13.45 -29.09 1.72
CA GLY B 60 -14.29 -28.21 0.93
C GLY B 60 -13.57 -27.97 -0.39
N THR B 61 -14.27 -28.18 -1.49
CA THR B 61 -13.59 -27.97 -2.81
C THR B 61 -14.52 -27.41 -3.93
N ASN B 62 -13.89 -26.76 -4.90
CA ASN B 62 -14.55 -26.39 -6.19
C ASN B 62 -14.08 -27.23 -7.39
N GLN B 63 -13.12 -28.13 -7.17
CA GLN B 63 -12.63 -29.05 -8.17
C GLN B 63 -13.41 -30.34 -8.07
N ILE B 64 -14.30 -30.58 -9.02
CA ILE B 64 -15.08 -31.81 -9.04
C ILE B 64 -14.28 -33.09 -9.13
N GLU B 65 -13.06 -33.03 -9.60
CA GLU B 65 -12.22 -34.21 -9.64
C GLU B 65 -11.91 -34.77 -8.27
N ASP B 66 -12.04 -33.95 -7.23
CA ASP B 66 -11.87 -34.39 -5.84
C ASP B 66 -12.91 -35.41 -5.37
N ILE B 67 -13.97 -35.57 -6.15
CA ILE B 67 -14.97 -36.57 -5.96
C ILE B 67 -14.51 -38.01 -6.29
N LYS B 68 -13.28 -38.16 -6.80
CA LYS B 68 -12.70 -39.49 -7.11
C LYS B 68 -12.77 -40.47 -5.96
N ASP B 69 -13.18 -41.69 -6.30
CA ASP B 69 -13.20 -42.76 -5.30
C ASP B 69 -14.16 -42.52 -4.13
N ALA B 70 -15.10 -41.60 -4.28
CA ALA B 70 -16.14 -41.50 -3.34
C ALA B 70 -16.87 -42.88 -3.32
N ASP B 71 -17.20 -43.36 -2.16
CA ASP B 71 -18.07 -44.47 -2.01
C ASP B 71 -19.51 -44.06 -2.12
N ILE B 72 -19.83 -42.87 -1.63
CA ILE B 72 -21.18 -42.36 -1.63
C ILE B 72 -21.20 -40.95 -2.26
N ILE B 73 -22.28 -40.65 -3.03
CA ILE B 73 -22.49 -39.35 -3.61
C ILE B 73 -23.88 -38.93 -3.26
N VAL B 74 -23.98 -37.72 -2.66
CA VAL B 74 -25.26 -37.04 -2.45
C VAL B 74 -25.37 -35.75 -3.33
N ILE B 75 -26.38 -35.70 -4.18
CA ILE B 75 -26.54 -34.60 -5.20
C ILE B 75 -27.66 -33.70 -4.80
N THR B 76 -27.29 -32.51 -4.33
CA THR B 76 -28.26 -31.46 -4.04
C THR B 76 -28.11 -30.24 -4.98
N ALA B 77 -27.16 -30.29 -5.89
CA ALA B 77 -26.87 -29.21 -6.83
C ALA B 77 -28.10 -28.90 -7.62
N GLY B 78 -28.37 -27.63 -7.77
CA GLY B 78 -29.57 -27.21 -8.47
C GLY B 78 -30.22 -26.09 -7.76
N VAL B 79 -31.30 -25.67 -8.31
CA VAL B 79 -32.00 -24.55 -7.80
C VAL B 79 -33.12 -25.13 -7.00
N GLN B 80 -33.52 -24.41 -5.97
CA GLN B 80 -34.75 -24.71 -5.27
C GLN B 80 -35.95 -23.85 -5.70
N ARG B 81 -37.16 -24.37 -5.45
CA ARG B 81 -38.33 -23.60 -5.72
C ARG B 81 -38.63 -22.57 -4.68
N LYS B 82 -39.27 -21.48 -5.09
CA LYS B 82 -39.77 -20.40 -4.20
C LYS B 82 -41.28 -20.56 -3.99
N GLU B 83 -41.85 -19.69 -3.14
CA GLU B 83 -43.31 -19.60 -3.02
C GLU B 83 -44.00 -19.50 -4.39
N GLY B 84 -45.12 -20.21 -4.52
CA GLY B 84 -45.98 -20.13 -5.70
C GLY B 84 -45.53 -21.04 -6.82
N MET B 85 -44.23 -21.41 -6.86
CA MET B 85 -43.73 -22.38 -7.83
C MET B 85 -44.04 -23.82 -7.43
N THR B 86 -44.15 -24.68 -8.42
CA THR B 86 -44.20 -26.13 -8.23
C THR B 86 -42.78 -26.62 -8.38
N ARG B 87 -42.60 -27.86 -8.00
CA ARG B 87 -41.28 -28.52 -8.17
C ARG B 87 -40.98 -28.63 -9.66
N GLU B 88 -42.03 -28.96 -10.40
CA GLU B 88 -41.95 -29.19 -11.87
C GLU B 88 -41.47 -27.90 -12.65
N ASP B 89 -41.71 -26.68 -12.11
CA ASP B 89 -41.12 -25.47 -12.66
C ASP B 89 -39.59 -25.39 -12.77
N LEU B 90 -38.89 -26.30 -12.07
CA LEU B 90 -37.39 -26.36 -12.02
C LEU B 90 -36.83 -27.30 -13.07
N ILE B 91 -37.74 -28.02 -13.70
CA ILE B 91 -37.40 -28.99 -14.77
C ILE B 91 -36.35 -28.51 -15.78
N GLY B 92 -36.52 -27.31 -16.34
CA GLY B 92 -35.60 -26.79 -17.33
C GLY B 92 -34.20 -26.63 -16.73
N VAL B 93 -34.08 -25.80 -15.71
CA VAL B 93 -32.79 -25.41 -15.23
C VAL B 93 -32.06 -26.60 -14.53
N ASN B 94 -32.77 -27.45 -13.79
CA ASN B 94 -32.14 -28.50 -13.00
C ASN B 94 -31.75 -29.76 -13.79
N GLY B 95 -32.54 -30.11 -14.79
CA GLY B 95 -32.19 -31.14 -15.76
C GLY B 95 -30.79 -30.95 -16.33
N LYS B 96 -30.44 -29.72 -16.65
CA LYS B 96 -29.17 -29.41 -17.30
C LYS B 96 -28.08 -29.54 -16.38
N ILE B 97 -28.29 -28.95 -15.20
CA ILE B 97 -27.33 -29.18 -14.03
C ILE B 97 -27.15 -30.69 -13.67
N MET B 98 -28.23 -31.39 -13.59
CA MET B 98 -28.12 -32.82 -13.31
C MET B 98 -27.33 -33.61 -14.31
N LYS B 99 -27.56 -33.35 -15.57
CA LYS B 99 -26.76 -33.93 -16.63
C LYS B 99 -25.25 -33.69 -16.49
N SER B 100 -24.89 -32.45 -16.26
CA SER B 100 -23.52 -32.09 -16.06
C SER B 100 -22.87 -32.91 -14.88
N VAL B 101 -23.62 -33.08 -13.81
CA VAL B 101 -23.16 -33.79 -12.62
C VAL B 101 -23.04 -35.27 -12.97
N ALA B 102 -24.02 -35.79 -13.74
CA ALA B 102 -23.98 -37.18 -14.26
C ALA B 102 -22.72 -37.41 -15.05
N GLU B 103 -22.36 -36.45 -15.91
CA GLU B 103 -21.16 -36.58 -16.73
C GLU B 103 -19.89 -36.59 -15.92
N SER B 104 -19.85 -35.76 -14.89
CA SER B 104 -18.73 -35.76 -13.98
C SER B 104 -18.59 -37.06 -13.16
N VAL B 105 -19.70 -37.56 -12.65
CA VAL B 105 -19.65 -38.78 -11.88
C VAL B 105 -19.14 -39.90 -12.80
N LYS B 106 -19.63 -39.90 -14.06
CA LYS B 106 -19.28 -40.90 -15.04
C LYS B 106 -17.77 -41.02 -15.20
N LEU B 107 -17.07 -39.90 -15.38
CA LEU B 107 -15.62 -39.98 -15.56
C LEU B 107 -14.77 -40.05 -14.29
N HIS B 108 -15.29 -39.62 -13.13
CA HIS B 108 -14.46 -39.55 -11.90
C HIS B 108 -14.66 -40.66 -10.85
N CYS B 109 -15.87 -41.16 -10.66
CA CYS B 109 -16.14 -42.23 -9.71
C CYS B 109 -17.37 -43.05 -10.09
N SER B 110 -17.14 -43.95 -11.04
CA SER B 110 -18.22 -44.78 -11.56
C SER B 110 -18.68 -45.89 -10.59
N LYS B 111 -17.95 -46.15 -9.50
CA LYS B 111 -18.37 -47.19 -8.56
C LYS B 111 -19.20 -46.74 -7.33
N ALA B 112 -19.54 -45.45 -7.29
CA ALA B 112 -20.25 -44.89 -6.15
C ALA B 112 -21.73 -45.29 -6.13
N PHE B 113 -22.32 -45.21 -4.93
CA PHE B 113 -23.76 -45.28 -4.74
C PHE B 113 -24.26 -43.83 -4.64
N VAL B 114 -25.30 -43.51 -5.42
CA VAL B 114 -25.67 -42.14 -5.72
C VAL B 114 -27.02 -41.89 -5.24
N ILE B 115 -27.12 -40.94 -4.34
CA ILE B 115 -28.40 -40.50 -3.85
C ILE B 115 -28.69 -39.07 -4.45
N CYS B 116 -29.71 -39.00 -5.30
CA CYS B 116 -30.15 -37.71 -5.91
C CYS B 116 -31.18 -37.06 -5.07
N VAL B 117 -31.05 -35.76 -4.86
CA VAL B 117 -32.02 -34.95 -4.10
C VAL B 117 -32.62 -33.70 -4.86
N SER B 118 -31.92 -33.08 -5.79
CA SER B 118 -32.51 -32.07 -6.66
C SER B 118 -33.95 -32.29 -7.19
N ASN B 119 -34.79 -31.25 -7.10
CA ASN B 119 -36.15 -31.36 -7.59
C ASN B 119 -36.34 -31.00 -9.10
N PRO B 120 -37.51 -31.35 -9.71
CA PRO B 120 -38.42 -32.36 -9.17
C PRO B 120 -37.78 -33.85 -9.14
N LEU B 121 -37.85 -34.44 -7.97
CA LEU B 121 -36.93 -35.52 -7.49
C LEU B 121 -36.94 -36.72 -8.40
N ASP B 122 -38.09 -37.36 -8.52
CA ASP B 122 -38.10 -38.52 -9.39
C ASP B 122 -37.53 -38.18 -10.81
N ILE B 123 -37.96 -37.05 -11.41
CA ILE B 123 -37.55 -36.71 -12.75
C ILE B 123 -36.02 -36.63 -12.84
N MET B 124 -35.46 -35.87 -11.95
CA MET B 124 -34.03 -35.67 -11.95
C MET B 124 -33.14 -37.01 -11.66
N VAL B 125 -33.74 -37.99 -10.97
CA VAL B 125 -33.08 -39.32 -10.81
C VAL B 125 -33.01 -39.94 -12.22
N ASN B 126 -34.14 -39.83 -13.00
CA ASN B 126 -34.14 -40.39 -14.43
C ASN B 126 -33.09 -39.72 -15.29
N VAL B 127 -32.88 -38.46 -15.04
CA VAL B 127 -31.88 -37.68 -15.83
C VAL B 127 -30.50 -38.21 -15.49
N PHE B 128 -30.23 -38.34 -14.19
CA PHE B 128 -28.90 -38.82 -13.71
C PHE B 128 -28.58 -40.17 -14.27
N HIS B 129 -29.57 -41.03 -14.30
CA HIS B 129 -29.35 -42.37 -14.84
C HIS B 129 -28.95 -42.33 -16.33
N LYS B 130 -29.71 -41.56 -17.13
CA LYS B 130 -29.46 -41.43 -18.52
C LYS B 130 -28.05 -41.02 -18.93
N PHE B 131 -27.49 -40.05 -18.25
CA PHE B 131 -26.18 -39.52 -18.63
C PHE B 131 -25.00 -39.99 -17.77
N SER B 132 -25.26 -40.79 -16.73
CA SER B 132 -24.19 -41.17 -15.81
C SER B 132 -23.50 -42.45 -16.25
N ASN B 133 -24.25 -43.35 -16.90
CA ASN B 133 -23.68 -44.64 -17.22
C ASN B 133 -23.32 -45.44 -15.93
N LEU B 134 -24.16 -45.37 -14.90
CA LEU B 134 -24.04 -46.30 -13.80
C LEU B 134 -25.17 -47.30 -13.81
N PRO B 135 -24.94 -48.43 -13.14
CA PRO B 135 -26.00 -49.40 -13.03
C PRO B 135 -27.20 -48.80 -12.39
N HIS B 136 -28.39 -49.26 -12.71
CA HIS B 136 -29.55 -48.70 -12.10
C HIS B 136 -29.76 -48.89 -10.58
N GLU B 137 -29.27 -50.01 -10.04
CA GLU B 137 -29.36 -50.27 -8.56
C GLU B 137 -28.43 -49.31 -7.78
N LYS B 138 -27.37 -48.76 -8.41
CA LYS B 138 -26.49 -47.83 -7.76
C LYS B 138 -27.04 -46.37 -7.68
N ILE B 139 -28.28 -46.10 -8.13
CA ILE B 139 -28.80 -44.75 -8.24
C ILE B 139 -30.15 -44.78 -7.62
N CYS B 140 -30.45 -43.77 -6.84
CA CYS B 140 -31.79 -43.65 -6.29
C CYS B 140 -32.03 -42.16 -5.96
N GLY B 141 -33.24 -41.86 -5.51
CA GLY B 141 -33.44 -40.63 -4.92
C GLY B 141 -34.14 -40.71 -3.60
N MET B 142 -33.89 -39.74 -2.71
CA MET B 142 -34.70 -39.67 -1.53
C MET B 142 -35.91 -38.81 -1.70
N ALA B 143 -37.06 -39.37 -1.35
CA ALA B 143 -38.23 -38.68 -1.14
C ALA B 143 -39.20 -39.35 -0.25
N GLY B 144 -39.58 -40.55 -0.60
CA GLY B 144 -40.52 -41.28 0.22
C GLY B 144 -40.25 -41.35 1.82
N ILE B 145 -39.01 -41.23 2.24
CA ILE B 145 -38.79 -41.28 3.64
C ILE B 145 -39.24 -39.94 4.25
N LEU B 146 -39.05 -38.88 3.50
CA LEU B 146 -39.50 -37.52 3.90
C LEU B 146 -41.01 -37.47 3.94
N ASP B 147 -41.65 -38.02 2.97
CA ASP B 147 -43.12 -37.86 2.87
C ASP B 147 -43.77 -38.71 3.87
N THR B 148 -43.18 -39.89 4.03
CA THR B 148 -43.57 -40.89 5.14
C THR B 148 -43.39 -40.25 6.53
N SER B 149 -42.27 -39.57 6.76
CA SER B 149 -42.13 -38.88 8.02
C SER B 149 -43.22 -37.92 8.31
N ARG B 150 -43.69 -37.17 7.25
CA ARG B 150 -44.65 -36.13 7.45
C ARG B 150 -45.99 -36.77 7.72
N TYR B 151 -46.37 -37.70 6.88
CA TYR B 151 -47.64 -38.41 7.05
C TYR B 151 -47.66 -39.12 8.51
N CYS B 152 -46.57 -39.85 8.90
CA CYS B 152 -46.56 -40.58 10.16
C CYS B 152 -46.58 -39.64 11.31
N SER B 153 -45.82 -38.59 11.17
CA SER B 153 -45.89 -37.45 12.16
C SER B 153 -47.31 -36.90 12.41
N LEU B 154 -48.09 -36.62 11.33
CA LEU B 154 -49.51 -36.16 11.47
C LEU B 154 -50.47 -37.22 12.00
N ILE B 155 -50.32 -38.46 11.56
CA ILE B 155 -51.04 -39.61 12.14
C ILE B 155 -50.79 -39.72 13.61
N ALA B 156 -49.52 -39.70 13.98
CA ALA B 156 -49.12 -39.81 15.42
C ALA B 156 -49.82 -38.72 16.25
N ASP B 157 -49.81 -37.47 15.77
CA ASP B 157 -50.43 -36.32 16.51
C ASP B 157 -51.88 -36.59 16.74
N LYS B 158 -52.56 -37.08 15.74
CA LYS B 158 -54.03 -37.26 15.84
C LYS B 158 -54.39 -38.37 16.76
N LEU B 159 -53.55 -39.39 16.81
CA LEU B 159 -53.80 -40.56 17.65
C LEU B 159 -53.27 -40.39 19.08
N LYS B 160 -52.60 -39.27 19.34
CA LYS B 160 -51.94 -39.00 20.62
C LYS B 160 -50.93 -40.10 20.96
N VAL B 161 -50.09 -40.44 19.99
CA VAL B 161 -49.03 -41.48 20.23
C VAL B 161 -47.71 -40.94 19.78
N SER B 162 -46.65 -41.58 20.22
CA SER B 162 -45.35 -41.35 19.73
C SER B 162 -45.30 -41.62 18.23
N ALA B 163 -44.62 -40.73 17.53
CA ALA B 163 -44.32 -40.96 16.13
C ALA B 163 -43.27 -42.02 15.97
N GLU B 164 -42.50 -42.31 17.03
CA GLU B 164 -41.37 -43.26 16.91
C GLU B 164 -41.65 -44.58 16.15
N ASP B 165 -42.79 -45.21 16.39
CA ASP B 165 -43.02 -46.48 15.70
C ASP B 165 -44.25 -46.50 14.88
N VAL B 166 -44.62 -45.30 14.37
CA VAL B 166 -45.64 -45.19 13.33
C VAL B 166 -44.88 -45.33 12.04
N ASN B 167 -45.24 -46.37 11.30
CA ASN B 167 -44.63 -46.64 9.99
C ASN B 167 -45.64 -46.64 8.89
N ALA B 168 -45.16 -46.33 7.70
CA ALA B 168 -46.08 -46.27 6.51
C ALA B 168 -45.38 -46.36 5.21
N VAL B 169 -46.15 -46.76 4.21
CA VAL B 169 -45.66 -46.83 2.79
C VAL B 169 -46.33 -45.69 2.11
N ILE B 170 -45.52 -44.87 1.49
CA ILE B 170 -46.06 -43.93 0.43
C ILE B 170 -45.38 -44.25 -0.91
N LEU B 171 -46.21 -44.53 -1.88
CA LEU B 171 -45.74 -44.84 -3.27
C LEU B 171 -45.94 -43.64 -4.19
N GLY B 172 -45.10 -43.58 -5.20
CA GLY B 172 -45.26 -42.63 -6.25
C GLY B 172 -44.34 -41.45 -6.17
N GLY B 173 -44.52 -40.55 -7.13
CA GLY B 173 -43.70 -39.40 -7.27
C GLY B 173 -43.78 -38.49 -6.11
N HIS B 174 -42.68 -37.79 -5.93
CA HIS B 174 -42.62 -36.80 -4.84
C HIS B 174 -43.37 -35.49 -5.37
N GLY B 175 -44.68 -35.50 -5.18
CA GLY B 175 -45.46 -34.46 -5.66
C GLY B 175 -46.88 -34.73 -5.28
N ASP B 176 -47.77 -33.99 -5.89
CA ASP B 176 -49.19 -34.05 -5.59
C ASP B 176 -49.84 -35.39 -5.80
N LEU B 177 -49.19 -36.27 -6.55
CA LEU B 177 -49.77 -37.57 -6.84
C LEU B 177 -49.22 -38.71 -5.97
N MET B 178 -48.61 -38.41 -4.81
CA MET B 178 -48.24 -39.44 -3.84
C MET B 178 -49.43 -40.27 -3.55
N VAL B 179 -49.19 -41.49 -3.25
CA VAL B 179 -50.19 -42.45 -2.81
C VAL B 179 -49.80 -43.08 -1.43
N PRO B 180 -50.24 -42.47 -0.34
CA PRO B 180 -50.09 -43.07 0.97
C PRO B 180 -51.01 -44.25 1.16
N LEU B 181 -50.49 -45.36 1.68
CA LEU B 181 -51.29 -46.54 1.79
C LEU B 181 -51.71 -46.78 3.23
N GLN B 182 -52.99 -46.56 3.47
CA GLN B 182 -53.58 -46.82 4.75
C GLN B 182 -53.35 -48.24 5.21
N ARG B 183 -53.54 -49.20 4.30
CA ARG B 183 -53.36 -50.63 4.60
C ARG B 183 -51.96 -50.95 5.08
N TYR B 184 -50.99 -50.22 4.57
CA TYR B 184 -49.57 -50.35 4.99
C TYR B 184 -49.10 -49.27 5.98
N THR B 185 -50.00 -48.84 6.86
CA THR B 185 -49.68 -47.90 7.91
C THR B 185 -49.92 -48.65 9.24
N SER B 186 -48.91 -48.68 10.11
CA SER B 186 -49.03 -49.33 11.42
C SER B 186 -48.49 -48.43 12.54
N VAL B 187 -49.05 -48.64 13.72
CA VAL B 187 -48.59 -47.98 14.96
C VAL B 187 -48.03 -49.07 15.93
N ASN B 188 -46.71 -49.12 16.03
CA ASN B 188 -45.95 -50.22 16.64
C ASN B 188 -46.54 -51.60 16.31
N GLY B 189 -46.85 -51.79 14.99
CA GLY B 189 -47.37 -53.05 14.49
C GLY B 189 -48.84 -53.07 14.18
N VAL B 190 -49.59 -52.26 14.92
CA VAL B 190 -51.04 -52.36 14.88
C VAL B 190 -51.50 -51.56 13.63
N PRO B 191 -52.19 -52.19 12.65
CA PRO B 191 -52.70 -51.48 11.48
C PRO B 191 -53.57 -50.29 11.82
N LEU B 192 -53.46 -49.25 11.00
CA LEU B 192 -54.25 -48.03 11.16
C LEU B 192 -55.75 -48.27 11.22
N SER B 193 -56.21 -49.28 10.50
CA SER B 193 -57.61 -49.68 10.44
C SER B 193 -58.17 -50.03 11.80
N GLU B 194 -57.31 -50.50 12.75
CA GLU B 194 -57.77 -50.82 14.09
C GLU B 194 -58.12 -49.56 14.88
N PHE B 195 -57.39 -48.48 14.63
CA PHE B 195 -57.68 -47.20 15.24
C PHE B 195 -58.95 -46.51 14.64
N VAL B 196 -59.31 -46.76 13.35
CA VAL B 196 -60.61 -46.30 12.76
C VAL B 196 -61.78 -47.06 13.37
N LYS B 197 -61.64 -48.36 13.52
CA LYS B 197 -62.64 -49.22 14.22
C LYS B 197 -62.85 -48.81 15.69
N LYS B 198 -61.79 -48.44 16.36
CA LYS B 198 -61.86 -48.00 17.74
C LYS B 198 -62.29 -46.51 17.83
N ASN B 199 -62.65 -45.89 16.69
CA ASN B 199 -63.10 -44.46 16.59
C ASN B 199 -62.07 -43.44 17.07
N MET B 200 -60.80 -43.81 17.11
CA MET B 200 -59.75 -42.87 17.55
C MET B 200 -59.33 -41.95 16.41
N ILE B 201 -59.73 -42.28 15.18
CA ILE B 201 -59.44 -41.46 14.00
C ILE B 201 -60.45 -41.85 12.91
N SER B 202 -60.86 -40.89 12.09
CA SER B 202 -61.88 -41.10 11.07
C SER B 202 -61.31 -41.03 9.65
N GLN B 203 -62.03 -41.63 8.70
CA GLN B 203 -61.59 -41.67 7.30
C GLN B 203 -61.36 -40.29 6.72
N ASN B 204 -62.18 -39.33 7.18
CA ASN B 204 -62.04 -37.92 6.79
C ASN B 204 -60.80 -37.27 7.37
N GLU B 205 -60.52 -37.51 8.66
CA GLU B 205 -59.31 -37.02 9.29
C GLU B 205 -58.05 -37.53 8.53
N ILE B 206 -58.10 -38.79 8.07
CA ILE B 206 -57.01 -39.43 7.33
C ILE B 206 -56.82 -38.78 5.94
N GLN B 207 -57.92 -38.49 5.27
CA GLN B 207 -57.86 -37.75 3.97
C GLN B 207 -57.27 -36.32 4.09
N GLU B 208 -57.68 -35.64 5.15
CA GLU B 208 -57.12 -34.36 5.60
C GLU B 208 -55.57 -34.48 5.78
N ILE B 209 -55.12 -35.49 6.59
CA ILE B 209 -53.71 -35.79 6.80
C ILE B 209 -52.94 -36.10 5.48
N ILE B 210 -53.55 -36.90 4.61
CA ILE B 210 -52.99 -37.14 3.27
C ILE B 210 -52.84 -35.84 2.42
N GLN B 211 -53.84 -34.99 2.46
CA GLN B 211 -53.68 -33.66 1.83
C GLN B 211 -52.53 -32.82 2.43
N LYS B 212 -52.44 -32.75 3.77
CA LYS B 212 -51.39 -31.94 4.38
C LYS B 212 -50.01 -32.54 4.05
N THR B 213 -49.94 -33.86 3.89
CA THR B 213 -48.68 -34.50 3.54
C THR B 213 -48.25 -34.08 2.16
N ARG B 214 -49.21 -34.06 1.25
CA ARG B 214 -48.94 -33.61 -0.15
C ARG B 214 -48.44 -32.21 -0.21
N ASN B 215 -49.09 -31.32 0.50
CA ASN B 215 -48.73 -29.88 0.41
C ASN B 215 -47.65 -29.42 1.31
N MET B 216 -47.09 -30.35 2.09
CA MET B 216 -46.22 -29.97 3.16
C MET B 216 -45.00 -29.23 2.70
N GLY B 217 -44.41 -29.72 1.64
CA GLY B 217 -43.25 -29.08 1.07
C GLY B 217 -43.51 -27.57 0.77
N ALA B 218 -44.67 -27.25 0.23
CA ALA B 218 -45.03 -25.89 -0.11
C ALA B 218 -45.35 -25.08 1.13
N GLU B 219 -46.02 -25.75 2.11
CA GLU B 219 -46.36 -25.08 3.36
C GLU B 219 -45.15 -24.61 4.18
N ILE B 220 -44.09 -25.37 4.14
CA ILE B 220 -42.85 -24.95 4.76
C ILE B 220 -42.16 -23.84 4.05
N ILE B 221 -42.11 -23.95 2.76
CA ILE B 221 -41.68 -22.80 1.90
C ILE B 221 -42.41 -21.46 2.24
N LYS B 222 -43.72 -21.53 2.30
CA LYS B 222 -44.55 -20.39 2.62
C LYS B 222 -44.21 -19.85 4.02
N LEU B 223 -44.12 -20.74 5.06
CA LEU B 223 -43.88 -20.31 6.37
C LEU B 223 -42.43 -19.89 6.56
N ALA B 224 -41.51 -20.78 6.31
CA ALA B 224 -40.10 -20.49 6.60
C ALA B 224 -39.38 -19.66 5.57
N LYS B 225 -40.01 -19.41 4.43
CA LYS B 225 -39.39 -18.67 3.30
C LYS B 225 -38.17 -19.37 2.70
N ALA B 226 -37.96 -20.65 3.05
CA ALA B 226 -36.93 -21.53 2.46
C ALA B 226 -37.49 -22.92 2.53
N SER B 227 -36.93 -23.77 1.74
CA SER B 227 -37.42 -25.13 1.66
C SER B 227 -36.79 -25.98 2.74
N ALA B 228 -37.54 -27.00 3.08
CA ALA B 228 -37.19 -27.92 4.24
C ALA B 228 -35.75 -28.41 4.04
N ALA B 229 -34.99 -28.35 5.09
CA ALA B 229 -33.59 -28.77 5.00
C ALA B 229 -33.24 -29.99 6.04
N PHE B 230 -33.77 -29.91 7.28
CA PHE B 230 -33.34 -30.85 8.38
C PHE B 230 -33.89 -32.26 8.09
N ALA B 231 -35.19 -32.34 7.80
CA ALA B 231 -35.75 -33.61 7.54
C ALA B 231 -35.21 -34.29 6.28
N PRO B 232 -35.15 -33.56 5.18
CA PRO B 232 -34.45 -34.16 4.07
C PRO B 232 -33.09 -34.68 4.44
N ALA B 233 -32.30 -33.91 5.15
CA ALA B 233 -30.93 -34.36 5.40
C ALA B 233 -30.91 -35.75 6.26
N ALA B 234 -31.88 -35.86 7.15
CA ALA B 234 -31.97 -36.99 8.01
C ALA B 234 -32.33 -38.19 7.10
N ALA B 235 -33.32 -38.06 6.31
CA ALA B 235 -33.73 -39.13 5.38
C ALA B 235 -32.59 -39.60 4.50
N ILE B 236 -31.86 -38.63 3.92
CA ILE B 236 -30.66 -38.97 3.15
C ILE B 236 -29.72 -39.85 3.98
N THR B 237 -29.38 -39.36 5.17
CA THR B 237 -28.43 -40.08 6.14
C THR B 237 -28.87 -41.47 6.44
N LYS B 238 -30.15 -41.67 6.58
CA LYS B 238 -30.67 -42.97 6.79
C LYS B 238 -30.40 -43.91 5.62
N MET B 239 -30.50 -43.40 4.35
CA MET B 239 -30.20 -44.21 3.18
C MET B 239 -28.73 -44.46 3.02
N ILE B 240 -27.90 -43.50 3.40
CA ILE B 240 -26.49 -43.67 3.34
C ILE B 240 -26.11 -44.91 4.32
N LYS B 241 -26.72 -44.90 5.51
CA LYS B 241 -26.42 -45.78 6.64
C LYS B 241 -26.83 -47.19 6.17
N SER B 242 -27.98 -47.27 5.46
CA SER B 242 -28.48 -48.58 4.98
C SER B 242 -27.62 -49.16 3.89
N TYR B 243 -26.90 -48.30 3.17
CA TYR B 243 -25.94 -48.79 2.21
C TYR B 243 -24.61 -49.12 2.81
N LEU B 244 -23.99 -48.20 3.51
CA LEU B 244 -22.70 -48.45 4.15
C LEU B 244 -22.66 -49.69 5.09
N TYR B 245 -23.74 -49.86 5.82
CA TYR B 245 -23.78 -50.85 6.86
C TYR B 245 -24.58 -52.06 6.40
N ASN B 246 -24.86 -52.15 5.10
CA ASN B 246 -25.51 -53.32 4.55
C ASN B 246 -26.76 -53.72 5.28
N GLU B 247 -27.55 -52.75 5.69
CA GLU B 247 -28.63 -53.04 6.60
C GLU B 247 -29.77 -53.77 5.96
N ASN B 248 -29.99 -53.52 4.68
CA ASN B 248 -31.19 -54.05 3.95
C ASN B 248 -32.54 -53.58 4.46
N ASN B 249 -32.56 -52.36 4.91
CA ASN B 249 -33.82 -51.72 5.35
C ASN B 249 -34.82 -51.52 4.12
N LEU B 250 -36.11 -51.56 4.40
CA LEU B 250 -37.14 -51.46 3.53
C LEU B 250 -37.77 -50.03 3.64
N PHE B 251 -37.52 -49.19 2.61
CA PHE B 251 -37.96 -47.81 2.57
C PHE B 251 -38.85 -47.59 1.38
N THR B 252 -39.39 -46.39 1.25
CA THR B 252 -39.77 -45.89 -0.02
C THR B 252 -38.74 -44.87 -0.51
N CYS B 253 -38.29 -45.04 -1.73
CA CYS B 253 -37.46 -44.08 -2.38
C CYS B 253 -37.62 -44.17 -3.95
N ALA B 254 -37.04 -43.24 -4.68
CA ALA B 254 -37.10 -43.28 -6.08
C ALA B 254 -36.11 -44.38 -6.46
N VAL B 255 -36.62 -45.40 -7.11
CA VAL B 255 -35.83 -46.60 -7.54
C VAL B 255 -36.22 -47.06 -9.01
N TYR B 256 -35.30 -47.68 -9.69
CA TYR B 256 -35.52 -48.26 -11.00
C TYR B 256 -36.56 -49.37 -10.92
N LEU B 257 -37.76 -49.14 -11.44
CA LEU B 257 -38.72 -50.16 -11.63
C LEU B 257 -38.49 -50.93 -12.96
N ASN B 258 -38.73 -52.25 -12.89
CA ASN B 258 -38.46 -53.23 -13.98
C ASN B 258 -39.43 -54.40 -14.07
N GLY B 259 -40.69 -54.07 -14.33
CA GLY B 259 -41.81 -54.99 -14.26
C GLY B 259 -42.57 -54.95 -12.94
N HIS B 260 -42.08 -54.17 -11.97
CA HIS B 260 -42.74 -54.04 -10.69
C HIS B 260 -43.85 -52.97 -10.80
N TYR B 261 -45.00 -53.32 -10.25
CA TYR B 261 -46.16 -52.48 -10.23
C TYR B 261 -46.61 -51.99 -11.64
N ASN B 262 -46.57 -52.93 -12.61
CA ASN B 262 -46.85 -52.75 -14.00
C ASN B 262 -46.04 -51.64 -14.69
N CYS B 263 -44.81 -51.41 -14.23
CA CYS B 263 -44.02 -50.31 -14.65
C CYS B 263 -42.66 -50.76 -14.95
N SER B 264 -42.09 -50.27 -16.04
CA SER B 264 -40.74 -50.69 -16.45
C SER B 264 -39.99 -49.54 -17.06
N ASN B 265 -38.67 -49.55 -16.96
CA ASN B 265 -37.79 -48.49 -17.41
C ASN B 265 -38.04 -47.05 -16.91
N LEU B 266 -38.21 -46.89 -15.61
CA LEU B 266 -38.41 -45.59 -14.97
C LEU B 266 -38.01 -45.62 -13.47
N PHE B 267 -37.34 -44.57 -13.00
CA PHE B 267 -37.10 -44.30 -11.56
C PHE B 267 -38.29 -43.56 -11.03
N VAL B 268 -38.92 -44.13 -10.03
CA VAL B 268 -40.06 -43.55 -9.39
C VAL B 268 -40.16 -44.05 -7.93
N GLY B 269 -40.72 -43.27 -7.07
CA GLY B 269 -40.97 -43.60 -5.79
C GLY B 269 -41.65 -44.93 -5.60
N SER B 270 -40.99 -45.86 -4.79
CA SER B 270 -41.53 -47.15 -4.60
C SER B 270 -40.92 -47.80 -3.37
N THR B 271 -41.44 -48.96 -2.96
CA THR B 271 -40.89 -49.76 -1.95
C THR B 271 -39.62 -50.37 -2.40
N ALA B 272 -38.57 -50.18 -1.62
CA ALA B 272 -37.28 -50.74 -1.97
C ALA B 272 -36.44 -51.14 -0.70
N LYS B 273 -35.47 -52.00 -0.92
CA LYS B 273 -34.46 -52.29 0.03
C LYS B 273 -33.14 -51.67 -0.39
N ILE B 274 -32.39 -51.17 0.61
CA ILE B 274 -31.07 -50.68 0.35
C ILE B 274 -30.05 -51.51 1.16
N ASN B 275 -29.00 -51.95 0.48
CA ASN B 275 -27.91 -52.71 1.08
C ASN B 275 -26.60 -52.42 0.34
N ASN B 276 -25.54 -53.13 0.69
CA ASN B 276 -24.20 -53.09 0.07
C ASN B 276 -24.12 -52.96 -1.44
N LYS B 277 -25.08 -53.59 -2.08
CA LYS B 277 -25.17 -53.67 -3.54
C LYS B 277 -26.11 -52.51 -4.21
N GLY B 278 -26.83 -51.71 -3.42
CA GLY B 278 -27.61 -50.61 -3.90
C GLY B 278 -29.05 -50.66 -3.50
N ALA B 279 -29.89 -50.01 -4.33
CA ALA B 279 -31.37 -49.91 -4.10
C ALA B 279 -32.12 -50.89 -4.99
N HIS B 280 -32.97 -51.77 -4.39
CA HIS B 280 -33.60 -52.90 -5.06
C HIS B 280 -35.07 -52.81 -4.82
N PRO B 281 -35.84 -52.69 -5.88
CA PRO B 281 -37.30 -52.58 -5.67
C PRO B 281 -37.94 -53.87 -5.20
N VAL B 282 -39.06 -53.77 -4.54
CA VAL B 282 -39.78 -54.94 -4.01
C VAL B 282 -41.26 -54.67 -4.28
N GLU B 283 -41.96 -55.67 -4.82
CA GLU B 283 -43.32 -55.48 -5.16
C GLU B 283 -44.21 -56.10 -4.15
N PHE B 284 -45.16 -55.37 -3.66
CA PHE B 284 -46.16 -55.90 -2.79
C PHE B 284 -47.50 -55.96 -3.48
N PRO B 285 -48.36 -56.85 -3.04
CA PRO B 285 -49.68 -56.95 -3.64
C PRO B 285 -50.66 -55.81 -3.34
N LEU B 286 -50.79 -54.92 -4.28
CA LEU B 286 -51.77 -53.80 -4.20
C LEU B 286 -53.19 -54.22 -4.58
N THR B 287 -54.19 -53.54 -4.03
CA THR B 287 -55.55 -53.66 -4.58
C THR B 287 -55.62 -53.00 -5.96
N LYS B 288 -56.70 -53.26 -6.71
CA LYS B 288 -56.94 -52.55 -8.02
C LYS B 288 -56.89 -51.03 -7.85
N GLU B 289 -57.58 -50.56 -6.82
CA GLU B 289 -57.74 -49.10 -6.59
C GLU B 289 -56.47 -48.38 -6.21
N GLU B 290 -55.68 -49.07 -5.40
CA GLU B 290 -54.31 -48.65 -5.05
C GLU B 290 -53.39 -48.56 -6.26
N GLN B 291 -53.34 -49.64 -7.04
CA GLN B 291 -52.51 -49.75 -8.22
C GLN B 291 -52.90 -48.71 -9.25
N ASP B 292 -54.19 -48.49 -9.37
CA ASP B 292 -54.73 -47.42 -10.31
C ASP B 292 -54.23 -46.01 -9.95
N LEU B 293 -54.30 -45.68 -8.63
CA LEU B 293 -53.71 -44.45 -8.13
C LEU B 293 -52.19 -44.39 -8.41
N TYR B 294 -51.50 -45.53 -8.15
CA TYR B 294 -50.05 -45.58 -8.31
C TYR B 294 -49.67 -45.44 -9.75
N THR B 295 -50.32 -46.19 -10.63
CA THR B 295 -50.14 -45.99 -12.11
C THR B 295 -50.34 -44.50 -12.61
N GLU B 296 -51.34 -43.86 -12.07
CA GLU B 296 -51.63 -42.43 -12.43
C GLU B 296 -50.44 -41.55 -12.03
N SER B 297 -49.82 -41.86 -10.86
CA SER B 297 -48.61 -41.11 -10.42
C SER B 297 -47.43 -41.39 -11.31
N ILE B 298 -47.33 -42.63 -11.68
CA ILE B 298 -46.26 -43.10 -12.54
C ILE B 298 -46.40 -42.40 -13.94
N ALA B 299 -47.60 -42.27 -14.41
CA ALA B 299 -47.86 -41.50 -15.72
C ALA B 299 -47.33 -40.07 -15.76
N SER B 300 -47.59 -39.27 -14.70
CA SER B 300 -46.97 -37.90 -14.56
C SER B 300 -45.46 -37.90 -14.56
N VAL B 301 -44.86 -38.85 -13.81
CA VAL B 301 -43.45 -38.97 -13.75
C VAL B 301 -42.89 -39.35 -15.09
N GLN B 302 -43.51 -40.36 -15.73
CA GLN B 302 -43.22 -40.60 -17.23
C GLN B 302 -43.18 -39.29 -18.08
N SER B 303 -44.29 -38.58 -18.06
CA SER B 303 -44.54 -37.36 -18.98
C SER B 303 -43.47 -36.35 -18.73
N ASN B 304 -43.30 -36.05 -17.40
CA ASN B 304 -42.38 -35.04 -16.98
C ASN B 304 -40.92 -35.41 -17.22
N THR B 305 -40.65 -36.71 -17.28
CA THR B 305 -39.30 -37.19 -17.53
C THR B 305 -39.00 -36.99 -18.94
N GLN B 306 -39.95 -37.36 -19.80
CA GLN B 306 -39.82 -37.05 -21.30
C GLN B 306 -39.62 -35.55 -21.61
N LYS B 307 -40.50 -34.75 -20.99
CA LYS B 307 -40.33 -33.27 -20.98
C LYS B 307 -38.93 -32.80 -20.60
N ALA B 308 -38.38 -33.39 -19.51
CA ALA B 308 -37.03 -33.06 -19.11
C ALA B 308 -35.95 -33.41 -20.11
N PHE B 309 -35.98 -34.63 -20.64
CA PHE B 309 -35.08 -35.04 -21.72
C PHE B 309 -35.21 -34.10 -22.96
N ASP B 310 -36.43 -33.79 -23.32
CA ASP B 310 -36.68 -32.84 -24.51
C ASP B 310 -36.04 -31.44 -24.27
N LEU B 311 -36.28 -30.87 -23.09
CA LEU B 311 -35.74 -29.57 -22.70
C LEU B 311 -34.25 -29.52 -22.54
N ILE B 312 -33.64 -30.67 -22.42
CA ILE B 312 -32.18 -30.73 -22.32
C ILE B 312 -31.48 -30.45 -23.65
N LYS B 313 -32.19 -30.50 -24.77
CA LYS B 313 -31.67 -29.95 -26.07
C LYS B 313 -32.37 -28.62 -26.43
N MET C 1 -19.46 -53.79 6.63
CA MET C 1 -18.37 -54.72 6.10
C MET C 1 -17.21 -55.07 7.14
N THR C 2 -16.84 -54.11 8.02
CA THR C 2 -15.88 -54.28 9.10
C THR C 2 -16.24 -55.48 10.02
N LYS C 3 -15.27 -56.33 10.25
CA LYS C 3 -15.44 -57.51 11.18
C LYS C 3 -14.61 -57.39 12.43
N ILE C 4 -15.31 -57.38 13.55
CA ILE C 4 -14.69 -57.28 14.86
C ILE C 4 -14.78 -58.66 15.52
N ALA C 5 -13.63 -59.23 15.83
CA ALA C 5 -13.60 -60.54 16.57
C ALA C 5 -13.17 -60.46 18.02
N LEU C 6 -14.06 -60.93 18.89
CA LEU C 6 -13.86 -60.89 20.32
C LEU C 6 -13.39 -62.34 20.78
N ILE C 7 -12.09 -62.49 21.01
CA ILE C 7 -11.51 -63.82 21.42
C ILE C 7 -11.57 -63.92 22.94
N GLY C 8 -12.67 -64.47 23.41
CA GLY C 8 -13.09 -64.39 24.75
C GLY C 8 -14.46 -63.76 24.84
N SER C 9 -15.46 -64.49 25.30
CA SER C 9 -16.82 -64.01 25.46
C SER C 9 -17.27 -63.83 26.91
N GLY C 10 -16.36 -63.45 27.77
CA GLY C 10 -16.70 -63.13 29.14
C GLY C 10 -17.36 -61.75 29.27
N GLN C 11 -17.33 -61.20 30.50
CA GLN C 11 -17.89 -59.93 30.81
C GLN C 11 -17.37 -58.87 29.87
N ILE C 12 -16.06 -58.77 29.79
CA ILE C 12 -15.47 -57.70 29.04
C ILE C 12 -15.79 -57.77 27.56
N GLY C 13 -15.60 -58.96 27.00
CA GLY C 13 -15.85 -59.21 25.62
C GLY C 13 -17.26 -58.90 25.28
N ALA C 14 -18.20 -59.35 26.08
CA ALA C 14 -19.58 -59.12 25.78
C ALA C 14 -19.91 -57.58 25.76
N ILE C 15 -19.39 -56.85 26.74
CA ILE C 15 -19.70 -55.44 26.88
C ILE C 15 -19.03 -54.70 25.73
N VAL C 16 -17.78 -55.03 25.38
CA VAL C 16 -17.15 -54.52 24.19
C VAL C 16 -18.05 -54.75 22.96
N GLY C 17 -18.56 -55.97 22.81
CA GLY C 17 -19.48 -56.29 21.75
C GLY C 17 -20.71 -55.40 21.81
N GLU C 18 -21.21 -55.18 23.02
CA GLU C 18 -22.36 -54.25 23.23
C GLU C 18 -22.03 -52.80 22.77
N LEU C 19 -20.89 -52.28 23.20
CA LEU C 19 -20.52 -50.94 22.87
C LEU C 19 -20.19 -50.78 21.37
N CYS C 20 -19.61 -51.81 20.77
CA CYS C 20 -19.42 -51.75 19.29
C CYS C 20 -20.76 -51.70 18.52
N LEU C 21 -21.77 -52.43 19.00
CA LEU C 21 -23.08 -52.40 18.43
C LEU C 21 -23.71 -51.00 18.58
N LEU C 22 -23.53 -50.37 19.74
CA LEU C 22 -24.13 -49.06 19.97
C LEU C 22 -23.62 -47.99 19.02
N GLU C 23 -22.35 -48.04 18.66
CA GLU C 23 -21.78 -47.16 17.68
C GLU C 23 -21.62 -47.76 16.29
N ASN C 24 -22.29 -48.87 16.01
CA ASN C 24 -22.23 -49.40 14.66
C ASN C 24 -20.79 -49.55 14.15
N LEU C 25 -19.85 -50.02 15.00
CA LEU C 25 -18.47 -50.14 14.57
C LEU C 25 -18.21 -51.25 13.67
N GLY C 26 -19.04 -52.25 13.69
CA GLY C 26 -18.79 -53.41 12.81
C GLY C 26 -19.61 -54.65 13.13
N ASP C 27 -19.55 -55.63 12.26
CA ASP C 27 -20.15 -56.95 12.55
C ASP C 27 -19.33 -57.64 13.66
N LEU C 28 -19.99 -58.39 14.53
CA LEU C 28 -19.30 -59.08 15.62
C LEU C 28 -19.13 -60.57 15.40
N ILE C 29 -17.96 -61.03 15.77
CA ILE C 29 -17.70 -62.47 15.89
C ILE C 29 -17.30 -62.75 17.34
N LEU C 30 -18.24 -63.32 18.08
CA LEU C 30 -18.03 -63.69 19.44
C LEU C 30 -17.51 -65.12 19.50
N TYR C 31 -16.23 -65.23 19.86
CA TYR C 31 -15.56 -66.54 20.04
C TYR C 31 -15.26 -66.83 21.52
N ASP C 32 -15.47 -68.07 21.89
CA ASP C 32 -14.98 -68.64 23.16
C ASP C 32 -14.70 -70.10 22.97
N VAL C 33 -13.84 -70.57 23.85
CA VAL C 33 -13.52 -71.99 23.91
C VAL C 33 -14.71 -72.82 24.46
N VAL C 34 -15.43 -72.28 25.44
CA VAL C 34 -16.54 -72.99 26.12
C VAL C 34 -17.78 -73.10 25.20
N PRO C 35 -18.27 -74.31 24.85
CA PRO C 35 -19.44 -74.42 24.00
C PRO C 35 -20.70 -73.83 24.55
N GLY C 36 -21.48 -73.23 23.61
CA GLY C 36 -22.74 -72.61 23.95
C GLY C 36 -22.67 -71.15 24.41
N ILE C 37 -21.61 -70.75 25.09
CA ILE C 37 -21.61 -69.46 25.76
C ILE C 37 -21.74 -68.31 24.71
N PRO C 38 -20.93 -68.33 23.63
CA PRO C 38 -20.94 -67.25 22.68
C PRO C 38 -22.25 -67.22 21.94
N GLN C 39 -22.87 -68.39 21.76
CA GLN C 39 -24.09 -68.46 21.00
C GLN C 39 -25.19 -67.85 21.76
N GLY C 40 -25.19 -68.08 23.05
CA GLY C 40 -26.21 -67.47 23.90
C GLY C 40 -26.11 -65.93 24.05
N LYS C 41 -24.90 -65.45 24.20
CA LYS C 41 -24.68 -64.05 24.35
C LYS C 41 -25.00 -63.37 23.02
N ALA C 42 -24.69 -64.04 21.93
CA ALA C 42 -24.99 -63.52 20.62
C ALA C 42 -26.45 -63.41 20.51
N LEU C 43 -27.23 -64.36 21.05
CA LEU C 43 -28.69 -64.23 20.93
C LEU C 43 -29.12 -62.98 21.67
N ASP C 44 -28.59 -62.79 22.85
CA ASP C 44 -29.03 -61.70 23.68
C ASP C 44 -28.74 -60.30 22.93
N LEU C 45 -27.53 -60.21 22.44
CA LEU C 45 -27.03 -59.10 21.76
C LEU C 45 -27.83 -58.77 20.44
N LYS C 46 -28.32 -59.78 19.71
CA LYS C 46 -29.25 -59.57 18.66
C LYS C 46 -30.51 -58.96 19.14
N HIS C 47 -31.05 -59.43 20.23
CA HIS C 47 -32.31 -58.90 20.71
C HIS C 47 -32.13 -57.43 21.16
N PHE C 48 -30.97 -57.17 21.70
CA PHE C 48 -30.58 -55.88 22.25
C PHE C 48 -30.54 -54.96 20.98
N SER C 49 -29.85 -55.43 19.94
CA SER C 49 -29.71 -54.73 18.64
C SER C 49 -31.07 -54.41 17.98
N THR C 50 -32.01 -55.35 18.11
CA THR C 50 -33.36 -55.08 17.65
C THR C 50 -34.10 -53.97 18.39
N ILE C 51 -33.99 -53.94 19.72
CA ILE C 51 -34.68 -52.93 20.54
C ILE C 51 -34.07 -51.54 20.20
N LEU C 52 -32.75 -51.45 20.03
CA LEU C 52 -32.10 -50.19 19.90
C LEU C 52 -31.91 -49.74 18.44
N GLY C 53 -32.42 -50.51 17.48
CA GLY C 53 -32.33 -50.15 16.10
C GLY C 53 -30.95 -50.25 15.48
N VAL C 54 -30.09 -51.11 16.00
CA VAL C 54 -28.79 -51.42 15.42
C VAL C 54 -28.95 -52.71 14.61
N ASN C 55 -28.28 -52.81 13.47
CA ASN C 55 -28.55 -53.84 12.50
C ASN C 55 -27.32 -54.64 12.11
N ARG C 56 -26.20 -54.44 12.76
CA ARG C 56 -25.05 -55.21 12.44
C ARG C 56 -25.25 -56.71 12.67
N ASN C 57 -24.48 -57.49 11.94
CA ASN C 57 -24.45 -58.91 12.13
C ASN C 57 -23.66 -59.41 13.40
N ILE C 58 -24.16 -60.44 14.07
CA ILE C 58 -23.55 -60.99 15.28
C ILE C 58 -23.53 -62.52 15.22
N LEU C 59 -22.33 -63.11 15.29
CA LEU C 59 -22.16 -64.54 15.21
C LEU C 59 -21.41 -65.04 16.47
N GLY C 60 -22.07 -65.92 17.23
CA GLY C 60 -21.44 -66.63 18.41
C GLY C 60 -20.89 -67.99 17.96
N THR C 61 -19.62 -68.20 18.18
CA THR C 61 -18.98 -69.37 17.65
C THR C 61 -17.95 -70.00 18.63
N ASN C 62 -17.78 -71.32 18.48
CA ASN C 62 -16.66 -72.10 19.11
C ASN C 62 -15.58 -72.54 18.11
N GLN C 63 -15.77 -72.23 16.83
CA GLN C 63 -14.79 -72.49 15.80
C GLN C 63 -13.90 -71.26 15.54
N ILE C 64 -12.65 -71.31 15.97
CA ILE C 64 -11.77 -70.16 15.85
C ILE C 64 -11.49 -69.77 14.42
N GLU C 65 -11.70 -70.67 13.47
CA GLU C 65 -11.53 -70.31 12.04
C GLU C 65 -12.51 -69.27 11.54
N ASP C 66 -13.63 -69.08 12.27
CA ASP C 66 -14.56 -68.01 12.02
C ASP C 66 -13.99 -66.59 12.22
N ILE C 67 -12.84 -66.51 12.83
CA ILE C 67 -12.11 -65.27 13.00
C ILE C 67 -11.49 -64.72 11.69
N LYS C 68 -11.57 -65.49 10.60
CA LYS C 68 -10.97 -65.14 9.31
C LYS C 68 -11.38 -63.76 8.84
N ASP C 69 -10.40 -63.01 8.36
CA ASP C 69 -10.66 -61.70 7.79
C ASP C 69 -11.22 -60.68 8.80
N ALA C 70 -11.05 -60.92 10.10
CA ALA C 70 -11.39 -59.93 11.08
C ALA C 70 -10.50 -58.73 10.86
N ASP C 71 -11.07 -57.54 10.93
CA ASP C 71 -10.29 -56.33 10.86
C ASP C 71 -9.75 -55.96 12.19
N ILE C 72 -10.49 -56.31 13.24
CA ILE C 72 -10.09 -56.08 14.58
C ILE C 72 -10.22 -57.32 15.38
N ILE C 73 -9.29 -57.48 16.33
CA ILE C 73 -9.28 -58.66 17.27
C ILE C 73 -9.07 -58.17 18.70
N VAL C 74 -10.04 -58.45 19.53
CA VAL C 74 -9.97 -58.13 20.96
C VAL C 74 -9.78 -59.48 21.80
N ILE C 75 -8.67 -59.58 22.49
CA ILE C 75 -8.28 -60.91 23.26
C ILE C 75 -8.47 -60.74 24.76
N THR C 76 -9.56 -61.31 25.26
CA THR C 76 -9.82 -61.33 26.68
C THR C 76 -9.67 -62.80 27.27
N ALA C 77 -9.34 -63.79 26.43
CA ALA C 77 -9.25 -65.18 26.81
C ALA C 77 -8.22 -65.29 27.87
N GLY C 78 -8.52 -66.07 28.86
CA GLY C 78 -7.61 -66.18 29.95
C GLY C 78 -8.36 -66.12 31.23
N VAL C 79 -7.63 -66.39 32.29
CA VAL C 79 -8.20 -66.44 33.62
C VAL C 79 -8.02 -65.05 34.21
N GLN C 80 -8.99 -64.66 35.03
CA GLN C 80 -8.88 -63.44 35.79
C GLN C 80 -8.44 -63.70 37.23
N ARG C 81 -7.84 -62.70 37.85
CA ARG C 81 -7.38 -62.84 39.23
C ARG C 81 -8.51 -62.66 40.23
N LYS C 82 -8.37 -63.34 41.39
CA LYS C 82 -9.33 -63.26 42.52
C LYS C 82 -8.72 -62.39 43.61
N GLU C 83 -9.49 -62.14 44.66
CA GLU C 83 -9.01 -61.42 45.84
C GLU C 83 -7.69 -61.99 46.37
N GLY C 84 -6.78 -61.10 46.74
CA GLY C 84 -5.49 -61.49 47.30
C GLY C 84 -4.42 -61.78 46.27
N MET C 85 -4.81 -62.19 45.05
CA MET C 85 -3.84 -62.42 43.93
C MET C 85 -3.36 -61.13 43.33
N THR C 86 -2.14 -61.16 42.80
CA THR C 86 -1.65 -60.11 41.88
C THR C 86 -1.98 -60.52 40.42
N ARG C 87 -1.88 -59.55 39.53
CA ARG C 87 -2.03 -59.83 38.09
C ARG C 87 -0.92 -60.75 37.60
N GLU C 88 0.28 -60.57 38.17
CA GLU C 88 1.48 -61.43 37.87
C GLU C 88 1.32 -62.92 38.22
N ASP C 89 0.47 -63.26 39.21
CA ASP C 89 0.15 -64.67 39.55
C ASP C 89 -0.48 -65.48 38.39
N LEU C 90 -1.04 -64.80 37.38
CA LEU C 90 -1.68 -65.44 36.22
C LEU C 90 -0.68 -65.76 35.09
N ILE C 91 0.52 -65.24 35.22
CA ILE C 91 1.60 -65.44 34.25
C ILE C 91 1.72 -66.86 33.64
N GLY C 92 1.70 -67.88 34.48
CA GLY C 92 1.82 -69.24 34.01
C GLY C 92 0.66 -69.58 33.09
N VAL C 93 -0.54 -69.53 33.63
CA VAL C 93 -1.70 -70.09 32.93
C VAL C 93 -2.05 -69.29 31.68
N ASN C 94 -1.94 -67.97 31.76
CA ASN C 94 -2.41 -67.08 30.69
C ASN C 94 -1.40 -66.95 29.53
N GLY C 95 -0.09 -67.05 29.83
CA GLY C 95 0.96 -67.11 28.83
C GLY C 95 0.73 -68.21 27.83
N LYS C 96 0.30 -69.37 28.30
CA LYS C 96 0.05 -70.55 27.47
C LYS C 96 -1.15 -70.31 26.59
N ILE C 97 -2.22 -69.77 27.19
CA ILE C 97 -3.45 -69.41 26.45
C ILE C 97 -3.13 -68.34 25.37
N MET C 98 -2.40 -67.30 25.76
CA MET C 98 -2.07 -66.25 24.83
C MET C 98 -1.29 -66.77 23.62
N LYS C 99 -0.33 -67.66 23.86
CA LYS C 99 0.44 -68.31 22.75
C LYS C 99 -0.44 -69.08 21.78
N SER C 100 -1.35 -69.86 22.34
CA SER C 100 -2.33 -70.56 21.53
C SER C 100 -3.15 -69.62 20.65
N VAL C 101 -3.60 -68.49 21.23
CA VAL C 101 -4.44 -67.52 20.49
C VAL C 101 -3.56 -66.86 19.39
N ALA C 102 -2.32 -66.51 19.76
CA ALA C 102 -1.37 -65.97 18.82
C ALA C 102 -1.25 -66.88 17.61
N GLU C 103 -1.09 -68.18 17.86
CA GLU C 103 -0.92 -69.15 16.77
C GLU C 103 -2.14 -69.18 15.89
N SER C 104 -3.32 -69.12 16.50
CA SER C 104 -4.53 -69.09 15.71
C SER C 104 -4.69 -67.81 14.88
N VAL C 105 -4.38 -66.67 15.44
CA VAL C 105 -4.45 -65.41 14.69
C VAL C 105 -3.48 -65.47 13.51
N LYS C 106 -2.27 -65.98 13.77
CA LYS C 106 -1.24 -66.13 12.76
C LYS C 106 -1.80 -66.80 11.50
N LEU C 107 -2.47 -67.95 11.64
CA LEU C 107 -2.89 -68.69 10.45
C LEU C 107 -4.20 -68.24 9.88
N HIS C 108 -5.05 -67.62 10.68
CA HIS C 108 -6.41 -67.30 10.22
C HIS C 108 -6.67 -65.82 9.76
N CYS C 109 -6.02 -64.84 10.38
CA CYS C 109 -6.16 -63.45 10.01
C CYS C 109 -4.96 -62.63 10.40
N SER C 110 -3.92 -62.74 9.59
CA SER C 110 -2.69 -62.02 9.83
C SER C 110 -2.78 -60.51 9.56
N LYS C 111 -3.85 -59.98 8.94
CA LYS C 111 -3.93 -58.53 8.68
C LYS C 111 -4.72 -57.69 9.74
N ALA C 112 -5.15 -58.33 10.82
CA ALA C 112 -5.95 -57.67 11.83
C ALA C 112 -5.13 -56.77 12.74
N PHE C 113 -5.82 -55.78 13.31
CA PHE C 113 -5.29 -54.96 14.40
C PHE C 113 -5.72 -55.63 15.72
N VAL C 114 -4.74 -55.91 16.58
CA VAL C 114 -4.97 -56.77 17.78
C VAL C 114 -4.86 -56.02 19.06
N ILE C 115 -5.98 -55.96 19.79
CA ILE C 115 -5.96 -55.39 21.16
C ILE C 115 -5.99 -56.53 22.17
N CYS C 116 -4.87 -56.71 22.85
CA CYS C 116 -4.77 -57.68 23.97
C CYS C 116 -5.26 -57.10 25.27
N VAL C 117 -6.01 -57.88 26.04
CA VAL C 117 -6.52 -57.46 27.38
C VAL C 117 -6.25 -58.42 28.54
N SER C 118 -6.07 -59.72 28.28
CA SER C 118 -5.57 -60.67 29.32
C SER C 118 -4.42 -60.19 30.22
N ASN C 119 -4.57 -60.43 31.50
CA ASN C 119 -3.51 -60.09 32.47
C ASN C 119 -2.42 -61.16 32.69
N PRO C 120 -1.22 -60.77 33.18
CA PRO C 120 -0.82 -59.36 33.37
C PRO C 120 -0.55 -58.69 32.00
N LEU C 121 -1.19 -57.52 31.78
CA LEU C 121 -1.41 -57.03 30.47
C LEU C 121 -0.14 -56.92 29.66
N ASP C 122 0.81 -56.15 30.14
CA ASP C 122 1.97 -55.83 29.31
C ASP C 122 2.70 -57.09 28.91
N ILE C 123 2.88 -57.98 29.88
CA ILE C 123 3.58 -59.22 29.66
C ILE C 123 2.87 -60.00 28.52
N MET C 124 1.53 -60.11 28.58
CA MET C 124 0.78 -60.94 27.63
C MET C 124 0.82 -60.37 26.20
N VAL C 125 0.94 -59.04 26.09
CA VAL C 125 1.12 -58.40 24.78
C VAL C 125 2.43 -58.91 24.19
N ASN C 126 3.49 -58.90 24.99
CA ASN C 126 4.81 -59.45 24.54
C ASN C 126 4.73 -60.91 24.09
N VAL C 127 3.94 -61.70 24.80
CA VAL C 127 3.76 -63.10 24.43
C VAL C 127 3.05 -63.16 23.08
N PHE C 128 1.98 -62.41 22.95
CA PHE C 128 1.24 -62.42 21.66
C PHE C 128 2.07 -62.01 20.43
N HIS C 129 2.88 -60.99 20.61
CA HIS C 129 3.82 -60.60 19.57
C HIS C 129 4.75 -61.74 19.15
N LYS C 130 5.40 -62.34 20.13
CA LYS C 130 6.37 -63.40 19.88
C LYS C 130 5.80 -64.49 18.95
N PHE C 131 4.59 -64.96 19.19
CA PHE C 131 4.12 -66.17 18.53
C PHE C 131 3.19 -65.90 17.38
N SER C 132 2.82 -64.63 17.20
CA SER C 132 1.75 -64.27 16.23
C SER C 132 2.30 -63.97 14.87
N ASN C 133 3.53 -63.47 14.83
CA ASN C 133 4.16 -63.12 13.58
C ASN C 133 3.39 -61.94 12.90
N LEU C 134 2.89 -60.98 13.67
CA LEU C 134 2.32 -59.79 13.11
C LEU C 134 3.29 -58.63 13.34
N PRO C 135 3.19 -57.64 12.50
CA PRO C 135 3.95 -56.45 12.73
C PRO C 135 3.66 -55.86 14.12
N HIS C 136 4.64 -55.23 14.70
CA HIS C 136 4.48 -54.70 16.06
C HIS C 136 3.52 -53.51 16.25
N GLU C 137 3.35 -52.64 15.22
CA GLU C 137 2.40 -51.61 15.26
C GLU C 137 1.00 -52.17 15.25
N LYS C 138 0.77 -53.38 14.76
CA LYS C 138 -0.58 -53.94 14.69
C LYS C 138 -1.04 -54.64 15.97
N ILE C 139 -0.24 -54.55 17.04
CA ILE C 139 -0.48 -55.22 18.30
C ILE C 139 -0.34 -54.21 19.38
N CYS C 140 -1.26 -54.23 20.30
CA CYS C 140 -1.15 -53.37 21.49
C CYS C 140 -1.94 -53.99 22.63
N GLY C 141 -1.87 -53.37 23.82
CA GLY C 141 -2.75 -53.75 24.91
C GLY C 141 -3.37 -52.59 25.61
N MET C 142 -4.62 -52.74 26.05
CA MET C 142 -5.28 -51.62 26.72
C MET C 142 -5.03 -51.69 28.18
N ALA C 143 -4.56 -50.59 28.74
CA ALA C 143 -4.41 -50.44 30.20
C ALA C 143 -4.34 -49.04 30.64
N GLY C 144 -3.40 -48.30 30.08
CA GLY C 144 -3.33 -46.84 30.32
C GLY C 144 -4.63 -45.99 30.26
N ILE C 145 -5.52 -46.32 29.35
CA ILE C 145 -6.74 -45.56 29.27
C ILE C 145 -7.55 -45.82 30.55
N LEU C 146 -7.55 -47.04 30.99
CA LEU C 146 -8.26 -47.42 32.21
C LEU C 146 -7.63 -46.82 33.49
N ASP C 147 -6.31 -46.88 33.63
CA ASP C 147 -5.66 -46.27 34.76
C ASP C 147 -5.81 -44.76 34.78
N THR C 148 -5.67 -44.17 33.62
CA THR C 148 -5.91 -42.73 33.40
C THR C 148 -7.33 -42.33 33.77
N SER C 149 -8.30 -43.12 33.37
CA SER C 149 -9.65 -42.76 33.73
C SER C 149 -9.86 -42.71 35.20
N ARG C 150 -9.17 -43.61 35.95
CA ARG C 150 -9.34 -43.73 37.38
C ARG C 150 -8.65 -42.54 38.04
N TYR C 151 -7.43 -42.28 37.64
CA TYR C 151 -6.70 -41.17 38.14
C TYR C 151 -7.41 -39.84 37.88
N CYS C 152 -7.90 -39.65 36.66
CA CYS C 152 -8.59 -38.42 36.32
C CYS C 152 -9.86 -38.29 37.10
N SER C 153 -10.57 -39.38 37.15
CA SER C 153 -11.86 -39.39 37.85
C SER C 153 -11.69 -38.91 39.33
N LEU C 154 -10.62 -39.37 40.01
CA LEU C 154 -10.30 -38.98 41.36
C LEU C 154 -9.84 -37.56 41.49
N ILE C 155 -8.98 -37.14 40.57
CA ILE C 155 -8.60 -35.73 40.45
C ILE C 155 -9.86 -34.83 40.28
N ALA C 156 -10.72 -35.19 39.36
CA ALA C 156 -11.95 -34.38 39.12
C ALA C 156 -12.80 -34.24 40.37
N ASP C 157 -13.02 -35.36 41.08
CA ASP C 157 -13.79 -35.37 42.38
C ASP C 157 -13.19 -34.42 43.42
N LYS C 158 -11.86 -34.45 43.61
CA LYS C 158 -11.22 -33.58 44.59
C LYS C 158 -11.31 -32.11 44.21
N LEU C 159 -11.28 -31.79 42.88
CA LEU C 159 -11.30 -30.41 42.41
C LEU C 159 -12.68 -29.90 42.18
N LYS C 160 -13.68 -30.73 42.40
CA LYS C 160 -15.05 -30.39 42.18
C LYS C 160 -15.28 -29.91 40.73
N VAL C 161 -14.74 -30.66 39.76
CA VAL C 161 -14.90 -30.37 38.36
C VAL C 161 -15.33 -31.59 37.63
N SER C 162 -15.85 -31.37 36.44
CA SER C 162 -16.21 -32.41 35.55
C SER C 162 -14.97 -33.19 35.19
N ALA C 163 -15.14 -34.50 35.13
CA ALA C 163 -14.07 -35.36 34.66
C ALA C 163 -13.92 -35.28 33.20
N GLU C 164 -14.94 -34.76 32.51
CA GLU C 164 -14.98 -34.70 31.02
C GLU C 164 -13.76 -34.16 30.34
N ASP C 165 -13.11 -33.17 30.91
CA ASP C 165 -11.90 -32.68 30.25
C ASP C 165 -10.68 -32.65 31.13
N VAL C 166 -10.65 -33.57 32.09
CA VAL C 166 -9.43 -33.85 32.86
C VAL C 166 -8.66 -34.91 32.08
N ASN C 167 -7.43 -34.58 31.68
CA ASN C 167 -6.60 -35.49 30.94
C ASN C 167 -5.32 -35.70 31.61
N ALA C 168 -4.73 -36.85 31.34
CA ALA C 168 -3.46 -37.18 31.98
C ALA C 168 -2.70 -38.27 31.25
N VAL C 169 -1.41 -38.31 31.50
CA VAL C 169 -0.56 -39.34 30.98
C VAL C 169 -0.12 -40.24 32.16
N ILE C 170 -0.33 -41.53 31.99
CA ILE C 170 0.25 -42.54 32.91
C ILE C 170 1.08 -43.48 32.08
N LEU C 171 2.36 -43.50 32.41
CA LEU C 171 3.34 -44.38 31.79
C LEU C 171 3.56 -45.64 32.57
N GLY C 172 3.98 -46.66 31.84
CA GLY C 172 4.49 -47.89 32.48
C GLY C 172 3.48 -49.01 32.59
N GLY C 173 3.94 -50.08 33.20
CA GLY C 173 3.18 -51.30 33.25
C GLY C 173 1.87 -51.10 33.98
N HIS C 174 0.88 -51.90 33.59
CA HIS C 174 -0.42 -51.93 34.26
C HIS C 174 -0.26 -52.72 35.62
N GLY C 175 0.19 -51.99 36.64
CA GLY C 175 0.48 -52.62 37.89
C GLY C 175 0.95 -51.57 38.86
N ASP C 176 1.52 -52.05 39.97
CA ASP C 176 1.98 -51.21 41.08
C ASP C 176 3.05 -50.21 40.71
N LEU C 177 3.72 -50.41 39.57
CA LEU C 177 4.77 -49.52 39.10
C LEU C 177 4.32 -48.52 38.01
N MET C 178 3.01 -48.24 37.93
CA MET C 178 2.54 -47.10 37.11
C MET C 178 3.26 -45.83 37.49
N VAL C 179 3.43 -44.96 36.51
CA VAL C 179 3.98 -43.64 36.71
C VAL C 179 3.02 -42.56 36.20
N PRO C 180 2.10 -42.08 37.07
CA PRO C 180 1.24 -40.94 36.65
C PRO C 180 2.04 -39.66 36.65
N LEU C 181 1.88 -38.84 35.61
CA LEU C 181 2.71 -37.64 35.46
C LEU C 181 1.89 -36.42 35.76
N GLN C 182 2.17 -35.84 36.90
CA GLN C 182 1.50 -34.59 37.34
C GLN C 182 1.69 -33.48 36.35
N ARG C 183 2.90 -33.37 35.82
CA ARG C 183 3.23 -32.39 34.80
C ARG C 183 2.31 -32.50 33.60
N TYR C 184 1.94 -33.73 33.26
CA TYR C 184 1.09 -34.01 32.07
C TYR C 184 -0.35 -34.29 32.48
N THR C 185 -0.84 -33.59 33.50
CA THR C 185 -2.22 -33.66 33.92
C THR C 185 -2.82 -32.25 33.74
N SER C 186 -3.95 -32.15 33.04
CA SER C 186 -4.59 -30.87 32.82
C SER C 186 -6.11 -30.96 32.98
N VAL C 187 -6.70 -29.82 33.31
CA VAL C 187 -8.15 -29.69 33.47
C VAL C 187 -8.62 -28.66 32.48
N ASN C 188 -9.28 -29.15 31.46
CA ASN C 188 -9.59 -28.39 30.19
C ASN C 188 -8.47 -27.43 29.75
N GLY C 189 -7.25 -27.96 29.78
CA GLY C 189 -6.05 -27.21 29.30
C GLY C 189 -5.18 -26.65 30.40
N VAL C 190 -5.77 -26.43 31.58
CA VAL C 190 -5.04 -25.81 32.70
C VAL C 190 -4.21 -26.90 33.44
N PRO C 191 -2.87 -26.78 33.48
CA PRO C 191 -2.09 -27.75 34.19
C PRO C 191 -2.52 -27.96 35.69
N LEU C 192 -2.37 -29.18 36.18
CA LEU C 192 -2.66 -29.55 37.61
C LEU C 192 -1.93 -28.67 38.61
N SER C 193 -0.72 -28.25 38.25
CA SER C 193 0.12 -27.37 39.08
C SER C 193 -0.52 -26.01 39.43
N GLU C 194 -1.43 -25.53 38.58
CA GLU C 194 -2.15 -24.29 38.84
C GLU C 194 -3.14 -24.46 39.97
N PHE C 195 -3.74 -25.65 40.04
CA PHE C 195 -4.67 -25.93 41.09
C PHE C 195 -3.97 -26.11 42.46
N VAL C 196 -2.70 -26.61 42.48
CA VAL C 196 -1.94 -26.70 43.74
C VAL C 196 -1.60 -25.28 44.21
N LYS C 197 -1.19 -24.40 43.27
CA LYS C 197 -0.85 -22.97 43.57
C LYS C 197 -2.06 -22.20 44.07
N LYS C 198 -3.21 -22.54 43.54
CA LYS C 198 -4.45 -21.96 44.01
C LYS C 198 -4.99 -22.62 45.30
N ASN C 199 -4.24 -23.57 45.89
CA ASN C 199 -4.64 -24.32 47.09
C ASN C 199 -5.96 -25.11 46.99
N MET C 200 -6.38 -25.46 45.78
CA MET C 200 -7.58 -26.31 45.58
C MET C 200 -7.27 -27.80 45.77
N ILE C 201 -5.97 -28.17 45.82
CA ILE C 201 -5.55 -29.56 46.00
C ILE C 201 -4.08 -29.54 46.43
N SER C 202 -3.67 -30.52 47.22
CA SER C 202 -2.33 -30.53 47.80
C SER C 202 -1.53 -31.66 47.22
N GLN C 203 -0.23 -31.54 47.33
CA GLN C 203 0.66 -32.61 46.94
C GLN C 203 0.35 -33.95 47.60
N ASN C 204 -0.07 -33.91 48.86
CA ASN C 204 -0.40 -35.12 49.61
C ASN C 204 -1.68 -35.77 49.11
N GLU C 205 -2.69 -34.95 48.88
CA GLU C 205 -3.96 -35.40 48.29
C GLU C 205 -3.72 -36.09 46.88
N ILE C 206 -2.77 -35.55 46.12
CA ILE C 206 -2.35 -36.14 44.87
C ILE C 206 -1.67 -37.51 45.02
N GLN C 207 -0.77 -37.62 45.97
CA GLN C 207 -0.09 -38.90 46.27
C GLN C 207 -1.08 -40.00 46.74
N GLU C 208 -2.05 -39.56 47.53
CA GLU C 208 -3.19 -40.38 47.93
C GLU C 208 -3.96 -40.91 46.72
N ILE C 209 -4.31 -39.98 45.79
CA ILE C 209 -4.96 -40.32 44.54
C ILE C 209 -4.14 -41.35 43.72
N ILE C 210 -2.85 -41.11 43.59
CA ILE C 210 -1.98 -42.00 42.85
C ILE C 210 -2.00 -43.39 43.44
N GLN C 211 -1.99 -43.46 44.77
CA GLN C 211 -2.15 -44.74 45.46
C GLN C 211 -3.47 -45.44 45.20
N LYS C 212 -4.57 -44.72 45.31
CA LYS C 212 -5.87 -45.29 44.95
C LYS C 212 -5.97 -45.76 43.48
N THR C 213 -5.26 -45.07 42.59
CA THR C 213 -5.26 -45.45 41.23
C THR C 213 -4.58 -46.80 41.10
N ARG C 214 -3.44 -46.92 41.76
CA ARG C 214 -2.63 -48.16 41.69
C ARG C 214 -3.41 -49.36 42.17
N ASN C 215 -4.13 -49.19 43.26
CA ASN C 215 -4.87 -50.27 43.88
C ASN C 215 -6.27 -50.45 43.48
N MET C 216 -6.71 -49.63 42.57
CA MET C 216 -8.12 -49.62 42.12
C MET C 216 -8.63 -50.95 41.54
N GLY C 217 -7.83 -51.56 40.67
CA GLY C 217 -8.16 -52.89 40.15
C GLY C 217 -8.52 -53.85 41.26
N ALA C 218 -7.64 -53.91 42.31
CA ALA C 218 -7.83 -54.86 43.43
C ALA C 218 -9.06 -54.43 44.24
N GLU C 219 -9.27 -53.12 44.40
CA GLU C 219 -10.34 -52.60 45.23
C GLU C 219 -11.68 -52.98 44.70
N ILE C 220 -11.83 -52.93 43.40
CA ILE C 220 -13.07 -53.35 42.73
C ILE C 220 -13.28 -54.87 42.82
N ILE C 221 -12.23 -55.65 42.63
CA ILE C 221 -12.28 -57.10 42.96
C ILE C 221 -12.80 -57.40 44.36
N LYS C 222 -12.24 -56.71 45.34
CA LYS C 222 -12.64 -56.87 46.75
C LYS C 222 -14.11 -56.53 46.95
N LEU C 223 -14.54 -55.37 46.47
CA LEU C 223 -15.92 -54.89 46.66
C LEU C 223 -16.94 -55.65 45.81
N ALA C 224 -16.70 -55.72 44.52
CA ALA C 224 -17.66 -56.35 43.61
C ALA C 224 -17.55 -57.85 43.53
N LYS C 225 -16.50 -58.44 44.09
CA LYS C 225 -16.25 -59.87 43.97
C LYS C 225 -16.04 -60.37 42.51
N ALA C 226 -15.81 -59.42 41.60
CA ALA C 226 -15.45 -59.67 40.19
C ALA C 226 -14.64 -58.52 39.71
N SER C 227 -13.87 -58.75 38.67
CA SER C 227 -12.97 -57.70 38.19
C SER C 227 -13.76 -56.73 37.32
N ALA C 228 -13.25 -55.52 37.27
CA ALA C 228 -13.89 -54.44 36.54
C ALA C 228 -14.19 -54.93 35.11
N ALA C 229 -15.36 -54.58 34.59
CA ALA C 229 -15.75 -54.96 33.25
C ALA C 229 -16.18 -53.75 32.34
N PHE C 230 -16.93 -52.77 32.88
CA PHE C 230 -17.45 -51.71 32.07
C PHE C 230 -16.37 -50.79 31.59
N ALA C 231 -15.58 -50.27 32.51
CA ALA C 231 -14.48 -49.34 32.12
C ALA C 231 -13.50 -49.96 31.16
N PRO C 232 -13.03 -51.22 31.45
CA PRO C 232 -12.14 -51.89 30.48
C PRO C 232 -12.78 -51.95 29.07
N ALA C 233 -14.06 -52.27 29.00
CA ALA C 233 -14.70 -52.39 27.69
C ALA C 233 -14.76 -51.02 26.91
N ALA C 234 -15.01 -49.93 27.66
CA ALA C 234 -15.09 -48.61 27.09
C ALA C 234 -13.74 -48.20 26.56
N ALA C 235 -12.73 -48.34 27.35
CA ALA C 235 -11.34 -48.10 26.91
C ALA C 235 -11.02 -48.85 25.62
N ILE C 236 -11.41 -50.14 25.55
CA ILE C 236 -11.07 -51.02 24.40
C ILE C 236 -11.78 -50.43 23.17
N THR C 237 -13.09 -50.18 23.31
CA THR C 237 -13.87 -49.50 22.27
C THR C 237 -13.29 -48.21 21.83
N LYS C 238 -12.72 -47.43 22.74
CA LYS C 238 -12.07 -46.17 22.35
C LYS C 238 -10.89 -46.41 21.42
N MET C 239 -10.13 -47.46 21.71
CA MET C 239 -8.97 -47.83 20.86
C MET C 239 -9.42 -48.44 19.52
N ILE C 240 -10.53 -49.16 19.50
CA ILE C 240 -11.07 -49.70 18.28
C ILE C 240 -11.49 -48.52 17.32
N LYS C 241 -12.14 -47.52 17.89
CA LYS C 241 -12.66 -46.35 17.20
C LYS C 241 -11.53 -45.55 16.60
N SER C 242 -10.49 -45.38 17.39
CA SER C 242 -9.31 -44.70 16.91
C SER C 242 -8.63 -45.38 15.72
N TYR C 243 -8.74 -46.69 15.65
CA TYR C 243 -8.17 -47.46 14.52
C TYR C 243 -9.06 -47.44 13.33
N LEU C 244 -10.30 -47.82 13.50
CA LEU C 244 -11.24 -47.85 12.41
C LEU C 244 -11.50 -46.52 11.72
N TYR C 245 -11.55 -45.45 12.47
CA TYR C 245 -11.84 -44.14 11.99
C TYR C 245 -10.61 -43.32 11.80
N ASN C 246 -9.44 -43.94 11.81
CA ASN C 246 -8.19 -43.25 11.54
C ASN C 246 -8.01 -41.96 12.34
N GLU C 247 -8.30 -42.02 13.61
CA GLU C 247 -8.44 -40.75 14.37
C GLU C 247 -7.12 -40.15 14.82
N ASN C 248 -6.12 -41.00 14.93
CA ASN C 248 -4.83 -40.56 15.40
C ASN C 248 -4.83 -39.96 16.85
N ASN C 249 -5.71 -40.47 17.68
CA ASN C 249 -5.80 -40.05 19.06
C ASN C 249 -4.58 -40.48 19.92
N LEU C 250 -4.24 -39.67 20.92
CA LEU C 250 -3.04 -39.82 21.70
C LEU C 250 -3.44 -40.40 23.03
N PHE C 251 -3.16 -41.69 23.24
CA PHE C 251 -3.49 -42.42 24.45
C PHE C 251 -2.24 -42.94 25.16
N THR C 252 -2.42 -43.60 26.28
CA THR C 252 -1.43 -44.49 26.84
C THR C 252 -1.92 -45.92 26.74
N CYS C 253 -1.09 -46.76 26.16
CA CYS C 253 -1.41 -48.17 25.98
C CYS C 253 -0.14 -48.95 25.85
N ALA C 254 -0.25 -50.26 25.98
CA ALA C 254 0.93 -51.12 25.85
C ALA C 254 1.29 -51.21 24.36
N VAL C 255 2.50 -50.76 24.04
CA VAL C 255 2.94 -50.54 22.69
C VAL C 255 4.42 -50.91 22.50
N TYR C 256 4.81 -51.27 21.26
CA TYR C 256 6.20 -51.63 20.95
C TYR C 256 7.11 -50.43 21.05
N LEU C 257 7.97 -50.40 22.05
CA LEU C 257 8.97 -49.37 22.12
C LEU C 257 10.19 -49.77 21.31
N ASN C 258 10.81 -48.75 20.71
CA ASN C 258 11.91 -48.90 19.81
C ASN C 258 12.86 -47.72 19.83
N GLY C 259 13.55 -47.55 20.94
CA GLY C 259 14.43 -46.42 21.17
C GLY C 259 13.74 -45.27 21.86
N HIS C 260 12.47 -45.44 22.17
CA HIS C 260 11.73 -44.44 22.90
C HIS C 260 11.91 -44.70 24.39
N TYR C 261 12.14 -43.62 25.15
CA TYR C 261 12.25 -43.66 26.59
C TYR C 261 13.32 -44.64 27.03
N ASN C 262 14.42 -44.66 26.30
CA ASN C 262 15.63 -45.51 26.52
C ASN C 262 15.35 -46.97 26.50
N CYS C 263 14.32 -47.37 25.76
CA CYS C 263 13.81 -48.74 25.80
C CYS C 263 13.67 -49.19 24.38
N SER C 264 14.02 -50.43 24.11
CA SER C 264 13.86 -51.03 22.79
C SER C 264 13.44 -52.50 22.91
N ASN C 265 12.76 -53.01 21.91
CA ASN C 265 12.32 -54.40 21.84
C ASN C 265 11.39 -54.94 22.98
N LEU C 266 10.40 -54.15 23.36
CA LEU C 266 9.47 -54.51 24.38
C LEU C 266 8.16 -53.76 24.23
N PHE C 267 7.07 -54.45 24.43
CA PHE C 267 5.77 -53.83 24.60
C PHE C 267 5.63 -53.39 26.06
N VAL C 268 5.29 -52.12 26.29
CA VAL C 268 5.02 -51.62 27.63
C VAL C 268 4.16 -50.35 27.55
N GLY C 269 3.42 -50.07 28.60
CA GLY C 269 2.57 -48.92 28.65
C GLY C 269 3.33 -47.64 28.35
N SER C 270 2.86 -46.89 27.34
CA SER C 270 3.52 -45.67 26.91
C SER C 270 2.58 -44.80 26.15
N THR C 271 2.97 -43.55 25.96
CA THR C 271 2.23 -42.61 25.13
C THR C 271 2.26 -43.07 23.65
N ALA C 272 1.09 -43.21 23.00
CA ALA C 272 1.01 -43.64 21.60
C ALA C 272 -0.17 -43.08 20.90
N LYS C 273 -0.03 -43.04 19.60
CA LYS C 273 -1.13 -42.61 18.70
C LYS C 273 -1.68 -43.84 18.03
N ILE C 274 -2.98 -43.94 17.93
CA ILE C 274 -3.57 -45.04 17.22
C ILE C 274 -4.33 -44.47 15.96
N ASN C 275 -4.07 -45.06 14.79
CA ASN C 275 -4.70 -44.71 13.55
C ASN C 275 -4.90 -45.97 12.68
N ASN C 276 -5.32 -45.78 11.44
CA ASN C 276 -5.37 -46.79 10.32
C ASN C 276 -4.31 -47.85 10.24
N LYS C 277 -3.09 -47.43 10.54
CA LYS C 277 -1.92 -48.23 10.40
C LYS C 277 -1.50 -48.92 11.72
N GLY C 278 -2.19 -48.67 12.83
CA GLY C 278 -1.91 -49.28 14.10
C GLY C 278 -1.54 -48.33 15.26
N ALA C 279 -0.79 -48.87 16.25
CA ALA C 279 -0.32 -48.12 17.43
C ALA C 279 1.14 -47.74 17.35
N HIS C 280 1.42 -46.45 17.53
CA HIS C 280 2.73 -45.85 17.20
C HIS C 280 3.16 -45.10 18.45
N PRO C 281 4.27 -45.53 19.05
CA PRO C 281 4.73 -44.75 20.18
C PRO C 281 5.10 -43.28 19.84
N VAL C 282 4.99 -42.39 20.84
CA VAL C 282 5.49 -41.03 20.78
C VAL C 282 6.31 -40.77 22.07
N GLU C 283 7.50 -40.21 21.93
CA GLU C 283 8.32 -39.89 23.06
C GLU C 283 8.14 -38.44 23.47
N PHE C 284 7.82 -38.17 24.72
CA PHE C 284 7.83 -36.82 25.27
C PHE C 284 9.00 -36.60 26.23
N PRO C 285 9.46 -35.35 26.38
CA PRO C 285 10.65 -35.06 27.18
C PRO C 285 10.40 -35.20 28.66
N LEU C 286 10.84 -36.30 29.23
CA LEU C 286 10.71 -36.53 30.66
C LEU C 286 11.85 -35.89 31.45
N THR C 287 11.60 -35.56 32.73
CA THR C 287 12.71 -35.20 33.67
C THR C 287 13.50 -36.47 34.01
N LYS C 288 14.69 -36.29 34.61
CA LYS C 288 15.51 -37.44 35.06
C LYS C 288 14.71 -38.34 35.99
N GLU C 289 14.01 -37.71 36.91
CA GLU C 289 13.30 -38.44 37.95
C GLU C 289 12.15 -39.23 37.39
N GLU C 290 11.43 -38.60 36.48
CA GLU C 290 10.30 -39.21 35.79
C GLU C 290 10.76 -40.43 34.98
N GLN C 291 11.82 -40.24 34.21
CA GLN C 291 12.42 -41.32 33.39
C GLN C 291 12.98 -42.46 34.22
N ASP C 292 13.58 -42.12 35.36
CA ASP C 292 14.06 -43.13 36.32
C ASP C 292 12.91 -44.02 36.79
N LEU C 293 11.82 -43.40 37.21
CA LEU C 293 10.65 -44.16 37.60
C LEU C 293 10.17 -45.06 36.47
N TYR C 294 10.10 -44.47 35.26
CA TYR C 294 9.56 -45.18 34.06
C TYR C 294 10.44 -46.38 33.72
N THR C 295 11.75 -46.16 33.67
CA THR C 295 12.72 -47.26 33.52
C THR C 295 12.56 -48.38 34.55
N GLU C 296 12.37 -48.01 35.80
CA GLU C 296 12.14 -49.02 36.85
C GLU C 296 10.90 -49.90 36.50
N SER C 297 9.82 -49.27 36.05
CA SER C 297 8.60 -50.01 35.65
C SER C 297 8.94 -50.93 34.50
N ILE C 298 9.72 -50.39 33.54
CA ILE C 298 10.11 -51.09 32.29
C ILE C 298 10.97 -52.29 32.60
N ALA C 299 11.83 -52.13 33.60
CA ALA C 299 12.63 -53.31 34.18
C ALA C 299 11.74 -54.51 34.69
N SER C 300 10.74 -54.24 35.53
CA SER C 300 9.75 -55.31 35.90
C SER C 300 9.13 -55.99 34.71
N VAL C 301 8.63 -55.19 33.76
CA VAL C 301 7.98 -55.73 32.62
C VAL C 301 8.98 -56.63 31.82
N GLN C 302 10.21 -56.15 31.61
CA GLN C 302 11.28 -56.95 31.07
C GLN C 302 11.47 -58.33 31.78
N SER C 303 11.71 -58.30 33.10
CA SER C 303 11.87 -59.51 33.91
C SER C 303 10.71 -60.46 33.72
N ASN C 304 9.50 -59.95 33.99
CA ASN C 304 8.32 -60.80 34.00
C ASN C 304 8.04 -61.38 32.63
N THR C 305 8.49 -60.69 31.60
CA THR C 305 8.26 -61.09 30.22
C THR C 305 9.15 -62.22 29.90
N GLN C 306 10.40 -62.10 30.28
CA GLN C 306 11.32 -63.27 30.30
C GLN C 306 10.79 -64.48 31.08
N LYS C 307 10.41 -64.26 32.34
CA LYS C 307 9.73 -65.28 33.13
C LYS C 307 8.61 -65.97 32.33
N ALA C 308 7.79 -65.18 31.66
CA ALA C 308 6.66 -65.72 30.94
C ALA C 308 7.13 -66.63 29.83
N PHE C 309 8.13 -66.20 29.08
CA PHE C 309 8.68 -67.02 27.98
C PHE C 309 9.25 -68.32 28.52
N ASP C 310 9.97 -68.22 29.63
CA ASP C 310 10.54 -69.41 30.30
C ASP C 310 9.45 -70.40 30.68
N LEU C 311 8.45 -69.92 31.39
CA LEU C 311 7.34 -70.78 31.85
C LEU C 311 6.54 -71.44 30.72
N ILE C 312 6.64 -70.90 29.52
CA ILE C 312 5.88 -71.44 28.40
C ILE C 312 6.48 -72.72 27.87
N LYS C 313 7.72 -73.03 28.26
CA LYS C 313 8.26 -74.37 28.02
C LYS C 313 8.18 -75.18 29.33
N MET D 1 -30.80 -33.53 37.53
CA MET D 1 -31.73 -33.57 38.75
C MET D 1 -32.57 -34.90 38.92
N THR D 2 -32.99 -35.54 37.81
CA THR D 2 -33.66 -36.85 37.78
C THR D 2 -32.87 -37.94 38.53
N LYS D 3 -33.54 -38.64 39.43
CA LYS D 3 -32.91 -39.71 40.16
C LYS D 3 -33.49 -41.07 39.71
N ILE D 4 -32.62 -41.97 39.24
CA ILE D 4 -33.00 -43.31 38.86
C ILE D 4 -32.42 -44.30 39.93
N ALA D 5 -33.32 -45.03 40.57
CA ALA D 5 -32.92 -46.05 41.58
C ALA D 5 -33.04 -47.47 41.05
N LEU D 6 -31.93 -48.19 41.06
CA LEU D 6 -31.88 -49.56 40.59
C LEU D 6 -31.88 -50.47 41.91
N ILE D 7 -33.03 -51.08 42.20
CA ILE D 7 -33.16 -51.99 43.28
C ILE D 7 -32.79 -53.36 42.77
N GLY D 8 -31.53 -53.76 43.08
CA GLY D 8 -30.87 -54.90 42.55
C GLY D 8 -29.69 -54.40 41.70
N SER D 9 -28.48 -54.83 42.04
CA SER D 9 -27.27 -54.55 41.30
C SER D 9 -26.63 -55.74 40.64
N GLY D 10 -27.42 -56.69 40.21
CA GLY D 10 -26.94 -57.75 39.30
C GLY D 10 -26.63 -57.30 37.81
N GLN D 11 -26.55 -58.27 36.90
CA GLN D 11 -26.25 -58.06 35.54
C GLN D 11 -27.24 -57.02 34.86
N ILE D 12 -28.54 -57.25 34.97
CA ILE D 12 -29.52 -56.38 34.41
C ILE D 12 -29.48 -54.94 34.94
N GLY D 13 -29.51 -54.79 36.25
CA GLY D 13 -29.41 -53.53 36.89
C GLY D 13 -28.19 -52.77 36.42
N ALA D 14 -27.02 -53.41 36.42
CA ALA D 14 -25.80 -52.67 36.13
C ALA D 14 -25.90 -52.12 34.67
N ILE D 15 -26.41 -52.97 33.75
CA ILE D 15 -26.41 -52.67 32.38
C ILE D 15 -27.42 -51.49 32.12
N VAL D 16 -28.59 -51.59 32.75
CA VAL D 16 -29.55 -50.53 32.82
C VAL D 16 -28.88 -49.26 33.31
N GLY D 17 -28.13 -49.34 34.35
CA GLY D 17 -27.37 -48.21 34.80
C GLY D 17 -26.44 -47.72 33.73
N GLU D 18 -25.80 -48.64 33.05
CA GLU D 18 -24.83 -48.28 32.03
C GLU D 18 -25.58 -47.43 30.83
N LEU D 19 -26.71 -47.94 30.41
CA LEU D 19 -27.50 -47.40 29.28
C LEU D 19 -28.11 -46.04 29.70
N CYS D 20 -28.42 -45.91 31.01
CA CYS D 20 -28.91 -44.64 31.56
C CYS D 20 -27.84 -43.61 31.56
N LEU D 21 -26.63 -44.01 31.81
CA LEU D 21 -25.49 -43.12 31.71
C LEU D 21 -25.12 -42.71 30.28
N LEU D 22 -25.15 -43.65 29.35
CA LEU D 22 -24.91 -43.37 28.01
C LEU D 22 -25.89 -42.27 27.40
N GLU D 23 -27.16 -42.29 27.74
CA GLU D 23 -28.10 -41.28 27.35
C GLU D 23 -28.33 -40.17 28.37
N ASN D 24 -27.48 -40.02 29.35
CA ASN D 24 -27.69 -38.99 30.31
C ASN D 24 -29.11 -38.94 30.93
N LEU D 25 -29.76 -40.07 31.15
CA LEU D 25 -31.13 -40.04 31.63
C LEU D 25 -31.27 -39.52 33.03
N GLY D 26 -30.24 -39.67 33.85
CA GLY D 26 -30.37 -39.32 35.28
C GLY D 26 -29.22 -39.78 36.18
N ASP D 27 -29.17 -39.22 37.37
CA ASP D 27 -28.27 -39.70 38.45
C ASP D 27 -28.68 -41.10 38.93
N LEU D 28 -27.70 -41.93 39.17
CA LEU D 28 -28.03 -43.31 39.50
C LEU D 28 -27.89 -43.54 41.03
N ILE D 29 -28.80 -44.34 41.55
CA ILE D 29 -28.65 -44.95 42.82
C ILE D 29 -28.69 -46.48 42.60
N LEU D 30 -27.53 -47.11 42.76
CA LEU D 30 -27.38 -48.51 42.71
C LEU D 30 -27.52 -49.10 44.14
N TYR D 31 -28.63 -49.80 44.35
CA TYR D 31 -28.92 -50.49 45.59
C TYR D 31 -28.82 -52.03 45.42
N ASP D 32 -28.22 -52.68 46.41
CA ASP D 32 -28.35 -54.14 46.57
C ASP D 32 -28.29 -54.48 48.09
N VAL D 33 -28.85 -55.64 48.40
CA VAL D 33 -28.81 -56.18 49.77
C VAL D 33 -27.39 -56.66 50.15
N VAL D 34 -26.66 -57.23 49.20
CA VAL D 34 -25.30 -57.72 49.41
C VAL D 34 -24.27 -56.57 49.59
N PRO D 35 -23.59 -56.47 50.76
CA PRO D 35 -22.58 -55.38 50.91
C PRO D 35 -21.42 -55.40 49.97
N GLY D 36 -20.93 -54.22 49.66
CA GLY D 36 -19.81 -54.04 48.76
C GLY D 36 -20.17 -54.11 47.22
N ILE D 37 -21.13 -54.93 46.80
CA ILE D 37 -21.37 -55.14 45.39
C ILE D 37 -21.75 -53.81 44.62
N PRO D 38 -22.75 -53.04 45.12
CA PRO D 38 -23.13 -51.80 44.46
C PRO D 38 -22.06 -50.78 44.48
N GLN D 39 -21.26 -50.77 45.51
CA GLN D 39 -20.21 -49.78 45.61
C GLN D 39 -19.17 -50.02 44.53
N GLY D 40 -18.87 -51.29 44.30
CA GLY D 40 -17.83 -51.67 43.35
C GLY D 40 -18.28 -51.41 41.91
N LYS D 41 -19.52 -51.77 41.61
CA LYS D 41 -20.06 -51.55 40.32
C LYS D 41 -20.19 -50.03 40.05
N ALA D 42 -20.51 -49.26 41.12
CA ALA D 42 -20.56 -47.83 41.03
C ALA D 42 -19.21 -47.30 40.69
N LEU D 43 -18.16 -47.84 41.27
CA LEU D 43 -16.83 -47.37 40.91
C LEU D 43 -16.54 -47.61 39.39
N ASP D 44 -16.86 -48.81 38.91
CA ASP D 44 -16.54 -49.20 37.57
C ASP D 44 -17.33 -48.29 36.59
N LEU D 45 -18.63 -48.07 36.85
CA LEU D 45 -19.48 -47.18 36.16
C LEU D 45 -19.01 -45.76 36.18
N LYS D 46 -18.46 -45.25 37.27
CA LYS D 46 -17.83 -43.90 37.23
C LYS D 46 -16.68 -43.82 36.22
N HIS D 47 -15.84 -44.84 36.20
CA HIS D 47 -14.64 -44.84 35.35
C HIS D 47 -15.06 -44.99 33.87
N PHE D 48 -16.14 -45.73 33.65
CA PHE D 48 -16.77 -45.90 32.39
C PHE D 48 -17.31 -44.51 31.93
N SER D 49 -18.03 -43.83 32.82
CA SER D 49 -18.50 -42.45 32.63
C SER D 49 -17.36 -41.49 32.28
N THR D 50 -16.23 -41.62 32.91
CA THR D 50 -15.12 -40.69 32.64
C THR D 50 -14.55 -40.88 31.27
N ILE D 51 -14.47 -42.14 30.82
CA ILE D 51 -13.93 -42.45 29.52
C ILE D 51 -14.87 -41.96 28.39
N LEU D 52 -16.17 -42.07 28.58
CA LEU D 52 -17.11 -41.69 27.56
C LEU D 52 -17.67 -40.29 27.68
N GLY D 53 -17.21 -39.51 28.61
CA GLY D 53 -17.62 -38.15 28.75
C GLY D 53 -19.03 -37.97 29.21
N VAL D 54 -19.53 -38.89 30.01
CA VAL D 54 -20.76 -38.69 30.80
C VAL D 54 -20.45 -38.25 32.20
N ASN D 55 -21.28 -37.42 32.80
CA ASN D 55 -20.97 -36.75 34.07
C ASN D 55 -22.00 -36.90 35.15
N ARG D 56 -23.01 -37.75 34.95
CA ARG D 56 -24.03 -37.95 35.95
C ARG D 56 -23.44 -38.64 37.22
N ASN D 57 -24.13 -38.40 38.31
CA ASN D 57 -23.73 -38.90 39.57
C ASN D 57 -24.14 -40.38 39.73
N ILE D 58 -23.29 -41.16 40.41
CA ILE D 58 -23.52 -42.57 40.62
C ILE D 58 -23.18 -42.95 42.06
N LEU D 59 -24.15 -43.49 42.78
CA LEU D 59 -24.00 -43.83 44.18
C LEU D 59 -24.37 -45.29 44.33
N GLY D 60 -23.39 -46.08 44.76
CA GLY D 60 -23.62 -47.46 45.19
C GLY D 60 -23.94 -47.52 46.71
N THR D 61 -25.02 -48.21 47.09
CA THR D 61 -25.44 -48.22 48.47
C THR D 61 -26.13 -49.49 48.91
N ASN D 62 -26.04 -49.77 50.21
CA ASN D 62 -26.77 -50.88 50.83
C ASN D 62 -27.89 -50.39 51.70
N GLN D 63 -27.97 -49.08 51.84
CA GLN D 63 -29.01 -48.43 52.65
C GLN D 63 -30.19 -48.09 51.75
N ILE D 64 -31.26 -48.84 51.85
CA ILE D 64 -32.40 -48.61 51.01
C ILE D 64 -33.03 -47.25 51.15
N GLU D 65 -32.80 -46.57 52.25
CA GLU D 65 -33.36 -45.23 52.43
C GLU D 65 -32.79 -44.24 51.43
N ASP D 66 -31.63 -44.58 50.84
CA ASP D 66 -31.01 -43.77 49.78
C ASP D 66 -31.84 -43.72 48.45
N ILE D 67 -32.84 -44.58 48.35
CA ILE D 67 -33.83 -44.54 47.32
C ILE D 67 -34.79 -43.29 47.38
N LYS D 68 -34.75 -42.49 48.45
CA LYS D 68 -35.68 -41.39 48.67
C LYS D 68 -35.72 -40.44 47.48
N ASP D 69 -36.93 -40.03 47.12
CA ASP D 69 -37.12 -39.05 46.03
C ASP D 69 -36.63 -39.55 44.64
N ALA D 70 -36.48 -40.86 44.46
CA ALA D 70 -36.18 -41.39 43.16
C ALA D 70 -37.38 -41.05 42.30
N ASP D 71 -37.11 -40.61 41.10
CA ASP D 71 -38.18 -40.45 40.14
C ASP D 71 -38.57 -41.81 39.58
N ILE D 72 -37.57 -42.64 39.38
CA ILE D 72 -37.75 -43.92 38.69
C ILE D 72 -37.15 -45.00 39.56
N ILE D 73 -37.84 -46.15 39.61
CA ILE D 73 -37.34 -47.34 40.30
C ILE D 73 -37.39 -48.56 39.40
N VAL D 74 -36.24 -49.19 39.21
CA VAL D 74 -36.15 -50.45 38.49
C VAL D 74 -35.84 -51.60 39.50
N ILE D 75 -36.74 -52.58 39.60
CA ILE D 75 -36.61 -53.67 40.52
C ILE D 75 -36.15 -54.94 39.83
N THR D 76 -34.88 -55.32 40.04
CA THR D 76 -34.35 -56.63 39.59
C THR D 76 -33.98 -57.53 40.74
N ALA D 77 -34.20 -57.08 41.98
CA ALA D 77 -33.92 -57.90 43.20
C ALA D 77 -34.63 -59.22 43.14
N GLY D 78 -33.93 -60.28 43.43
CA GLY D 78 -34.54 -61.57 43.37
C GLY D 78 -33.62 -62.54 42.70
N VAL D 79 -34.08 -63.77 42.67
CA VAL D 79 -33.26 -64.85 42.25
C VAL D 79 -33.62 -65.09 40.89
N GLN D 80 -32.65 -65.52 40.10
CA GLN D 80 -32.92 -65.90 38.68
C GLN D 80 -32.96 -67.41 38.50
N ARG D 81 -33.67 -67.87 37.47
CA ARG D 81 -33.82 -69.28 37.23
C ARG D 81 -32.65 -69.87 36.53
N LYS D 82 -32.39 -71.13 36.77
CA LYS D 82 -31.25 -71.90 36.18
C LYS D 82 -31.82 -72.81 35.13
N GLU D 83 -30.94 -73.51 34.41
CA GLU D 83 -31.37 -74.58 33.49
C GLU D 83 -32.40 -75.52 34.08
N GLY D 84 -33.41 -75.88 33.31
CA GLY D 84 -34.42 -76.83 33.71
C GLY D 84 -35.57 -76.23 34.46
N MET D 85 -35.32 -75.13 35.20
CA MET D 85 -36.37 -74.48 35.97
C MET D 85 -37.26 -73.60 35.07
N THR D 86 -38.52 -73.41 35.50
CA THR D 86 -39.42 -72.48 34.88
C THR D 86 -39.30 -71.17 35.72
N ARG D 87 -39.79 -70.07 35.13
CA ARG D 87 -39.87 -68.78 35.83
C ARG D 87 -40.77 -68.91 37.06
N GLU D 88 -41.84 -69.68 36.91
CA GLU D 88 -42.84 -69.92 38.01
C GLU D 88 -42.21 -70.63 39.26
N ASP D 89 -41.14 -71.43 39.09
CA ASP D 89 -40.42 -72.05 40.22
C ASP D 89 -39.87 -71.05 41.23
N LEU D 90 -39.76 -69.79 40.84
CA LEU D 90 -39.20 -68.72 41.71
C LEU D 90 -40.25 -68.06 42.59
N ILE D 91 -41.50 -68.40 42.32
CA ILE D 91 -42.63 -67.78 42.95
C ILE D 91 -42.45 -67.63 44.46
N GLY D 92 -42.02 -68.71 45.18
CA GLY D 92 -41.92 -68.70 46.60
C GLY D 92 -40.90 -67.71 47.06
N VAL D 93 -39.68 -67.88 46.61
CA VAL D 93 -38.58 -67.04 47.07
C VAL D 93 -38.65 -65.57 46.67
N ASN D 94 -39.11 -65.31 45.45
CA ASN D 94 -39.14 -63.90 44.90
C ASN D 94 -40.35 -63.06 45.41
N GLY D 95 -41.49 -63.71 45.65
CA GLY D 95 -42.67 -63.05 46.16
C GLY D 95 -42.38 -62.37 47.45
N LYS D 96 -41.62 -63.05 48.32
CA LYS D 96 -41.26 -62.55 49.63
C LYS D 96 -40.34 -61.35 49.47
N ILE D 97 -39.33 -61.49 48.61
CA ILE D 97 -38.40 -60.37 48.30
C ILE D 97 -39.17 -59.16 47.71
N MET D 98 -40.05 -59.43 46.79
CA MET D 98 -40.80 -58.32 46.15
C MET D 98 -41.64 -57.55 47.17
N LYS D 99 -42.29 -58.29 48.06
CA LYS D 99 -43.06 -57.67 49.15
C LYS D 99 -42.23 -56.75 50.02
N SER D 100 -41.08 -57.23 50.40
CA SER D 100 -40.13 -56.41 51.15
C SER D 100 -39.71 -55.11 50.43
N VAL D 101 -39.46 -55.22 49.14
CA VAL D 101 -39.11 -54.05 48.29
C VAL D 101 -40.33 -53.12 48.17
N ALA D 102 -41.51 -53.68 47.95
CA ALA D 102 -42.74 -52.92 47.94
C ALA D 102 -42.89 -52.10 49.19
N GLU D 103 -42.65 -52.73 50.34
CA GLU D 103 -42.78 -52.02 51.59
C GLU D 103 -41.79 -50.87 51.69
N SER D 104 -40.58 -51.09 51.23
CA SER D 104 -39.57 -50.05 51.25
C SER D 104 -39.87 -48.88 50.33
N VAL D 105 -40.36 -49.16 49.14
CA VAL D 105 -40.76 -48.10 48.23
C VAL D 105 -41.93 -47.29 48.83
N LYS D 106 -42.89 -48.01 49.44
CA LYS D 106 -44.04 -47.41 50.13
C LYS D 106 -43.60 -46.30 51.11
N LEU D 107 -42.64 -46.58 51.99
CA LEU D 107 -42.26 -45.54 52.97
C LEU D 107 -41.22 -44.53 52.51
N HIS D 108 -40.40 -44.86 51.52
CA HIS D 108 -39.27 -44.00 51.14
C HIS D 108 -39.46 -43.11 49.87
N CYS D 109 -40.20 -43.60 48.87
CA CYS D 109 -40.52 -42.82 47.68
C CYS D 109 -41.80 -43.33 47.03
N SER D 110 -42.91 -42.88 47.60
CA SER D 110 -44.21 -43.21 47.08
C SER D 110 -44.59 -42.52 45.70
N LYS D 111 -43.83 -41.51 45.23
CA LYS D 111 -44.19 -40.82 43.97
C LYS D 111 -43.52 -41.39 42.70
N ALA D 112 -42.67 -42.40 42.86
CA ALA D 112 -41.82 -42.93 41.79
C ALA D 112 -42.62 -43.75 40.81
N PHE D 113 -42.09 -43.83 39.57
CA PHE D 113 -42.62 -44.71 38.52
C PHE D 113 -41.79 -45.97 38.60
N VAL D 114 -42.47 -47.09 38.72
CA VAL D 114 -41.81 -48.36 39.12
C VAL D 114 -41.86 -49.35 37.98
N ILE D 115 -40.69 -49.74 37.46
CA ILE D 115 -40.57 -50.82 36.51
C ILE D 115 -40.05 -52.12 37.24
N CYS D 116 -40.92 -53.12 37.30
CA CYS D 116 -40.58 -54.40 37.91
C CYS D 116 -39.99 -55.29 36.85
N VAL D 117 -38.96 -56.05 37.20
CA VAL D 117 -38.35 -57.04 36.32
C VAL D 117 -38.19 -58.46 36.90
N SER D 118 -38.06 -58.63 38.23
CA SER D 118 -38.02 -59.99 38.89
C SER D 118 -39.01 -61.01 38.40
N ASN D 119 -38.56 -62.25 38.18
CA ASN D 119 -39.46 -63.32 37.68
C ASN D 119 -40.22 -64.06 38.75
N PRO D 120 -41.33 -64.73 38.41
CA PRO D 120 -42.03 -64.60 37.09
C PRO D 120 -42.74 -63.24 36.99
N LEU D 121 -42.45 -62.56 35.90
CA LEU D 121 -42.64 -61.09 35.81
C LEU D 121 -44.02 -60.61 36.15
N ASP D 122 -45.00 -61.06 35.42
CA ASP D 122 -46.36 -60.57 35.63
C ASP D 122 -46.81 -60.78 37.08
N ILE D 123 -46.52 -61.98 37.61
CA ILE D 123 -46.91 -62.31 38.98
C ILE D 123 -46.29 -61.31 40.00
N MET D 124 -45.01 -61.07 39.85
CA MET D 124 -44.32 -60.20 40.75
C MET D 124 -44.77 -58.72 40.72
N VAL D 125 -45.27 -58.26 39.59
CA VAL D 125 -45.82 -56.92 39.47
C VAL D 125 -47.01 -56.86 40.35
N ASN D 126 -47.91 -57.82 40.19
CA ASN D 126 -49.11 -57.89 41.06
C ASN D 126 -48.74 -57.94 42.60
N VAL D 127 -47.66 -58.68 43.00
CA VAL D 127 -47.19 -58.64 44.35
C VAL D 127 -46.76 -57.22 44.71
N PHE D 128 -45.96 -56.59 43.88
CA PHE D 128 -45.51 -55.25 44.17
C PHE D 128 -46.69 -54.30 44.35
N HIS D 129 -47.67 -54.40 43.51
CA HIS D 129 -48.83 -53.50 43.67
C HIS D 129 -49.50 -53.67 45.05
N LYS D 130 -49.80 -54.91 45.39
CA LYS D 130 -50.50 -55.25 46.61
C LYS D 130 -49.87 -54.71 47.89
N PHE D 131 -48.55 -54.76 48.02
CA PHE D 131 -47.89 -54.24 49.22
C PHE D 131 -47.26 -52.84 49.14
N SER D 132 -47.30 -52.16 47.96
CA SER D 132 -46.62 -50.87 47.76
C SER D 132 -47.51 -49.73 48.03
N ASN D 133 -48.81 -49.91 47.77
CA ASN D 133 -49.76 -48.83 47.97
C ASN D 133 -49.54 -47.67 46.96
N LEU D 134 -49.16 -47.98 45.73
CA LEU D 134 -48.91 -46.94 44.74
C LEU D 134 -50.03 -47.03 43.75
N PRO D 135 -50.29 -45.92 43.03
CA PRO D 135 -51.34 -45.97 42.05
C PRO D 135 -50.99 -46.96 40.97
N HIS D 136 -51.97 -47.60 40.40
CA HIS D 136 -51.67 -48.67 39.47
C HIS D 136 -51.00 -48.28 38.14
N GLU D 137 -51.25 -47.07 37.68
CA GLU D 137 -50.60 -46.55 36.53
C GLU D 137 -49.11 -46.34 36.81
N LYS D 138 -48.70 -46.18 38.08
CA LYS D 138 -47.30 -45.90 38.36
C LYS D 138 -46.46 -47.14 38.47
N ILE D 139 -47.04 -48.31 38.14
CA ILE D 139 -46.38 -49.57 38.25
C ILE D 139 -46.53 -50.33 37.02
N CYS D 140 -45.46 -50.95 36.56
CA CYS D 140 -45.56 -51.83 35.41
C CYS D 140 -44.40 -52.83 35.46
N GLY D 141 -44.42 -53.81 34.55
CA GLY D 141 -43.29 -54.66 34.35
C GLY D 141 -42.82 -54.73 32.93
N MET D 142 -41.52 -54.84 32.69
CA MET D 142 -41.06 -55.06 31.41
C MET D 142 -41.02 -56.56 31.09
N ALA D 143 -41.61 -56.86 29.93
CA ALA D 143 -41.50 -58.13 29.30
C ALA D 143 -41.81 -58.11 27.82
N GLY D 144 -43.01 -57.68 27.46
CA GLY D 144 -43.43 -57.57 26.04
C GLY D 144 -42.45 -56.97 25.09
N ILE D 145 -41.72 -55.97 25.53
CA ILE D 145 -40.71 -55.40 24.61
C ILE D 145 -39.63 -56.40 24.29
N LEU D 146 -39.25 -57.19 25.31
CA LEU D 146 -38.22 -58.19 25.13
C LEU D 146 -38.74 -59.27 24.22
N ASP D 147 -39.94 -59.74 24.47
CA ASP D 147 -40.48 -60.90 23.73
C ASP D 147 -40.71 -60.45 22.30
N THR D 148 -41.21 -59.24 22.15
CA THR D 148 -41.36 -58.63 20.82
C THR D 148 -40.03 -58.54 20.08
N SER D 149 -38.99 -58.08 20.74
CA SER D 149 -37.73 -57.96 20.06
C SER D 149 -37.28 -59.30 19.50
N ARG D 150 -37.60 -60.35 20.20
CA ARG D 150 -37.15 -61.66 19.82
C ARG D 150 -37.93 -62.14 18.62
N TYR D 151 -39.25 -62.08 18.76
CA TYR D 151 -40.10 -62.45 17.70
C TYR D 151 -39.79 -61.59 16.38
N CYS D 152 -39.62 -60.27 16.52
CA CYS D 152 -39.35 -59.41 15.39
C CYS D 152 -37.97 -59.76 14.83
N SER D 153 -37.00 -60.02 15.68
CA SER D 153 -35.68 -60.37 15.24
C SER D 153 -35.73 -61.62 14.33
N LEU D 154 -36.56 -62.59 14.67
CA LEU D 154 -36.62 -63.87 13.95
C LEU D 154 -37.37 -63.67 12.64
N ILE D 155 -38.44 -62.87 12.69
CA ILE D 155 -39.23 -62.54 11.50
C ILE D 155 -38.31 -61.82 10.53
N ALA D 156 -37.56 -60.84 10.99
CA ALA D 156 -36.60 -60.12 10.14
C ALA D 156 -35.59 -61.03 9.45
N ASP D 157 -35.00 -61.97 10.22
CA ASP D 157 -34.03 -62.95 9.66
C ASP D 157 -34.63 -63.83 8.56
N LYS D 158 -35.84 -64.37 8.77
CA LYS D 158 -36.48 -65.19 7.78
C LYS D 158 -36.88 -64.38 6.52
N LEU D 159 -37.23 -63.12 6.66
CA LEU D 159 -37.65 -62.24 5.50
C LEU D 159 -36.46 -61.51 4.89
N LYS D 160 -35.26 -61.73 5.42
CA LYS D 160 -34.04 -61.07 4.92
C LYS D 160 -34.22 -59.55 4.88
N VAL D 161 -34.75 -59.01 5.98
CA VAL D 161 -34.89 -57.58 6.13
C VAL D 161 -34.30 -57.12 7.43
N SER D 162 -34.03 -55.84 7.52
CA SER D 162 -33.65 -55.17 8.72
C SER D 162 -34.73 -55.35 9.77
N ALA D 163 -34.26 -55.64 10.98
CA ALA D 163 -35.16 -55.74 12.11
C ALA D 163 -35.61 -54.35 12.52
N GLU D 164 -34.84 -53.33 12.15
CA GLU D 164 -35.11 -51.94 12.57
C GLU D 164 -36.57 -51.46 12.51
N ASP D 165 -37.32 -51.84 11.49
CA ASP D 165 -38.73 -51.40 11.49
C ASP D 165 -39.72 -52.54 11.41
N VAL D 166 -39.36 -53.69 11.98
CA VAL D 166 -40.29 -54.81 12.13
C VAL D 166 -40.90 -54.62 13.47
N ASN D 167 -42.21 -54.43 13.49
CA ASN D 167 -42.93 -54.19 14.73
C ASN D 167 -43.98 -55.25 14.97
N ALA D 168 -44.27 -55.48 16.24
CA ALA D 168 -45.30 -56.46 16.61
C ALA D 168 -45.89 -56.27 18.02
N VAL D 169 -47.07 -56.84 18.22
CA VAL D 169 -47.74 -56.82 19.49
C VAL D 169 -47.72 -58.29 20.02
N ILE D 170 -47.20 -58.44 21.22
CA ILE D 170 -47.30 -59.73 21.95
C ILE D 170 -48.02 -59.49 23.25
N LEU D 171 -49.18 -60.16 23.37
CA LEU D 171 -50.05 -60.02 24.53
C LEU D 171 -49.81 -61.17 25.50
N GLY D 172 -50.11 -60.91 26.76
CA GLY D 172 -50.11 -61.95 27.75
C GLY D 172 -48.87 -62.06 28.64
N GLY D 173 -48.90 -63.06 29.50
CA GLY D 173 -47.84 -63.29 30.45
C GLY D 173 -46.53 -63.59 29.81
N HIS D 174 -45.50 -63.16 30.50
CA HIS D 174 -44.13 -63.42 30.06
C HIS D 174 -43.83 -64.95 30.37
N GLY D 175 -44.23 -65.81 29.43
CA GLY D 175 -44.13 -67.19 29.63
C GLY D 175 -44.66 -67.90 28.43
N ASP D 176 -44.84 -69.21 28.60
CA ASP D 176 -45.24 -70.14 27.54
C ASP D 176 -46.57 -69.83 26.92
N LEU D 177 -47.38 -69.04 27.60
CA LEU D 177 -48.68 -68.65 27.06
C LEU D 177 -48.72 -67.25 26.33
N MET D 178 -47.57 -66.70 25.91
CA MET D 178 -47.54 -65.46 25.13
C MET D 178 -48.38 -65.63 23.92
N VAL D 179 -48.96 -64.53 23.48
CA VAL D 179 -49.81 -64.51 22.31
C VAL D 179 -49.23 -63.47 21.36
N PRO D 180 -48.32 -63.86 20.46
CA PRO D 180 -47.93 -63.00 19.36
C PRO D 180 -49.02 -62.85 18.35
N LEU D 181 -49.26 -61.63 17.95
CA LEU D 181 -50.33 -61.36 16.95
C LEU D 181 -49.74 -61.09 15.59
N GLN D 182 -49.95 -62.05 14.73
CA GLN D 182 -49.62 -61.90 13.30
C GLN D 182 -50.29 -60.73 12.64
N ARG D 183 -51.59 -60.56 12.90
CA ARG D 183 -52.33 -59.44 12.40
C ARG D 183 -51.66 -58.10 12.79
N TYR D 184 -51.09 -58.03 14.01
CA TYR D 184 -50.42 -56.85 14.50
C TYR D 184 -48.92 -56.98 14.38
N THR D 185 -48.44 -57.59 13.29
CA THR D 185 -47.02 -57.58 12.94
C THR D 185 -46.81 -56.84 11.56
N SER D 186 -45.85 -55.91 11.48
CA SER D 186 -45.58 -55.19 10.25
C SER D 186 -44.11 -55.00 10.02
N VAL D 187 -43.74 -54.84 8.77
CA VAL D 187 -42.37 -54.58 8.31
C VAL D 187 -42.43 -53.22 7.61
N ASN D 188 -41.88 -52.21 8.28
CA ASN D 188 -41.98 -50.79 7.90
C ASN D 188 -43.34 -50.42 7.36
N GLY D 189 -44.38 -50.85 8.07
CA GLY D 189 -45.77 -50.53 7.74
C GLY D 189 -46.53 -51.60 7.06
N VAL D 190 -45.82 -52.45 6.33
CA VAL D 190 -46.47 -53.52 5.54
C VAL D 190 -46.84 -54.69 6.39
N PRO D 191 -48.14 -55.02 6.50
CA PRO D 191 -48.53 -56.21 7.32
C PRO D 191 -47.82 -57.55 6.97
N LEU D 192 -47.56 -58.40 8.00
CA LEU D 192 -46.90 -59.70 7.79
C LEU D 192 -47.61 -60.58 6.78
N SER D 193 -48.93 -60.45 6.73
CA SER D 193 -49.80 -61.19 5.79
C SER D 193 -49.42 -60.96 4.33
N GLU D 194 -48.85 -59.79 4.01
CA GLU D 194 -48.45 -59.50 2.59
C GLU D 194 -47.27 -60.34 2.21
N PHE D 195 -46.41 -60.59 3.19
CA PHE D 195 -45.23 -61.46 2.97
C PHE D 195 -45.58 -62.96 2.82
N VAL D 196 -46.69 -63.41 3.45
CA VAL D 196 -47.17 -64.79 3.27
C VAL D 196 -47.79 -64.95 1.90
N LYS D 197 -48.60 -63.96 1.45
CA LYS D 197 -49.16 -63.92 0.07
C LYS D 197 -48.07 -63.90 -0.99
N LYS D 198 -46.99 -63.19 -0.72
CA LYS D 198 -45.88 -63.12 -1.65
C LYS D 198 -44.96 -64.36 -1.55
N ASN D 199 -45.34 -65.34 -0.72
CA ASN D 199 -44.56 -66.56 -0.46
C ASN D 199 -43.15 -66.38 0.12
N MET D 200 -42.89 -65.24 0.74
CA MET D 200 -41.58 -64.98 1.32
C MET D 200 -41.46 -65.63 2.73
N ILE D 201 -42.58 -66.10 3.29
CA ILE D 201 -42.63 -66.78 4.56
C ILE D 201 -43.95 -67.54 4.66
N SER D 202 -43.94 -68.66 5.33
CA SER D 202 -45.11 -69.54 5.41
C SER D 202 -45.70 -69.56 6.81
N GLN D 203 -46.96 -69.97 6.90
CA GLN D 203 -47.65 -70.08 8.19
C GLN D 203 -46.94 -71.03 9.19
N ASN D 204 -46.33 -72.09 8.68
CA ASN D 204 -45.51 -72.99 9.48
C ASN D 204 -44.25 -72.35 10.00
N GLU D 205 -43.53 -71.63 9.13
CA GLU D 205 -42.31 -70.91 9.51
C GLU D 205 -42.60 -69.90 10.65
N ILE D 206 -43.78 -69.29 10.59
CA ILE D 206 -44.25 -68.36 11.60
C ILE D 206 -44.52 -69.06 12.94
N GLN D 207 -45.17 -70.20 12.89
CA GLN D 207 -45.47 -70.98 14.11
C GLN D 207 -44.17 -71.48 14.80
N GLU D 208 -43.21 -71.88 13.96
CA GLU D 208 -41.84 -72.18 14.38
C GLU D 208 -41.24 -70.96 15.15
N ILE D 209 -41.30 -69.77 14.53
CA ILE D 209 -40.81 -68.50 15.11
C ILE D 209 -41.51 -68.11 16.46
N ILE D 210 -42.82 -68.29 16.53
CA ILE D 210 -43.55 -68.14 17.77
C ILE D 210 -43.06 -69.13 18.86
N GLN D 211 -42.79 -70.38 18.52
CA GLN D 211 -42.22 -71.35 19.45
C GLN D 211 -40.84 -70.94 19.93
N LYS D 212 -39.96 -70.54 19.02
CA LYS D 212 -38.62 -70.08 19.45
C LYS D 212 -38.71 -68.86 20.38
N THR D 213 -39.72 -68.02 20.16
CA THR D 213 -39.90 -66.80 20.91
C THR D 213 -40.31 -67.14 22.28
N ARG D 214 -41.22 -68.09 22.40
CA ARG D 214 -41.62 -68.63 23.76
C ARG D 214 -40.46 -69.21 24.58
N ASN D 215 -39.64 -70.02 23.96
CA ASN D 215 -38.55 -70.73 24.67
C ASN D 215 -37.27 -69.97 24.80
N MET D 216 -37.22 -68.77 24.17
CA MET D 216 -35.96 -68.07 23.99
C MET D 216 -35.24 -67.79 25.32
N GLY D 217 -36.00 -67.38 26.31
CA GLY D 217 -35.47 -67.16 27.63
C GLY D 217 -34.71 -68.39 28.20
N ALA D 218 -35.30 -69.58 28.03
CA ALA D 218 -34.66 -70.88 28.43
C ALA D 218 -33.50 -71.26 27.56
N GLU D 219 -33.61 -70.98 26.25
CA GLU D 219 -32.52 -71.28 25.29
C GLU D 219 -31.24 -70.53 25.61
N ILE D 220 -31.36 -69.26 26.01
CA ILE D 220 -30.21 -68.45 26.38
C ILE D 220 -29.59 -68.96 27.67
N ILE D 221 -30.43 -69.32 28.64
CA ILE D 221 -29.96 -69.90 29.88
C ILE D 221 -29.14 -71.19 29.64
N LYS D 222 -29.65 -72.06 28.76
CA LYS D 222 -28.96 -73.29 28.34
C LYS D 222 -27.65 -72.99 27.67
N LEU D 223 -27.63 -72.10 26.68
CA LEU D 223 -26.40 -71.81 25.98
C LEU D 223 -25.44 -71.00 26.82
N ALA D 224 -25.87 -69.86 27.34
CA ALA D 224 -24.96 -68.91 28.01
C ALA D 224 -24.70 -69.25 29.47
N LYS D 225 -25.46 -70.18 30.02
CA LYS D 225 -25.34 -70.54 31.41
C LYS D 225 -25.72 -69.42 32.37
N ALA D 226 -26.36 -68.41 31.86
CA ALA D 226 -26.90 -67.26 32.64
C ALA D 226 -28.08 -66.69 31.83
N SER D 227 -28.94 -66.01 32.50
CA SER D 227 -30.09 -65.49 31.89
C SER D 227 -29.78 -64.14 31.14
N ALA D 228 -30.57 -63.87 30.11
CA ALA D 228 -30.36 -62.72 29.17
C ALA D 228 -30.26 -61.46 30.02
N ALA D 229 -29.28 -60.66 29.74
CA ALA D 229 -29.05 -59.42 30.48
C ALA D 229 -29.10 -58.09 29.58
N PHE D 230 -28.56 -58.15 28.36
CA PHE D 230 -28.45 -56.93 27.50
C PHE D 230 -29.82 -56.42 26.92
N ALA D 231 -30.59 -57.33 26.36
CA ALA D 231 -31.87 -57.05 25.86
C ALA D 231 -32.81 -56.60 26.92
N PRO D 232 -32.95 -57.34 28.00
CA PRO D 232 -33.76 -56.83 29.05
C PRO D 232 -33.43 -55.40 29.50
N ALA D 233 -32.14 -55.13 29.68
CA ALA D 233 -31.73 -53.86 30.10
C ALA D 233 -32.20 -52.73 29.05
N ALA D 234 -32.10 -53.07 27.78
CA ALA D 234 -32.44 -52.09 26.67
C ALA D 234 -33.93 -51.85 26.70
N ALA D 235 -34.70 -52.91 26.84
CA ALA D 235 -36.11 -52.79 26.98
C ALA D 235 -36.45 -51.87 28.15
N ILE D 236 -35.80 -52.05 29.30
CA ILE D 236 -36.13 -51.27 30.49
C ILE D 236 -35.90 -49.77 30.19
N THR D 237 -34.73 -49.50 29.67
CA THR D 237 -34.25 -48.17 29.35
C THR D 237 -35.21 -47.47 28.34
N LYS D 238 -35.82 -48.20 27.45
CA LYS D 238 -36.80 -47.69 26.57
C LYS D 238 -38.00 -47.24 27.35
N MET D 239 -38.45 -47.99 28.31
CA MET D 239 -39.65 -47.62 29.09
C MET D 239 -39.34 -46.44 30.02
N ILE D 240 -38.12 -46.39 30.53
CA ILE D 240 -37.70 -45.28 31.34
C ILE D 240 -37.78 -43.99 30.52
N LYS D 241 -37.28 -44.06 29.30
CA LYS D 241 -37.15 -42.92 28.33
C LYS D 241 -38.56 -42.42 27.98
N SER D 242 -39.46 -43.36 27.74
CA SER D 242 -40.81 -43.01 27.48
C SER D 242 -41.48 -42.23 28.61
N TYR D 243 -41.11 -42.55 29.88
CA TYR D 243 -41.70 -41.90 31.04
C TYR D 243 -41.07 -40.58 31.25
N LEU D 244 -39.75 -40.55 31.32
CA LEU D 244 -39.02 -39.30 31.55
C LEU D 244 -39.28 -38.23 30.48
N TYR D 245 -39.36 -38.63 29.23
CA TYR D 245 -39.49 -37.72 28.14
C TYR D 245 -40.93 -37.59 27.64
N ASN D 246 -41.88 -38.12 28.40
CA ASN D 246 -43.28 -37.98 28.06
C ASN D 246 -43.57 -38.34 26.61
N GLU D 247 -43.02 -39.43 26.16
CA GLU D 247 -43.11 -39.78 24.80
C GLU D 247 -44.46 -40.33 24.37
N ASN D 248 -45.15 -40.98 25.29
CA ASN D 248 -46.40 -41.63 24.96
C ASN D 248 -46.28 -42.80 23.89
N ASN D 249 -45.18 -43.55 23.97
CA ASN D 249 -44.95 -44.70 23.12
C ASN D 249 -45.92 -45.84 23.45
N LEU D 250 -46.28 -46.59 22.45
CA LEU D 250 -47.18 -47.71 22.54
C LEU D 250 -46.37 -49.02 22.54
N PHE D 251 -46.26 -49.68 23.71
CA PHE D 251 -45.49 -50.88 23.87
C PHE D 251 -46.43 -52.02 24.28
N THR D 252 -45.86 -53.20 24.50
CA THR D 252 -46.48 -54.20 25.39
C THR D 252 -45.69 -54.26 26.63
N CYS D 253 -46.37 -54.14 27.76
CA CYS D 253 -45.78 -54.38 29.04
C CYS D 253 -46.83 -54.85 30.06
N ALA D 254 -46.37 -55.31 31.22
CA ALA D 254 -47.28 -55.79 32.27
C ALA D 254 -47.90 -54.53 32.83
N VAL D 255 -49.21 -54.41 32.74
CA VAL D 255 -49.92 -53.22 33.11
C VAL D 255 -51.26 -53.57 33.77
N TYR D 256 -51.78 -52.66 34.61
CA TYR D 256 -53.08 -52.90 35.31
C TYR D 256 -54.23 -52.88 34.32
N LEU D 257 -54.86 -54.03 34.12
CA LEU D 257 -56.07 -54.11 33.32
C LEU D 257 -57.31 -53.85 34.18
N ASN D 258 -58.28 -53.21 33.57
CA ASN D 258 -59.46 -52.70 34.24
C ASN D 258 -60.71 -52.63 33.37
N GLY D 259 -61.18 -53.81 32.98
CA GLY D 259 -62.19 -53.94 31.93
C GLY D 259 -61.66 -54.14 30.50
N HIS D 260 -60.35 -54.06 30.32
CA HIS D 260 -59.76 -54.19 29.03
C HIS D 260 -59.53 -55.67 28.76
N TYR D 261 -59.84 -56.10 27.53
CA TYR D 261 -59.67 -57.46 27.10
C TYR D 261 -60.34 -58.44 28.04
N ASN D 262 -61.55 -58.09 28.48
CA ASN D 262 -62.36 -58.93 29.41
C ASN D 262 -61.61 -59.35 30.70
N CYS D 263 -60.73 -58.47 31.17
CA CYS D 263 -59.97 -58.68 32.34
C CYS D 263 -60.01 -57.45 33.21
N SER D 264 -60.14 -57.66 34.52
CA SER D 264 -60.13 -56.55 35.50
C SER D 264 -59.32 -56.95 36.73
N ASN D 265 -58.73 -55.99 37.41
CA ASN D 265 -57.98 -56.20 38.65
C ASN D 265 -56.81 -57.21 38.56
N LEU D 266 -56.01 -57.06 37.51
CA LEU D 266 -54.79 -57.85 37.34
C LEU D 266 -53.74 -57.10 36.47
N PHE D 267 -52.48 -57.17 36.87
CA PHE D 267 -51.38 -56.77 36.04
C PHE D 267 -51.02 -57.93 35.16
N VAL D 268 -51.01 -57.68 33.84
CA VAL D 268 -50.62 -58.68 32.89
C VAL D 268 -50.13 -58.02 31.61
N GLY D 269 -49.28 -58.71 30.88
CA GLY D 269 -48.76 -58.21 29.63
C GLY D 269 -49.87 -57.76 28.66
N SER D 270 -49.85 -56.48 28.22
CA SER D 270 -50.89 -55.92 27.35
C SER D 270 -50.37 -54.68 26.68
N THR D 271 -51.13 -54.22 25.66
CA THR D 271 -50.77 -53.06 24.89
C THR D 271 -50.97 -51.86 25.79
N ALA D 272 -49.95 -50.99 25.89
CA ALA D 272 -50.02 -49.83 26.74
C ALA D 272 -49.16 -48.68 26.29
N LYS D 273 -49.52 -47.50 26.75
CA LYS D 273 -48.79 -46.28 26.44
C LYS D 273 -48.08 -45.84 27.68
N ILE D 274 -46.87 -45.34 27.54
CA ILE D 274 -46.17 -44.84 28.65
C ILE D 274 -45.84 -43.39 28.46
N ASN D 275 -46.23 -42.56 29.42
CA ASN D 275 -45.92 -41.12 29.42
C ASN D 275 -45.58 -40.61 30.87
N ASN D 276 -45.42 -39.30 31.03
CA ASN D 276 -45.34 -38.57 32.31
C ASN D 276 -46.09 -39.08 33.50
N LYS D 277 -47.28 -39.57 33.25
CA LYS D 277 -48.23 -39.96 34.24
C LYS D 277 -48.21 -41.46 34.49
N GLY D 278 -47.43 -42.23 33.74
CA GLY D 278 -47.30 -43.69 33.95
C GLY D 278 -47.68 -44.57 32.75
N ALA D 279 -48.08 -45.80 33.02
CA ALA D 279 -48.44 -46.77 32.05
C ALA D 279 -49.96 -46.85 32.02
N HIS D 280 -50.51 -46.75 30.78
CA HIS D 280 -51.97 -46.72 30.55
C HIS D 280 -52.38 -47.78 29.52
N PRO D 281 -53.25 -48.72 29.91
CA PRO D 281 -53.58 -49.76 28.95
C PRO D 281 -54.42 -49.20 27.75
N VAL D 282 -54.35 -49.85 26.61
CA VAL D 282 -55.15 -49.51 25.43
C VAL D 282 -55.70 -50.80 24.84
N GLU D 283 -57.01 -50.84 24.62
CA GLU D 283 -57.65 -52.07 24.13
C GLU D 283 -57.83 -52.01 22.63
N PHE D 284 -57.33 -53.01 21.90
CA PHE D 284 -57.52 -53.10 20.44
C PHE D 284 -58.47 -54.24 20.15
N PRO D 285 -59.19 -54.17 19.03
CA PRO D 285 -60.24 -55.14 18.72
C PRO D 285 -59.67 -56.47 18.28
N LEU D 286 -59.65 -57.42 19.22
CA LEU D 286 -59.20 -58.78 18.92
C LEU D 286 -60.28 -59.62 18.23
N THR D 287 -59.87 -60.59 17.41
CA THR D 287 -60.80 -61.67 16.98
C THR D 287 -61.15 -62.60 18.16
N LYS D 288 -62.19 -63.42 18.02
CA LYS D 288 -62.60 -64.35 19.07
C LYS D 288 -61.41 -65.25 19.45
N GLU D 289 -60.72 -65.75 18.44
CA GLU D 289 -59.66 -66.75 18.63
C GLU D 289 -58.45 -66.16 19.32
N GLU D 290 -58.13 -64.93 18.95
CA GLU D 290 -57.08 -64.14 19.59
C GLU D 290 -57.40 -63.85 21.07
N GLN D 291 -58.59 -63.33 21.33
CA GLN D 291 -59.03 -63.06 22.67
C GLN D 291 -59.04 -64.34 23.53
N ASP D 292 -59.46 -65.46 22.94
CA ASP D 292 -59.52 -66.75 23.65
C ASP D 292 -58.12 -67.14 24.11
N LEU D 293 -57.14 -67.03 23.21
CA LEU D 293 -55.75 -67.30 23.57
C LEU D 293 -55.26 -66.37 24.67
N TYR D 294 -55.60 -65.10 24.54
CA TYR D 294 -55.21 -64.11 25.54
C TYR D 294 -55.81 -64.42 26.92
N THR D 295 -57.13 -64.65 26.96
CA THR D 295 -57.83 -65.03 28.18
C THR D 295 -57.18 -66.24 28.86
N GLU D 296 -56.79 -67.21 28.07
CA GLU D 296 -56.13 -68.38 28.62
C GLU D 296 -54.85 -67.99 29.34
N SER D 297 -54.09 -67.09 28.73
CA SER D 297 -52.83 -66.60 29.31
C SER D 297 -53.11 -65.85 30.62
N ILE D 298 -54.15 -65.03 30.57
CA ILE D 298 -54.59 -64.27 31.71
C ILE D 298 -54.96 -65.21 32.85
N ALA D 299 -55.58 -66.36 32.54
CA ALA D 299 -56.01 -67.29 33.55
C ALA D 299 -54.79 -67.84 34.36
N SER D 300 -53.73 -68.26 33.67
CA SER D 300 -52.46 -68.68 34.38
C SER D 300 -51.90 -67.62 35.29
N VAL D 301 -51.86 -66.40 34.78
CA VAL D 301 -51.37 -65.29 35.54
C VAL D 301 -52.25 -65.11 36.82
N GLN D 302 -53.57 -65.13 36.64
CA GLN D 302 -54.51 -65.11 37.77
C GLN D 302 -54.14 -66.14 38.81
N SER D 303 -54.08 -67.41 38.38
CA SER D 303 -53.82 -68.61 39.27
C SER D 303 -52.54 -68.45 40.02
N ASN D 304 -51.47 -68.21 39.26
CA ASN D 304 -50.13 -68.07 39.82
C ASN D 304 -49.97 -66.84 40.76
N THR D 305 -50.76 -65.81 40.53
CA THR D 305 -50.76 -64.67 41.34
C THR D 305 -51.36 -65.04 42.70
N GLN D 306 -52.51 -65.71 42.67
CA GLN D 306 -53.17 -66.14 43.88
C GLN D 306 -52.23 -67.05 44.70
N LYS D 307 -51.64 -68.05 44.02
CA LYS D 307 -50.56 -68.85 44.58
C LYS D 307 -49.52 -68.01 45.27
N ALA D 308 -49.07 -66.96 44.63
CA ALA D 308 -48.01 -66.12 45.18
C ALA D 308 -48.45 -65.44 46.43
N PHE D 309 -49.65 -64.87 46.42
CA PHE D 309 -50.22 -64.23 47.62
C PHE D 309 -50.35 -65.27 48.77
N ASP D 310 -50.83 -66.47 48.44
CA ASP D 310 -51.02 -67.49 49.42
C ASP D 310 -49.65 -67.83 50.08
N LEU D 311 -48.63 -68.10 49.26
CA LEU D 311 -47.30 -68.49 49.75
C LEU D 311 -46.66 -67.42 50.57
N ILE D 312 -47.12 -66.16 50.44
CA ILE D 312 -46.55 -65.05 51.18
C ILE D 312 -47.07 -64.94 52.64
N LYS D 313 -48.13 -65.67 53.00
CA LYS D 313 -48.40 -66.02 54.46
C LYS D 313 -47.90 -67.45 54.93
N MET E 1 -22.00 42.26 8.43
CA MET E 1 -21.07 42.65 9.56
C MET E 1 -21.47 42.12 10.98
N THR E 2 -22.80 42.03 11.28
CA THR E 2 -23.34 41.44 12.51
C THR E 2 -22.82 40.03 12.79
N LYS E 3 -22.32 39.79 13.99
CA LYS E 3 -21.82 38.45 14.37
C LYS E 3 -22.72 37.81 15.40
N ILE E 4 -23.28 36.66 15.05
CA ILE E 4 -24.14 35.92 15.96
C ILE E 4 -23.36 34.62 16.46
N ALA E 5 -23.17 34.52 17.79
CA ALA E 5 -22.42 33.38 18.36
C ALA E 5 -23.33 32.42 19.05
N LEU E 6 -23.30 31.16 18.60
CA LEU E 6 -24.13 30.13 19.17
C LEU E 6 -23.20 29.32 20.12
N ILE E 7 -23.33 29.53 21.41
CA ILE E 7 -22.57 28.78 22.40
C ILE E 7 -23.37 27.52 22.73
N GLY E 8 -23.01 26.40 22.03
CA GLY E 8 -23.73 25.14 22.03
C GLY E 8 -24.15 24.90 20.59
N SER E 9 -23.72 23.78 20.00
CA SER E 9 -24.05 23.37 18.68
C SER E 9 -24.91 22.13 18.59
N GLY E 10 -25.79 21.96 19.55
CA GLY E 10 -26.79 20.88 19.51
C GLY E 10 -27.95 21.21 18.57
N GLN E 11 -29.06 20.52 18.76
CA GLN E 11 -30.22 20.69 18.01
C GLN E 11 -30.68 22.18 17.92
N ILE E 12 -30.91 22.82 19.05
CA ILE E 12 -31.44 24.13 19.13
C ILE E 12 -30.51 25.11 18.46
N GLY E 13 -29.23 25.05 18.81
CA GLY E 13 -28.21 25.91 18.29
C GLY E 13 -28.17 25.84 16.82
N ALA E 14 -28.19 24.61 16.28
CA ALA E 14 -28.05 24.48 14.80
C ALA E 14 -29.29 25.08 14.07
N ILE E 15 -30.48 24.83 14.55
CA ILE E 15 -31.65 25.31 13.96
C ILE E 15 -31.73 26.86 14.04
N VAL E 16 -31.41 27.46 15.20
CA VAL E 16 -31.23 28.89 15.35
C VAL E 16 -30.27 29.37 14.29
N GLY E 17 -29.13 28.68 14.11
CA GLY E 17 -28.20 29.06 13.07
C GLY E 17 -28.86 28.97 11.66
N GLU E 18 -29.67 27.94 11.44
CA GLU E 18 -30.39 27.75 10.20
C GLU E 18 -31.39 28.92 9.97
N LEU E 19 -32.19 29.27 10.97
CA LEU E 19 -33.17 30.36 10.89
C LEU E 19 -32.48 31.72 10.70
N CYS E 20 -31.32 31.91 11.30
CA CYS E 20 -30.60 33.16 11.13
C CYS E 20 -30.10 33.32 9.74
N LEU E 21 -29.69 32.21 9.15
CA LEU E 21 -29.24 32.20 7.79
C LEU E 21 -30.41 32.50 6.80
N LEU E 22 -31.58 31.92 7.06
CA LEU E 22 -32.73 32.14 6.21
C LEU E 22 -33.16 33.63 6.10
N GLU E 23 -33.09 34.39 7.19
CA GLU E 23 -33.34 35.80 7.20
C GLU E 23 -32.12 36.66 7.10
N ASN E 24 -30.97 36.10 6.73
CA ASN E 24 -29.77 36.90 6.65
C ASN E 24 -29.49 37.81 7.89
N LEU E 25 -29.73 37.31 9.12
CA LEU E 25 -29.51 38.10 10.30
C LEU E 25 -28.05 38.44 10.58
N GLY E 26 -27.12 37.59 10.18
CA GLY E 26 -25.73 37.81 10.50
C GLY E 26 -24.83 36.69 10.09
N ASP E 27 -23.54 36.93 10.15
CA ASP E 27 -22.54 35.83 10.21
C ASP E 27 -22.63 34.93 11.47
N LEU E 28 -22.41 33.64 11.30
CA LEU E 28 -22.52 32.73 12.41
C LEU E 28 -21.18 32.29 12.93
N ILE E 29 -21.13 32.18 14.26
CA ILE E 29 -20.07 31.46 14.92
C ILE E 29 -20.70 30.36 15.70
N LEU E 30 -20.47 29.12 15.21
CA LEU E 30 -20.92 27.89 15.88
C LEU E 30 -19.84 27.33 16.79
N TYR E 31 -20.09 27.46 18.12
CA TYR E 31 -19.14 27.00 19.18
C TYR E 31 -19.73 25.81 19.91
N ASP E 32 -18.87 24.83 20.12
CA ASP E 32 -19.17 23.76 21.09
C ASP E 32 -17.87 23.31 21.76
N VAL E 33 -18.03 22.68 22.92
CA VAL E 33 -16.88 22.08 23.66
C VAL E 33 -16.38 20.79 22.97
N VAL E 34 -17.29 19.98 22.41
CA VAL E 34 -16.95 18.72 21.74
C VAL E 34 -16.27 18.93 20.37
N PRO E 35 -15.03 18.45 20.18
CA PRO E 35 -14.35 18.70 18.90
C PRO E 35 -15.01 18.06 17.71
N GLY E 36 -14.87 18.72 16.58
CA GLY E 36 -15.47 18.29 15.33
C GLY E 36 -16.95 18.64 15.12
N ILE E 37 -17.77 18.65 16.16
CA ILE E 37 -19.21 18.79 15.96
C ILE E 37 -19.61 20.10 15.28
N PRO E 38 -19.14 21.26 15.77
CA PRO E 38 -19.45 22.54 15.13
C PRO E 38 -18.90 22.68 13.74
N GLN E 39 -17.74 22.09 13.48
CA GLN E 39 -17.14 22.16 12.15
C GLN E 39 -18.01 21.39 11.10
N GLY E 40 -18.56 20.26 11.52
CA GLY E 40 -19.37 19.45 10.68
C GLY E 40 -20.73 20.09 10.42
N LYS E 41 -21.32 20.68 11.43
CA LYS E 41 -22.61 21.30 11.24
C LYS E 41 -22.44 22.58 10.41
N ALA E 42 -21.28 23.24 10.57
CA ALA E 42 -20.98 24.41 9.78
C ALA E 42 -20.90 24.01 8.31
N LEU E 43 -20.33 22.85 8.01
CA LEU E 43 -20.23 22.40 6.63
C LEU E 43 -21.62 22.16 6.02
N ASP E 44 -22.46 21.48 6.79
CA ASP E 44 -23.82 21.20 6.37
C ASP E 44 -24.66 22.52 6.18
N LEU E 45 -24.57 23.47 7.13
CA LEU E 45 -25.09 24.80 6.98
C LEU E 45 -24.59 25.63 5.78
N LYS E 46 -23.32 25.54 5.42
CA LYS E 46 -22.80 26.20 4.25
C LYS E 46 -23.47 25.64 2.94
N HIS E 47 -23.64 24.32 2.87
CA HIS E 47 -24.21 23.66 1.72
C HIS E 47 -25.72 23.97 1.62
N PHE E 48 -26.34 24.07 2.77
CA PHE E 48 -27.71 24.54 2.89
C PHE E 48 -27.76 25.97 2.31
N SER E 49 -26.85 26.83 2.76
CA SER E 49 -26.80 28.27 2.37
C SER E 49 -26.64 28.37 0.86
N THR E 50 -25.81 27.50 0.31
CA THR E 50 -25.59 27.49 -1.11
C THR E 50 -26.84 27.10 -1.94
N ILE E 51 -27.63 26.17 -1.45
CA ILE E 51 -28.84 25.78 -2.15
C ILE E 51 -29.91 26.88 -2.09
N LEU E 52 -30.01 27.57 -0.96
CA LEU E 52 -31.04 28.61 -0.75
C LEU E 52 -30.63 30.02 -1.09
N GLY E 53 -29.43 30.21 -1.61
CA GLY E 53 -28.97 31.49 -2.00
C GLY E 53 -28.72 32.47 -0.87
N VAL E 54 -28.39 31.97 0.33
CA VAL E 54 -27.88 32.79 1.43
C VAL E 54 -26.35 32.76 1.46
N ASN E 55 -25.71 33.89 1.82
CA ASN E 55 -24.26 34.05 1.62
C ASN E 55 -23.49 34.46 2.82
N ARG E 56 -24.13 34.46 3.95
CA ARG E 56 -23.43 34.83 5.18
C ARG E 56 -22.36 33.82 5.56
N ASN E 57 -21.42 34.32 6.33
CA ASN E 57 -20.30 33.53 6.77
C ASN E 57 -20.66 32.63 7.94
N ILE E 58 -20.12 31.42 7.93
CA ILE E 58 -20.37 30.41 8.97
C ILE E 58 -19.07 29.72 9.42
N LEU E 59 -18.77 29.81 10.70
CA LEU E 59 -17.54 29.31 11.26
C LEU E 59 -17.92 28.39 12.41
N GLY E 60 -17.51 27.12 12.26
CA GLY E 60 -17.58 26.13 13.32
C GLY E 60 -16.25 26.05 14.11
N THR E 61 -16.32 26.14 15.43
CA THR E 61 -15.11 26.27 16.24
C THR E 61 -15.23 25.65 17.62
N ASN E 62 -14.08 25.18 18.12
CA ASN E 62 -13.91 24.75 19.51
C ASN E 62 -13.13 25.74 20.38
N GLN E 63 -12.64 26.82 19.77
CA GLN E 63 -11.94 27.88 20.46
C GLN E 63 -12.94 28.96 20.84
N ILE E 64 -13.27 29.01 22.13
CA ILE E 64 -14.20 30.02 22.62
C ILE E 64 -13.77 31.48 22.48
N GLU E 65 -12.47 31.75 22.33
CA GLU E 65 -12.02 33.09 21.96
C GLU E 65 -12.53 33.60 20.58
N ASP E 66 -12.97 32.70 19.67
CA ASP E 66 -13.67 33.09 18.40
C ASP E 66 -15.01 33.81 18.60
N ILE E 67 -15.55 33.76 19.81
CA ILE E 67 -16.73 34.49 20.18
C ILE E 67 -16.52 36.02 20.29
N LYS E 68 -15.28 36.49 20.15
CA LYS E 68 -14.94 37.91 20.25
C LYS E 68 -15.79 38.78 19.37
N ASP E 69 -16.23 39.90 19.93
CA ASP E 69 -16.99 40.90 19.14
C ASP E 69 -18.33 40.38 18.57
N ALA E 70 -18.84 39.29 19.13
CA ALA E 70 -20.14 38.85 18.79
C ALA E 70 -21.10 39.98 19.21
N ASP E 71 -22.05 40.30 18.36
CA ASP E 71 -23.12 41.20 18.71
C ASP E 71 -24.17 40.47 19.49
N ILE E 72 -24.41 39.22 19.14
CA ILE E 72 -25.43 38.39 19.80
C ILE E 72 -24.79 37.06 20.28
N ILE E 73 -25.22 36.58 21.46
CA ILE E 73 -24.82 35.31 22.01
C ILE E 73 -26.06 34.49 22.39
N VAL E 74 -26.17 33.27 21.84
CA VAL E 74 -27.21 32.31 22.20
C VAL E 74 -26.56 31.11 22.95
N ILE E 75 -26.96 30.85 24.19
CA ILE E 75 -26.35 29.85 25.03
C ILE E 75 -27.26 28.70 25.20
N THR E 76 -26.93 27.59 24.54
CA THR E 76 -27.68 26.34 24.69
C THR E 76 -26.79 25.26 25.36
N ALA E 77 -25.56 25.60 25.74
CA ALA E 77 -24.59 24.63 26.30
C ALA E 77 -25.15 24.08 27.56
N GLY E 78 -25.00 22.78 27.74
CA GLY E 78 -25.60 22.15 28.85
C GLY E 78 -26.28 20.90 28.45
N VAL E 79 -26.79 20.24 29.46
CA VAL E 79 -27.39 18.98 29.28
C VAL E 79 -28.86 19.22 29.21
N GLN E 80 -29.53 18.34 28.50
CA GLN E 80 -30.97 18.31 28.46
C GLN E 80 -31.59 17.21 29.24
N ARG E 81 -32.85 17.40 29.63
CA ARG E 81 -33.51 16.41 30.45
C ARG E 81 -34.08 15.32 29.66
N LYS E 82 -34.21 14.17 30.27
CA LYS E 82 -34.76 12.95 29.69
C LYS E 82 -36.11 12.75 30.30
N GLU E 83 -36.79 11.71 29.81
CA GLU E 83 -38.06 11.26 30.43
C GLU E 83 -37.95 11.08 31.93
N GLY E 84 -39.00 11.52 32.61
CA GLY E 84 -39.12 11.30 34.03
C GLY E 84 -38.43 12.37 34.83
N MET E 85 -37.35 12.97 34.29
CA MET E 85 -36.69 14.11 34.94
C MET E 85 -37.54 15.43 34.87
N THR E 86 -37.35 16.28 35.85
CA THR E 86 -37.75 17.64 35.79
C THR E 86 -36.57 18.50 35.27
N ARG E 87 -36.90 19.72 34.91
CA ARG E 87 -35.88 20.68 34.43
C ARG E 87 -34.93 20.93 35.55
N GLU E 88 -35.52 21.02 36.75
CA GLU E 88 -34.77 21.39 37.96
C GLU E 88 -33.67 20.34 38.26
N ASP E 89 -33.83 19.08 37.83
CA ASP E 89 -32.83 18.02 38.05
C ASP E 89 -31.50 18.33 37.41
N LEU E 90 -31.45 19.32 36.51
CA LEU E 90 -30.23 19.72 35.79
C LEU E 90 -29.46 20.80 36.46
N ILE E 91 -30.09 21.35 37.45
CA ILE E 91 -29.53 22.43 38.22
C ILE E 91 -28.02 22.25 38.57
N GLY E 92 -27.60 21.10 39.19
CA GLY E 92 -26.28 20.89 39.51
C GLY E 92 -25.31 20.93 38.35
N VAL E 93 -25.52 20.06 37.36
CA VAL E 93 -24.61 20.01 36.23
C VAL E 93 -24.61 21.28 35.30
N ASN E 94 -25.76 21.90 35.11
CA ASN E 94 -25.85 23.06 34.17
C ASN E 94 -25.40 24.40 34.73
N GLY E 95 -25.57 24.55 36.05
CA GLY E 95 -25.13 25.77 36.76
C GLY E 95 -23.65 25.95 36.56
N LYS E 96 -22.90 24.84 36.66
CA LYS E 96 -21.43 24.87 36.60
C LYS E 96 -21.05 25.26 35.19
N ILE E 97 -21.75 24.68 34.20
CA ILE E 97 -21.52 24.99 32.75
C ILE E 97 -21.87 26.43 32.43
N MET E 98 -23.01 26.85 32.90
CA MET E 98 -23.42 28.28 32.73
C MET E 98 -22.43 29.31 33.33
N LYS E 99 -21.88 29.01 34.53
CA LYS E 99 -20.81 29.82 35.12
C LYS E 99 -19.56 29.93 34.26
N SER E 100 -19.12 28.79 33.77
CA SER E 100 -17.97 28.76 32.87
C SER E 100 -18.19 29.61 31.60
N VAL E 101 -19.39 29.52 31.02
CA VAL E 101 -19.73 30.27 29.77
C VAL E 101 -19.78 31.76 30.13
N ALA E 102 -20.39 32.06 31.29
CA ALA E 102 -20.43 33.43 31.80
C ALA E 102 -19.01 33.99 31.89
N GLU E 103 -18.08 33.23 32.48
CA GLU E 103 -16.70 33.68 32.61
C GLU E 103 -16.04 33.94 31.26
N SER E 104 -16.33 33.10 30.27
CA SER E 104 -15.82 33.30 28.93
C SER E 104 -16.40 34.51 28.20
N VAL E 105 -17.70 34.69 28.28
CA VAL E 105 -18.31 35.91 27.70
C VAL E 105 -17.71 37.19 28.32
N LYS E 106 -17.53 37.16 29.66
CA LYS E 106 -16.95 38.27 30.43
C LYS E 106 -15.64 38.75 29.83
N LEU E 107 -14.69 37.84 29.60
CA LEU E 107 -13.42 38.29 29.07
C LEU E 107 -13.36 38.49 27.55
N HIS E 108 -14.24 37.87 26.76
CA HIS E 108 -14.10 37.88 25.29
C HIS E 108 -15.03 38.84 24.55
N CYS E 109 -16.23 39.04 25.04
CA CYS E 109 -17.18 39.98 24.40
C CYS E 109 -18.22 40.52 25.36
N SER E 110 -17.79 41.49 26.15
CA SER E 110 -18.64 42.05 27.18
C SER E 110 -19.77 42.94 26.63
N LYS E 111 -19.76 43.29 25.33
CA LYS E 111 -20.82 44.17 24.75
C LYS E 111 -22.00 43.47 24.08
N ALA E 112 -22.01 42.15 24.10
CA ALA E 112 -23.01 41.38 23.46
C ALA E 112 -24.31 41.40 24.21
N PHE E 113 -25.34 41.07 23.46
CA PHE E 113 -26.67 40.80 23.97
C PHE E 113 -26.77 39.29 24.08
N VAL E 114 -27.23 38.83 25.22
CA VAL E 114 -27.14 37.40 25.57
C VAL E 114 -28.46 36.74 25.81
N ILE E 115 -28.81 35.80 24.96
CA ILE E 115 -30.04 35.03 25.16
C ILE E 115 -29.67 33.60 25.69
N CYS E 116 -30.08 33.34 26.91
CA CYS E 116 -29.82 32.05 27.59
C CYS E 116 -30.94 31.15 27.29
N VAL E 117 -30.61 29.90 26.99
CA VAL E 117 -31.63 28.85 26.77
C VAL E 117 -31.44 27.55 27.63
N SER E 118 -30.26 27.24 28.10
CA SER E 118 -30.08 26.08 29.08
C SER E 118 -31.07 26.01 30.23
N ASN E 119 -31.59 24.81 30.46
CA ASN E 119 -32.50 24.59 31.59
C ASN E 119 -31.83 24.25 32.94
N PRO E 120 -32.58 24.40 34.03
CA PRO E 120 -33.86 25.19 34.08
C PRO E 120 -33.69 26.71 33.82
N LEU E 121 -34.51 27.21 32.87
CA LEU E 121 -34.22 28.45 32.13
C LEU E 121 -34.04 29.62 33.01
N ASP E 122 -35.05 29.92 33.77
CA ASP E 122 -34.95 31.13 34.63
C ASP E 122 -33.75 31.11 35.57
N ILE E 123 -33.54 29.95 36.14
CA ILE E 123 -32.43 29.77 37.08
C ILE E 123 -31.10 30.10 36.36
N MET E 124 -30.90 29.50 35.21
CA MET E 124 -29.61 29.59 34.51
C MET E 124 -29.32 30.98 34.00
N VAL E 125 -30.38 31.75 33.67
CA VAL E 125 -30.23 33.17 33.41
C VAL E 125 -29.66 33.89 34.61
N ASN E 126 -30.25 33.65 35.76
CA ASN E 126 -29.64 34.25 37.05
C ASN E 126 -28.15 33.89 37.27
N VAL E 127 -27.82 32.67 36.95
CA VAL E 127 -26.42 32.20 37.16
C VAL E 127 -25.58 33.03 36.17
N PHE E 128 -26.04 33.15 34.91
CA PHE E 128 -25.23 33.85 33.90
C PHE E 128 -24.99 35.29 34.30
N HIS E 129 -26.01 35.93 34.82
CA HIS E 129 -25.86 37.31 35.26
C HIS E 129 -24.77 37.42 36.38
N LYS E 130 -24.86 36.53 37.36
CA LYS E 130 -23.95 36.56 38.52
C LYS E 130 -22.49 36.52 38.15
N PHE E 131 -22.11 35.66 37.22
CA PHE E 131 -20.69 35.49 36.87
C PHE E 131 -20.19 36.18 35.59
N SER E 132 -21.10 36.85 34.86
CA SER E 132 -20.76 37.44 33.53
C SER E 132 -20.31 38.83 33.65
N ASN E 133 -20.81 39.54 34.66
CA ASN E 133 -20.48 40.95 34.79
C ASN E 133 -20.98 41.76 33.57
N LEU E 134 -22.17 41.42 33.07
CA LEU E 134 -22.82 42.27 32.07
C LEU E 134 -23.98 43.05 32.69
N PRO E 135 -24.37 44.16 32.07
CA PRO E 135 -25.54 44.84 32.51
C PRO E 135 -26.71 43.90 32.48
N HIS E 136 -27.64 44.06 33.40
CA HIS E 136 -28.84 43.19 33.41
C HIS E 136 -29.82 43.26 32.19
N GLU E 137 -29.97 44.45 31.60
CA GLU E 137 -30.78 44.57 30.37
C GLU E 137 -30.13 43.75 29.19
N LYS E 138 -28.81 43.52 29.18
CA LYS E 138 -28.18 42.82 28.11
C LYS E 138 -28.24 41.28 28.21
N ILE E 139 -29.04 40.76 29.15
CA ILE E 139 -29.17 39.37 29.40
C ILE E 139 -30.63 39.03 29.51
N CYS E 140 -31.04 37.91 28.91
CA CYS E 140 -32.41 37.43 29.07
C CYS E 140 -32.44 36.01 28.70
N GLY E 141 -33.58 35.38 28.93
CA GLY E 141 -33.75 34.07 28.50
C GLY E 141 -34.99 33.88 27.75
N MET E 142 -34.98 32.98 26.79
CA MET E 142 -36.22 32.67 26.15
C MET E 142 -36.94 31.56 26.85
N ALA E 143 -38.22 31.80 27.07
CA ALA E 143 -39.15 30.77 27.43
C ALA E 143 -40.57 31.17 27.11
N GLY E 144 -41.00 32.30 27.65
CA GLY E 144 -42.36 32.74 27.50
C GLY E 144 -42.90 32.75 26.05
N ILE E 145 -42.04 32.97 25.05
CA ILE E 145 -42.55 32.99 23.66
C ILE E 145 -42.91 31.53 23.29
N LEU E 146 -42.12 30.57 23.80
CA LEU E 146 -42.41 29.13 23.61
C LEU E 146 -43.71 28.71 24.30
N ASP E 147 -43.89 29.13 25.53
CA ASP E 147 -45.00 28.64 26.37
C ASP E 147 -46.24 29.29 25.84
N THR E 148 -46.10 30.56 25.48
CA THR E 148 -47.22 31.32 24.78
C THR E 148 -47.58 30.67 23.45
N SER E 149 -46.60 30.31 22.63
CA SER E 149 -46.96 29.60 21.43
C SER E 149 -47.78 28.30 21.63
N ARG E 150 -47.45 27.51 22.67
CA ARG E 150 -48.15 26.28 22.95
C ARG E 150 -49.57 26.54 23.43
N TYR E 151 -49.70 27.46 24.38
CA TYR E 151 -51.02 27.87 24.92
C TYR E 151 -51.91 28.50 23.81
N CYS E 152 -51.35 29.39 22.98
CA CYS E 152 -52.13 30.01 21.86
C CYS E 152 -52.51 28.97 20.87
N SER E 153 -51.58 28.10 20.58
CA SER E 153 -51.84 27.03 19.63
C SER E 153 -53.07 26.22 20.05
N LEU E 154 -53.17 25.89 21.31
CA LEU E 154 -54.25 25.03 21.85
C LEU E 154 -55.56 25.79 21.91
N ILE E 155 -55.47 27.03 22.34
CA ILE E 155 -56.64 27.93 22.29
C ILE E 155 -57.19 28.07 20.86
N ALA E 156 -56.30 28.27 19.94
CA ALA E 156 -56.69 28.34 18.50
C ALA E 156 -57.43 27.08 18.02
N ASP E 157 -56.86 25.88 18.32
CA ASP E 157 -57.48 24.58 17.95
C ASP E 157 -58.87 24.41 18.53
N LYS E 158 -59.07 24.74 19.79
CA LYS E 158 -60.41 24.66 20.41
C LYS E 158 -61.43 25.66 19.87
N LEU E 159 -60.98 26.84 19.46
CA LEU E 159 -61.89 27.89 18.87
C LEU E 159 -62.08 27.80 17.37
N LYS E 160 -61.41 26.84 16.74
CA LYS E 160 -61.44 26.66 15.28
C LYS E 160 -61.03 27.96 14.60
N VAL E 161 -59.93 28.58 15.07
CA VAL E 161 -59.36 29.74 14.45
C VAL E 161 -57.89 29.58 14.19
N SER E 162 -57.41 30.41 13.27
CA SER E 162 -56.02 30.51 13.01
C SER E 162 -55.32 30.86 14.33
N ALA E 163 -54.20 30.18 14.57
CA ALA E 163 -53.26 30.57 15.59
C ALA E 163 -52.55 31.87 15.28
N GLU E 164 -52.51 32.28 14.00
CA GLU E 164 -51.72 33.44 13.60
C GLU E 164 -51.93 34.70 14.43
N ASP E 165 -53.14 34.99 14.83
CA ASP E 165 -53.31 36.19 15.63
C ASP E 165 -53.99 35.96 16.99
N VAL E 166 -53.74 34.75 17.55
CA VAL E 166 -53.99 34.47 18.98
C VAL E 166 -52.77 34.85 19.78
N ASN E 167 -52.95 35.84 20.64
CA ASN E 167 -51.85 36.37 21.45
C ASN E 167 -52.15 36.16 22.91
N ALA E 168 -51.09 36.04 23.69
CA ALA E 168 -51.26 35.85 25.17
C ALA E 168 -50.06 36.20 25.96
N VAL E 169 -50.31 36.51 27.21
CA VAL E 169 -49.25 36.80 28.15
C VAL E 169 -49.16 35.58 29.09
N ILE E 170 -47.98 35.04 29.17
CA ILE E 170 -47.69 34.02 30.27
C ILE E 170 -46.59 34.58 31.11
N LEU E 171 -46.89 34.73 32.38
CA LEU E 171 -45.91 35.18 33.38
C LEU E 171 -45.32 34.04 34.18
N GLY E 172 -44.12 34.27 34.63
CA GLY E 172 -43.49 33.33 35.59
C GLY E 172 -42.53 32.33 34.98
N GLY E 173 -42.00 31.49 35.86
CA GLY E 173 -40.94 30.59 35.53
C GLY E 173 -41.34 29.59 34.53
N HIS E 174 -40.37 29.20 33.74
CA HIS E 174 -40.60 28.20 32.72
C HIS E 174 -40.61 26.82 33.54
N GLY E 175 -41.82 26.47 33.97
CA GLY E 175 -42.05 25.31 34.68
C GLY E 175 -43.49 25.21 35.05
N ASP E 176 -43.79 24.32 35.97
CA ASP E 176 -45.13 23.99 36.42
C ASP E 176 -45.87 25.14 37.03
N LEU E 177 -45.16 26.22 37.39
CA LEU E 177 -45.81 27.38 37.99
C LEU E 177 -46.06 28.55 37.05
N MET E 178 -46.04 28.30 35.74
CA MET E 178 -46.42 29.36 34.75
C MET E 178 -47.76 29.90 35.13
N VAL E 179 -47.99 31.15 34.79
CA VAL E 179 -49.28 31.82 35.00
C VAL E 179 -49.78 32.41 33.70
N PRO E 180 -50.55 31.61 32.94
CA PRO E 180 -51.18 32.18 31.67
C PRO E 180 -52.31 33.10 32.04
N LEU E 181 -52.37 34.27 31.46
CA LEU E 181 -53.39 35.22 31.82
C LEU E 181 -54.52 35.26 30.79
N GLN E 182 -55.65 34.69 31.18
CA GLN E 182 -56.83 34.72 30.42
C GLN E 182 -57.22 36.14 30.02
N ARG E 183 -57.14 37.07 30.95
CA ARG E 183 -57.46 38.51 30.68
C ARG E 183 -56.60 39.08 29.56
N TYR E 184 -55.34 38.62 29.49
CA TYR E 184 -54.37 39.06 28.49
C TYR E 184 -54.19 37.99 27.41
N THR E 185 -55.29 37.31 27.05
CA THR E 185 -55.37 36.49 25.85
C THR E 185 -56.40 37.16 24.84
N SER E 186 -55.99 37.38 23.57
CA SER E 186 -56.87 37.84 22.56
C SER E 186 -56.76 37.06 21.23
N VAL E 187 -57.85 37.08 20.49
CA VAL E 187 -57.92 36.51 19.14
C VAL E 187 -58.17 37.65 18.15
N ASN E 188 -57.14 37.98 17.43
CA ASN E 188 -57.04 39.19 16.63
C ASN E 188 -57.68 40.43 17.27
N GLY E 189 -57.36 40.63 18.54
CA GLY E 189 -57.81 41.72 19.33
C GLY E 189 -58.92 41.40 20.34
N VAL E 190 -59.74 40.42 19.99
CA VAL E 190 -60.94 40.16 20.75
C VAL E 190 -60.57 39.36 21.98
N PRO E 191 -60.84 39.87 23.20
CA PRO E 191 -60.50 39.12 24.43
C PRO E 191 -61.09 37.70 24.50
N LEU E 192 -60.33 36.77 25.06
CA LEU E 192 -60.78 35.36 25.25
C LEU E 192 -62.13 35.25 26.00
N SER E 193 -62.38 36.16 26.93
CA SER E 193 -63.64 36.25 27.65
C SER E 193 -64.90 36.39 26.75
N GLU E 194 -64.74 36.95 25.55
CA GLU E 194 -65.85 37.05 24.64
C GLU E 194 -66.23 35.70 24.13
N PHE E 195 -65.24 34.85 23.91
CA PHE E 195 -65.48 33.52 23.38
C PHE E 195 -66.09 32.58 24.44
N VAL E 196 -65.84 32.85 25.73
CA VAL E 196 -66.53 32.13 26.81
C VAL E 196 -68.01 32.55 26.87
N LYS E 197 -68.28 33.86 26.79
CA LYS E 197 -69.68 34.40 26.77
C LYS E 197 -70.48 33.89 25.59
N LYS E 198 -69.81 33.74 24.45
CA LYS E 198 -70.43 33.20 23.25
C LYS E 198 -70.49 31.63 23.29
N ASN E 199 -70.10 31.00 24.40
CA ASN E 199 -70.09 29.54 24.59
C ASN E 199 -69.22 28.76 23.64
N MET E 200 -68.23 29.41 23.03
CA MET E 200 -67.36 28.73 22.09
C MET E 200 -66.26 27.98 22.78
N ILE E 201 -66.09 28.25 24.06
CA ILE E 201 -65.06 27.61 24.91
C ILE E 201 -65.44 27.82 26.37
N SER E 202 -65.14 26.87 27.21
CA SER E 202 -65.55 26.89 28.62
C SER E 202 -64.38 27.05 29.53
N GLN E 203 -64.65 27.51 30.75
CA GLN E 203 -63.62 27.73 31.73
C GLN E 203 -62.81 26.46 32.01
N ASN E 204 -63.50 25.33 31.98
CA ASN E 204 -62.85 24.02 32.17
C ASN E 204 -61.95 23.64 31.03
N GLU E 205 -62.42 23.82 29.80
CA GLU E 205 -61.60 23.62 28.61
C GLU E 205 -60.27 24.46 28.70
N ILE E 206 -60.39 25.70 29.22
CA ILE E 206 -59.25 26.62 29.37
C ILE E 206 -58.25 26.08 30.41
N GLN E 207 -58.78 25.57 31.52
CA GLN E 207 -57.90 24.97 32.59
C GLN E 207 -57.15 23.69 32.13
N GLU E 208 -57.86 22.85 31.37
CA GLU E 208 -57.30 21.77 30.61
C GLU E 208 -56.12 22.27 29.73
N ILE E 209 -56.36 23.30 28.90
CA ILE E 209 -55.34 23.88 28.01
C ILE E 209 -54.14 24.40 28.79
N ILE E 210 -54.39 25.07 29.92
CA ILE E 210 -53.31 25.57 30.77
C ILE E 210 -52.49 24.43 31.29
N GLN E 211 -53.15 23.34 31.71
CA GLN E 211 -52.43 22.10 32.11
C GLN E 211 -51.57 21.49 30.99
N LYS E 212 -52.14 21.34 29.80
CA LYS E 212 -51.33 20.83 28.68
C LYS E 212 -50.12 21.72 28.41
N THR E 213 -50.29 23.03 28.63
CA THR E 213 -49.23 24.02 28.30
C THR E 213 -48.09 23.79 29.22
N ARG E 214 -48.46 23.59 30.48
CA ARG E 214 -47.45 23.32 31.55
C ARG E 214 -46.65 22.06 31.28
N ASN E 215 -47.33 20.98 30.92
CA ASN E 215 -46.66 19.73 30.71
C ASN E 215 -46.04 19.50 29.38
N MET E 216 -46.19 20.44 28.47
CA MET E 216 -45.93 20.22 27.06
C MET E 216 -44.49 19.85 26.81
N GLY E 217 -43.61 20.55 27.45
CA GLY E 217 -42.23 20.23 27.33
C GLY E 217 -41.92 18.72 27.64
N ALA E 218 -42.54 18.17 28.70
CA ALA E 218 -42.37 16.77 29.10
C ALA E 218 -43.08 15.85 28.10
N GLU E 219 -44.26 16.27 27.61
CA GLU E 219 -45.00 15.45 26.68
C GLU E 219 -44.25 15.23 25.37
N ILE E 220 -43.55 16.25 24.88
CA ILE E 220 -42.75 16.09 23.70
C ILE E 220 -41.57 15.15 23.96
N ILE E 221 -40.92 15.34 25.09
CA ILE E 221 -39.83 14.42 25.50
C ILE E 221 -40.30 12.93 25.49
N LYS E 222 -41.46 12.70 26.07
CA LYS E 222 -42.05 11.38 26.14
C LYS E 222 -42.34 10.83 24.77
N LEU E 223 -42.97 11.61 23.94
CA LEU E 223 -43.31 11.18 22.55
C LEU E 223 -42.06 11.12 21.63
N ALA E 224 -41.37 12.23 21.45
CA ALA E 224 -40.28 12.32 20.47
C ALA E 224 -38.97 11.71 20.98
N LYS E 225 -38.91 11.38 22.26
CA LYS E 225 -37.66 10.84 22.89
C LYS E 225 -36.51 11.86 22.88
N ALA E 226 -36.82 13.14 22.57
CA ALA E 226 -35.83 14.23 22.63
C ALA E 226 -36.65 15.49 22.94
N SER E 227 -36.00 16.53 23.39
CA SER E 227 -36.68 17.69 23.78
C SER E 227 -36.92 18.60 22.55
N ALA E 228 -37.96 19.40 22.66
CA ALA E 228 -38.38 20.28 21.57
C ALA E 228 -37.14 21.10 21.09
N ALA E 229 -36.97 21.17 19.79
CA ALA E 229 -35.89 21.92 19.20
C ALA E 229 -36.43 23.14 18.20
N PHE E 230 -37.47 22.88 17.43
CA PHE E 230 -37.89 23.87 16.28
C PHE E 230 -38.57 25.15 16.81
N ALA E 231 -39.56 24.96 17.67
CA ALA E 231 -40.16 26.02 18.36
C ALA E 231 -39.24 26.85 19.23
N PRO E 232 -38.40 26.24 20.06
CA PRO E 232 -37.42 27.03 20.79
C PRO E 232 -36.55 27.83 19.90
N ALA E 233 -36.09 27.28 18.84
CA ALA E 233 -35.17 28.01 17.98
C ALA E 233 -35.93 29.29 17.34
N ALA E 234 -37.19 29.10 17.03
CA ALA E 234 -37.98 30.11 16.30
C ALA E 234 -38.13 31.26 17.33
N ALA E 235 -38.47 30.91 18.57
CA ALA E 235 -38.64 31.90 19.57
C ALA E 235 -37.38 32.73 19.70
N ILE E 236 -36.23 32.03 19.77
CA ILE E 236 -34.93 32.66 20.00
C ILE E 236 -34.74 33.66 18.88
N THR E 237 -34.89 33.17 17.65
CA THR E 237 -34.74 33.98 16.42
C THR E 237 -35.65 35.28 16.38
N LYS E 238 -36.86 35.18 16.88
CA LYS E 238 -37.70 36.25 17.08
C LYS E 238 -37.08 37.27 18.08
N MET E 239 -36.48 36.82 19.23
CA MET E 239 -35.83 37.73 20.15
C MET E 239 -34.54 38.34 19.57
N ILE E 240 -33.79 37.59 18.77
CA ILE E 240 -32.60 38.13 18.12
C ILE E 240 -33.02 39.31 17.18
N LYS E 241 -34.09 39.07 16.46
CA LYS E 241 -34.60 40.01 15.43
C LYS E 241 -34.98 41.33 16.14
N SER E 242 -35.65 41.20 17.26
CA SER E 242 -36.17 42.37 17.96
C SER E 242 -35.08 43.23 18.50
N TYR E 243 -33.94 42.60 18.74
CA TYR E 243 -32.69 43.32 19.20
C TYR E 243 -31.95 43.94 18.06
N LEU E 244 -31.61 43.14 17.06
CA LEU E 244 -30.91 43.64 15.88
C LEU E 244 -31.62 44.75 15.17
N TYR E 245 -32.93 44.66 15.08
CA TYR E 245 -33.72 45.61 14.20
C TYR E 245 -34.42 46.64 15.03
N ASN E 246 -34.08 46.70 16.31
CA ASN E 246 -34.62 47.69 17.23
C ASN E 246 -36.12 47.74 17.18
N GLU E 247 -36.76 46.58 17.20
CA GLU E 247 -38.19 46.48 16.96
C GLU E 247 -39.04 46.87 18.14
N ASN E 248 -38.52 46.69 19.35
CA ASN E 248 -39.27 47.03 20.53
C ASN E 248 -40.55 46.24 20.73
N ASN E 249 -40.49 45.00 20.32
CA ASN E 249 -41.61 44.08 20.48
C ASN E 249 -41.82 43.71 22.02
N LEU E 250 -43.08 43.46 22.38
CA LEU E 250 -43.50 43.19 23.62
C LEU E 250 -43.72 41.66 23.73
N PHE E 251 -42.81 40.95 24.46
CA PHE E 251 -42.86 39.47 24.62
C PHE E 251 -43.06 39.15 26.07
N THR E 252 -43.16 37.87 26.38
CA THR E 252 -42.70 37.35 27.70
C THR E 252 -41.35 36.66 27.54
N CYS E 253 -40.42 37.03 28.39
CA CYS E 253 -39.14 36.30 28.52
C CYS E 253 -38.58 36.46 29.90
N ALA E 254 -37.51 35.76 30.16
CA ALA E 254 -36.88 35.90 31.45
C ALA E 254 -36.09 37.18 31.41
N VAL E 255 -36.35 38.05 32.36
CA VAL E 255 -35.79 39.36 32.39
C VAL E 255 -35.54 39.82 33.85
N TYR E 256 -34.58 40.73 34.01
CA TYR E 256 -34.27 41.35 35.33
C TYR E 256 -35.41 42.17 35.87
N LEU E 257 -36.12 41.69 36.87
CA LEU E 257 -37.11 42.49 37.58
C LEU E 257 -36.46 43.36 38.64
N ASN E 258 -37.01 44.55 38.80
CA ASN E 258 -36.46 45.62 39.63
C ASN E 258 -37.55 46.53 40.23
N GLY E 259 -38.39 45.95 41.07
CA GLY E 259 -39.55 46.60 41.64
C GLY E 259 -40.83 46.25 40.89
N HIS E 260 -40.73 45.50 39.78
CA HIS E 260 -41.87 45.24 38.96
C HIS E 260 -42.52 44.03 39.52
N TYR E 261 -43.83 44.04 39.61
CA TYR E 261 -44.63 42.91 40.09
C TYR E 261 -44.18 42.45 41.50
N ASN E 262 -43.87 43.41 42.38
CA ASN E 262 -43.40 43.22 43.75
C ASN E 262 -42.16 42.31 43.84
N CYS E 263 -41.28 42.39 42.84
CA CYS E 263 -40.13 41.56 42.80
C CYS E 263 -38.96 42.39 42.42
N SER E 264 -37.81 42.10 43.01
CA SER E 264 -36.61 42.84 42.72
C SER E 264 -35.42 41.89 42.76
N ASN E 265 -34.36 42.21 42.05
CA ASN E 265 -33.12 41.42 42.02
C ASN E 265 -33.25 39.92 41.63
N LEU E 266 -34.01 39.63 40.58
CA LEU E 266 -34.19 38.27 40.06
C LEU E 266 -34.63 38.30 38.56
N PHE E 267 -34.01 37.40 37.78
CA PHE E 267 -34.44 37.17 36.37
C PHE E 267 -35.52 36.12 36.43
N VAL E 268 -36.66 36.45 35.88
CA VAL E 268 -37.78 35.57 35.86
C VAL E 268 -38.70 35.95 34.65
N GLY E 269 -39.47 35.00 34.18
CA GLY E 269 -40.36 35.21 33.13
C GLY E 269 -41.34 36.33 33.39
N SER E 270 -41.34 37.33 32.49
CA SER E 270 -42.21 38.53 32.66
C SER E 270 -42.40 39.22 31.34
N THR E 271 -43.34 40.17 31.31
CA THR E 271 -43.59 40.98 30.16
C THR E 271 -42.39 41.85 30.01
N ALA E 272 -41.81 41.85 28.80
CA ALA E 272 -40.73 42.79 28.49
C ALA E 272 -40.71 43.29 27.01
N LYS E 273 -39.97 44.36 26.75
CA LYS E 273 -39.72 44.81 25.43
C LYS E 273 -38.29 44.50 25.12
N ILE E 274 -38.02 44.17 23.84
CA ILE E 274 -36.68 44.04 23.39
C ILE E 274 -36.38 44.97 22.29
N ASN E 275 -35.28 45.69 22.41
CA ASN E 275 -34.83 46.67 21.37
C ASN E 275 -33.28 46.69 21.30
N ASN E 276 -32.70 47.60 20.52
CA ASN E 276 -31.27 47.99 20.48
C ASN E 276 -30.45 47.92 21.78
N LYS E 277 -31.08 48.31 22.88
CA LYS E 277 -30.45 48.47 24.15
C LYS E 277 -30.64 47.24 25.04
N GLY E 278 -31.42 46.24 24.63
CA GLY E 278 -31.64 45.02 25.39
C GLY E 278 -33.07 44.74 25.78
N ALA E 279 -33.23 43.98 26.87
CA ALA E 279 -34.55 43.54 27.37
C ALA E 279 -34.99 44.36 28.58
N HIS E 280 -36.19 44.92 28.55
CA HIS E 280 -36.66 45.97 29.52
C HIS E 280 -38.00 45.58 30.04
N PRO E 281 -38.08 45.27 31.32
CA PRO E 281 -39.39 44.80 31.81
C PRO E 281 -40.45 45.87 31.73
N VAL E 282 -41.71 45.44 31.73
CA VAL E 282 -42.84 46.37 31.75
C VAL E 282 -43.85 45.80 32.69
N GLU E 283 -44.39 46.64 33.58
CA GLU E 283 -45.37 46.16 34.57
C GLU E 283 -46.78 46.51 34.17
N PHE E 284 -47.66 45.53 34.17
CA PHE E 284 -49.07 45.77 33.85
C PHE E 284 -49.84 45.57 35.10
N PRO E 285 -50.97 46.25 35.22
CA PRO E 285 -51.83 46.04 36.39
C PRO E 285 -52.52 44.68 36.52
N LEU E 286 -51.99 43.82 37.39
CA LEU E 286 -52.60 42.54 37.70
C LEU E 286 -53.68 42.66 38.73
N THR E 287 -54.64 41.75 38.69
CA THR E 287 -55.52 41.54 39.85
C THR E 287 -54.74 40.94 41.05
N LYS E 288 -55.33 40.98 42.26
CA LYS E 288 -54.74 40.36 43.47
C LYS E 288 -54.43 38.89 43.20
N GLU E 289 -55.40 38.19 42.60
CA GLU E 289 -55.29 36.72 42.41
C GLU E 289 -54.20 36.34 41.43
N GLU E 290 -54.12 37.12 40.39
CA GLU E 290 -53.10 36.98 39.37
C GLU E 290 -51.73 37.19 39.96
N GLN E 291 -51.56 38.28 40.66
CA GLN E 291 -50.29 38.65 41.29
C GLN E 291 -49.88 37.59 42.32
N ASP E 292 -50.84 37.06 43.04
CA ASP E 292 -50.60 36.01 44.05
C ASP E 292 -50.01 34.72 43.40
N LEU E 293 -50.65 34.28 42.29
CA LEU E 293 -50.09 33.22 41.46
C LEU E 293 -48.69 33.53 40.93
N TYR E 294 -48.49 34.74 40.47
CA TYR E 294 -47.20 35.13 39.93
C TYR E 294 -46.16 35.10 41.02
N THR E 295 -46.45 35.72 42.16
CA THR E 295 -45.52 35.75 43.27
C THR E 295 -45.10 34.31 43.71
N GLU E 296 -46.05 33.39 43.73
CA GLU E 296 -45.80 32.01 44.04
C GLU E 296 -44.77 31.38 43.07
N SER E 297 -44.89 31.68 41.78
CA SER E 297 -43.91 31.24 40.75
C SER E 297 -42.54 31.87 40.91
N ILE E 298 -42.56 33.16 41.19
CA ILE E 298 -41.36 33.91 41.53
C ILE E 298 -40.65 33.25 42.75
N ALA E 299 -41.41 32.80 43.77
CA ALA E 299 -40.78 32.19 45.00
C ALA E 299 -39.97 30.94 44.64
N SER E 300 -40.52 30.04 43.78
CA SER E 300 -39.76 28.86 43.29
C SER E 300 -38.52 29.17 42.58
N VAL E 301 -38.59 30.19 41.75
CA VAL E 301 -37.42 30.63 41.03
C VAL E 301 -36.39 31.16 41.98
N GLN E 302 -36.82 32.00 42.93
CA GLN E 302 -35.91 32.50 44.03
C GLN E 302 -35.18 31.31 44.69
N SER E 303 -35.97 30.34 45.18
CA SER E 303 -35.47 29.15 45.97
C SER E 303 -34.45 28.40 45.15
N ASN E 304 -34.88 28.05 43.91
CA ASN E 304 -34.07 27.24 43.02
C ASN E 304 -32.81 27.98 42.51
N THR E 305 -32.88 29.30 42.54
CA THR E 305 -31.72 30.07 42.18
C THR E 305 -30.70 29.98 43.25
N GLN E 306 -31.16 30.16 44.51
CA GLN E 306 -30.28 30.08 45.64
C GLN E 306 -29.61 28.68 45.68
N LYS E 307 -30.44 27.65 45.59
CA LYS E 307 -29.99 26.26 45.37
C LYS E 307 -28.91 26.09 44.34
N ALA E 308 -29.06 26.75 43.25
CA ALA E 308 -28.07 26.75 42.23
C ALA E 308 -26.76 27.40 42.62
N PHE E 309 -26.82 28.60 43.18
CA PHE E 309 -25.60 29.31 43.70
C PHE E 309 -24.87 28.49 44.77
N ASP E 310 -25.65 27.88 45.66
CA ASP E 310 -25.10 26.97 46.68
C ASP E 310 -24.35 25.76 46.05
N LEU E 311 -25.00 25.05 45.11
CA LEU E 311 -24.44 23.86 44.41
C LEU E 311 -23.26 24.16 43.52
N ILE E 312 -23.03 25.41 43.25
CA ILE E 312 -21.87 25.82 42.48
C ILE E 312 -20.61 25.91 43.31
N LYS E 313 -20.70 25.94 44.63
CA LYS E 313 -19.50 25.66 45.52
C LYS E 313 -19.49 24.19 46.04
N MET F 1 -54.63 22.79 0.59
CA MET F 1 -55.18 21.47 0.12
C MET F 1 -54.06 20.38 -0.20
N THR F 2 -52.89 20.80 -0.71
CA THR F 2 -51.72 19.93 -0.99
C THR F 2 -51.29 19.14 0.27
N LYS F 3 -51.12 17.83 0.13
CA LYS F 3 -50.65 16.96 1.23
C LYS F 3 -49.27 16.44 0.98
N ILE F 4 -48.35 16.73 1.89
CA ILE F 4 -46.98 16.27 1.80
C ILE F 4 -46.73 15.22 2.87
N ALA F 5 -46.38 14.01 2.45
CA ALA F 5 -46.16 12.88 3.42
C ALA F 5 -44.71 12.52 3.57
N LEU F 6 -44.24 12.62 4.79
CA LEU F 6 -42.86 12.40 5.09
C LEU F 6 -42.77 11.00 5.71
N ILE F 7 -42.30 10.02 4.92
CA ILE F 7 -42.16 8.64 5.41
C ILE F 7 -40.78 8.46 6.03
N GLY F 8 -40.76 8.61 7.34
CA GLY F 8 -39.57 8.78 8.08
C GLY F 8 -39.59 10.13 8.77
N SER F 9 -39.59 10.12 10.08
CA SER F 9 -39.55 11.34 10.92
C SER F 9 -38.21 11.61 11.68
N GLY F 10 -37.07 11.21 11.11
CA GLY F 10 -35.76 11.56 11.64
C GLY F 10 -35.36 12.99 11.39
N GLN F 11 -34.07 13.24 11.43
CA GLN F 11 -33.54 14.51 11.24
C GLN F 11 -34.04 15.15 9.89
N ILE F 12 -33.82 14.43 8.78
CA ILE F 12 -34.05 14.99 7.42
C ILE F 12 -35.53 15.29 7.19
N GLY F 13 -36.34 14.30 7.52
CA GLY F 13 -37.78 14.41 7.45
C GLY F 13 -38.28 15.63 8.20
N ALA F 14 -37.86 15.80 9.45
CA ALA F 14 -38.38 16.88 10.26
C ALA F 14 -37.98 18.24 9.69
N ILE F 15 -36.74 18.37 9.28
CA ILE F 15 -36.28 19.62 8.72
C ILE F 15 -37.03 19.89 7.37
N VAL F 16 -37.19 18.88 6.49
CA VAL F 16 -37.99 19.00 5.32
C VAL F 16 -39.37 19.50 5.70
N GLY F 17 -39.99 18.90 6.70
CA GLY F 17 -41.28 19.38 7.20
C GLY F 17 -41.21 20.83 7.61
N GLU F 18 -40.10 21.20 8.21
CA GLU F 18 -39.92 22.54 8.67
C GLU F 18 -39.93 23.53 7.43
N LEU F 19 -39.13 23.19 6.42
CA LEU F 19 -38.88 24.07 5.31
C LEU F 19 -40.15 24.11 4.52
N CYS F 20 -40.92 23.00 4.49
CA CYS F 20 -42.21 23.04 3.76
C CYS F 20 -43.17 24.03 4.47
N LEU F 21 -43.14 24.06 5.79
CA LEU F 21 -43.99 24.97 6.56
C LEU F 21 -43.55 26.41 6.35
N LEU F 22 -42.25 26.66 6.32
CA LEU F 22 -41.78 28.00 6.06
C LEU F 22 -42.26 28.62 4.72
N GLU F 23 -42.32 27.83 3.65
CA GLU F 23 -42.86 28.28 2.36
C GLU F 23 -44.32 27.89 2.11
N ASN F 24 -45.05 27.46 3.12
CA ASN F 24 -46.44 27.12 2.94
C ASN F 24 -46.67 26.17 1.74
N LEU F 25 -45.77 25.21 1.50
CA LEU F 25 -45.94 24.26 0.44
C LEU F 25 -47.12 23.31 0.59
N GLY F 26 -47.57 23.02 1.80
CA GLY F 26 -48.69 22.07 1.97
C GLY F 26 -48.92 21.63 3.45
N ASP F 27 -50.03 20.96 3.68
CA ASP F 27 -50.24 20.22 4.89
C ASP F 27 -49.25 19.00 5.05
N LEU F 28 -48.81 18.73 6.28
CA LEU F 28 -47.80 17.67 6.52
C LEU F 28 -48.42 16.49 7.12
N ILE F 29 -47.97 15.34 6.64
CA ILE F 29 -48.20 14.09 7.31
C ILE F 29 -46.85 13.49 7.68
N LEU F 30 -46.58 13.49 8.99
CA LEU F 30 -45.33 12.96 9.54
C LEU F 30 -45.54 11.53 9.98
N TYR F 31 -44.96 10.61 9.23
CA TYR F 31 -45.08 9.21 9.49
C TYR F 31 -43.73 8.66 9.99
N ASP F 32 -43.83 7.77 10.95
CA ASP F 32 -42.67 6.87 11.31
C ASP F 32 -43.22 5.54 11.83
N VAL F 33 -42.37 4.53 11.75
CA VAL F 33 -42.67 3.24 12.37
C VAL F 33 -42.66 3.29 13.95
N VAL F 34 -41.72 4.03 14.54
CA VAL F 34 -41.54 4.11 16.03
C VAL F 34 -42.65 4.95 16.70
N PRO F 35 -43.43 4.37 17.63
CA PRO F 35 -44.57 5.12 18.19
C PRO F 35 -44.15 6.32 19.00
N GLY F 36 -44.98 7.40 18.91
CA GLY F 36 -44.75 8.61 19.61
C GLY F 36 -43.86 9.58 18.89
N ILE F 37 -42.86 9.15 18.12
CA ILE F 37 -41.85 10.06 17.63
C ILE F 37 -42.47 11.16 16.68
N PRO F 38 -43.31 10.76 15.72
CA PRO F 38 -43.93 11.70 14.85
C PRO F 38 -44.88 12.59 15.55
N GLN F 39 -45.53 12.10 16.62
CA GLN F 39 -46.56 12.90 17.26
C GLN F 39 -45.85 14.03 18.01
N GLY F 40 -44.70 13.74 18.50
CA GLY F 40 -43.97 14.73 19.28
C GLY F 40 -43.31 15.79 18.38
N LYS F 41 -42.73 15.34 17.27
CA LYS F 41 -42.15 16.27 16.35
C LYS F 41 -43.28 17.21 15.65
N ALA F 42 -44.45 16.62 15.43
CA ALA F 42 -45.59 17.36 14.99
C ALA F 42 -45.92 18.41 15.99
N LEU F 43 -45.85 18.10 17.29
CA LEU F 43 -46.23 19.12 18.30
C LEU F 43 -45.25 20.27 18.23
N ASP F 44 -43.96 19.94 18.23
CA ASP F 44 -42.93 20.97 18.18
C ASP F 44 -43.11 21.85 16.87
N LEU F 45 -43.32 21.21 15.71
CA LEU F 45 -43.61 21.89 14.43
C LEU F 45 -44.90 22.79 14.42
N LYS F 46 -46.00 22.40 15.07
CA LYS F 46 -47.09 23.21 15.30
C LYS F 46 -46.72 24.50 16.06
N HIS F 47 -45.86 24.38 17.07
CA HIS F 47 -45.52 25.52 17.92
C HIS F 47 -44.58 26.44 17.16
N PHE F 48 -43.77 25.82 16.32
CA PHE F 48 -42.87 26.52 15.47
C PHE F 48 -43.76 27.39 14.46
N SER F 49 -44.76 26.74 13.88
CA SER F 49 -45.73 27.36 12.98
C SER F 49 -46.46 28.51 13.62
N THR F 50 -46.90 28.36 14.84
CA THR F 50 -47.53 29.41 15.53
C THR F 50 -46.66 30.62 15.73
N ILE F 51 -45.39 30.43 15.95
CA ILE F 51 -44.49 31.58 16.25
C ILE F 51 -44.15 32.30 14.97
N LEU F 52 -44.00 31.56 13.88
CA LEU F 52 -43.72 32.16 12.56
C LEU F 52 -44.91 32.52 11.75
N GLY F 53 -46.11 32.37 12.24
CA GLY F 53 -47.28 32.74 11.48
C GLY F 53 -47.60 31.87 10.26
N VAL F 54 -47.21 30.61 10.25
CA VAL F 54 -47.65 29.62 9.27
C VAL F 54 -48.82 28.83 9.82
N ASN F 55 -49.73 28.40 9.01
CA ASN F 55 -51.00 27.88 9.49
C ASN F 55 -51.38 26.52 8.90
N ARG F 56 -50.46 25.89 8.18
CA ARG F 56 -50.76 24.63 7.58
C ARG F 56 -50.98 23.54 8.64
N ASN F 57 -51.72 22.52 8.25
CA ASN F 57 -52.01 21.43 9.10
C ASN F 57 -50.82 20.42 9.23
N ILE F 58 -50.62 19.87 10.42
CA ILE F 58 -49.49 18.96 10.69
C ILE F 58 -49.98 17.76 11.52
N LEU F 59 -49.82 16.55 10.99
CA LEU F 59 -50.34 15.35 11.62
C LEU F 59 -49.23 14.36 11.76
N GLY F 60 -48.93 14.00 13.02
CA GLY F 60 -47.89 12.95 13.35
C GLY F 60 -48.59 11.63 13.55
N THR F 61 -48.13 10.63 12.85
CA THR F 61 -48.87 9.37 12.83
C THR F 61 -47.94 8.14 12.72
N ASN F 62 -48.45 7.05 13.28
CA ASN F 62 -47.82 5.71 13.06
C ASN F 62 -48.63 4.81 12.11
N GLN F 63 -49.79 5.28 11.67
CA GLN F 63 -50.66 4.54 10.77
C GLN F 63 -50.36 4.95 9.34
N ILE F 64 -49.69 4.09 8.59
CA ILE F 64 -49.27 4.43 7.26
C ILE F 64 -50.42 4.69 6.32
N GLU F 65 -51.63 4.21 6.64
CA GLU F 65 -52.79 4.49 5.86
C GLU F 65 -53.14 5.99 5.83
N ASP F 66 -52.65 6.77 6.80
CA ASP F 66 -52.77 8.23 6.78
C ASP F 66 -52.06 8.94 5.61
N ILE F 67 -51.20 8.20 4.91
CA ILE F 67 -50.51 8.67 3.76
C ILE F 67 -51.45 8.83 2.51
N LYS F 68 -52.71 8.39 2.64
CA LYS F 68 -53.69 8.41 1.53
C LYS F 68 -53.84 9.77 0.90
N ASP F 69 -53.86 9.77 -0.41
CA ASP F 69 -54.04 11.03 -1.13
C ASP F 69 -52.95 12.09 -0.88
N ALA F 70 -51.79 11.65 -0.46
CA ALA F 70 -50.66 12.52 -0.47
C ALA F 70 -50.34 12.88 -1.90
N ASP F 71 -50.04 14.15 -2.12
CA ASP F 71 -49.56 14.59 -3.41
C ASP F 71 -48.10 14.33 -3.54
N ILE F 72 -47.39 14.49 -2.43
CA ILE F 72 -45.91 14.32 -2.39
C ILE F 72 -45.56 13.35 -1.30
N ILE F 73 -44.56 12.53 -1.57
CA ILE F 73 -44.01 11.58 -0.63
C ILE F 73 -42.51 11.71 -0.58
N VAL F 74 -41.97 11.95 0.64
CA VAL F 74 -40.50 11.98 0.91
C VAL F 74 -40.13 10.80 1.79
N ILE F 75 -39.26 9.94 1.27
CA ILE F 75 -38.89 8.71 1.97
C ILE F 75 -37.50 8.88 2.52
N THR F 76 -37.42 8.98 3.85
CA THR F 76 -36.14 8.90 4.60
C THR F 76 -36.02 7.67 5.49
N ALA F 77 -37.04 6.84 5.53
CA ALA F 77 -37.08 5.66 6.39
C ALA F 77 -35.84 4.80 6.10
N GLY F 78 -35.17 4.35 7.14
CA GLY F 78 -34.02 3.56 6.94
C GLY F 78 -32.96 3.96 7.90
N VAL F 79 -31.89 3.19 7.88
CA VAL F 79 -30.82 3.33 8.80
C VAL F 79 -29.80 4.18 8.10
N GLN F 80 -29.06 4.96 8.87
CA GLN F 80 -27.96 5.79 8.36
C GLN F 80 -26.62 5.19 8.74
N ARG F 81 -25.63 5.50 7.94
CA ARG F 81 -24.31 4.93 8.13
C ARG F 81 -23.57 5.68 9.18
N LYS F 82 -22.69 4.93 9.88
CA LYS F 82 -21.79 5.47 10.92
C LYS F 82 -20.41 5.63 10.32
N GLU F 83 -19.55 6.23 11.11
CA GLU F 83 -18.15 6.34 10.77
C GLU F 83 -17.51 5.01 10.29
N GLY F 84 -16.69 5.07 9.23
CA GLY F 84 -16.02 3.88 8.71
C GLY F 84 -16.84 3.05 7.75
N MET F 85 -18.18 3.12 7.82
CA MET F 85 -19.07 2.48 6.87
C MET F 85 -19.17 3.26 5.55
N THR F 86 -19.45 2.52 4.45
CA THR F 86 -19.85 3.11 3.19
C THR F 86 -21.39 3.11 3.14
N ARG F 87 -21.94 3.88 2.19
CA ARG F 87 -23.39 3.93 2.01
C ARG F 87 -23.88 2.56 1.59
N GLU F 88 -23.05 1.88 0.80
CA GLU F 88 -23.35 0.54 0.25
C GLU F 88 -23.48 -0.54 1.36
N ASP F 89 -22.83 -0.38 2.53
CA ASP F 89 -23.05 -1.30 3.67
C ASP F 89 -24.50 -1.41 4.18
N LEU F 90 -25.34 -0.43 3.86
CA LEU F 90 -26.74 -0.38 4.30
C LEU F 90 -27.70 -1.14 3.37
N ILE F 91 -27.17 -1.51 2.20
CA ILE F 91 -27.91 -2.22 1.18
C ILE F 91 -28.88 -3.28 1.73
N GLY F 92 -28.42 -4.14 2.62
CA GLY F 92 -29.21 -5.25 3.14
C GLY F 92 -30.40 -4.72 3.90
N VAL F 93 -30.12 -3.97 4.97
CA VAL F 93 -31.17 -3.52 5.88
C VAL F 93 -32.15 -2.49 5.29
N ASN F 94 -31.65 -1.56 4.45
CA ASN F 94 -32.51 -0.53 3.85
C ASN F 94 -33.36 -0.95 2.62
N GLY F 95 -32.83 -1.89 1.79
CA GLY F 95 -33.57 -2.51 0.72
C GLY F 95 -34.90 -3.05 1.20
N LYS F 96 -34.88 -3.75 2.34
CA LYS F 96 -36.05 -4.46 2.88
C LYS F 96 -37.04 -3.42 3.31
N ILE F 97 -36.55 -2.35 3.98
CA ILE F 97 -37.39 -1.22 4.45
C ILE F 97 -37.99 -0.47 3.24
N MET F 98 -37.16 -0.17 2.24
CA MET F 98 -37.67 0.45 1.03
C MET F 98 -38.75 -0.34 0.29
N LYS F 99 -38.59 -1.64 0.17
CA LYS F 99 -39.64 -2.51 -0.38
C LYS F 99 -40.98 -2.41 0.37
N SER F 100 -40.90 -2.48 1.69
CA SER F 100 -42.09 -2.38 2.52
C SER F 100 -42.80 -1.06 2.30
N VAL F 101 -42.01 0.02 2.17
CA VAL F 101 -42.59 1.39 1.96
C VAL F 101 -43.21 1.42 0.57
N ALA F 102 -42.49 0.86 -0.38
CA ALA F 102 -43.02 0.73 -1.74
C ALA F 102 -44.38 0.07 -1.76
N GLU F 103 -44.51 -1.03 -1.04
CA GLU F 103 -45.76 -1.75 -1.01
C GLU F 103 -46.84 -0.97 -0.40
N SER F 104 -46.53 -0.22 0.63
CA SER F 104 -47.53 0.69 1.25
C SER F 104 -47.98 1.85 0.34
N VAL F 105 -47.03 2.47 -0.35
CA VAL F 105 -47.36 3.53 -1.28
C VAL F 105 -48.25 2.96 -2.38
N LYS F 106 -47.89 1.78 -2.88
CA LYS F 106 -48.66 1.07 -3.92
C LYS F 106 -50.16 0.97 -3.59
N LEU F 107 -50.51 0.49 -2.39
CA LEU F 107 -51.93 0.39 -2.06
C LEU F 107 -52.62 1.65 -1.54
N HIS F 108 -51.89 2.63 -1.00
CA HIS F 108 -52.53 3.76 -0.34
C HIS F 108 -52.58 5.09 -1.16
N CYS F 109 -51.55 5.39 -1.95
CA CYS F 109 -51.53 6.60 -2.78
C CYS F 109 -50.68 6.46 -4.00
N SER F 110 -51.27 5.79 -5.00
CA SER F 110 -50.54 5.49 -6.22
C SER F 110 -50.34 6.74 -7.12
N LYS F 111 -51.01 7.87 -6.85
CA LYS F 111 -50.85 9.08 -7.70
C LYS F 111 -49.80 10.10 -7.25
N ALA F 112 -49.10 9.78 -6.18
CA ALA F 112 -48.11 10.69 -5.63
C ALA F 112 -46.85 10.81 -6.48
N PHE F 113 -46.16 11.94 -6.33
CA PHE F 113 -44.76 12.10 -6.74
C PHE F 113 -43.85 11.72 -5.51
N VAL F 114 -42.84 10.91 -5.76
CA VAL F 114 -42.05 10.23 -4.72
C VAL F 114 -40.60 10.61 -4.79
N ILE F 115 -40.09 11.28 -3.73
CA ILE F 115 -38.68 11.62 -3.61
C ILE F 115 -38.06 10.62 -2.56
N CYS F 116 -37.20 9.70 -3.03
CA CYS F 116 -36.49 8.78 -2.19
C CYS F 116 -35.22 9.41 -1.70
N VAL F 117 -34.88 9.21 -0.41
CA VAL F 117 -33.65 9.71 0.20
C VAL F 117 -32.79 8.66 0.92
N SER F 118 -33.36 7.59 1.44
CA SER F 118 -32.58 6.47 2.03
C SER F 118 -31.37 5.98 1.24
N ASN F 119 -30.26 5.69 1.94
CA ASN F 119 -29.01 5.25 1.29
C ASN F 119 -28.89 3.75 1.18
N PRO F 120 -28.00 3.27 0.30
CA PRO F 120 -27.39 4.08 -0.80
C PRO F 120 -28.43 4.54 -1.85
N LEU F 121 -28.42 5.84 -2.12
CA LEU F 121 -29.55 6.52 -2.73
C LEU F 121 -30.01 5.91 -4.07
N ASP F 122 -29.15 5.89 -5.06
CA ASP F 122 -29.54 5.41 -6.38
C ASP F 122 -30.14 4.03 -6.32
N ILE F 123 -29.47 3.17 -5.56
CA ILE F 123 -29.88 1.78 -5.43
C ILE F 123 -31.32 1.72 -4.86
N MET F 124 -31.58 2.46 -3.78
CA MET F 124 -32.87 2.41 -3.10
C MET F 124 -34.04 2.99 -3.93
N VAL F 125 -33.72 3.93 -4.83
CA VAL F 125 -34.68 4.43 -5.83
C VAL F 125 -35.10 3.26 -6.74
N ASN F 126 -34.13 2.50 -7.25
CA ASN F 126 -34.42 1.29 -8.07
C ASN F 126 -35.25 0.22 -7.34
N VAL F 127 -34.99 0.04 -6.07
CA VAL F 127 -35.82 -0.87 -5.25
C VAL F 127 -37.26 -0.31 -5.18
N PHE F 128 -37.42 0.98 -4.86
CA PHE F 128 -38.76 1.56 -4.73
C PHE F 128 -39.55 1.42 -6.03
N HIS F 129 -38.91 1.66 -7.18
CA HIS F 129 -39.62 1.50 -8.46
C HIS F 129 -40.11 0.07 -8.70
N LYS F 130 -39.22 -0.89 -8.48
CA LYS F 130 -39.58 -2.28 -8.60
C LYS F 130 -40.85 -2.69 -7.87
N PHE F 131 -41.00 -2.30 -6.61
CA PHE F 131 -42.11 -2.83 -5.77
C PHE F 131 -43.29 -1.88 -5.59
N SER F 132 -43.18 -0.69 -6.17
CA SER F 132 -44.20 0.36 -5.98
C SER F 132 -45.25 0.39 -7.04
N ASN F 133 -44.88 -0.01 -8.27
CA ASN F 133 -45.83 -0.01 -9.35
C ASN F 133 -46.35 1.43 -9.66
N LEU F 134 -45.46 2.40 -9.57
CA LEU F 134 -45.72 3.71 -10.01
C LEU F 134 -44.94 3.97 -11.30
N PRO F 135 -45.44 4.93 -12.05
CA PRO F 135 -44.72 5.27 -13.27
C PRO F 135 -43.34 5.74 -12.94
N HIS F 136 -42.37 5.48 -13.78
CA HIS F 136 -41.00 5.89 -13.52
C HIS F 136 -40.75 7.39 -13.42
N GLU F 137 -41.49 8.23 -14.15
CA GLU F 137 -41.36 9.70 -14.03
C GLU F 137 -41.83 10.21 -12.68
N LYS F 138 -42.74 9.50 -12.03
CA LYS F 138 -43.25 9.87 -10.71
C LYS F 138 -42.31 9.42 -9.50
N ILE F 139 -41.11 8.92 -9.76
CA ILE F 139 -40.21 8.52 -8.78
C ILE F 139 -38.87 9.16 -9.10
N CYS F 140 -38.15 9.59 -8.07
CA CYS F 140 -36.79 10.06 -8.22
C CYS F 140 -36.11 9.99 -6.87
N GLY F 141 -34.82 10.26 -6.86
CA GLY F 141 -34.09 10.43 -5.61
C GLY F 141 -33.27 11.70 -5.59
N MET F 142 -33.15 12.31 -4.43
CA MET F 142 -32.33 13.51 -4.32
C MET F 142 -30.94 13.11 -3.96
N ALA F 143 -30.00 13.63 -4.74
CA ALA F 143 -28.61 13.52 -4.43
C ALA F 143 -27.81 14.56 -5.13
N GLY F 144 -27.87 14.57 -6.44
CA GLY F 144 -27.13 15.54 -7.22
C GLY F 144 -27.21 17.00 -6.76
N ILE F 145 -28.36 17.42 -6.24
CA ILE F 145 -28.43 18.78 -5.80
C ILE F 145 -27.50 18.97 -4.60
N LEU F 146 -27.41 17.96 -3.75
CA LEU F 146 -26.54 18.03 -2.53
C LEU F 146 -25.10 18.00 -2.93
N ASP F 147 -24.73 17.10 -3.85
CA ASP F 147 -23.36 16.98 -4.26
C ASP F 147 -22.91 18.23 -5.00
N THR F 148 -23.79 18.74 -5.84
CA THR F 148 -23.57 19.98 -6.55
C THR F 148 -23.39 21.15 -5.58
N SER F 149 -24.25 21.24 -4.58
CA SER F 149 -24.10 22.33 -3.61
C SER F 149 -22.75 22.32 -2.91
N ARG F 150 -22.22 21.11 -2.65
CA ARG F 150 -20.91 20.96 -2.03
C ARG F 150 -19.80 21.39 -2.96
N TYR F 151 -19.80 20.83 -4.15
CA TYR F 151 -18.83 21.20 -5.19
C TYR F 151 -18.87 22.73 -5.50
N CYS F 152 -20.06 23.29 -5.71
CA CYS F 152 -20.18 24.72 -6.04
C CYS F 152 -19.75 25.58 -4.88
N SER F 153 -20.11 25.16 -3.68
CA SER F 153 -19.66 25.83 -2.47
C SER F 153 -18.12 25.93 -2.38
N LEU F 154 -17.45 24.86 -2.69
CA LEU F 154 -15.97 24.84 -2.64
C LEU F 154 -15.35 25.65 -3.74
N ILE F 155 -15.93 25.56 -4.95
CA ILE F 155 -15.49 26.39 -6.11
C ILE F 155 -15.64 27.86 -5.76
N ALA F 156 -16.78 28.22 -5.22
CA ALA F 156 -17.04 29.61 -4.82
C ALA F 156 -16.02 30.14 -3.82
N ASP F 157 -15.71 29.34 -2.81
CA ASP F 157 -14.67 29.70 -1.77
C ASP F 157 -13.31 29.95 -2.41
N LYS F 158 -12.87 29.07 -3.31
CA LYS F 158 -11.55 29.24 -3.94
C LYS F 158 -11.48 30.45 -4.85
N LEU F 159 -12.60 30.81 -5.49
CA LEU F 159 -12.64 31.92 -6.44
C LEU F 159 -12.96 33.23 -5.78
N LYS F 160 -13.20 33.20 -4.48
CA LYS F 160 -13.62 34.37 -3.71
C LYS F 160 -14.88 35.00 -4.32
N VAL F 161 -15.88 34.17 -4.62
CA VAL F 161 -17.16 34.67 -5.14
C VAL F 161 -18.30 34.08 -4.35
N SER F 162 -19.45 34.72 -4.50
CA SER F 162 -20.68 34.22 -3.99
C SER F 162 -20.99 32.86 -4.59
N ALA F 163 -21.41 31.95 -3.73
CA ALA F 163 -21.89 30.64 -4.17
C ALA F 163 -23.21 30.80 -4.84
N GLU F 164 -23.92 31.91 -4.60
CA GLU F 164 -25.30 32.07 -5.11
C GLU F 164 -25.50 31.72 -6.57
N ASP F 165 -24.57 32.09 -7.46
CA ASP F 165 -24.81 31.78 -8.88
C ASP F 165 -23.72 30.94 -9.50
N VAL F 166 -23.08 30.12 -8.65
CA VAL F 166 -22.19 29.06 -9.13
C VAL F 166 -23.04 27.82 -9.36
N ASN F 167 -23.12 27.40 -10.65
CA ASN F 167 -23.92 26.25 -11.06
C ASN F 167 -23.09 25.18 -11.69
N ALA F 168 -23.55 23.95 -11.54
CA ALA F 168 -22.76 22.79 -12.02
C ALA F 168 -23.59 21.56 -12.20
N VAL F 169 -23.08 20.68 -13.03
CA VAL F 169 -23.71 19.40 -13.29
C VAL F 169 -22.82 18.30 -12.75
N ILE F 170 -23.41 17.46 -11.92
CA ILE F 170 -22.70 16.26 -11.44
C ILE F 170 -23.57 15.08 -11.80
N LEU F 171 -22.96 14.20 -12.57
CA LEU F 171 -23.61 13.00 -13.03
C LEU F 171 -23.19 11.84 -12.18
N GLY F 172 -24.05 10.84 -12.15
CA GLY F 172 -23.72 9.55 -11.60
C GLY F 172 -24.22 9.31 -10.21
N GLY F 173 -23.91 8.13 -9.73
CA GLY F 173 -24.35 7.68 -8.44
C GLY F 173 -23.85 8.57 -7.31
N HIS F 174 -24.63 8.60 -6.24
CA HIS F 174 -24.28 9.35 -5.06
C HIS F 174 -23.25 8.57 -4.25
N GLY F 175 -21.99 8.75 -4.63
CA GLY F 175 -20.96 7.93 -4.07
C GLY F 175 -19.66 8.35 -4.67
N ASP F 176 -18.64 7.50 -4.42
CA ASP F 176 -17.25 7.73 -4.87
C ASP F 176 -17.07 7.86 -6.38
N LEU F 177 -18.03 7.38 -7.16
CA LEU F 177 -17.97 7.46 -8.62
C LEU F 177 -18.78 8.65 -9.26
N MET F 178 -19.10 9.68 -8.49
CA MET F 178 -19.63 10.94 -9.04
C MET F 178 -18.74 11.45 -10.15
N VAL F 179 -19.35 12.13 -11.10
CA VAL F 179 -18.65 12.75 -12.20
C VAL F 179 -19.05 14.21 -12.27
N PRO F 180 -18.34 15.07 -11.52
CA PRO F 180 -18.53 16.52 -11.72
C PRO F 180 -17.99 16.98 -13.06
N LEU F 181 -18.77 17.80 -13.76
CA LEU F 181 -18.37 18.25 -15.10
C LEU F 181 -17.90 19.70 -15.03
N GLN F 182 -16.59 19.86 -15.16
CA GLN F 182 -15.97 21.16 -15.31
C GLN F 182 -16.57 21.97 -16.44
N ARG F 183 -16.77 21.34 -17.59
CA ARG F 183 -17.34 21.99 -18.76
C ARG F 183 -18.69 22.60 -18.45
N TYR F 184 -19.45 21.91 -17.58
CA TYR F 184 -20.80 22.33 -17.18
C TYR F 184 -20.79 22.93 -15.78
N THR F 185 -19.73 23.67 -15.48
CA THR F 185 -19.67 24.50 -14.28
C THR F 185 -19.61 25.98 -14.72
N SER F 186 -20.48 26.83 -14.19
CA SER F 186 -20.41 28.27 -14.49
C SER F 186 -20.58 29.15 -13.25
N VAL F 187 -20.04 30.37 -13.33
CA VAL F 187 -20.15 31.41 -12.27
C VAL F 187 -20.90 32.59 -12.88
N ASN F 188 -22.15 32.72 -12.46
CA ASN F 188 -23.11 33.61 -13.07
C ASN F 188 -23.01 33.66 -14.59
N GLY F 189 -22.91 32.49 -15.20
CA GLY F 189 -22.87 32.38 -16.64
C GLY F 189 -21.50 32.12 -17.22
N VAL F 190 -20.47 32.58 -16.53
CA VAL F 190 -19.10 32.48 -17.04
C VAL F 190 -18.55 31.07 -16.78
N PRO F 191 -18.17 30.31 -17.83
CA PRO F 191 -17.62 28.96 -17.62
C PRO F 191 -16.41 28.94 -16.69
N LEU F 192 -16.28 27.85 -15.93
CA LEU F 192 -15.12 27.63 -15.04
C LEU F 192 -13.77 27.73 -15.75
N SER F 193 -13.72 27.30 -17.01
CA SER F 193 -12.51 27.35 -17.83
C SER F 193 -11.93 28.77 -18.00
N GLU F 194 -12.79 29.79 -17.89
CA GLU F 194 -12.35 31.21 -17.96
C GLU F 194 -11.55 31.62 -16.74
N PHE F 195 -11.95 31.08 -15.60
CA PHE F 195 -11.21 31.30 -14.37
C PHE F 195 -9.85 30.55 -14.31
N VAL F 196 -9.71 29.39 -15.00
CA VAL F 196 -8.41 28.69 -15.10
C VAL F 196 -7.46 29.50 -16.01
N LYS F 197 -7.97 29.99 -17.14
CA LYS F 197 -7.21 30.85 -18.05
C LYS F 197 -6.76 32.15 -17.42
N LYS F 198 -7.61 32.71 -16.57
CA LYS F 198 -7.28 33.91 -15.82
C LYS F 198 -6.39 33.60 -14.58
N ASN F 199 -5.98 32.34 -14.40
CA ASN F 199 -5.14 31.88 -13.27
C ASN F 199 -5.73 32.12 -11.89
N MET F 200 -7.06 32.25 -11.80
CA MET F 200 -7.73 32.38 -10.51
C MET F 200 -7.95 31.03 -9.82
N ILE F 201 -7.79 29.92 -10.56
CA ILE F 201 -7.90 28.57 -10.03
C ILE F 201 -7.16 27.63 -10.95
N SER F 202 -6.59 26.57 -10.40
CA SER F 202 -5.77 25.62 -11.19
C SER F 202 -6.46 24.27 -11.32
N GLN F 203 -6.04 23.51 -12.32
CA GLN F 203 -6.59 22.19 -12.56
C GLN F 203 -6.43 21.25 -11.35
N ASN F 204 -5.30 21.40 -10.65
CA ASN F 204 -5.03 20.64 -9.41
C ASN F 204 -5.98 21.03 -8.26
N GLU F 205 -6.17 22.34 -8.06
CA GLU F 205 -7.13 22.85 -7.07
C GLU F 205 -8.57 22.27 -7.33
N ILE F 206 -8.95 22.18 -8.60
CA ILE F 206 -10.25 21.61 -9.02
C ILE F 206 -10.35 20.12 -8.69
N GLN F 207 -9.29 19.36 -8.96
CA GLN F 207 -9.27 17.93 -8.64
C GLN F 207 -9.36 17.68 -7.11
N GLU F 208 -8.65 18.52 -6.35
CA GLU F 208 -8.74 18.58 -4.90
C GLU F 208 -10.23 18.78 -4.49
N ILE F 209 -10.87 19.80 -5.08
CA ILE F 209 -12.28 20.13 -4.81
C ILE F 209 -13.23 18.96 -5.14
N ILE F 210 -12.99 18.33 -6.28
CA ILE F 210 -13.75 17.12 -6.66
C ILE F 210 -13.58 16.00 -5.61
N GLN F 211 -12.36 15.80 -5.12
CA GLN F 211 -12.14 14.81 -4.05
C GLN F 211 -12.88 15.14 -2.75
N LYS F 212 -12.80 16.40 -2.32
CA LYS F 212 -13.55 16.81 -1.12
C LYS F 212 -15.07 16.66 -1.30
N THR F 213 -15.55 16.90 -2.51
CA THR F 213 -16.97 16.71 -2.83
C THR F 213 -17.38 15.26 -2.66
N ARG F 214 -16.55 14.34 -3.16
CA ARG F 214 -16.79 12.89 -3.05
C ARG F 214 -16.84 12.42 -1.62
N ASN F 215 -15.86 12.83 -0.81
CA ASN F 215 -15.77 12.40 0.59
C ASN F 215 -16.58 13.20 1.60
N MET F 216 -17.32 14.22 1.13
CA MET F 216 -17.94 15.17 2.02
C MET F 216 -18.91 14.50 2.98
N GLY F 217 -19.73 13.62 2.44
CA GLY F 217 -20.71 12.90 3.25
C GLY F 217 -20.04 12.20 4.45
N ALA F 218 -18.92 11.54 4.21
CA ALA F 218 -18.17 10.85 5.24
C ALA F 218 -17.50 11.86 6.20
N GLU F 219 -16.95 12.94 5.66
CA GLU F 219 -16.28 13.95 6.46
C GLU F 219 -17.20 14.56 7.51
N ILE F 220 -18.43 14.82 7.11
CA ILE F 220 -19.42 15.40 8.06
C ILE F 220 -19.73 14.35 9.12
N ILE F 221 -19.91 13.09 8.71
CA ILE F 221 -20.15 12.01 9.69
C ILE F 221 -19.01 11.96 10.76
N LYS F 222 -17.76 12.03 10.28
CA LYS F 222 -16.59 12.02 11.11
C LYS F 222 -16.60 13.21 12.07
N LEU F 223 -16.84 14.41 11.56
CA LEU F 223 -16.81 15.61 12.40
C LEU F 223 -18.04 15.69 13.31
N ALA F 224 -19.22 15.68 12.73
CA ALA F 224 -20.43 15.93 13.51
C ALA F 224 -20.92 14.71 14.28
N LYS F 225 -20.33 13.53 14.01
CA LYS F 225 -20.84 12.26 14.56
C LYS F 225 -22.29 11.88 14.14
N ALA F 226 -22.85 12.57 13.13
CA ALA F 226 -24.15 12.27 12.56
C ALA F 226 -24.06 12.65 11.11
N SER F 227 -24.94 12.11 10.30
CA SER F 227 -24.89 12.46 8.92
C SER F 227 -25.60 13.84 8.65
N ALA F 228 -25.24 14.43 7.51
CA ALA F 228 -25.76 15.73 7.06
C ALA F 228 -27.28 15.70 7.01
N ALA F 229 -27.89 16.74 7.51
CA ALA F 229 -29.35 16.82 7.59
C ALA F 229 -29.93 18.12 6.90
N PHE F 230 -29.27 19.29 7.09
CA PHE F 230 -29.89 20.55 6.66
C PHE F 230 -29.83 20.66 5.15
N ALA F 231 -28.65 20.43 4.59
CA ALA F 231 -28.49 20.52 3.16
C ALA F 231 -29.35 19.47 2.43
N PRO F 232 -29.36 18.23 2.89
CA PRO F 232 -30.30 17.28 2.26
C PRO F 232 -31.76 17.78 2.26
N ALA F 233 -32.20 18.38 3.35
CA ALA F 233 -33.57 18.78 3.44
C ALA F 233 -33.89 19.94 2.47
N ALA F 234 -32.93 20.81 2.27
CA ALA F 234 -33.09 21.98 1.44
C ALA F 234 -33.19 21.49 -0.03
N ALA F 235 -32.29 20.61 -0.42
CA ALA F 235 -32.37 19.95 -1.72
C ALA F 235 -33.68 19.30 -1.96
N ILE F 236 -34.17 18.51 -1.00
CA ILE F 236 -35.47 17.85 -1.14
C ILE F 236 -36.59 18.90 -1.44
N THR F 237 -36.66 19.93 -0.60
CA THR F 237 -37.62 20.99 -0.70
C THR F 237 -37.59 21.65 -2.05
N LYS F 238 -36.41 21.84 -2.62
CA LYS F 238 -36.27 22.45 -3.87
C LYS F 238 -36.95 21.54 -4.93
N MET F 239 -36.79 20.22 -4.85
CA MET F 239 -37.43 19.31 -5.78
C MET F 239 -38.94 19.27 -5.57
N ILE F 240 -39.40 19.44 -4.35
CA ILE F 240 -40.85 19.44 -4.05
C ILE F 240 -41.48 20.68 -4.75
N LYS F 241 -40.77 21.81 -4.65
CA LYS F 241 -41.20 23.11 -5.10
C LYS F 241 -41.29 23.06 -6.65
N SER F 242 -40.28 22.46 -7.26
CA SER F 242 -40.28 22.33 -8.70
C SER F 242 -41.44 21.45 -9.24
N TYR F 243 -41.88 20.47 -8.42
CA TYR F 243 -43.05 19.63 -8.80
C TYR F 243 -44.37 20.37 -8.56
N LEU F 244 -44.57 20.90 -7.34
CA LEU F 244 -45.80 21.59 -7.00
C LEU F 244 -46.15 22.83 -7.85
N TYR F 245 -45.11 23.58 -8.18
CA TYR F 245 -45.23 24.82 -8.85
C TYR F 245 -44.91 24.69 -10.32
N ASN F 246 -44.77 23.47 -10.82
CA ASN F 246 -44.57 23.23 -12.25
C ASN F 246 -43.42 24.04 -12.84
N GLU F 247 -42.30 24.11 -12.14
CA GLU F 247 -41.26 25.08 -12.46
C GLU F 247 -40.41 24.62 -13.59
N ASN F 248 -40.35 23.33 -13.81
CA ASN F 248 -39.52 22.79 -14.87
C ASN F 248 -38.00 23.11 -14.74
N ASN F 249 -37.53 23.12 -13.50
CA ASN F 249 -36.13 23.39 -13.20
C ASN F 249 -35.23 22.23 -13.61
N LEU F 250 -34.00 22.53 -13.97
CA LEU F 250 -33.06 21.57 -14.47
C LEU F 250 -32.06 21.26 -13.39
N PHE F 251 -32.18 20.10 -12.77
CA PHE F 251 -31.31 19.61 -11.68
C PHE F 251 -30.50 18.40 -12.07
N THR F 252 -29.66 17.93 -11.17
CA THR F 252 -29.22 16.52 -11.21
C THR F 252 -29.90 15.75 -10.06
N CYS F 253 -30.52 14.64 -10.40
CA CYS F 253 -31.15 13.78 -9.42
C CYS F 253 -31.24 12.33 -9.99
N ALA F 254 -31.52 11.37 -9.12
CA ALA F 254 -31.63 10.01 -9.52
C ALA F 254 -32.95 9.94 -10.31
N VAL F 255 -32.84 9.58 -11.59
CA VAL F 255 -33.99 9.54 -12.49
C VAL F 255 -33.92 8.29 -13.41
N TYR F 256 -35.06 7.87 -13.90
CA TYR F 256 -35.14 6.74 -14.83
C TYR F 256 -34.49 7.07 -16.13
N LEU F 257 -33.38 6.44 -16.44
CA LEU F 257 -32.78 6.55 -17.77
C LEU F 257 -33.35 5.50 -18.73
N ASN F 258 -33.46 5.93 -19.99
CA ASN F 258 -34.16 5.20 -21.04
C ASN F 258 -33.63 5.46 -22.43
N GLY F 259 -32.39 5.04 -22.64
CA GLY F 259 -31.63 5.37 -23.83
C GLY F 259 -30.79 6.62 -23.73
N HIS F 260 -30.85 7.30 -22.59
CA HIS F 260 -30.03 8.48 -22.34
C HIS F 260 -28.67 8.04 -21.79
N TYR F 261 -27.62 8.64 -22.31
CA TYR F 261 -26.27 8.43 -21.89
C TYR F 261 -25.89 6.98 -21.96
N ASN F 262 -26.31 6.33 -23.05
CA ASN F 262 -26.09 4.90 -23.32
C ASN F 262 -26.57 3.98 -22.19
N CYS F 263 -27.62 4.38 -21.48
CA CYS F 263 -28.11 3.61 -20.36
C CYS F 263 -29.61 3.49 -20.44
N SER F 264 -30.13 2.34 -20.06
CA SER F 264 -31.56 2.11 -20.10
C SER F 264 -31.96 1.25 -18.95
N ASN F 265 -33.19 1.40 -18.50
CA ASN F 265 -33.76 0.62 -17.40
C ASN F 265 -33.06 0.68 -16.05
N LEU F 266 -32.70 1.89 -15.63
CA LEU F 266 -32.02 2.11 -14.36
C LEU F 266 -32.22 3.55 -13.87
N PHE F 267 -32.50 3.70 -12.57
CA PHE F 267 -32.51 5.01 -11.91
C PHE F 267 -31.09 5.28 -11.50
N VAL F 268 -30.57 6.42 -11.94
CA VAL F 268 -29.23 6.84 -11.59
C VAL F 268 -29.11 8.34 -11.74
N GLY F 269 -28.21 8.94 -10.96
CA GLY F 269 -28.00 10.36 -10.95
C GLY F 269 -27.73 10.93 -12.33
N SER F 270 -28.57 11.88 -12.78
CA SER F 270 -28.48 12.43 -14.12
C SER F 270 -29.15 13.79 -14.21
N THR F 271 -28.92 14.49 -15.33
CA THR F 271 -29.57 15.75 -15.61
C THR F 271 -31.02 15.53 -15.89
N ALA F 272 -31.88 16.24 -15.20
CA ALA F 272 -33.33 16.08 -15.37
C ALA F 272 -34.11 17.36 -15.09
N LYS F 273 -35.32 17.46 -15.67
CA LYS F 273 -36.23 18.54 -15.38
C LYS F 273 -37.34 18.00 -14.50
N ILE F 274 -37.80 18.81 -13.54
CA ILE F 274 -38.93 18.42 -12.69
C ILE F 274 -40.08 19.43 -12.89
N ASN F 275 -41.27 18.92 -13.13
CA ASN F 275 -42.46 19.67 -13.28
C ASN F 275 -43.67 18.89 -12.78
N ASN F 276 -44.86 19.44 -12.94
CA ASN F 276 -46.16 18.83 -12.72
C ASN F 276 -46.34 17.38 -12.96
N LYS F 277 -45.68 16.91 -13.98
CA LYS F 277 -45.79 15.52 -14.44
C LYS F 277 -44.66 14.58 -13.90
N GLY F 278 -43.66 15.11 -13.21
CA GLY F 278 -42.62 14.32 -12.60
C GLY F 278 -41.23 14.72 -13.01
N ALA F 279 -40.33 13.76 -12.91
CA ALA F 279 -38.89 13.92 -13.24
C ALA F 279 -38.58 13.31 -14.60
N HIS F 280 -37.99 14.10 -15.49
CA HIS F 280 -37.79 13.72 -16.91
C HIS F 280 -36.32 13.90 -17.24
N PRO F 281 -35.65 12.83 -17.63
CA PRO F 281 -34.24 12.99 -17.96
C PRO F 281 -34.01 13.86 -19.19
N VAL F 282 -32.85 14.49 -19.28
CA VAL F 282 -32.43 15.26 -20.45
C VAL F 282 -30.99 14.86 -20.76
N GLU F 283 -30.72 14.54 -22.03
CA GLU F 283 -29.36 14.12 -22.41
C GLU F 283 -28.61 15.31 -22.99
N PHE F 284 -27.43 15.60 -22.49
CA PHE F 284 -26.54 16.60 -23.06
C PHE F 284 -25.33 15.94 -23.70
N PRO F 285 -24.71 16.61 -24.69
CA PRO F 285 -23.62 15.97 -25.42
C PRO F 285 -22.32 15.89 -24.60
N LEU F 286 -22.00 14.71 -24.11
CA LEU F 286 -20.75 14.48 -23.41
C LEU F 286 -19.58 14.18 -24.35
N THR F 287 -18.37 14.50 -23.91
CA THR F 287 -17.16 13.98 -24.59
C THR F 287 -17.03 12.46 -24.33
N LYS F 288 -16.16 11.79 -25.09
CA LYS F 288 -15.88 10.35 -24.90
C LYS F 288 -15.43 10.07 -23.47
N GLU F 289 -14.52 10.90 -22.99
CA GLU F 289 -13.92 10.70 -21.65
C GLU F 289 -14.91 10.91 -20.51
N GLU F 290 -15.76 11.93 -20.66
CA GLU F 290 -16.84 12.21 -19.72
C GLU F 290 -17.81 11.03 -19.67
N GLN F 291 -18.24 10.55 -20.84
CA GLN F 291 -19.22 9.46 -20.94
C GLN F 291 -18.67 8.18 -20.38
N ASP F 292 -17.39 7.97 -20.61
CA ASP F 292 -16.70 6.80 -20.07
C ASP F 292 -16.77 6.80 -18.56
N LEU F 293 -16.42 7.93 -17.94
CA LEU F 293 -16.51 8.07 -16.48
C LEU F 293 -17.95 7.84 -15.98
N TYR F 294 -18.91 8.41 -16.71
CA TYR F 294 -20.30 8.28 -16.36
C TYR F 294 -20.75 6.83 -16.46
N THR F 295 -20.42 6.16 -17.58
CA THR F 295 -20.74 4.72 -17.74
C THR F 295 -20.15 3.84 -16.59
N GLU F 296 -18.93 4.14 -16.20
CA GLU F 296 -18.30 3.43 -15.09
C GLU F 296 -19.14 3.58 -13.80
N SER F 297 -19.63 4.81 -13.52
CA SER F 297 -20.49 5.05 -12.35
C SER F 297 -21.80 4.28 -12.45
N ILE F 298 -22.35 4.31 -13.65
CA ILE F 298 -23.59 3.59 -13.96
C ILE F 298 -23.41 2.09 -13.71
N ALA F 299 -22.24 1.56 -14.07
CA ALA F 299 -21.97 0.14 -13.86
C ALA F 299 -22.08 -0.25 -12.38
N SER F 300 -21.43 0.51 -11.46
CA SER F 300 -21.57 0.23 -9.99
C SER F 300 -22.98 0.25 -9.50
N VAL F 301 -23.74 1.22 -9.98
CA VAL F 301 -25.14 1.31 -9.62
C VAL F 301 -25.88 0.08 -10.12
N GLN F 302 -25.64 -0.28 -11.38
CA GLN F 302 -26.18 -1.55 -11.92
C GLN F 302 -25.92 -2.77 -10.97
N SER F 303 -24.63 -3.00 -10.68
CA SER F 303 -24.17 -4.15 -9.86
C SER F 303 -24.87 -4.16 -8.52
N ASN F 304 -24.75 -3.04 -7.83
CA ASN F 304 -25.26 -2.90 -6.49
C ASN F 304 -26.80 -2.94 -6.43
N THR F 305 -27.46 -2.52 -7.51
CA THR F 305 -28.90 -2.65 -7.61
C THR F 305 -29.30 -4.10 -7.72
N GLN F 306 -28.58 -4.86 -8.56
CA GLN F 306 -28.78 -6.35 -8.61
C GLN F 306 -28.58 -6.97 -7.21
N LYS F 307 -27.44 -6.65 -6.60
CA LYS F 307 -27.13 -7.11 -5.25
C LYS F 307 -28.29 -6.84 -4.31
N ALA F 308 -28.87 -5.63 -4.38
CA ALA F 308 -29.96 -5.29 -3.53
C ALA F 308 -31.18 -6.14 -3.75
N PHE F 309 -31.55 -6.35 -5.02
CA PHE F 309 -32.67 -7.29 -5.37
C PHE F 309 -32.42 -8.72 -4.87
N ASP F 310 -31.19 -9.20 -5.05
CA ASP F 310 -30.79 -10.57 -4.57
C ASP F 310 -30.95 -10.68 -3.04
N LEU F 311 -30.38 -9.73 -2.32
CA LEU F 311 -30.38 -9.72 -0.87
C LEU F 311 -31.80 -9.47 -0.24
N ILE F 312 -32.75 -9.02 -1.05
CA ILE F 312 -34.14 -8.92 -0.60
C ILE F 312 -34.86 -10.27 -0.49
N LYS F 313 -34.34 -11.35 -1.07
CA LYS F 313 -34.84 -12.70 -0.76
C LYS F 313 -33.86 -13.36 0.25
N MET G 1 -50.41 25.64 -10.47
CA MET G 1 -51.78 25.42 -11.10
C MET G 1 -52.84 26.52 -10.76
N THR G 2 -52.79 27.09 -9.53
CA THR G 2 -53.65 28.19 -9.07
C THR G 2 -53.61 29.43 -9.97
N LYS G 3 -54.77 29.92 -10.34
CA LYS G 3 -54.87 31.12 -11.31
C LYS G 3 -55.47 32.32 -10.62
N ILE G 4 -54.70 33.38 -10.54
CA ILE G 4 -55.14 34.57 -9.87
C ILE G 4 -55.41 35.69 -10.96
N ALA G 5 -56.65 36.16 -11.03
CA ALA G 5 -57.07 37.18 -12.06
C ALA G 5 -57.32 38.54 -11.49
N LEU G 6 -56.54 39.50 -11.97
CA LEU G 6 -56.55 40.86 -11.49
C LEU G 6 -57.35 41.70 -12.51
N ILE G 7 -58.61 41.98 -12.17
CA ILE G 7 -59.47 42.70 -13.02
C ILE G 7 -59.27 44.20 -12.69
N GLY G 8 -58.40 44.84 -13.50
CA GLY G 8 -57.85 46.13 -13.24
C GLY G 8 -56.37 46.02 -13.09
N SER G 9 -55.58 46.68 -13.92
CA SER G 9 -54.13 46.68 -13.92
C SER G 9 -53.52 48.01 -13.63
N GLY G 10 -54.21 48.77 -12.80
CA GLY G 10 -53.59 49.98 -12.19
C GLY G 10 -52.60 49.68 -11.05
N GLN G 11 -52.35 50.69 -10.23
CA GLN G 11 -51.38 50.64 -9.20
C GLN G 11 -51.60 49.42 -8.21
N ILE G 12 -52.80 49.34 -7.65
CA ILE G 12 -53.16 48.36 -6.78
C ILE G 12 -53.01 46.95 -7.39
N GLY G 13 -53.65 46.72 -8.51
CA GLY G 13 -53.58 45.43 -9.19
C GLY G 13 -52.15 44.97 -9.48
N ALA G 14 -51.30 45.85 -9.95
CA ALA G 14 -49.94 45.48 -10.29
C ALA G 14 -49.17 45.06 -8.99
N ILE G 15 -49.33 45.82 -7.89
CA ILE G 15 -48.60 45.55 -6.73
C ILE G 15 -49.11 44.20 -6.07
N VAL G 16 -50.43 44.00 -6.03
CA VAL G 16 -51.02 42.70 -5.72
C VAL G 16 -50.34 41.61 -6.55
N GLY G 17 -50.22 41.84 -7.83
CA GLY G 17 -49.57 40.84 -8.70
C GLY G 17 -48.13 40.64 -8.28
N GLU G 18 -47.48 41.73 -7.91
CA GLU G 18 -46.11 41.66 -7.45
C GLU G 18 -45.98 40.81 -6.14
N LEU G 19 -46.84 41.10 -5.17
CA LEU G 19 -46.86 40.41 -3.91
C LEU G 19 -47.22 38.95 -4.11
N CYS G 20 -48.12 38.66 -5.07
CA CYS G 20 -48.47 37.23 -5.31
C CYS G 20 -47.28 36.48 -5.85
N LEU G 21 -46.53 37.14 -6.69
CA LEU G 21 -45.37 36.50 -7.26
C LEU G 21 -44.34 36.23 -6.14
N LEU G 22 -44.15 37.20 -5.24
CA LEU G 22 -43.13 37.08 -4.18
C LEU G 22 -43.35 35.88 -3.23
N GLU G 23 -44.61 35.57 -2.96
CA GLU G 23 -45.00 34.36 -2.29
C GLU G 23 -45.41 33.14 -3.12
N ASN G 24 -45.12 33.14 -4.40
CA ASN G 24 -45.51 32.00 -5.24
C ASN G 24 -47.00 31.61 -5.11
N LEU G 25 -47.93 32.58 -5.00
CA LEU G 25 -49.32 32.18 -4.73
C LEU G 25 -49.93 31.50 -5.87
N GLY G 26 -49.47 31.82 -7.07
CA GLY G 26 -50.25 31.42 -8.31
C GLY G 26 -49.84 32.11 -9.59
N ASP G 27 -50.26 31.53 -10.69
CA ASP G 27 -50.16 32.20 -12.06
C ASP G 27 -51.03 33.45 -12.11
N LEU G 28 -50.50 34.49 -12.70
CA LEU G 28 -51.26 35.76 -12.81
C LEU G 28 -51.93 35.90 -14.18
N ILE G 29 -53.14 36.39 -14.12
CA ILE G 29 -53.79 36.99 -15.29
C ILE G 29 -54.07 38.45 -14.96
N LEU G 30 -53.30 39.30 -15.61
CA LEU G 30 -53.49 40.74 -15.60
C LEU G 30 -54.42 41.18 -16.67
N TYR G 31 -55.60 41.59 -16.25
CA TYR G 31 -56.64 42.16 -17.19
C TYR G 31 -56.84 43.68 -16.97
N ASP G 32 -57.02 44.38 -18.08
CA ASP G 32 -57.53 45.75 -18.07
C ASP G 32 -58.31 46.02 -19.40
N VAL G 33 -59.17 47.01 -19.33
CA VAL G 33 -59.94 47.48 -20.51
C VAL G 33 -59.04 48.29 -21.54
N VAL G 34 -58.10 49.10 -21.03
CA VAL G 34 -57.12 49.87 -21.84
C VAL G 34 -56.07 49.00 -22.56
N PRO G 35 -56.03 49.01 -23.90
CA PRO G 35 -55.06 48.11 -24.60
C PRO G 35 -53.62 48.45 -24.32
N GLY G 36 -52.79 47.40 -24.34
CA GLY G 36 -51.36 47.53 -24.07
C GLY G 36 -50.92 47.58 -22.60
N ILE G 37 -51.72 48.18 -21.71
CA ILE G 37 -51.27 48.41 -20.32
C ILE G 37 -50.92 47.10 -19.58
N PRO G 38 -51.83 46.12 -19.58
CA PRO G 38 -51.55 44.89 -18.94
C PRO G 38 -50.37 44.13 -19.54
N GLN G 39 -50.20 44.26 -20.84
CA GLN G 39 -49.12 43.47 -21.50
C GLN G 39 -47.78 44.00 -21.06
N GLY G 40 -47.73 45.32 -20.89
CA GLY G 40 -46.49 45.98 -20.51
C GLY G 40 -46.11 45.70 -19.07
N LYS G 41 -47.10 45.73 -18.20
CA LYS G 41 -46.85 45.47 -16.79
C LYS G 41 -46.49 43.99 -16.59
N ALA G 42 -47.11 43.12 -17.38
CA ALA G 42 -46.77 41.72 -17.42
C ALA G 42 -45.33 41.53 -17.81
N LEU G 43 -44.82 42.27 -18.78
CA LEU G 43 -43.42 42.14 -19.17
C LEU G 43 -42.52 42.55 -18.04
N ASP G 44 -42.83 43.67 -17.40
CA ASP G 44 -42.01 44.11 -16.27
C ASP G 44 -41.98 43.06 -15.13
N LEU G 45 -43.16 42.57 -14.80
CA LEU G 45 -43.33 41.59 -13.83
C LEU G 45 -42.58 40.27 -14.16
N LYS G 46 -42.51 39.85 -15.42
CA LYS G 46 -41.71 38.68 -15.79
C LYS G 46 -40.24 38.91 -15.52
N HIS G 47 -39.77 40.11 -15.79
CA HIS G 47 -38.38 40.43 -15.58
C HIS G 47 -38.06 40.50 -14.06
N PHE G 48 -39.04 40.97 -13.29
CA PHE G 48 -38.95 41.08 -11.88
C PHE G 48 -38.84 39.66 -11.32
N SER G 49 -39.74 38.78 -11.78
CA SER G 49 -39.75 37.35 -11.45
C SER G 49 -38.44 36.65 -11.79
N THR G 50 -37.89 36.96 -12.97
CA THR G 50 -36.56 36.39 -13.27
C THR G 50 -35.43 36.76 -12.20
N ILE G 51 -35.40 38.02 -11.79
CA ILE G 51 -34.34 38.52 -10.95
C ILE G 51 -34.50 37.87 -9.57
N LEU G 52 -35.72 37.67 -9.11
CA LEU G 52 -35.99 37.18 -7.81
C LEU G 52 -36.20 35.68 -7.73
N GLY G 53 -36.00 34.97 -8.80
CA GLY G 53 -36.10 33.56 -8.85
C GLY G 53 -37.49 32.99 -8.69
N VAL G 54 -38.52 33.75 -9.03
CA VAL G 54 -39.86 33.24 -9.03
C VAL G 54 -40.15 32.77 -10.44
N ASN G 55 -40.96 31.74 -10.59
CA ASN G 55 -41.20 31.15 -11.90
C ASN G 55 -42.65 31.06 -12.39
N ARG G 56 -43.59 31.71 -11.72
CA ARG G 56 -44.97 31.59 -12.08
C ARG G 56 -45.25 32.27 -13.39
N ASN G 57 -46.33 31.82 -14.02
CA ASN G 57 -46.74 32.35 -15.29
C ASN G 57 -47.51 33.70 -15.15
N ILE G 58 -47.30 34.64 -16.11
CA ILE G 58 -47.90 35.95 -16.06
C ILE G 58 -48.40 36.28 -17.43
N LEU G 59 -49.69 36.53 -17.54
CA LEU G 59 -50.30 36.86 -18.79
C LEU G 59 -50.99 38.20 -18.62
N GLY G 60 -50.59 39.16 -19.46
CA GLY G 60 -51.31 40.45 -19.64
C GLY G 60 -52.32 40.32 -20.77
N THR G 61 -53.56 40.72 -20.53
CA THR G 61 -54.59 40.62 -21.58
C THR G 61 -55.68 41.72 -21.51
N ASN G 62 -56.30 41.94 -22.68
CA ASN G 62 -57.52 42.81 -22.84
C ASN G 62 -58.78 42.02 -23.17
N GLN G 63 -58.62 40.72 -23.32
CA GLN G 63 -59.73 39.80 -23.47
C GLN G 63 -60.18 39.25 -22.10
N ILE G 64 -61.33 39.72 -21.63
CA ILE G 64 -61.81 39.26 -20.36
C ILE G 64 -62.07 37.75 -20.27
N GLU G 65 -62.29 37.10 -21.41
CA GLU G 65 -62.53 35.64 -21.40
C GLU G 65 -61.31 34.85 -20.91
N ASP G 66 -60.13 35.47 -20.94
CA ASP G 66 -58.93 34.91 -20.33
C ASP G 66 -58.98 34.71 -18.78
N ILE G 67 -59.98 35.30 -18.15
CA ILE G 67 -60.29 35.12 -16.77
C ILE G 67 -60.83 33.70 -16.43
N LYS G 68 -61.10 32.88 -17.45
CA LYS G 68 -61.71 31.56 -17.26
C LYS G 68 -60.93 30.70 -16.27
N ASP G 69 -61.68 30.01 -15.42
CA ASP G 69 -61.08 29.09 -14.45
C ASP G 69 -60.11 29.77 -13.43
N ALA G 70 -60.20 31.08 -13.24
CA ALA G 70 -59.45 31.76 -12.21
C ALA G 70 -59.97 31.22 -10.92
N ASP G 71 -59.05 30.87 -10.03
CA ASP G 71 -59.44 30.47 -8.66
C ASP G 71 -59.75 31.69 -7.82
N ILE G 72 -59.03 32.78 -8.09
CA ILE G 72 -59.20 34.02 -7.37
C ILE G 72 -59.41 35.14 -8.36
N ILE G 73 -60.26 36.09 -7.99
CA ILE G 73 -60.45 37.36 -8.73
C ILE G 73 -60.26 38.53 -7.77
N VAL G 74 -59.36 39.44 -8.11
CA VAL G 74 -59.25 40.75 -7.46
C VAL G 74 -59.81 41.87 -8.44
N ILE G 75 -60.81 42.60 -8.00
CA ILE G 75 -61.42 43.67 -8.80
C ILE G 75 -60.96 45.03 -8.26
N THR G 76 -60.10 45.72 -9.04
CA THR G 76 -59.76 47.13 -8.83
C THR G 76 -60.29 48.03 -9.95
N ALA G 77 -60.97 47.47 -10.95
CA ALA G 77 -61.50 48.29 -12.13
C ALA G 77 -62.40 49.38 -11.61
N GLY G 78 -62.25 50.57 -12.12
CA GLY G 78 -63.04 51.67 -11.63
C GLY G 78 -62.18 52.85 -11.36
N VAL G 79 -62.85 53.94 -11.06
CA VAL G 79 -62.22 55.25 -11.05
C VAL G 79 -61.97 55.53 -9.63
N GLN G 80 -60.89 56.25 -9.39
CA GLN G 80 -60.46 56.60 -8.02
C GLN G 80 -60.81 58.02 -7.78
N ARG G 81 -61.03 58.39 -6.54
CA ARG G 81 -61.43 59.83 -6.33
C ARG G 81 -61.90 60.23 -4.83
N THR G 86 -71.51 65.10 -6.75
CA THR G 86 -70.29 64.55 -7.31
C THR G 86 -70.24 63.16 -6.76
N ARG G 87 -70.60 62.80 -5.48
CA ARG G 87 -70.46 61.41 -4.97
C ARG G 87 -71.42 60.45 -5.72
N GLU G 88 -72.62 60.95 -6.04
CA GLU G 88 -73.63 60.25 -6.88
C GLU G 88 -73.00 59.91 -8.32
N ASP G 89 -72.02 60.70 -8.81
CA ASP G 89 -71.07 60.33 -9.93
C ASP G 89 -70.07 59.25 -9.53
N LEU G 90 -69.41 59.38 -8.41
CA LEU G 90 -68.58 58.16 -8.13
C LEU G 90 -69.35 56.82 -8.12
N ILE G 91 -70.39 56.84 -7.28
CA ILE G 91 -71.20 55.70 -6.91
C ILE G 91 -71.78 55.47 -8.33
N GLY G 92 -71.99 56.55 -9.07
CA GLY G 92 -72.60 56.50 -10.43
C GLY G 92 -71.75 55.82 -11.49
N VAL G 93 -70.55 56.35 -11.72
CA VAL G 93 -69.60 55.73 -12.66
C VAL G 93 -69.08 54.27 -12.30
N ASN G 94 -68.82 53.97 -11.02
CA ASN G 94 -68.20 52.67 -10.62
C ASN G 94 -69.19 51.52 -10.47
N GLY G 95 -70.40 51.85 -10.05
CA GLY G 95 -71.52 50.92 -10.04
C GLY G 95 -71.75 50.29 -11.39
N LYS G 96 -71.72 51.08 -12.45
CA LYS G 96 -71.91 50.61 -13.81
C LYS G 96 -70.77 49.68 -14.21
N ILE G 97 -69.54 50.11 -13.93
CA ILE G 97 -68.33 49.26 -14.17
C ILE G 97 -68.39 47.93 -13.37
N MET G 98 -68.76 48.05 -12.12
CA MET G 98 -68.85 46.84 -11.25
C MET G 98 -69.88 45.84 -11.81
N LYS G 99 -71.02 46.35 -12.27
CA LYS G 99 -72.04 45.48 -12.87
C LYS G 99 -71.52 44.74 -14.08
N SER G 100 -70.83 45.48 -14.94
CA SER G 100 -70.24 44.88 -16.14
C SER G 100 -69.23 43.73 -15.80
N VAL G 101 -68.42 43.98 -14.77
CA VAL G 101 -67.42 42.99 -14.30
C VAL G 101 -68.15 41.79 -13.67
N ALA G 102 -69.21 42.08 -12.91
CA ALA G 102 -70.06 41.02 -12.38
C ALA G 102 -70.58 40.12 -13.43
N GLU G 103 -71.12 40.72 -14.47
CA GLU G 103 -71.67 39.93 -15.59
C GLU G 103 -70.61 39.06 -16.23
N SER G 104 -69.41 39.58 -16.42
CA SER G 104 -68.34 38.83 -17.01
C SER G 104 -67.89 37.65 -16.12
N VAL G 105 -67.74 37.88 -14.80
CA VAL G 105 -67.36 36.81 -13.88
C VAL G 105 -68.46 35.75 -13.90
N LYS G 106 -69.73 36.17 -13.93
CA LYS G 106 -70.85 35.26 -14.01
C LYS G 106 -70.67 34.22 -15.15
N LEU G 107 -70.36 34.67 -16.35
CA LEU G 107 -70.32 33.71 -17.46
C LEU G 107 -69.02 33.00 -17.62
N HIS G 108 -67.93 33.59 -17.15
CA HIS G 108 -66.59 33.05 -17.46
C HIS G 108 -65.91 32.21 -16.33
N CYS G 109 -66.13 32.55 -15.05
CA CYS G 109 -65.63 31.78 -13.94
C CYS G 109 -66.49 31.96 -12.70
N SER G 110 -67.59 31.23 -12.69
CA SER G 110 -68.52 31.29 -11.56
C SER G 110 -68.00 30.63 -10.28
N LYS G 111 -66.92 29.86 -10.32
CA LYS G 111 -66.39 29.17 -9.08
C LYS G 111 -65.35 29.94 -8.28
N ALA G 112 -65.02 31.14 -8.73
CA ALA G 112 -63.92 31.91 -8.18
C ALA G 112 -64.30 32.54 -6.88
N PHE G 113 -63.28 32.81 -6.09
CA PHE G 113 -63.41 33.61 -4.86
C PHE G 113 -63.07 35.03 -5.29
N VAL G 114 -63.94 35.95 -4.93
CA VAL G 114 -63.86 37.35 -5.47
C VAL G 114 -63.56 38.34 -4.33
N ILE G 115 -62.43 39.02 -4.42
CA ILE G 115 -62.15 40.14 -3.59
C ILE G 115 -62.42 41.49 -4.44
N CYS G 116 -63.45 42.24 -4.05
CA CYS G 116 -63.71 43.57 -4.57
C CYS G 116 -62.97 44.67 -3.87
N VAL G 117 -62.41 45.59 -4.61
CA VAL G 117 -61.68 46.72 -4.07
C VAL G 117 -62.16 48.13 -4.57
N SER G 118 -62.75 48.26 -5.74
CA SER G 118 -63.38 49.54 -6.19
C SER G 118 -64.26 50.29 -5.19
N ASN G 119 -64.12 51.61 -5.13
CA ASN G 119 -64.88 52.44 -4.17
C ASN G 119 -66.22 52.93 -4.72
N PRO G 120 -67.17 53.29 -3.85
CA PRO G 120 -67.07 53.09 -2.38
C PRO G 120 -67.24 51.63 -2.03
N LEU G 121 -66.34 51.11 -1.19
CA LEU G 121 -66.10 49.71 -1.21
C LEU G 121 -67.42 48.96 -0.98
N ASP G 122 -68.05 49.26 0.11
CA ASP G 122 -69.05 48.32 0.60
C ASP G 122 -70.11 48.23 -0.33
N ILE G 123 -70.43 49.42 -0.87
CA ILE G 123 -71.53 49.59 -1.85
C ILE G 123 -71.25 48.72 -3.05
N MET G 124 -70.06 48.83 -3.58
CA MET G 124 -69.67 48.10 -4.79
C MET G 124 -69.68 46.55 -4.64
N VAL G 125 -69.39 46.05 -3.40
CA VAL G 125 -69.47 44.61 -3.10
C VAL G 125 -70.90 44.19 -3.25
N ASN G 126 -71.80 44.91 -2.61
CA ASN G 126 -73.23 44.66 -2.86
C ASN G 126 -73.67 44.71 -4.38
N VAL G 127 -73.10 45.63 -5.17
CA VAL G 127 -73.44 45.66 -6.63
C VAL G 127 -72.92 44.38 -7.25
N PHE G 128 -71.68 43.97 -6.90
CA PHE G 128 -71.12 42.78 -7.50
C PHE G 128 -72.00 41.60 -7.20
N HIS G 129 -72.48 41.50 -5.99
CA HIS G 129 -73.26 40.31 -5.59
C HIS G 129 -74.55 40.24 -6.40
N LYS G 130 -75.24 41.38 -6.48
CA LYS G 130 -76.51 41.48 -7.25
C LYS G 130 -76.48 41.02 -8.73
N PHE G 131 -75.43 41.37 -9.47
CA PHE G 131 -75.33 40.98 -10.86
C PHE G 131 -74.41 39.81 -11.20
N SER G 132 -73.70 39.25 -10.19
CA SER G 132 -72.72 38.16 -10.45
C SER G 132 -73.34 36.79 -10.34
N ASN G 133 -74.34 36.62 -9.46
CA ASN G 133 -74.95 35.34 -9.25
C ASN G 133 -73.95 34.33 -8.60
N LEU G 134 -73.10 34.80 -7.71
CA LEU G 134 -72.20 33.91 -7.01
C LEU G 134 -72.66 33.78 -5.57
N PRO G 135 -72.30 32.67 -4.92
CA PRO G 135 -72.71 32.49 -3.54
C PRO G 135 -72.13 33.61 -2.70
N HIS G 136 -72.81 34.02 -1.67
CA HIS G 136 -72.37 35.18 -0.93
C HIS G 136 -71.09 35.05 -0.12
N GLU G 137 -70.80 33.82 0.33
CA GLU G 137 -69.51 33.51 0.99
C GLU G 137 -68.35 33.62 0.01
N LYS G 138 -68.58 33.49 -1.31
CA LYS G 138 -67.50 33.61 -2.30
C LYS G 138 -67.18 35.05 -2.75
N ILE G 139 -67.77 36.05 -2.10
CA ILE G 139 -67.57 37.41 -2.43
C ILE G 139 -67.27 38.16 -1.16
N CYS G 140 -66.31 39.07 -1.24
CA CYS G 140 -66.04 39.96 -0.16
C CYS G 140 -65.34 41.18 -0.66
N GLY G 141 -65.12 42.16 0.23
CA GLY G 141 -64.30 43.34 -0.14
C GLY G 141 -63.27 43.69 0.90
N MET G 142 -62.10 44.14 0.49
CA MET G 142 -61.10 44.47 1.45
C MET G 142 -61.23 45.91 1.82
N ALA G 143 -61.24 46.14 3.14
CA ALA G 143 -61.17 47.48 3.70
C ALA G 143 -60.78 47.56 5.08
N GLY G 144 -61.50 46.83 5.92
CA GLY G 144 -61.03 46.61 7.35
C GLY G 144 -59.57 46.40 7.56
N ILE G 145 -58.93 45.62 6.73
CA ILE G 145 -57.57 45.23 7.05
C ILE G 145 -56.75 46.52 6.92
N LEU G 146 -57.11 47.34 5.97
CA LEU G 146 -56.34 48.50 5.68
C LEU G 146 -56.57 49.50 6.76
N ASP G 147 -57.83 49.70 7.17
CA ASP G 147 -58.14 50.67 8.22
C ASP G 147 -57.51 50.21 9.55
N THR G 148 -57.55 48.90 9.83
CA THR G 148 -56.93 48.30 11.02
C THR G 148 -55.40 48.49 11.02
N SER G 149 -54.77 48.31 9.87
CA SER G 149 -53.32 48.57 9.80
C SER G 149 -52.93 49.98 10.12
N ARG G 150 -53.78 50.95 9.71
CA ARG G 150 -53.55 52.35 9.97
C ARG G 150 -53.73 52.64 11.46
N TYR G 151 -54.87 52.25 11.99
CA TYR G 151 -55.16 52.44 13.42
C TYR G 151 -54.07 51.75 14.30
N CYS G 152 -53.71 50.51 14.00
CA CYS G 152 -52.70 49.75 14.81
C CYS G 152 -51.34 50.36 14.68
N SER G 153 -51.00 50.77 13.47
CA SER G 153 -49.76 51.50 13.26
C SER G 153 -49.64 52.76 14.15
N LEU G 154 -50.72 53.53 14.28
CA LEU G 154 -50.70 54.79 15.05
C LEU G 154 -50.67 54.50 16.55
N ILE G 155 -51.43 53.50 16.98
CA ILE G 155 -51.41 53.06 18.35
C ILE G 155 -49.99 52.64 18.67
N ALA G 156 -49.39 51.84 17.81
CA ALA G 156 -48.01 51.32 18.09
C ALA G 156 -47.01 52.45 18.28
N ASP G 157 -47.09 53.47 17.41
CA ASP G 157 -46.20 54.65 17.51
C ASP G 157 -46.34 55.31 18.85
N LYS G 158 -47.58 55.51 19.31
CA LYS G 158 -47.83 56.30 20.53
C LYS G 158 -47.33 55.55 21.73
N LEU G 159 -47.41 54.21 21.71
CA LEU G 159 -47.05 53.39 22.85
C LEU G 159 -45.59 52.99 22.78
N LYS G 160 -44.87 53.40 21.74
CA LYS G 160 -43.46 53.05 21.51
C LYS G 160 -43.26 51.55 21.47
N VAL G 161 -44.14 50.86 20.75
CA VAL G 161 -44.05 49.42 20.60
C VAL G 161 -44.08 49.06 19.15
N SER G 162 -43.61 47.85 18.87
CA SER G 162 -43.74 47.27 17.59
C SER G 162 -45.20 47.19 17.20
N ALA G 163 -45.48 47.54 15.94
CA ALA G 163 -46.79 47.32 15.39
C ALA G 163 -47.08 45.84 15.17
N GLU G 164 -46.03 45.01 15.10
CA GLU G 164 -46.18 43.62 14.72
C GLU G 164 -47.30 42.88 15.43
N ASP G 165 -47.45 43.03 16.76
CA ASP G 165 -48.50 42.28 17.43
C ASP G 165 -49.54 43.20 18.09
N VAL G 166 -49.79 44.39 17.46
CA VAL G 166 -50.91 45.19 17.81
C VAL G 166 -52.03 44.70 16.90
N ASN G 167 -53.10 44.17 17.51
CA ASN G 167 -54.28 43.78 16.77
C ASN G 167 -55.54 44.59 17.16
N ALA G 168 -56.49 44.67 16.24
CA ALA G 168 -57.68 45.42 16.49
C ALA G 168 -58.82 45.00 15.59
N VAL G 169 -60.02 45.25 16.04
CA VAL G 169 -61.21 45.08 15.23
C VAL G 169 -61.79 46.46 14.87
N ILE G 170 -61.97 46.66 13.57
CA ILE G 170 -62.72 47.87 13.08
C ILE G 170 -63.92 47.38 12.28
N LEU G 171 -65.10 47.75 12.76
CA LEU G 171 -66.33 47.36 12.12
C LEU G 171 -66.78 48.47 11.19
N GLY G 172 -67.61 48.08 10.22
CA GLY G 172 -68.45 49.05 9.50
C GLY G 172 -67.85 49.45 8.17
N GLY G 173 -68.60 50.33 7.49
CA GLY G 173 -68.26 50.75 6.17
C GLY G 173 -66.86 51.38 6.15
N HIS G 174 -66.22 51.23 5.01
CA HIS G 174 -64.95 51.88 4.74
C HIS G 174 -65.16 53.36 4.43
N GLY G 175 -65.21 54.13 5.50
CA GLY G 175 -65.60 55.52 5.38
C GLY G 175 -65.61 56.17 6.72
N ASP G 176 -66.17 57.38 6.79
CA ASP G 176 -66.23 58.21 7.97
C ASP G 176 -66.96 57.59 9.12
N LEU G 177 -67.79 56.57 8.84
CA LEU G 177 -68.56 55.88 9.87
C LEU G 177 -67.90 54.53 10.37
N MET G 178 -66.59 54.34 10.18
CA MET G 178 -65.86 53.25 10.80
C MET G 178 -66.07 53.26 12.27
N VAL G 179 -66.05 52.08 12.85
CA VAL G 179 -66.18 51.91 14.29
C VAL G 179 -64.99 51.10 14.81
N PRO G 180 -63.88 51.79 15.21
CA PRO G 180 -62.81 51.06 15.82
C PRO G 180 -63.19 50.67 17.20
N LEU G 181 -62.88 49.44 17.59
CA LEU G 181 -63.25 48.97 18.94
C LEU G 181 -62.03 48.90 19.90
N GLN G 182 -61.98 49.85 20.83
CA GLN G 182 -60.97 49.92 21.83
C GLN G 182 -60.93 48.66 22.65
N ARG G 183 -62.10 48.14 23.02
CA ARG G 183 -62.19 46.89 23.76
C ARG G 183 -61.53 45.71 23.02
N TYR G 184 -61.61 45.71 21.68
CA TYR G 184 -60.99 44.72 20.83
C TYR G 184 -59.72 45.21 20.19
N THR G 185 -58.97 46.04 20.91
CA THR G 185 -57.59 46.38 20.56
C THR G 185 -56.58 45.70 21.67
N SER G 186 -55.56 44.96 21.23
CA SER G 186 -54.59 44.45 22.08
C SER G 186 -53.19 44.60 21.56
N VAL G 187 -52.23 44.55 22.50
CA VAL G 187 -50.82 44.66 22.20
C VAL G 187 -50.20 43.36 22.74
N ASN G 188 -49.82 42.47 21.80
CA ASN G 188 -49.44 41.12 22.03
C ASN G 188 -50.23 40.50 23.14
N GLY G 189 -51.54 40.67 23.09
CA GLY G 189 -52.48 40.05 24.06
C GLY G 189 -53.03 40.95 25.13
N VAL G 190 -52.26 42.00 25.46
CA VAL G 190 -52.64 42.93 26.52
C VAL G 190 -53.64 44.02 26.01
N PRO G 191 -54.85 44.12 26.59
CA PRO G 191 -55.87 45.03 26.10
C PRO G 191 -55.39 46.47 26.19
N LEU G 192 -55.81 47.29 25.23
CA LEU G 192 -55.44 48.71 25.16
C LEU G 192 -55.75 49.47 26.49
N SER G 193 -56.84 49.07 27.15
CA SER G 193 -57.30 49.64 28.41
C SER G 193 -56.20 49.56 29.52
N GLU G 194 -55.30 48.54 29.44
CA GLU G 194 -54.24 48.43 30.43
C GLU G 194 -53.21 49.54 30.24
N PHE G 195 -52.96 49.91 29.00
CA PHE G 195 -52.06 51.00 28.71
C PHE G 195 -52.66 52.39 29.12
N VAL G 196 -53.99 52.56 29.10
CA VAL G 196 -54.62 53.83 29.55
C VAL G 196 -54.51 53.93 31.07
N LYS G 197 -54.82 52.84 31.76
CA LYS G 197 -54.55 52.71 33.27
C LYS G 197 -53.10 52.98 33.67
N LYS G 198 -52.16 52.54 32.87
CA LYS G 198 -50.74 52.76 33.13
C LYS G 198 -50.28 54.14 32.73
N ASN G 199 -51.23 54.96 32.24
CA ASN G 199 -50.95 56.34 31.69
C ASN G 199 -49.96 56.41 30.53
N MET G 200 -49.81 55.32 29.77
CA MET G 200 -48.97 55.33 28.59
C MET G 200 -49.70 55.95 27.36
N ILE G 201 -51.02 56.13 27.45
CA ILE G 201 -51.79 56.70 26.41
C ILE G 201 -53.09 57.20 27.05
N SER G 202 -53.67 58.26 26.50
CA SER G 202 -54.92 58.85 27.04
C SER G 202 -56.12 58.65 26.10
N GLN G 203 -57.31 58.72 26.66
CA GLN G 203 -58.52 58.57 25.88
C GLN G 203 -58.58 59.59 24.71
N ASN G 204 -58.04 60.78 24.93
CA ASN G 204 -58.01 61.83 23.92
C ASN G 204 -57.07 61.49 22.81
N GLU G 205 -55.89 61.01 23.16
CA GLU G 205 -54.88 60.54 22.19
C GLU G 205 -55.46 59.42 21.27
N ILE G 206 -56.26 58.55 21.87
CA ILE G 206 -56.97 57.51 21.13
C ILE G 206 -57.99 58.10 20.14
N GLN G 207 -58.75 59.09 20.60
CA GLN G 207 -59.82 59.70 19.73
C GLN G 207 -59.16 60.39 18.53
N GLU G 208 -58.05 61.03 18.82
CA GLU G 208 -57.19 61.63 17.83
C GLU G 208 -56.77 60.56 16.79
N ILE G 209 -56.23 59.44 17.25
CA ILE G 209 -55.85 58.32 16.42
C ILE G 209 -57.00 57.76 15.54
N ILE G 210 -58.15 57.58 16.17
CA ILE G 210 -59.37 57.18 15.41
C ILE G 210 -59.69 58.18 14.28
N GLN G 211 -59.54 59.46 14.56
CA GLN G 211 -59.80 60.47 13.58
C GLN G 211 -58.80 60.40 12.44
N LYS G 212 -57.53 60.31 12.76
CA LYS G 212 -56.51 60.13 11.72
C LYS G 212 -56.70 58.84 10.88
N THR G 213 -57.20 57.78 11.51
CA THR G 213 -57.52 56.58 10.82
C THR G 213 -58.62 56.84 9.78
N ARG G 214 -59.66 57.61 10.19
CA ARG G 214 -60.84 57.90 9.33
C ARG G 214 -60.47 58.72 8.11
N ASN G 215 -59.63 59.71 8.33
CA ASN G 215 -59.16 60.60 7.25
C ASN G 215 -57.92 60.21 6.50
N MET G 216 -57.34 59.06 6.86
CA MET G 216 -56.05 58.67 6.30
C MET G 216 -56.08 58.55 4.75
N GLY G 217 -57.09 57.85 4.25
CA GLY G 217 -57.21 57.68 2.81
C GLY G 217 -57.19 59.03 2.04
N ALA G 218 -57.87 60.06 2.58
CA ALA G 218 -57.76 61.43 2.06
C ALA G 218 -56.38 62.07 2.26
N GLU G 219 -55.80 61.91 3.44
CA GLU G 219 -54.52 62.54 3.74
C GLU G 219 -53.42 62.11 2.78
N ILE G 220 -53.45 60.83 2.43
CA ILE G 220 -52.47 60.27 1.49
C ILE G 220 -52.72 60.84 0.11
N ILE G 221 -53.97 60.92 -0.29
CA ILE G 221 -54.32 61.58 -1.61
C ILE G 221 -53.75 63.00 -1.67
N LYS G 222 -53.94 63.75 -0.58
CA LYS G 222 -53.43 65.13 -0.47
C LYS G 222 -51.93 65.19 -0.60
N LEU G 223 -51.24 64.33 0.16
CA LEU G 223 -49.76 64.36 0.21
C LEU G 223 -49.14 63.73 -1.04
N ALA G 224 -49.50 62.51 -1.35
CA ALA G 224 -48.92 61.81 -2.51
C ALA G 224 -49.50 62.17 -3.85
N LYS G 225 -50.61 62.93 -3.88
CA LYS G 225 -51.33 63.24 -5.16
C LYS G 225 -51.86 61.97 -5.89
N ALA G 226 -51.87 60.82 -5.19
CA ALA G 226 -52.47 59.55 -5.67
C ALA G 226 -52.91 58.76 -4.48
N SER G 227 -53.81 57.84 -4.70
CA SER G 227 -54.40 57.17 -3.59
C SER G 227 -53.40 56.07 -3.16
N ALA G 228 -53.53 55.69 -1.92
CA ALA G 228 -52.73 54.62 -1.39
C ALA G 228 -52.80 53.40 -2.31
N ALA G 229 -51.66 52.82 -2.55
CA ALA G 229 -51.54 51.58 -3.39
C ALA G 229 -50.81 50.32 -2.63
N PHE G 230 -49.77 50.58 -1.86
CA PHE G 230 -48.91 49.45 -1.22
C PHE G 230 -49.65 48.72 -0.09
N ALA G 231 -50.21 49.47 0.86
CA ALA G 231 -51.04 48.89 1.90
C ALA G 231 -52.31 48.19 1.42
N PRO G 232 -53.12 48.83 0.58
CA PRO G 232 -54.21 48.06 -0.01
C PRO G 232 -53.80 46.71 -0.65
N ALA G 233 -52.72 46.72 -1.42
CA ALA G 233 -52.31 45.52 -2.10
C ALA G 233 -51.89 44.41 -1.05
N ALA G 234 -51.24 44.84 0.01
CA ALA G 234 -50.78 43.88 1.07
C ALA G 234 -52.01 43.29 1.72
N ALA G 235 -52.98 44.12 2.03
CA ALA G 235 -54.22 43.64 2.59
C ALA G 235 -54.86 42.61 1.73
N ILE G 236 -54.88 42.87 0.45
CA ILE G 236 -55.60 42.00 -0.49
C ILE G 236 -54.93 40.68 -0.52
N THR G 237 -53.61 40.75 -0.70
CA THR G 237 -52.72 39.52 -0.62
C THR G 237 -52.99 38.71 0.61
N LYS G 238 -53.18 39.35 1.74
CA LYS G 238 -53.39 38.62 3.01
C LYS G 238 -54.69 37.86 2.96
N MET G 239 -55.72 38.44 2.38
CA MET G 239 -56.95 37.72 2.20
C MET G 239 -56.81 36.56 1.17
N ILE G 240 -56.02 36.78 0.13
CA ILE G 240 -55.86 35.75 -0.93
C ILE G 240 -55.21 34.47 -0.26
N LYS G 241 -54.21 34.75 0.56
CA LYS G 241 -53.42 33.79 1.26
C LYS G 241 -54.33 32.98 2.18
N SER G 242 -55.18 33.68 2.90
CA SER G 242 -56.07 32.99 3.81
C SER G 242 -57.02 32.03 3.11
N TYR G 243 -57.38 32.37 1.87
CA TYR G 243 -58.29 31.55 1.06
C TYR G 243 -57.49 30.37 0.49
N LEU G 244 -56.41 30.64 -0.24
CA LEU G 244 -55.64 29.63 -0.89
C LEU G 244 -54.98 28.54 0.06
N TYR G 245 -54.55 28.95 1.26
CA TYR G 245 -53.95 28.10 2.20
C TYR G 245 -54.90 27.65 3.32
N ASN G 246 -56.19 27.84 3.14
CA ASN G 246 -57.18 27.45 4.11
C ASN G 246 -56.81 27.83 5.54
N GLU G 247 -56.38 29.05 5.75
CA GLU G 247 -55.88 29.47 6.99
C GLU G 247 -56.90 29.82 8.05
N ASN G 248 -58.09 30.22 7.66
CA ASN G 248 -59.14 30.49 8.62
C ASN G 248 -58.82 31.66 9.53
N ASN G 249 -58.07 32.59 9.01
CA ASN G 249 -57.73 33.78 9.73
C ASN G 249 -58.97 34.72 9.98
N LEU G 250 -58.94 35.44 11.10
CA LEU G 250 -60.01 36.29 11.52
C LEU G 250 -59.64 37.75 11.19
N PHE G 251 -60.24 38.30 10.13
CA PHE G 251 -60.08 39.68 9.67
C PHE G 251 -61.38 40.54 9.79
N THR G 252 -61.27 41.82 9.51
CA THR G 252 -62.48 42.63 9.18
C THR G 252 -62.46 42.87 7.70
N CYS G 253 -63.56 42.51 7.06
CA CYS G 253 -63.70 42.76 5.64
C CYS G 253 -65.20 42.90 5.29
N ALA G 254 -65.50 43.38 4.10
CA ALA G 254 -66.87 43.50 3.71
C ALA G 254 -67.40 42.12 3.38
N VAL G 255 -68.45 41.70 4.06
CA VAL G 255 -68.93 40.35 4.03
C VAL G 255 -70.44 40.27 4.19
N TYR G 256 -71.04 39.20 3.70
CA TYR G 256 -72.49 39.06 3.74
C TYR G 256 -72.98 38.81 5.11
N LEU G 257 -73.67 39.76 5.67
CA LEU G 257 -74.27 39.52 7.00
C LEU G 257 -75.62 38.85 6.79
N ASN G 258 -75.96 38.04 7.76
CA ASN G 258 -77.18 37.28 7.77
C ASN G 258 -77.68 36.96 9.21
N GLY G 259 -78.17 38.00 9.89
CA GLY G 259 -78.63 37.93 11.27
C GLY G 259 -77.53 38.29 12.25
N HIS G 260 -76.34 38.58 11.75
CA HIS G 260 -75.23 38.98 12.58
C HIS G 260 -75.27 40.48 12.78
N TYR G 261 -75.09 40.90 14.04
CA TYR G 261 -75.10 42.30 14.43
C TYR G 261 -76.37 43.03 14.05
N ASN G 262 -77.50 42.35 14.21
CA ASN G 262 -78.84 42.81 13.86
C ASN G 262 -79.02 43.24 12.41
N CYS G 263 -78.28 42.62 11.52
CA CYS G 263 -78.24 43.02 10.13
C CYS G 263 -78.41 41.81 9.30
N SER G 264 -79.17 41.95 8.22
CA SER G 264 -79.37 40.85 7.29
C SER G 264 -79.44 41.33 5.85
N ASN G 265 -79.08 40.49 4.91
CA ASN G 265 -79.08 40.82 3.50
C ASN G 265 -78.27 42.07 3.03
N LEU G 266 -77.02 42.16 3.49
CA LEU G 266 -76.15 43.25 3.11
C LEU G 266 -74.71 42.81 3.28
N PHE G 267 -73.89 43.19 2.33
CA PHE G 267 -72.45 43.18 2.51
C PHE G 267 -72.04 44.45 3.24
N VAL G 268 -71.32 44.28 4.35
CA VAL G 268 -70.72 45.42 5.05
C VAL G 268 -69.47 44.98 5.85
N GLY G 269 -68.55 45.92 6.13
CA GLY G 269 -67.41 45.62 6.93
C GLY G 269 -67.77 44.97 8.26
N SER G 270 -67.24 43.76 8.50
CA SER G 270 -67.50 43.02 9.73
C SER G 270 -66.46 41.99 9.97
N THR G 271 -66.49 41.42 11.18
CA THR G 271 -65.51 40.42 11.59
C THR G 271 -65.83 39.15 10.83
N ALA G 272 -64.86 38.59 10.15
CA ALA G 272 -65.07 37.37 9.37
C ALA G 272 -63.82 36.45 9.31
N LYS G 273 -64.04 35.17 9.09
CA LYS G 273 -62.96 34.19 8.85
C LYS G 273 -62.90 33.82 7.43
N ILE G 274 -61.71 33.76 6.90
CA ILE G 274 -61.56 33.41 5.55
C ILE G 274 -60.83 32.04 5.47
N ASN G 275 -61.40 31.08 4.73
CA ASN G 275 -60.79 29.80 4.43
C ASN G 275 -61.07 29.34 3.00
N ASN G 276 -60.71 28.10 2.69
CA ASN G 276 -61.12 27.30 1.46
C ASN G 276 -62.47 27.53 0.84
N LYS G 277 -63.47 27.71 1.70
CA LYS G 277 -64.84 27.84 1.30
C LYS G 277 -65.30 29.32 1.14
N GLY G 278 -64.46 30.29 1.45
CA GLY G 278 -64.81 31.69 1.37
C GLY G 278 -64.77 32.52 2.64
N ALA G 279 -65.54 33.63 2.64
CA ALA G 279 -65.59 34.54 3.78
C ALA G 279 -66.85 34.24 4.58
N HIS G 280 -66.70 34.05 5.91
CA HIS G 280 -67.78 33.67 6.80
C HIS G 280 -67.85 34.67 7.96
N PRO G 281 -68.98 35.34 8.16
CA PRO G 281 -69.02 36.32 9.24
C PRO G 281 -69.00 35.63 10.61
N VAL G 282 -68.52 36.35 11.63
CA VAL G 282 -68.54 35.86 13.02
C VAL G 282 -69.05 37.00 13.89
N GLU G 283 -70.00 36.70 14.75
CA GLU G 283 -70.55 37.75 15.60
C GLU G 283 -69.86 37.70 16.98
N PHE G 284 -69.35 38.84 17.45
CA PHE G 284 -68.92 39.01 18.82
C PHE G 284 -69.86 39.87 19.64
N PRO G 285 -69.92 39.64 20.96
CA PRO G 285 -70.84 40.39 21.80
C PRO G 285 -70.46 41.87 21.99
N LEU G 286 -71.15 42.76 21.30
CA LEU G 286 -70.94 44.19 21.44
C LEU G 286 -71.73 44.78 22.62
N THR G 287 -71.23 45.89 23.16
CA THR G 287 -72.04 46.72 24.08
C THR G 287 -73.15 47.45 23.29
N LYS G 288 -74.13 47.99 24.01
CA LYS G 288 -75.25 48.75 23.36
C LYS G 288 -74.69 49.90 22.53
N GLU G 289 -73.74 50.61 23.11
CA GLU G 289 -73.15 51.80 22.48
C GLU G 289 -72.33 51.49 21.25
N GLU G 290 -71.58 50.40 21.31
CA GLU G 290 -70.85 49.87 20.17
C GLU G 290 -71.76 49.40 19.03
N GLN G 291 -72.75 48.60 19.37
CA GLN G 291 -73.75 48.15 18.40
C GLN G 291 -74.56 49.31 17.76
N ASP G 292 -74.89 50.33 18.55
CA ASP G 292 -75.57 51.54 18.05
C ASP G 292 -74.74 52.23 16.99
N LEU G 293 -73.45 52.43 17.30
CA LEU G 293 -72.55 53.03 16.30
C LEU G 293 -72.49 52.17 15.02
N TYR G 294 -72.34 50.83 15.21
CA TYR G 294 -72.21 49.92 14.11
C TYR G 294 -73.47 49.94 13.23
N THR G 295 -74.65 49.85 13.85
CA THR G 295 -75.94 49.99 13.15
C THR G 295 -76.05 51.31 12.31
N GLU G 296 -75.60 52.41 12.87
CA GLU G 296 -75.57 53.67 12.20
C GLU G 296 -74.72 53.54 10.91
N SER G 297 -73.57 52.87 10.99
CA SER G 297 -72.66 52.68 9.81
C SER G 297 -73.33 51.79 8.79
N ILE G 298 -74.01 50.77 9.29
CA ILE G 298 -74.79 49.85 8.47
C ILE G 298 -75.96 50.52 7.75
N ALA G 299 -76.64 51.45 8.42
CA ALA G 299 -77.71 52.31 7.73
C ALA G 299 -77.22 53.09 6.52
N SER G 300 -76.11 53.85 6.62
CA SER G 300 -75.52 54.50 5.46
C SER G 300 -75.29 53.54 4.32
N VAL G 301 -74.70 52.39 4.64
CA VAL G 301 -74.33 51.43 3.63
C VAL G 301 -75.61 50.96 2.92
N GLN G 302 -76.63 50.66 3.71
CA GLN G 302 -77.98 50.36 3.16
C GLN G 302 -78.54 51.39 2.17
N SER G 303 -78.63 52.65 2.63
CA SER G 303 -79.07 53.78 1.83
C SER G 303 -78.29 53.89 0.54
N ASN G 304 -76.97 54.03 0.66
CA ASN G 304 -76.13 54.24 -0.48
C ASN G 304 -76.20 53.06 -1.49
N THR G 305 -76.46 51.86 -0.97
CA THR G 305 -76.49 50.64 -1.79
C THR G 305 -77.72 50.68 -2.61
N GLN G 306 -78.83 51.10 -1.99
CA GLN G 306 -80.07 51.39 -2.74
C GLN G 306 -79.90 52.47 -3.84
N LYS G 307 -79.37 53.61 -3.42
CA LYS G 307 -78.95 54.65 -4.34
C LYS G 307 -78.16 54.07 -5.53
N ALA G 308 -77.21 53.21 -5.27
CA ALA G 308 -76.39 52.67 -6.34
C ALA G 308 -77.22 51.87 -7.31
N PHE G 309 -78.10 51.01 -6.80
CA PHE G 309 -78.96 50.18 -7.67
C PHE G 309 -79.85 51.04 -8.51
N ASP G 310 -80.38 52.09 -7.89
CA ASP G 310 -81.25 53.07 -8.58
C ASP G 310 -80.47 53.74 -9.75
N LEU G 311 -79.28 54.28 -9.46
CA LEU G 311 -78.47 54.97 -10.47
C LEU G 311 -77.99 54.06 -11.61
N ILE G 312 -78.03 52.75 -11.40
CA ILE G 312 -77.62 51.80 -12.44
C ILE G 312 -78.66 51.69 -13.54
N LYS G 313 -79.89 52.18 -13.33
CA LYS G 313 -80.85 52.35 -14.42
C LYS G 313 -80.91 53.84 -14.81
N MET H 1 -30.17 49.54 12.30
CA MET H 1 -29.20 50.71 12.28
C MET H 1 -28.81 51.21 10.85
N THR H 2 -28.73 50.28 9.86
CA THR H 2 -28.49 50.59 8.44
C THR H 2 -29.48 51.63 7.86
N LYS H 3 -28.98 52.68 7.22
CA LYS H 3 -29.82 53.71 6.61
C LYS H 3 -29.71 53.64 5.12
N ILE H 4 -30.85 53.43 4.49
CA ILE H 4 -30.95 53.40 3.00
C ILE H 4 -31.68 54.68 2.48
N ALA H 5 -30.96 55.49 1.72
CA ALA H 5 -31.55 56.77 1.20
C ALA H 5 -31.89 56.70 -0.28
N LEU H 6 -33.15 56.96 -0.58
CA LEU H 6 -33.70 56.89 -1.94
C LEU H 6 -33.85 58.33 -2.43
N ILE H 7 -32.91 58.73 -3.29
CA ILE H 7 -32.92 60.08 -3.85
C ILE H 7 -33.75 60.07 -5.15
N GLY H 8 -35.01 60.44 -5.01
CA GLY H 8 -36.04 60.18 -5.98
C GLY H 8 -37.10 59.22 -5.43
N SER H 9 -38.34 59.71 -5.31
CA SER H 9 -39.46 58.94 -4.77
C SER H 9 -40.52 58.62 -5.80
N GLY H 10 -40.11 58.44 -7.06
CA GLY H 10 -41.00 57.91 -8.10
C GLY H 10 -41.27 56.43 -7.98
N GLN H 11 -41.73 55.85 -9.06
CA GLN H 11 -42.11 54.45 -9.11
C GLN H 11 -40.99 53.55 -8.63
N ILE H 12 -39.81 53.72 -9.23
CA ILE H 12 -38.68 52.85 -8.92
C ILE H 12 -38.27 52.97 -7.41
N GLY H 13 -38.08 54.20 -6.95
CA GLY H 13 -37.67 54.48 -5.61
C GLY H 13 -38.65 53.88 -4.63
N ALA H 14 -39.94 54.02 -4.85
CA ALA H 14 -40.91 53.53 -3.90
C ALA H 14 -40.88 52.01 -3.85
N ILE H 15 -40.77 51.36 -5.01
CA ILE H 15 -40.74 49.90 -5.05
C ILE H 15 -39.43 49.36 -4.39
N VAL H 16 -38.29 49.95 -4.69
CA VAL H 16 -37.03 49.66 -3.98
C VAL H 16 -37.23 49.81 -2.49
N GLY H 17 -37.88 50.87 -2.07
CA GLY H 17 -38.22 51.04 -0.66
C GLY H 17 -39.10 49.90 -0.16
N GLU H 18 -40.08 49.51 -0.95
CA GLU H 18 -40.94 48.37 -0.59
C GLU H 18 -40.10 47.07 -0.39
N LEU H 19 -39.23 46.75 -1.34
CA LEU H 19 -38.49 45.49 -1.33
C LEU H 19 -37.53 45.53 -0.11
N CYS H 20 -36.97 46.71 0.21
CA CYS H 20 -36.00 46.80 1.28
C CYS H 20 -36.72 46.55 2.59
N LEU H 21 -37.96 46.97 2.70
CA LEU H 21 -38.75 46.69 3.82
C LEU H 21 -39.12 45.24 3.89
N LEU H 22 -39.46 44.61 2.80
CA LEU H 22 -39.74 43.20 2.83
C LEU H 22 -38.59 42.31 3.38
N GLU H 23 -37.35 42.65 3.09
CA GLU H 23 -36.19 41.91 3.58
C GLU H 23 -35.53 42.56 4.77
N ASN H 24 -36.19 43.50 5.41
CA ASN H 24 -35.57 44.18 6.54
C ASN H 24 -34.16 44.73 6.30
N LEU H 25 -33.86 45.26 5.12
CA LEU H 25 -32.51 45.66 4.79
C LEU H 25 -32.08 46.88 5.52
N GLY H 26 -33.01 47.74 5.95
CA GLY H 26 -32.62 48.95 6.63
C GLY H 26 -33.73 49.93 6.83
N ASP H 27 -33.47 50.98 7.62
CA ASP H 27 -34.34 52.12 7.73
C ASP H 27 -34.35 52.93 6.42
N LEU H 28 -35.51 53.47 6.02
CA LEU H 28 -35.61 54.19 4.76
C LEU H 28 -35.68 55.68 4.94
N ILE H 29 -34.97 56.38 4.06
CA ILE H 29 -35.13 57.77 3.91
C ILE H 29 -35.56 58.01 2.48
N LEU H 30 -36.83 58.35 2.34
CA LEU H 30 -37.41 58.71 1.08
C LEU H 30 -37.28 60.22 0.87
N TYR H 31 -36.44 60.57 -0.09
CA TYR H 31 -36.24 61.96 -0.53
C TYR H 31 -36.83 62.22 -1.94
N ASP H 32 -37.46 63.37 -2.08
CA ASP H 32 -37.79 63.95 -3.40
C ASP H 32 -37.79 65.47 -3.32
N VAL H 33 -37.61 66.07 -4.48
CA VAL H 33 -37.63 67.53 -4.59
C VAL H 33 -39.08 68.09 -4.45
N VAL H 34 -40.06 67.37 -5.01
CA VAL H 34 -41.47 67.77 -5.01
C VAL H 34 -42.10 67.67 -3.61
N PRO H 35 -42.61 68.79 -3.03
CA PRO H 35 -43.14 68.65 -1.65
C PRO H 35 -44.34 67.70 -1.51
N GLY H 36 -44.41 66.99 -0.35
CA GLY H 36 -45.55 66.12 -0.02
C GLY H 36 -45.45 64.73 -0.58
N ILE H 37 -44.82 64.53 -1.75
CA ILE H 37 -44.79 63.21 -2.39
C ILE H 37 -44.11 62.12 -1.50
N PRO H 38 -42.88 62.37 -1.02
CA PRO H 38 -42.23 61.37 -0.16
C PRO H 38 -42.96 61.14 1.14
N GLN H 39 -43.64 62.15 1.67
CA GLN H 39 -44.33 62.02 2.95
C GLN H 39 -45.52 61.12 2.83
N GLY H 40 -46.19 61.23 1.72
CA GLY H 40 -47.34 60.41 1.43
C GLY H 40 -47.00 58.94 1.14
N LYS H 41 -45.95 58.74 0.36
CA LYS H 41 -45.54 57.40 0.05
C LYS H 41 -44.97 56.72 1.32
N ALA H 42 -44.32 57.51 2.16
CA ALA H 42 -43.85 57.01 3.41
C ALA H 42 -45.03 56.55 4.25
N LEU H 43 -46.16 57.29 4.23
CA LEU H 43 -47.29 56.88 5.06
C LEU H 43 -47.80 55.55 4.54
N ASP H 44 -47.84 55.39 3.24
CA ASP H 44 -48.37 54.18 2.65
C ASP H 44 -47.48 52.96 2.96
N LEU H 45 -46.19 53.16 2.79
CA LEU H 45 -45.22 52.22 3.16
C LEU H 45 -45.22 51.78 4.68
N LYS H 46 -45.47 52.69 5.60
CA LYS H 46 -45.62 52.35 7.03
C LYS H 46 -46.80 51.41 7.20
N HIS H 47 -47.89 51.66 6.49
CA HIS H 47 -49.09 50.87 6.69
C HIS H 47 -48.87 49.47 6.08
N PHE H 48 -48.09 49.45 5.02
CA PHE H 48 -47.72 48.25 4.31
C PHE H 48 -46.87 47.37 5.31
N SER H 49 -45.88 48.02 5.92
CA SER H 49 -45.04 47.48 6.94
C SER H 49 -45.84 46.92 8.08
N THR H 50 -46.86 47.62 8.51
CA THR H 50 -47.69 47.10 9.60
C THR H 50 -48.39 45.83 9.21
N ILE H 51 -48.94 45.78 7.98
CA ILE H 51 -49.70 44.61 7.55
C ILE H 51 -48.74 43.35 7.49
N LEU H 52 -47.50 43.54 7.08
CA LEU H 52 -46.61 42.47 6.81
C LEU H 52 -45.68 42.16 7.93
N GLY H 53 -45.84 42.80 9.07
CA GLY H 53 -45.02 42.59 10.18
C GLY H 53 -43.58 43.03 10.03
N VAL H 54 -43.28 44.04 9.24
CA VAL H 54 -41.94 44.65 9.18
C VAL H 54 -41.95 45.90 10.04
N ASN H 55 -40.83 46.26 10.64
CA ASN H 55 -40.82 47.30 11.66
C ASN H 55 -39.78 48.37 11.47
N ARG H 56 -39.10 48.39 10.34
CA ARG H 56 -38.06 49.39 10.11
C ARG H 56 -38.66 50.78 10.06
N ASN H 57 -37.81 51.74 10.35
CA ASN H 57 -38.20 53.12 10.27
C ASN H 57 -38.25 53.72 8.82
N ILE H 58 -39.23 54.60 8.54
CA ILE H 58 -39.44 55.17 7.20
C ILE H 58 -39.73 56.66 7.31
N LEU H 59 -38.87 57.48 6.70
CA LEU H 59 -38.98 58.90 6.79
C LEU H 59 -39.09 59.47 5.37
N GLY H 60 -40.20 60.17 5.09
CA GLY H 60 -40.38 60.92 3.84
C GLY H 60 -39.97 62.37 4.03
N THR H 61 -39.13 62.89 3.15
CA THR H 61 -38.57 64.21 3.38
C THR H 61 -38.30 64.97 2.06
N ASN H 62 -38.33 66.29 2.17
CA ASN H 62 -37.86 67.21 1.12
C ASN H 62 -36.53 67.89 1.45
N GLN H 63 -36.03 67.68 2.65
CA GLN H 63 -34.76 68.23 3.08
C GLN H 63 -33.64 67.21 2.77
N ILE H 64 -32.82 67.50 1.76
CA ILE H 64 -31.76 66.58 1.39
C ILE H 64 -30.73 66.33 2.49
N GLU H 65 -30.59 67.23 3.46
CA GLU H 65 -29.66 67.01 4.57
C GLU H 65 -30.04 65.81 5.42
N ASP H 66 -31.29 65.37 5.33
CA ASP H 66 -31.72 64.11 5.98
C ASP H 66 -31.04 62.84 5.45
N ILE H 67 -30.36 62.97 4.32
CA ILE H 67 -29.57 61.90 3.76
C ILE H 67 -28.29 61.57 4.58
N LYS H 68 -27.99 62.37 5.61
CA LYS H 68 -26.74 62.24 6.41
C LYS H 68 -26.54 60.87 6.98
N ASP H 69 -25.33 60.38 6.86
CA ASP H 69 -24.99 59.07 7.40
C ASP H 69 -25.76 57.89 6.75
N ALA H 70 -26.32 58.08 5.55
CA ALA H 70 -26.87 56.98 4.81
C ALA H 70 -25.74 56.02 4.48
N ASP H 71 -25.99 54.75 4.66
CA ASP H 71 -25.02 53.74 4.24
C ASP H 71 -25.13 53.49 2.77
N ILE H 72 -26.36 53.56 2.27
CA ILE H 72 -26.67 53.27 0.88
C ILE H 72 -27.47 54.43 0.31
N ILE H 73 -27.19 54.77 -0.94
CA ILE H 73 -27.91 55.81 -1.70
C ILE H 73 -28.32 55.24 -3.05
N VAL H 74 -29.61 55.29 -3.32
CA VAL H 74 -30.16 54.96 -4.63
C VAL H 74 -30.68 56.25 -5.31
N ILE H 75 -30.14 56.54 -6.47
CA ILE H 75 -30.50 57.77 -7.21
C ILE H 75 -31.36 57.48 -8.43
N THR H 76 -32.63 57.89 -8.35
CA THR H 76 -33.59 57.77 -9.44
C THR H 76 -34.08 59.14 -9.87
N ALA H 77 -33.59 60.20 -9.22
CA ALA H 77 -33.98 61.58 -9.54
C ALA H 77 -33.68 61.89 -10.99
N GLY H 78 -34.60 62.54 -11.65
CA GLY H 78 -34.42 62.75 -13.04
C GLY H 78 -35.69 62.43 -13.79
N VAL H 79 -35.66 62.76 -15.06
CA VAL H 79 -36.81 62.65 -15.89
C VAL H 79 -36.66 61.31 -16.54
N GLN H 80 -37.79 60.68 -16.84
CA GLN H 80 -37.83 59.47 -17.65
C GLN H 80 -38.23 59.75 -19.11
N ARG H 81 -37.81 58.87 -20.00
CA ARG H 81 -38.12 59.04 -21.40
C ARG H 81 -39.52 58.57 -21.71
N LYS H 82 -40.13 59.21 -22.72
CA LYS H 82 -41.48 58.86 -23.25
C LYS H 82 -41.32 58.07 -24.55
N GLU H 83 -42.44 57.60 -25.09
CA GLU H 83 -42.48 56.96 -26.41
C GLU H 83 -41.74 57.76 -27.48
N GLY H 84 -40.97 57.06 -28.32
CA GLY H 84 -40.26 57.68 -29.41
C GLY H 84 -38.89 58.24 -29.04
N MET H 85 -38.69 58.61 -27.76
CA MET H 85 -37.39 59.12 -27.27
C MET H 85 -36.41 57.99 -26.99
N THR H 86 -35.13 58.31 -27.13
CA THR H 86 -34.06 57.43 -26.71
C THR H 86 -33.71 57.86 -25.27
N ARG H 87 -32.95 57.00 -24.59
CA ARG H 87 -32.43 57.32 -23.25
C ARG H 87 -31.49 58.53 -23.35
N GLU H 88 -30.74 58.61 -24.45
CA GLU H 88 -29.74 59.66 -24.69
C GLU H 88 -30.37 61.06 -24.84
N ASP H 89 -31.63 61.15 -25.28
CA ASP H 89 -32.35 62.43 -25.31
C ASP H 89 -32.45 63.15 -23.96
N LEU H 90 -32.26 62.43 -22.86
CA LEU H 90 -32.38 62.96 -21.49
C LEU H 90 -31.08 63.55 -20.98
N ILE H 91 -30.03 63.31 -21.74
CA ILE H 91 -28.69 63.78 -21.42
C ILE H 91 -28.61 65.22 -20.87
N GLY H 92 -29.25 66.18 -21.53
CA GLY H 92 -29.21 67.56 -21.11
C GLY H 92 -29.83 67.78 -19.75
N VAL H 93 -31.10 67.46 -19.63
CA VAL H 93 -31.84 67.70 -18.38
C VAL H 93 -31.34 66.87 -17.15
N ASN H 94 -30.97 65.60 -17.36
CA ASN H 94 -30.60 64.68 -16.24
C ASN H 94 -29.16 64.82 -15.74
N GLY H 95 -28.24 65.15 -16.65
CA GLY H 95 -26.88 65.52 -16.29
C GLY H 95 -26.83 66.62 -15.23
N LYS H 96 -27.65 67.66 -15.39
CA LYS H 96 -27.71 68.82 -14.47
C LYS H 96 -28.22 68.35 -13.12
N ILE H 97 -29.29 67.57 -13.12
CA ILE H 97 -29.88 67.00 -11.89
C ILE H 97 -28.88 66.07 -11.21
N MET H 98 -28.25 65.18 -11.97
CA MET H 98 -27.26 64.30 -11.40
C MET H 98 -26.11 65.06 -10.72
N LYS H 99 -25.61 66.12 -11.36
CA LYS H 99 -24.56 66.98 -10.76
C LYS H 99 -24.99 67.59 -9.39
N SER H 100 -26.20 68.11 -9.35
CA SER H 100 -26.74 68.65 -8.14
C SER H 100 -26.79 67.59 -7.01
N VAL H 101 -27.20 66.37 -7.35
CA VAL H 101 -27.33 65.27 -6.40
C VAL H 101 -25.92 64.86 -5.96
N ALA H 102 -24.99 64.78 -6.91
CA ALA H 102 -23.58 64.56 -6.60
C ALA H 102 -23.04 65.54 -5.59
N GLU H 103 -23.30 66.82 -5.81
CA GLU H 103 -22.85 67.84 -4.87
C GLU H 103 -23.43 67.64 -3.48
N SER H 104 -24.72 67.29 -3.42
CA SER H 104 -25.38 67.06 -2.13
C SER H 104 -24.82 65.83 -1.39
N VAL H 105 -24.59 64.73 -2.11
CA VAL H 105 -23.98 63.54 -1.51
C VAL H 105 -22.57 63.87 -0.97
N LYS H 106 -21.81 64.62 -1.78
CA LYS H 106 -20.48 65.08 -1.40
C LYS H 106 -20.44 65.72 0.00
N LEU H 107 -21.32 66.68 0.28
CA LEU H 107 -21.25 67.36 1.56
C LEU H 107 -21.97 66.65 2.71
N HIS H 108 -22.96 65.80 2.42
CA HIS H 108 -23.82 65.26 3.46
C HIS H 108 -23.53 63.80 3.88
N CYS H 109 -23.10 62.95 2.94
CA CYS H 109 -22.70 61.60 3.28
C CYS H 109 -21.70 61.03 2.28
N SER H 110 -20.44 61.41 2.47
CA SER H 110 -19.37 60.95 1.60
C SER H 110 -19.01 59.46 1.75
N LYS H 111 -19.45 58.77 2.81
CA LYS H 111 -19.06 57.36 3.02
C LYS H 111 -20.03 56.32 2.44
N ALA H 112 -21.09 56.79 1.79
CA ALA H 112 -22.13 55.91 1.27
C ALA H 112 -21.70 55.15 0.04
N PHE H 113 -22.38 54.02 -0.18
CA PHE H 113 -22.31 53.25 -1.42
C PHE H 113 -23.47 53.71 -2.29
N VAL H 114 -23.15 54.10 -3.52
CA VAL H 114 -24.11 54.85 -4.37
C VAL H 114 -24.50 54.07 -5.60
N ILE H 115 -25.79 53.75 -5.71
CA ILE H 115 -26.33 53.08 -6.92
C ILE H 115 -27.12 54.13 -7.70
N CYS H 116 -26.58 54.46 -8.86
CA CYS H 116 -27.22 55.36 -9.81
C CYS H 116 -28.15 54.61 -10.71
N VAL H 117 -29.33 55.19 -10.96
CA VAL H 117 -30.30 54.63 -11.87
C VAL H 117 -30.85 55.59 -12.97
N SER H 118 -30.85 56.91 -12.77
CA SER H 118 -31.22 57.88 -13.84
C SER H 118 -30.59 57.67 -15.21
N ASN H 119 -31.39 57.81 -16.25
CA ASN H 119 -30.90 57.60 -17.61
C ASN H 119 -30.32 58.84 -18.27
N PRO H 120 -29.51 58.67 -19.30
CA PRO H 120 -28.99 57.37 -19.77
C PRO H 120 -27.96 56.85 -18.74
N LEU H 121 -28.14 55.61 -18.32
CA LEU H 121 -27.53 55.11 -17.12
C LEU H 121 -26.01 55.28 -17.05
N ASP H 122 -25.28 54.68 -17.98
CA ASP H 122 -23.82 54.71 -17.91
C ASP H 122 -23.30 56.14 -17.85
N ILE H 123 -23.88 56.99 -18.67
CA ILE H 123 -23.45 58.38 -18.77
C ILE H 123 -23.63 59.09 -17.43
N MET H 124 -24.80 58.91 -16.83
CA MET H 124 -25.11 59.59 -15.55
C MET H 124 -24.23 59.12 -14.37
N VAL H 125 -23.77 57.87 -14.41
CA VAL H 125 -22.84 57.34 -13.40
C VAL H 125 -21.53 58.13 -13.49
N ASN H 126 -21.03 58.29 -14.71
CA ASN H 126 -19.85 59.13 -14.96
C ASN H 126 -20.02 60.58 -14.48
N VAL H 127 -21.20 61.16 -14.69
CA VAL H 127 -21.48 62.50 -14.18
C VAL H 127 -21.44 62.49 -12.65
N PHE H 128 -22.12 61.54 -12.03
CA PHE H 128 -22.08 61.46 -10.55
C PHE H 128 -20.65 61.34 -9.98
N HIS H 129 -19.81 60.51 -10.61
CA HIS H 129 -18.43 60.38 -10.15
C HIS H 129 -17.67 61.70 -10.18
N LYS H 130 -17.75 62.36 -11.32
CA LYS H 130 -17.09 63.63 -11.53
C LYS H 130 -17.36 64.67 -10.43
N PHE H 131 -18.62 64.88 -10.03
CA PHE H 131 -18.96 65.98 -9.12
C PHE H 131 -19.15 65.54 -7.65
N SER H 132 -19.02 64.25 -7.39
CA SER H 132 -19.33 63.72 -6.04
C SER H 132 -18.10 63.62 -5.17
N ASN H 133 -16.94 63.35 -5.79
CA ASN H 133 -15.71 63.22 -5.04
C ASN H 133 -15.72 61.97 -4.15
N LEU H 134 -16.32 60.88 -4.66
CA LEU H 134 -16.32 59.63 -3.91
C LEU H 134 -15.42 58.67 -4.60
N PRO H 135 -14.89 57.72 -3.84
CA PRO H 135 -14.03 56.74 -4.46
C PRO H 135 -14.80 56.01 -5.56
N HIS H 136 -14.13 55.61 -6.62
CA HIS H 136 -14.83 55.00 -7.76
C HIS H 136 -15.47 53.62 -7.51
N GLU H 137 -14.91 52.83 -6.57
CA GLU H 137 -15.51 51.55 -6.14
C GLU H 137 -16.81 51.78 -5.35
N LYS H 138 -17.01 52.96 -4.75
CA LYS H 138 -18.26 53.27 -4.03
C LYS H 138 -19.40 53.80 -4.88
N ILE H 139 -19.24 53.77 -6.20
CA ILE H 139 -20.23 54.28 -7.15
C ILE H 139 -20.46 53.28 -8.24
N CYS H 140 -21.72 53.05 -8.61
CA CYS H 140 -22.02 52.13 -9.70
C CYS H 140 -23.39 52.45 -10.20
N GLY H 141 -23.78 51.79 -11.29
CA GLY H 141 -25.13 51.94 -11.77
C GLY H 141 -25.77 50.67 -12.15
N MET H 142 -27.07 50.55 -11.95
CA MET H 142 -27.69 49.28 -12.28
C MET H 142 -28.19 49.34 -13.68
N ALA H 143 -27.85 48.31 -14.45
CA ALA H 143 -28.45 48.09 -15.73
C ALA H 143 -28.30 46.67 -16.15
N GLY H 144 -27.06 46.16 -16.14
CA GLY H 144 -26.80 44.76 -16.57
C GLY H 144 -27.66 43.69 -15.95
N ILE H 145 -28.03 43.84 -14.66
CA ILE H 145 -28.89 42.84 -14.04
C ILE H 145 -30.28 42.84 -14.69
N LEU H 146 -30.76 44.03 -15.06
CA LEU H 146 -32.05 44.18 -15.76
C LEU H 146 -31.98 43.60 -17.16
N ASP H 147 -30.95 43.94 -17.91
CA ASP H 147 -30.87 43.49 -19.28
C ASP H 147 -30.73 41.99 -19.27
N THR H 148 -29.93 41.48 -18.32
CA THR H 148 -29.66 40.06 -18.22
C THR H 148 -30.95 39.33 -17.88
N SER H 149 -31.74 39.90 -16.98
CA SER H 149 -33.00 39.25 -16.63
C SER H 149 -33.93 39.11 -17.81
N ARG H 150 -33.92 40.12 -18.68
CA ARG H 150 -34.74 40.09 -19.91
C ARG H 150 -34.24 39.03 -20.90
N TYR H 151 -32.97 39.10 -21.24
CA TYR H 151 -32.34 38.12 -22.10
C TYR H 151 -32.52 36.66 -21.54
N CYS H 152 -32.23 36.43 -20.23
CA CYS H 152 -32.38 35.11 -19.63
C CYS H 152 -33.84 34.65 -19.62
N SER H 153 -34.74 35.57 -19.30
CA SER H 153 -36.16 35.29 -19.37
C SER H 153 -36.61 34.78 -20.75
N LEU H 154 -36.14 35.44 -21.82
CA LEU H 154 -36.50 35.05 -23.18
C LEU H 154 -35.86 33.70 -23.59
N ILE H 155 -34.59 33.51 -23.23
CA ILE H 155 -33.91 32.25 -23.47
C ILE H 155 -34.66 31.11 -22.75
N ALA H 156 -34.99 31.30 -21.48
CA ALA H 156 -35.75 30.32 -20.72
C ALA H 156 -37.07 29.91 -21.41
N ASP H 157 -37.84 30.92 -21.87
CA ASP H 157 -39.11 30.66 -22.57
C ASP H 157 -38.90 29.79 -23.80
N LYS H 158 -37.89 30.11 -24.61
CA LYS H 158 -37.69 29.37 -25.86
C LYS H 158 -37.23 27.94 -25.59
N LEU H 159 -36.50 27.72 -24.50
CA LEU H 159 -35.98 26.39 -24.18
C LEU H 159 -36.94 25.57 -23.34
N LYS H 160 -38.09 26.15 -22.99
CA LYS H 160 -39.07 25.55 -22.09
C LYS H 160 -38.45 25.15 -20.75
N VAL H 161 -37.68 26.06 -20.15
CA VAL H 161 -37.04 25.80 -18.85
C VAL H 161 -37.30 26.93 -17.93
N SER H 162 -37.14 26.65 -16.66
CA SER H 162 -37.18 27.66 -15.64
C SER H 162 -36.12 28.72 -15.90
N ALA H 163 -36.52 29.98 -15.73
CA ALA H 163 -35.59 31.10 -15.78
C ALA H 163 -34.67 31.08 -14.57
N GLU H 164 -35.08 30.40 -13.50
CA GLU H 164 -34.37 30.46 -12.21
C GLU H 164 -32.88 30.25 -12.28
N ASP H 165 -32.41 29.33 -13.10
CA ASP H 165 -30.98 29.15 -13.16
C ASP H 165 -30.39 29.32 -14.56
N VAL H 166 -31.04 30.19 -15.35
CA VAL H 166 -30.46 30.68 -16.59
C VAL H 166 -29.66 31.94 -16.24
N ASN H 167 -28.36 31.88 -16.48
CA ASN H 167 -27.46 32.98 -16.18
C ASN H 167 -26.75 33.45 -17.41
N ALA H 168 -26.38 34.72 -17.40
CA ALA H 168 -25.71 35.27 -18.56
C ALA H 168 -24.91 36.51 -18.22
N VAL H 169 -23.94 36.82 -19.05
CA VAL H 169 -23.22 38.05 -18.97
C VAL H 169 -23.65 38.97 -20.16
N ILE H 170 -24.04 40.20 -19.83
CA ILE H 170 -24.22 41.24 -20.84
C ILE H 170 -23.30 42.40 -20.50
N LEU H 171 -22.43 42.70 -21.46
CA LEU H 171 -21.45 43.77 -21.34
C LEU H 171 -21.94 45.00 -22.05
N GLY H 172 -21.46 46.15 -21.60
CA GLY H 172 -21.62 47.40 -22.33
C GLY H 172 -22.73 48.26 -21.80
N GLY H 173 -22.87 49.36 -22.49
CA GLY H 173 -23.82 50.39 -22.12
C GLY H 173 -25.24 49.91 -22.16
N HIS H 174 -26.05 50.53 -21.30
CA HIS H 174 -27.44 50.21 -21.21
C HIS H 174 -28.13 50.91 -22.39
N GLY H 175 -28.13 50.23 -23.52
CA GLY H 175 -28.65 50.83 -24.73
C GLY H 175 -28.49 49.87 -25.87
N ASP H 176 -28.66 50.40 -27.08
CA ASP H 176 -28.68 49.62 -28.35
C ASP H 176 -27.38 48.92 -28.66
N LEU H 177 -26.31 49.30 -27.98
CA LEU H 177 -25.02 48.65 -28.12
C LEU H 177 -24.64 47.60 -27.00
N MET H 178 -25.62 47.05 -26.26
CA MET H 178 -25.37 45.90 -25.36
C MET H 178 -24.74 44.77 -26.10
N VAL H 179 -23.91 44.01 -25.40
CA VAL H 179 -23.23 42.83 -25.96
C VAL H 179 -23.55 41.64 -25.07
N PRO H 180 -24.67 40.93 -25.35
CA PRO H 180 -24.92 39.64 -24.68
C PRO H 180 -23.97 38.57 -25.15
N LEU H 181 -23.39 37.83 -24.23
CA LEU H 181 -22.38 36.85 -24.58
C LEU H 181 -22.98 35.47 -24.50
N GLN H 182 -23.18 34.90 -25.67
CA GLN H 182 -23.64 33.52 -25.82
C GLN H 182 -22.72 32.53 -25.13
N ARG H 183 -21.40 32.70 -25.29
CA ARG H 183 -20.42 31.88 -24.58
C ARG H 183 -20.61 31.87 -23.06
N TYR H 184 -21.02 33.03 -22.50
CA TYR H 184 -21.23 33.19 -21.05
C TYR H 184 -22.72 33.15 -20.68
N THR H 185 -23.48 32.31 -21.39
CA THR H 185 -24.86 32.04 -21.06
C THR H 185 -24.97 30.55 -20.69
N SER H 186 -25.57 30.25 -19.55
CA SER H 186 -25.73 28.86 -19.13
C SER H 186 -27.09 28.61 -18.51
N VAL H 187 -27.50 27.35 -18.56
CA VAL H 187 -28.74 26.90 -17.99
C VAL H 187 -28.33 25.87 -16.93
N ASN H 188 -28.48 26.27 -15.67
CA ASN H 188 -28.01 25.52 -14.53
C ASN H 188 -26.66 24.87 -14.75
N GLY H 189 -25.76 25.65 -15.35
CA GLY H 189 -24.39 25.21 -15.58
C GLY H 189 -24.06 24.83 -16.99
N VAL H 190 -25.09 24.37 -17.73
CA VAL H 190 -24.90 23.85 -19.10
C VAL H 190 -24.84 25.01 -20.07
N PRO H 191 -23.72 25.16 -20.78
CA PRO H 191 -23.62 26.27 -21.75
C PRO H 191 -24.73 26.29 -22.81
N LEU H 192 -25.13 27.50 -23.25
CA LEU H 192 -26.15 27.68 -24.29
C LEU H 192 -25.85 26.97 -25.61
N SER H 193 -24.56 26.88 -25.95
CA SER H 193 -24.07 26.13 -27.12
C SER H 193 -24.49 24.64 -27.17
N GLU H 194 -24.69 24.01 -26.00
CA GLU H 194 -25.17 22.61 -25.93
C GLU H 194 -26.60 22.49 -26.43
N PHE H 195 -27.38 23.53 -26.15
CA PHE H 195 -28.78 23.56 -26.57
C PHE H 195 -28.90 23.81 -28.09
N VAL H 196 -27.94 24.55 -28.69
CA VAL H 196 -27.93 24.75 -30.16
C VAL H 196 -27.55 23.44 -30.85
N LYS H 197 -26.55 22.73 -30.32
CA LYS H 197 -26.13 21.40 -30.82
C LYS H 197 -27.25 20.37 -30.70
N LYS H 198 -28.01 20.44 -29.62
CA LYS H 198 -29.17 19.56 -29.42
C LYS H 198 -30.43 20.03 -30.23
N ASN H 199 -30.28 21.08 -31.06
CA ASN H 199 -31.37 21.68 -31.87
C ASN H 199 -32.57 22.18 -31.08
N MET H 200 -32.39 22.47 -29.80
CA MET H 200 -33.49 23.01 -28.98
C MET H 200 -33.65 24.53 -29.19
N ILE H 201 -32.66 25.17 -29.82
CA ILE H 201 -32.70 26.58 -30.12
C ILE H 201 -31.69 26.86 -31.24
N SER H 202 -31.99 27.84 -32.08
CA SER H 202 -31.16 28.12 -33.27
C SER H 202 -30.44 29.45 -33.10
N GLN H 203 -29.36 29.62 -33.86
CA GLN H 203 -28.60 30.88 -33.86
C GLN H 203 -29.47 32.11 -34.23
N ASN H 204 -30.42 31.93 -35.14
CA ASN H 204 -31.37 32.97 -35.51
C ASN H 204 -32.33 33.34 -34.39
N GLU H 205 -32.90 32.32 -33.74
CA GLU H 205 -33.77 32.51 -32.55
C GLU H 205 -33.05 33.32 -31.44
N ILE H 206 -31.75 33.03 -31.25
CA ILE H 206 -30.89 33.78 -30.31
C ILE H 206 -30.68 35.25 -30.71
N GLN H 207 -30.45 35.51 -31.98
CA GLN H 207 -30.29 36.88 -32.48
C GLN H 207 -31.59 37.69 -32.28
N GLU H 208 -32.71 37.02 -32.55
CA GLU H 208 -34.04 37.56 -32.32
C GLU H 208 -34.19 37.98 -30.85
N ILE H 209 -33.85 37.06 -29.95
CA ILE H 209 -33.87 37.29 -28.51
C ILE H 209 -32.96 38.47 -28.10
N ILE H 210 -31.75 38.52 -28.67
CA ILE H 210 -30.84 39.67 -28.42
C ILE H 210 -31.50 41.00 -28.84
N GLN H 211 -32.18 41.00 -29.98
CA GLN H 211 -32.86 42.18 -30.43
C GLN H 211 -33.97 42.58 -29.48
N LYS H 212 -34.80 41.63 -29.08
CA LYS H 212 -35.88 41.94 -28.14
C LYS H 212 -35.32 42.49 -26.81
N THR H 213 -34.17 41.97 -26.40
CA THR H 213 -33.52 42.39 -25.14
C THR H 213 -33.14 43.86 -25.27
N ARG H 214 -32.59 44.21 -26.45
CA ARG H 214 -32.17 45.61 -26.74
C ARG H 214 -33.33 46.59 -26.72
N ASN H 215 -34.43 46.23 -27.36
CA ASN H 215 -35.57 47.09 -27.45
C ASN H 215 -36.54 47.04 -26.32
N MET H 216 -36.26 46.19 -25.33
CA MET H 216 -37.25 45.87 -24.32
C MET H 216 -37.72 47.13 -23.55
N GLY H 217 -36.75 47.94 -23.15
CA GLY H 217 -37.06 49.14 -22.42
C GLY H 217 -38.08 49.98 -23.15
N ALA H 218 -37.88 50.16 -24.49
CA ALA H 218 -38.81 50.94 -25.34
C ALA H 218 -40.17 50.25 -25.53
N GLU H 219 -40.14 48.92 -25.68
CA GLU H 219 -41.37 48.15 -25.85
C GLU H 219 -42.29 48.27 -24.64
N ILE H 220 -41.73 48.25 -23.40
CA ILE H 220 -42.53 48.41 -22.21
C ILE H 220 -43.11 49.83 -22.11
N ILE H 221 -42.32 50.83 -22.44
CA ILE H 221 -42.82 52.22 -22.54
C ILE H 221 -44.00 52.33 -23.51
N LYS H 222 -43.85 51.78 -24.71
CA LYS H 222 -44.94 51.73 -25.70
C LYS H 222 -46.20 51.07 -25.12
N LEU H 223 -46.07 49.87 -24.55
CA LEU H 223 -47.25 49.10 -24.11
C LEU H 223 -47.84 49.68 -22.82
N ALA H 224 -47.01 49.81 -21.80
CA ALA H 224 -47.49 50.28 -20.50
C ALA H 224 -47.65 51.80 -20.38
N LYS H 225 -47.19 52.58 -21.36
CA LYS H 225 -47.24 54.03 -21.31
C LYS H 225 -46.44 54.62 -20.12
N ALA H 226 -45.61 53.79 -19.47
CA ALA H 226 -44.65 54.20 -18.42
C ALA H 226 -43.48 53.26 -18.50
N SER H 227 -42.35 53.70 -17.98
CA SER H 227 -41.14 52.87 -18.07
C SER H 227 -41.19 51.81 -16.94
N ALA H 228 -40.48 50.72 -17.22
CA ALA H 228 -40.41 49.59 -16.35
C ALA H 228 -40.04 50.07 -14.92
N ALA H 229 -40.74 49.56 -13.91
CA ALA H 229 -40.46 49.90 -12.50
C ALA H 229 -40.11 48.67 -11.54
N PHE H 230 -40.80 47.53 -11.71
CA PHE H 230 -40.62 46.41 -10.84
C PHE H 230 -39.27 45.71 -11.01
N ALA H 231 -38.92 45.33 -12.25
CA ALA H 231 -37.63 44.66 -12.49
C ALA H 231 -36.46 45.57 -12.14
N PRO H 232 -36.52 46.86 -12.51
CA PRO H 232 -35.42 47.75 -12.05
C PRO H 232 -35.24 47.76 -10.54
N ALA H 233 -36.35 47.81 -9.79
CA ALA H 233 -36.26 47.89 -8.37
C ALA H 233 -35.67 46.60 -7.76
N ALA H 234 -36.02 45.46 -8.34
CA ALA H 234 -35.50 44.14 -7.90
C ALA H 234 -34.01 44.06 -8.13
N ALA H 235 -33.56 44.41 -9.29
CA ALA H 235 -32.17 44.51 -9.59
C ALA H 235 -31.43 45.37 -8.62
N ILE H 236 -31.97 46.56 -8.36
CA ILE H 236 -31.31 47.53 -7.41
C ILE H 236 -31.13 46.86 -6.01
N THR H 237 -32.23 46.29 -5.52
CA THR H 237 -32.28 45.61 -4.26
C THR H 237 -31.26 44.46 -4.20
N LYS H 238 -31.06 43.74 -5.30
CA LYS H 238 -30.08 42.70 -5.37
C LYS H 238 -28.66 43.25 -5.21
N MET H 239 -28.38 44.39 -5.83
CA MET H 239 -27.09 45.07 -5.58
C MET H 239 -26.92 45.64 -4.12
N ILE H 240 -27.99 46.16 -3.53
CA ILE H 240 -27.94 46.63 -2.17
C ILE H 240 -27.56 45.47 -1.21
N LYS H 241 -28.19 44.32 -1.44
CA LYS H 241 -28.07 43.11 -0.62
C LYS H 241 -26.62 42.58 -0.70
N SER H 242 -26.08 42.58 -1.91
CA SER H 242 -24.73 42.19 -2.10
C SER H 242 -23.73 43.08 -1.35
N TYR H 243 -24.05 44.36 -1.21
CA TYR H 243 -23.18 45.30 -0.51
C TYR H 243 -23.34 45.14 0.99
N LEU H 244 -24.57 45.22 1.48
CA LEU H 244 -24.83 45.13 2.92
C LEU H 244 -24.39 43.85 3.53
N TYR H 245 -24.57 42.77 2.80
CA TYR H 245 -24.31 41.44 3.33
C TYR H 245 -22.99 40.89 2.84
N ASN H 246 -22.17 41.74 2.24
CA ASN H 246 -20.83 41.32 1.86
C ASN H 246 -20.83 40.00 1.08
N GLU H 247 -21.76 39.89 0.14
CA GLU H 247 -21.95 38.67 -0.57
C GLU H 247 -20.92 38.38 -1.66
N ASN H 248 -20.35 39.41 -2.23
CA ASN H 248 -19.35 39.25 -3.30
C ASN H 248 -19.91 38.56 -4.57
N ASN H 249 -21.17 38.83 -4.84
CA ASN H 249 -21.83 38.33 -6.02
C ASN H 249 -21.26 38.92 -7.29
N LEU H 250 -21.26 38.13 -8.35
CA LEU H 250 -20.73 38.53 -9.66
C LEU H 250 -21.87 38.92 -10.59
N PHE H 251 -22.04 40.23 -10.81
CA PHE H 251 -23.09 40.79 -11.66
C PHE H 251 -22.50 41.46 -12.90
N THR H 252 -23.37 41.99 -13.73
CA THR H 252 -23.00 43.07 -14.63
C THR H 252 -23.66 44.34 -14.08
N CYS H 253 -22.85 45.37 -13.98
CA CYS H 253 -23.33 46.70 -13.70
C CYS H 253 -22.37 47.78 -14.25
N ALA H 254 -22.81 49.03 -14.23
CA ALA H 254 -21.95 50.14 -14.62
C ALA H 254 -20.92 50.34 -13.52
N VAL H 255 -19.65 50.16 -13.86
CA VAL H 255 -18.54 50.15 -12.89
C VAL H 255 -17.29 50.83 -13.47
N TYR H 256 -16.46 51.38 -12.61
CA TYR H 256 -15.25 52.03 -13.04
C TYR H 256 -14.28 51.05 -13.63
N LEU H 257 -14.04 51.15 -14.93
CA LEU H 257 -12.98 50.37 -15.57
C LEU H 257 -11.63 51.10 -15.47
N ASN H 258 -10.59 50.30 -15.33
CA ASN H 258 -9.24 50.77 -15.11
C ASN H 258 -8.16 49.83 -15.67
N GLY H 259 -8.11 49.75 -16.99
CA GLY H 259 -7.26 48.81 -17.71
C GLY H 259 -7.97 47.50 -18.04
N HIS H 260 -9.21 47.35 -17.61
CA HIS H 260 -9.98 46.17 -17.90
C HIS H 260 -10.67 46.34 -19.24
N TYR H 261 -10.62 45.28 -20.04
CA TYR H 261 -11.23 45.24 -21.36
C TYR H 261 -10.76 46.39 -22.25
N ASN H 262 -9.46 46.70 -22.20
CA ASN H 262 -8.83 47.79 -22.96
C ASN H 262 -9.44 49.16 -22.74
N CYS H 263 -9.97 49.39 -21.56
CA CYS H 263 -10.69 50.60 -21.24
C CYS H 263 -10.22 51.11 -19.91
N SER H 264 -10.05 52.42 -19.81
CA SER H 264 -9.64 53.03 -18.55
C SER H 264 -10.39 54.33 -18.34
N ASN H 265 -10.57 54.72 -17.09
CA ASN H 265 -11.23 55.97 -16.75
C ASN H 265 -12.63 56.25 -17.29
N LEU H 266 -13.47 55.25 -17.14
CA LEU H 266 -14.86 55.34 -17.55
C LEU H 266 -15.70 54.34 -16.77
N PHE H 267 -16.87 54.78 -16.32
CA PHE H 267 -17.89 53.90 -15.83
C PHE H 267 -18.67 53.38 -17.01
N VAL H 268 -18.79 52.07 -17.10
CA VAL H 268 -19.56 51.41 -18.17
C VAL H 268 -19.99 50.01 -17.72
N GLY H 269 -21.09 49.53 -18.25
CA GLY H 269 -21.55 48.18 -17.97
C GLY H 269 -20.48 47.11 -18.17
N SER H 270 -20.17 46.37 -17.08
CA SER H 270 -19.13 45.35 -17.12
C SER H 270 -19.37 44.35 -16.05
N THR H 271 -18.65 43.23 -16.16
CA THR H 271 -18.67 42.21 -15.14
C THR H 271 -18.00 42.75 -13.84
N ALA H 272 -18.66 42.64 -12.69
CA ALA H 272 -18.13 43.15 -11.41
C ALA H 272 -18.65 42.36 -10.23
N LYS H 273 -17.87 42.40 -9.15
CA LYS H 273 -18.28 41.81 -7.85
C LYS H 273 -18.67 42.93 -6.94
N ILE H 274 -19.71 42.72 -6.15
CA ILE H 274 -20.10 43.72 -5.18
C ILE H 274 -19.98 43.12 -3.79
N ASN H 275 -19.30 43.80 -2.89
CA ASN H 275 -19.14 43.42 -1.50
C ASN H 275 -19.13 44.67 -0.57
N ASN H 276 -18.86 44.47 0.73
CA ASN H 276 -18.59 45.51 1.75
C ASN H 276 -17.91 46.74 1.35
N LYS H 277 -16.95 46.59 0.43
CA LYS H 277 -16.04 47.67 0.01
C LYS H 277 -16.50 48.36 -1.27
N GLY H 278 -17.56 47.87 -1.91
CA GLY H 278 -18.08 48.45 -3.13
C GLY H 278 -18.11 47.51 -4.36
N ALA H 279 -18.10 48.14 -5.56
CA ALA H 279 -18.15 47.44 -6.87
C ALA H 279 -16.77 47.40 -7.50
N HIS H 280 -16.35 46.18 -7.84
CA HIS H 280 -14.97 45.89 -8.29
C HIS H 280 -15.03 45.17 -9.63
N PRO H 281 -14.45 45.76 -10.68
CA PRO H 281 -14.54 45.09 -11.97
C PRO H 281 -13.71 43.81 -12.01
N VAL H 282 -14.11 42.88 -12.87
CA VAL H 282 -13.37 41.64 -13.10
C VAL H 282 -13.26 41.46 -14.60
N GLU H 283 -12.07 41.19 -15.12
CA GLU H 283 -11.88 40.99 -16.55
C GLU H 283 -11.90 39.51 -16.89
N PHE H 284 -12.75 39.10 -17.83
CA PHE H 284 -12.73 37.75 -18.36
C PHE H 284 -12.15 37.74 -19.78
N PRO H 285 -11.55 36.62 -20.20
CA PRO H 285 -10.94 36.54 -21.53
C PRO H 285 -11.95 36.52 -22.67
N LEU H 286 -12.12 37.65 -23.33
CA LEU H 286 -12.99 37.76 -24.49
C LEU H 286 -12.30 37.31 -25.77
N THR H 287 -13.07 36.84 -26.75
CA THR H 287 -12.54 36.68 -28.13
C THR H 287 -12.34 38.06 -28.77
N LYS H 288 -11.61 38.10 -29.90
CA LYS H 288 -11.38 39.36 -30.65
C LYS H 288 -12.72 40.00 -31.02
N GLU H 289 -13.63 39.18 -31.52
CA GLU H 289 -14.93 39.66 -32.01
C GLU H 289 -15.83 40.18 -30.92
N GLU H 290 -15.82 39.48 -29.79
CA GLU H 290 -16.52 39.93 -28.59
C GLU H 290 -15.98 41.28 -28.07
N GLN H 291 -14.66 41.36 -27.91
CA GLN H 291 -13.99 42.58 -27.44
C GLN H 291 -14.23 43.76 -28.39
N ASP H 292 -14.23 43.49 -29.70
CA ASP H 292 -14.50 44.51 -30.72
C ASP H 292 -15.88 45.11 -30.53
N LEU H 293 -16.88 44.24 -30.37
CA LEU H 293 -18.25 44.70 -30.06
C LEU H 293 -18.31 45.50 -28.76
N TYR H 294 -17.64 45.01 -27.72
CA TYR H 294 -17.62 45.67 -26.44
C TYR H 294 -16.96 47.06 -26.57
N THR H 295 -15.79 47.13 -27.19
CA THR H 295 -15.10 48.41 -27.43
C THR H 295 -16.01 49.44 -28.17
N GLU H 296 -16.74 48.95 -29.16
CA GLU H 296 -17.69 49.82 -29.90
C GLU H 296 -18.74 50.44 -28.95
N SER H 297 -19.26 49.62 -28.02
CA SER H 297 -20.22 50.09 -27.01
C SER H 297 -19.58 51.12 -26.10
N ILE H 298 -18.36 50.80 -25.70
CA ILE H 298 -17.55 51.67 -24.83
C ILE H 298 -17.32 53.04 -25.50
N ALA H 299 -17.08 53.03 -26.83
CA ALA H 299 -16.89 54.26 -27.56
C ALA H 299 -18.11 55.20 -27.45
N SER H 300 -19.33 54.69 -27.67
CA SER H 300 -20.56 55.52 -27.50
C SER H 300 -20.66 56.13 -26.13
N VAL H 301 -20.38 55.30 -25.12
CA VAL H 301 -20.47 55.75 -23.76
C VAL H 301 -19.46 56.87 -23.56
N GLN H 302 -18.23 56.67 -24.07
CA GLN H 302 -17.21 57.74 -24.06
C GLN H 302 -17.73 59.06 -24.63
N SER H 303 -18.19 59.01 -25.89
CA SER H 303 -18.71 60.19 -26.65
C SER H 303 -19.79 60.91 -25.91
N ASN H 304 -20.82 60.13 -25.56
CA ASN H 304 -21.98 60.67 -24.86
C ASN H 304 -21.68 61.23 -23.45
N THR H 305 -20.66 60.66 -22.79
CA THR H 305 -20.21 61.14 -21.50
C THR H 305 -19.56 62.50 -21.65
N GLN H 306 -18.71 62.63 -22.67
CA GLN H 306 -18.13 63.94 -23.03
C GLN H 306 -19.23 64.95 -23.32
N LYS H 307 -20.15 64.58 -24.21
CA LYS H 307 -21.33 65.40 -24.52
C LYS H 307 -22.01 65.87 -23.26
N ALA H 308 -22.20 64.97 -22.30
CA ALA H 308 -22.87 65.32 -21.07
C ALA H 308 -22.12 66.35 -20.28
N PHE H 309 -20.80 66.17 -20.13
CA PHE H 309 -19.94 67.16 -19.42
C PHE H 309 -19.97 68.52 -20.12
N ASP H 310 -19.90 68.52 -21.45
CA ASP H 310 -20.00 69.75 -22.24
C ASP H 310 -21.32 70.47 -21.96
N LEU H 311 -22.44 69.76 -22.09
CA LEU H 311 -23.77 70.35 -21.91
C LEU H 311 -24.03 70.84 -20.51
N ILE H 312 -23.24 70.41 -19.54
CA ILE H 312 -23.40 70.87 -18.15
C ILE H 312 -22.88 72.30 -17.96
N LYS H 313 -22.11 72.87 -18.89
CA LYS H 313 -21.84 74.31 -18.92
C LYS H 313 -22.71 74.99 -19.99
N MET I 1 44.96 48.76 -6.60
CA MET I 1 45.75 48.98 -5.31
C MET I 1 44.95 48.65 -3.99
N THR I 2 43.63 48.92 -3.96
CA THR I 2 42.71 48.57 -2.87
C THR I 2 42.75 47.09 -2.50
N LYS I 3 42.92 46.79 -1.21
CA LYS I 3 42.96 45.42 -0.72
C LYS I 3 41.73 45.16 0.11
N ILE I 4 40.95 44.15 -0.31
CA ILE I 4 39.78 43.69 0.43
C ILE I 4 40.08 42.31 1.07
N ALA I 5 40.01 42.27 2.41
CA ALA I 5 40.28 41.01 3.15
C ALA I 5 39.01 40.39 3.70
N LEU I 6 38.80 39.12 3.32
CA LEU I 6 37.61 38.37 3.70
C LEU I 6 38.06 37.38 4.78
N ILE I 7 37.72 37.72 6.02
CA ILE I 7 38.09 36.86 7.19
C ILE I 7 36.98 35.82 7.47
N GLY I 8 37.15 34.64 6.85
CA GLY I 8 36.09 33.68 6.65
C GLY I 8 35.81 33.43 5.18
N SER I 9 36.03 32.19 4.74
CA SER I 9 35.91 31.83 3.33
C SER I 9 34.79 30.84 3.11
N GLY I 10 33.71 30.97 3.87
CA GLY I 10 32.49 30.22 3.60
C GLY I 10 31.66 30.78 2.45
N GLN I 11 30.38 30.45 2.45
CA GLN I 11 29.47 30.81 1.41
C GLN I 11 29.45 32.33 1.20
N ILE I 12 29.22 33.07 2.28
CA ILE I 12 29.08 34.53 2.18
C ILE I 12 30.36 35.19 1.72
N GLY I 13 31.47 34.86 2.40
CA GLY I 13 32.78 35.37 2.03
C GLY I 13 33.09 35.17 0.54
N ALA I 14 32.88 33.95 0.02
CA ALA I 14 33.21 33.65 -1.38
C ALA I 14 32.37 34.46 -2.36
N ILE I 15 31.07 34.56 -2.08
CA ILE I 15 30.17 35.33 -2.89
C ILE I 15 30.51 36.85 -2.86
N VAL I 16 30.72 37.41 -1.69
CA VAL I 16 31.27 38.77 -1.56
C VAL I 16 32.52 38.95 -2.42
N GLY I 17 33.46 38.01 -2.32
CA GLY I 17 34.66 38.04 -3.15
C GLY I 17 34.24 38.07 -4.66
N GLU I 18 33.23 37.26 -5.01
CA GLU I 18 32.77 37.17 -6.35
C GLU I 18 32.25 38.55 -6.76
N LEU I 19 31.39 39.15 -5.96
CA LEU I 19 30.75 40.41 -6.32
C LEU I 19 31.79 41.55 -6.37
N CYS I 20 32.80 41.49 -5.50
CA CYS I 20 33.86 42.49 -5.53
C CYS I 20 34.65 42.36 -6.81
N LEU I 21 34.88 41.15 -7.28
CA LEU I 21 35.54 40.95 -8.55
C LEU I 21 34.70 41.45 -9.75
N LEU I 22 33.40 41.20 -9.73
CA LEU I 22 32.54 41.69 -10.78
C LEU I 22 32.56 43.21 -10.98
N GLU I 23 32.64 43.98 -9.91
CA GLU I 23 32.76 45.43 -9.98
C GLU I 23 34.18 45.95 -9.80
N ASN I 24 35.18 45.08 -9.89
CA ASN I 24 36.54 45.53 -9.78
C ASN I 24 36.78 46.41 -8.56
N LEU I 25 36.14 46.09 -7.44
CA LEU I 25 36.34 46.85 -6.20
C LEU I 25 37.74 46.75 -5.55
N GLY I 26 38.48 45.67 -5.78
CA GLY I 26 39.82 45.57 -5.22
C GLY I 26 40.43 44.21 -5.33
N ASP I 27 41.71 44.10 -5.03
CA ASP I 27 42.35 42.84 -4.87
C ASP I 27 41.74 42.07 -3.64
N LEU I 28 41.66 40.74 -3.72
CA LEU I 28 41.10 39.96 -2.65
C LEU I 28 42.15 39.24 -1.89
N ILE I 29 41.93 39.22 -0.56
CA ILE I 29 42.64 38.29 0.30
C ILE I 29 41.56 37.45 0.97
N LEU I 30 41.53 36.18 0.57
CA LEU I 30 40.65 35.16 1.14
C LEU I 30 41.37 34.43 2.27
N TYR I 31 40.89 34.66 3.48
CA TYR I 31 41.44 34.04 4.70
C TYR I 31 40.43 33.08 5.30
N ASP I 32 40.95 31.95 5.75
CA ASP I 32 40.20 31.05 6.64
C ASP I 32 41.20 30.35 7.56
N VAL I 33 40.65 29.90 8.68
CA VAL I 33 41.41 29.05 9.60
C VAL I 33 41.70 27.62 9.02
N VAL I 34 40.71 27.05 8.32
CA VAL I 34 40.82 25.66 7.79
C VAL I 34 41.81 25.61 6.58
N PRO I 35 42.88 24.77 6.65
CA PRO I 35 43.84 24.76 5.53
C PRO I 35 43.25 24.25 4.21
N GLY I 36 43.74 24.82 3.11
CA GLY I 36 43.33 24.48 1.76
C GLY I 36 42.08 25.15 1.27
N ILE I 37 41.10 25.42 2.13
CA ILE I 37 39.81 25.91 1.66
C ILE I 37 39.93 27.23 0.92
N PRO I 38 40.61 28.23 1.50
CA PRO I 38 40.75 29.53 0.77
C PRO I 38 41.58 29.42 -0.48
N GLN I 39 42.58 28.53 -0.50
CA GLN I 39 43.41 28.38 -1.67
C GLN I 39 42.59 27.80 -2.89
N GLY I 40 41.68 26.89 -2.58
CA GLY I 40 40.83 26.29 -3.55
C GLY I 40 39.76 27.22 -4.08
N LYS I 41 39.15 27.98 -3.20
CA LYS I 41 38.16 28.94 -3.66
C LYS I 41 38.84 30.03 -4.49
N ALA I 42 40.06 30.39 -4.11
CA ALA I 42 40.82 31.41 -4.83
C ALA I 42 41.11 30.94 -6.20
N LEU I 43 41.41 29.66 -6.34
CA LEU I 43 41.62 29.08 -7.69
C LEU I 43 40.34 29.21 -8.51
N ASP I 44 39.21 28.83 -7.93
CA ASP I 44 37.93 28.90 -8.66
C ASP I 44 37.62 30.35 -9.12
N LEU I 45 37.78 31.28 -8.20
CA LEU I 45 37.59 32.70 -8.42
C LEU I 45 38.54 33.29 -9.47
N LYS I 46 39.80 32.84 -9.56
CA LYS I 46 40.70 33.22 -10.62
C LYS I 46 40.15 32.78 -12.03
N HIS I 47 39.63 31.58 -12.11
CA HIS I 47 39.12 31.03 -13.33
C HIS I 47 37.82 31.73 -13.69
N PHE I 48 37.04 32.07 -12.67
CA PHE I 48 35.81 32.86 -12.83
C PHE I 48 36.19 34.26 -13.43
N SER I 49 37.17 34.91 -12.80
CA SER I 49 37.77 36.18 -13.28
C SER I 49 38.24 36.11 -14.74
N THR I 50 38.90 35.00 -15.12
CA THR I 50 39.41 34.86 -16.49
C THR I 50 38.29 34.77 -17.54
N ILE I 51 37.20 34.10 -17.20
CA ILE I 51 36.06 34.00 -18.11
C ILE I 51 35.35 35.35 -18.27
N LEU I 52 35.23 36.14 -17.21
CA LEU I 52 34.49 37.37 -17.23
C LEU I 52 35.36 38.59 -17.43
N GLY I 53 36.66 38.42 -17.66
CA GLY I 53 37.49 39.53 -18.03
C GLY I 53 37.77 40.49 -16.92
N VAL I 54 37.76 40.00 -15.70
CA VAL I 54 38.23 40.73 -14.49
C VAL I 54 39.65 40.29 -14.15
N ASN I 55 40.49 41.21 -13.70
CA ASN I 55 41.92 40.98 -13.61
C ASN I 55 42.53 41.27 -12.28
N ARG I 56 41.69 41.48 -11.28
CA ARG I 56 42.20 41.74 -9.95
C ARG I 56 42.89 40.51 -9.35
N ASN I 57 43.80 40.79 -8.44
CA ASN I 57 44.56 39.78 -7.76
C ASN I 57 43.78 39.09 -6.63
N ILE I 58 43.96 37.78 -6.49
CA ILE I 58 43.18 36.96 -5.55
C ILE I 58 44.13 36.02 -4.86
N LEU I 59 44.23 36.15 -3.53
CA LEU I 59 45.15 35.35 -2.73
C LEU I 59 44.35 34.60 -1.66
N GLY I 60 44.41 33.27 -1.71
CA GLY I 60 43.84 32.40 -0.69
C GLY I 60 44.91 32.03 0.35
N THR I 61 44.63 32.25 1.63
CA THR I 61 45.66 32.10 2.68
C THR I 61 45.10 31.61 4.00
N ASN I 62 45.97 30.88 4.70
CA ASN I 62 45.70 30.54 6.13
C ASN I 62 46.53 31.36 7.13
N GLN I 63 47.42 32.20 6.63
CA GLN I 63 48.25 33.06 7.44
C GLN I 63 47.53 34.39 7.60
N ILE I 64 46.98 34.64 8.79
CA ILE I 64 46.26 35.88 9.03
C ILE I 64 47.10 37.16 8.88
N GLU I 65 48.42 37.07 8.99
CA GLU I 65 49.29 38.21 8.76
C GLU I 65 49.21 38.75 7.30
N ASP I 66 48.71 37.94 6.36
CA ASP I 66 48.42 38.40 4.99
C ASP I 66 47.31 39.43 4.88
N ILE I 67 46.56 39.60 5.97
CA ILE I 67 45.58 40.67 6.08
C ILE I 67 46.19 42.11 6.19
N LYS I 68 47.52 42.23 6.30
CA LYS I 68 48.21 43.53 6.47
C LYS I 68 47.82 44.55 5.42
N ASP I 69 47.59 45.77 5.86
CA ASP I 69 47.29 46.87 4.93
C ASP I 69 45.97 46.69 4.12
N ALA I 70 45.07 45.81 4.57
CA ALA I 70 43.77 45.70 3.96
C ALA I 70 43.12 47.02 4.18
N ASP I 71 42.49 47.54 3.15
CA ASP I 71 41.68 48.71 3.29
C ASP I 71 40.34 48.33 3.88
N ILE I 72 39.84 47.17 3.49
CA ILE I 72 38.51 46.69 3.92
C ILE I 72 38.66 45.30 4.48
N ILE I 73 37.88 45.02 5.52
CA ILE I 73 37.79 43.71 6.18
C ILE I 73 36.33 43.33 6.32
N VAL I 74 35.99 42.17 5.78
CA VAL I 74 34.69 41.52 5.96
C VAL I 74 34.88 40.26 6.85
N ILE I 75 34.17 40.22 7.97
CA ILE I 75 34.29 39.10 8.96
C ILE I 75 33.07 38.22 8.97
N THR I 76 33.24 36.98 8.48
CA THR I 76 32.18 35.99 8.44
C THR I 76 32.60 34.77 9.21
N ALA I 77 33.82 34.79 9.77
CA ALA I 77 34.33 33.69 10.61
C ALA I 77 33.38 33.40 11.73
N GLY I 78 33.11 32.14 11.96
CA GLY I 78 32.14 31.78 12.94
C GLY I 78 31.22 30.72 12.44
N VAL I 79 30.41 30.24 13.33
CA VAL I 79 29.55 29.15 13.09
C VAL I 79 28.22 29.76 12.74
N GLN I 80 27.47 29.05 11.88
CA GLN I 80 26.10 29.43 11.52
C GLN I 80 25.08 28.57 12.23
N ARG I 81 23.89 29.14 12.45
CA ARG I 81 22.84 28.45 13.13
C ARG I 81 22.15 27.47 12.25
N LYS I 82 21.66 26.37 12.86
CA LYS I 82 20.87 25.31 12.17
C LYS I 82 19.40 25.50 12.46
N GLU I 83 18.56 24.68 11.82
CA GLU I 83 17.13 24.65 12.12
C GLU I 83 16.85 24.53 13.61
N GLY I 84 15.86 25.30 14.06
CA GLY I 84 15.45 25.27 15.46
C GLY I 84 16.23 26.18 16.40
N MET I 85 17.49 26.49 16.06
CA MET I 85 18.29 27.43 16.82
C MET I 85 17.88 28.87 16.56
N THR I 86 18.12 29.72 17.54
CA THR I 86 18.14 31.16 17.33
C THR I 86 19.58 31.62 16.97
N ARG I 87 19.69 32.86 16.49
CA ARG I 87 21.00 33.49 16.28
C ARG I 87 21.76 33.64 17.61
N GLU I 88 21.02 33.93 18.67
CA GLU I 88 21.57 34.10 20.02
C GLU I 88 22.23 32.82 20.57
N ASP I 89 21.80 31.62 20.13
CA ASP I 89 22.43 30.35 20.57
C ASP I 89 23.91 30.23 20.19
N LEU I 90 24.39 31.05 19.23
CA LEU I 90 25.81 31.08 18.78
C LEU I 90 26.72 31.96 19.66
N ILE I 91 26.09 32.74 20.54
CA ILE I 91 26.77 33.70 21.38
C ILE I 91 28.08 33.17 21.99
N GLY I 92 28.06 31.98 22.58
CA GLY I 92 29.22 31.42 23.27
C GLY I 92 30.37 31.17 22.29
N VAL I 93 30.11 30.32 21.27
CA VAL I 93 31.16 29.90 20.36
C VAL I 93 31.69 31.03 19.44
N ASN I 94 30.80 31.91 18.99
CA ASN I 94 31.21 33.06 18.05
C ASN I 94 31.87 34.29 18.67
N GLY I 95 31.44 34.63 19.90
CA GLY I 95 32.09 35.63 20.72
C GLY I 95 33.59 35.39 20.85
N LYS I 96 33.98 34.13 21.12
CA LYS I 96 35.40 33.73 21.30
C LYS I 96 36.15 33.90 19.99
N ILE I 97 35.54 33.43 18.87
CA ILE I 97 36.12 33.58 17.54
C ILE I 97 36.25 35.07 17.17
N MET I 98 35.18 35.83 17.39
CA MET I 98 35.22 37.28 17.10
C MET I 98 36.34 38.00 17.86
N LYS I 99 36.53 37.68 19.15
CA LYS I 99 37.61 38.28 19.95
C LYS I 99 38.99 37.99 19.34
N SER I 100 39.20 36.73 18.95
CA SER I 100 40.45 36.32 18.31
C SER I 100 40.72 37.11 17.01
N VAL I 101 39.67 37.33 16.22
CA VAL I 101 39.77 38.07 14.92
C VAL I 101 40.05 39.55 15.22
N ALA I 102 39.34 40.09 16.20
CA ALA I 102 39.61 41.45 16.72
C ALA I 102 41.07 41.62 17.08
N GLU I 103 41.64 40.66 17.79
CA GLU I 103 43.04 40.77 18.22
C GLU I 103 44.00 40.74 17.07
N SER I 104 43.68 39.93 16.09
CA SER I 104 44.47 39.88 14.83
C SER I 104 44.38 41.14 14.00
N VAL I 105 43.18 41.70 13.86
CA VAL I 105 43.02 42.97 13.13
C VAL I 105 43.79 44.09 13.85
N LYS I 106 43.71 44.11 15.19
CA LYS I 106 44.43 45.08 16.04
C LYS I 106 45.91 45.16 15.71
N LEU I 107 46.59 44.01 15.63
CA LEU I 107 48.04 44.05 15.37
C LEU I 107 48.47 44.10 13.91
N HIS I 108 47.62 43.67 12.97
CA HIS I 108 48.03 43.58 11.58
C HIS I 108 47.54 44.71 10.62
N CYS I 109 46.35 45.25 10.85
CA CYS I 109 45.84 46.37 10.01
C CYS I 109 44.82 47.22 10.74
N SER I 110 45.34 48.10 11.57
CA SER I 110 44.48 48.93 12.41
C SER I 110 43.76 50.04 11.62
N LYS I 111 44.13 50.28 10.36
CA LYS I 111 43.48 51.36 9.60
C LYS I 111 42.28 50.95 8.74
N ALA I 112 41.91 49.69 8.79
CA ALA I 112 40.89 49.15 7.94
C ALA I 112 39.51 49.56 8.38
N PHE I 113 38.60 49.51 7.41
CA PHE I 113 37.16 49.65 7.65
C PHE I 113 36.61 48.24 7.73
N VAL I 114 35.87 47.97 8.79
CA VAL I 114 35.52 46.59 9.16
C VAL I 114 34.04 46.39 9.12
N ILE I 115 33.61 45.46 8.26
CA ILE I 115 32.22 45.03 8.21
C ILE I 115 32.11 43.62 8.85
N CYS I 116 31.42 43.55 9.98
CA CYS I 116 31.17 42.30 10.69
C CYS I 116 29.92 41.69 10.19
N VAL I 117 29.95 40.38 10.02
CA VAL I 117 28.74 39.60 9.61
C VAL I 117 28.37 38.38 10.48
N SER I 118 29.32 37.76 11.17
CA SER I 118 29.01 36.69 12.18
C SER I 118 27.84 36.93 13.13
N ASN I 119 27.00 35.91 13.35
CA ASN I 119 25.84 36.06 14.23
C ASN I 119 26.13 35.74 15.69
N PRO I 120 25.26 36.17 16.60
CA PRO I 120 24.21 37.18 16.35
C PRO I 120 24.83 38.57 16.08
N LEU I 121 24.40 39.19 14.99
CA LEU I 121 25.14 40.25 14.35
C LEU I 121 25.49 41.43 15.29
N ASP I 122 24.48 42.10 15.82
CA ASP I 122 24.74 43.30 16.61
C ASP I 122 25.69 42.98 17.77
N ILE I 123 25.46 41.85 18.44
CA ILE I 123 26.26 41.45 19.60
C ILE I 123 27.73 41.29 19.19
N MET I 124 27.99 40.59 18.08
CA MET I 124 29.36 40.32 17.61
C MET I 124 30.11 41.57 17.14
N VAL I 125 29.37 42.59 16.67
CA VAL I 125 29.97 43.89 16.34
C VAL I 125 30.51 44.53 17.65
N ASN I 126 29.70 44.52 18.71
CA ASN I 126 30.15 45.01 20.09
C ASN I 126 31.35 44.28 20.68
N VAL I 127 31.42 43.00 20.44
CA VAL I 127 32.60 42.22 20.80
C VAL I 127 33.81 42.67 19.99
N PHE I 128 33.66 42.79 18.68
CA PHE I 128 34.79 43.21 17.80
C PHE I 128 35.33 44.59 18.20
N HIS I 129 34.44 45.51 18.52
CA HIS I 129 34.89 46.84 18.99
C HIS I 129 35.72 46.78 20.24
N LYS I 130 35.19 46.05 21.24
CA LYS I 130 35.86 45.90 22.49
C LYS I 130 37.34 45.44 22.38
N PHE I 131 37.62 44.41 21.59
CA PHE I 131 38.97 43.81 21.58
C PHE I 131 39.83 44.25 20.39
N SER I 132 39.28 45.07 19.51
CA SER I 132 40.01 45.49 18.28
C SER I 132 40.78 46.79 18.43
N ASN I 133 40.29 47.72 19.27
CA ASN I 133 40.97 48.97 19.47
C ASN I 133 40.97 49.81 18.17
N LEU I 134 39.87 49.76 17.42
CA LEU I 134 39.69 50.61 16.30
C LEU I 134 38.64 51.64 16.62
N PRO I 135 38.71 52.76 15.91
CA PRO I 135 37.73 53.79 16.17
C PRO I 135 36.36 53.23 15.93
N HIS I 136 35.35 53.70 16.66
CA HIS I 136 34.01 53.17 16.43
C HIS I 136 33.31 53.43 15.04
N GLU I 137 33.62 54.54 14.37
CA GLU I 137 33.14 54.81 13.03
C GLU I 137 33.76 53.81 12.00
N LYS I 138 34.93 53.21 12.27
CA LYS I 138 35.54 52.25 11.35
C LYS I 138 35.02 50.84 11.44
N ILE I 139 33.95 50.62 12.19
CA ILE I 139 33.44 49.29 12.49
C ILE I 139 31.94 49.36 12.33
N CYS I 140 31.37 48.35 11.70
CA CYS I 140 29.92 48.26 11.59
C CYS I 140 29.59 46.84 11.31
N GLY I 141 28.29 46.55 11.31
CA GLY I 141 27.81 45.24 10.86
C GLY I 141 26.70 45.36 9.86
N MET I 142 26.65 44.44 8.91
CA MET I 142 25.55 44.45 7.97
C MET I 142 24.43 43.60 8.52
N ALA I 143 23.24 44.19 8.52
CA ALA I 143 22.02 43.49 8.77
C ALA I 143 20.83 44.24 8.19
N GLY I 144 20.65 45.50 8.57
CA GLY I 144 19.52 46.32 8.08
C GLY I 144 19.30 46.30 6.55
N ILE I 145 20.36 46.23 5.76
CA ILE I 145 20.17 46.23 4.34
C ILE I 145 19.49 44.93 3.91
N LEU I 146 19.86 43.83 4.54
CA LEU I 146 19.25 42.54 4.26
C LEU I 146 17.80 42.49 4.70
N ASP I 147 17.52 42.96 5.89
CA ASP I 147 16.15 42.91 6.42
C ASP I 147 15.25 43.84 5.63
N THR I 148 15.80 45.02 5.31
CA THR I 148 15.11 45.98 4.42
C THR I 148 14.83 45.39 3.02
N SER I 149 15.78 44.69 2.44
CA SER I 149 15.51 44.06 1.15
C SER I 149 14.38 43.07 1.19
N ARG I 150 14.29 42.34 2.30
CA ARG I 150 13.22 41.37 2.48
C ARG I 150 11.87 42.03 2.63
N TYR I 151 11.81 42.99 3.53
CA TYR I 151 10.58 43.78 3.76
C TYR I 151 10.13 44.48 2.45
N CYS I 152 11.06 45.16 1.76
CA CYS I 152 10.73 45.93 0.54
C CYS I 152 10.31 44.98 -0.55
N SER I 153 10.99 43.84 -0.63
CA SER I 153 10.62 42.78 -1.58
C SER I 153 9.17 42.27 -1.40
N LEU I 154 8.76 42.03 -0.15
CA LEU I 154 7.38 41.62 0.15
C LEU I 154 6.33 42.75 -0.09
N ILE I 155 6.67 43.98 0.29
CA ILE I 155 5.82 45.14 -0.01
C ILE I 155 5.62 45.28 -1.51
N ALA I 156 6.72 45.23 -2.25
CA ALA I 156 6.65 45.34 -3.70
C ALA I 156 5.74 44.28 -4.33
N ASP I 157 5.86 43.02 -3.88
CA ASP I 157 5.01 41.91 -4.36
C ASP I 157 3.53 42.19 -4.12
N LYS I 158 3.18 42.66 -2.93
CA LYS I 158 1.76 42.91 -2.60
C LYS I 158 1.17 44.08 -3.39
N LEU I 159 2.00 45.08 -3.71
CA LEU I 159 1.53 46.28 -4.43
C LEU I 159 1.61 46.13 -5.93
N LYS I 160 2.09 44.97 -6.41
CA LYS I 160 2.33 44.71 -7.83
C LYS I 160 3.25 45.78 -8.46
N VAL I 161 4.36 46.09 -7.79
CA VAL I 161 5.31 47.09 -8.30
C VAL I 161 6.69 46.53 -8.25
N SER I 162 7.55 47.16 -9.00
CA SER I 162 8.97 46.88 -8.95
C SER I 162 9.49 47.11 -7.54
N ALA I 163 10.31 46.18 -7.08
CA ALA I 163 11.06 46.35 -5.85
C ALA I 163 12.13 47.45 -6.02
N GLU I 164 12.53 47.77 -7.26
CA GLU I 164 13.68 48.62 -7.50
C GLU I 164 13.69 49.90 -6.72
N ASP I 165 12.55 50.56 -6.57
CA ASP I 165 12.56 51.84 -5.85
C ASP I 165 11.63 51.87 -4.64
N VAL I 166 11.43 50.70 -4.05
CA VAL I 166 10.79 50.61 -2.75
C VAL I 166 11.89 50.69 -1.71
N ASN I 167 11.81 51.73 -0.89
CA ASN I 167 12.82 51.96 0.16
C ASN I 167 12.19 51.96 1.53
N ALA I 168 12.98 51.59 2.53
CA ALA I 168 12.48 51.55 3.88
C ALA I 168 13.56 51.62 4.92
N VAL I 169 13.16 52.00 6.10
CA VAL I 169 14.05 52.03 7.26
C VAL I 169 13.60 50.91 8.23
N ILE I 170 14.54 50.06 8.61
CA ILE I 170 14.35 49.11 9.69
C ILE I 170 15.42 49.37 10.74
N LEU I 171 14.93 49.71 11.92
CA LEU I 171 15.77 49.97 13.08
C LEU I 171 15.85 48.74 13.98
N GLY I 172 16.95 48.65 14.71
CA GLY I 172 17.09 47.68 15.75
C GLY I 172 17.89 46.46 15.37
N GLY I 173 17.99 45.58 16.35
CA GLY I 173 18.79 44.39 16.23
C GLY I 173 18.31 43.47 15.13
N HIS I 174 19.26 42.72 14.59
CA HIS I 174 18.99 41.74 13.58
C HIS I 174 18.40 40.51 14.27
N GLY I 175 17.10 40.55 14.48
CA GLY I 175 16.44 39.52 15.23
C GLY I 175 14.99 39.84 15.31
N ASP I 176 14.31 39.09 16.17
CA ASP I 176 12.85 39.18 16.35
C ASP I 176 12.34 40.56 16.80
N LEU I 177 13.22 41.43 17.29
CA LEU I 177 12.86 42.75 17.74
C LEU I 177 13.15 43.86 16.72
N MET I 178 13.30 43.53 15.43
CA MET I 178 13.38 44.56 14.36
C MET I 178 12.19 45.47 14.41
N VAL I 179 12.38 46.71 14.03
CA VAL I 179 11.33 47.72 13.99
C VAL I 179 11.28 48.33 12.59
N PRO I 180 10.49 47.72 11.67
CA PRO I 180 10.26 48.35 10.36
C PRO I 180 9.35 49.54 10.46
N LEU I 181 9.72 50.64 9.81
CA LEU I 181 8.99 51.90 9.97
C LEU I 181 8.17 52.17 8.75
N GLN I 182 6.88 51.98 8.91
CA GLN I 182 5.91 52.27 7.87
C GLN I 182 6.01 53.71 7.40
N ARG I 183 6.16 54.64 8.35
CA ARG I 183 6.31 56.07 8.04
C ARG I 183 7.49 56.35 7.11
N TYR I 184 8.57 55.57 7.30
CA TYR I 184 9.78 55.67 6.48
C TYR I 184 9.87 54.58 5.40
N THR I 185 8.72 54.22 4.82
CA THR I 185 8.65 53.31 3.68
C THR I 185 8.08 54.11 2.51
N SER I 186 8.77 54.12 1.39
CA SER I 186 8.26 54.78 0.17
C SER I 186 8.47 53.95 -1.10
N VAL I 187 7.61 54.23 -2.08
CA VAL I 187 7.63 53.56 -3.38
C VAL I 187 7.89 54.65 -4.40
N ASN I 188 9.10 54.63 -4.93
CA ASN I 188 9.64 55.74 -5.73
C ASN I 188 9.24 57.15 -5.22
N GLY I 189 9.37 57.36 -3.91
CA GLY I 189 9.08 58.63 -3.28
C GLY I 189 7.75 58.76 -2.59
N VAL I 190 6.77 57.97 -3.06
CA VAL I 190 5.42 58.00 -2.51
C VAL I 190 5.37 57.19 -1.21
N PRO I 191 5.01 57.84 -0.08
CA PRO I 191 4.86 57.08 1.20
C PRO I 191 3.89 55.87 1.15
N LEU I 192 4.22 54.82 1.90
CA LEU I 192 3.39 53.64 1.99
C LEU I 192 1.95 53.94 2.39
N SER I 193 1.77 54.97 3.23
CA SER I 193 0.46 55.42 3.71
C SER I 193 -0.51 55.84 2.60
N GLU I 194 0.03 56.29 1.47
CA GLU I 194 -0.80 56.62 0.29
C GLU I 194 -1.41 55.37 -0.37
N PHE I 195 -0.68 54.27 -0.34
CA PHE I 195 -1.18 52.99 -0.84
C PHE I 195 -2.23 52.34 0.10
N VAL I 196 -2.17 52.59 1.42
CA VAL I 196 -3.22 52.12 2.32
C VAL I 196 -4.50 52.93 2.05
N LYS I 197 -4.38 54.25 1.91
CA LYS I 197 -5.53 55.16 1.61
C LYS I 197 -6.19 54.82 0.28
N LYS I 198 -5.37 54.41 -0.68
CA LYS I 198 -5.87 53.98 -1.99
C LYS I 198 -6.38 52.51 -1.95
N ASN I 199 -6.40 51.87 -0.77
CA ASN I 199 -6.83 50.48 -0.58
C ASN I 199 -6.05 49.43 -1.36
N MET I 200 -4.82 49.76 -1.77
CA MET I 200 -3.99 48.79 -2.49
C MET I 200 -3.30 47.83 -1.53
N ILE I 201 -3.29 48.15 -0.24
CA ILE I 201 -2.69 47.30 0.80
C ILE I 201 -3.32 47.68 2.14
N SER I 202 -3.45 46.72 3.03
CA SER I 202 -4.10 46.96 4.32
C SER I 202 -3.11 46.91 5.46
N GLN I 203 -3.49 47.51 6.59
CA GLN I 203 -2.66 47.47 7.80
C GLN I 203 -2.32 46.03 8.26
N ASN I 204 -3.27 45.11 8.09
CA ASN I 204 -3.07 43.71 8.43
C ASN I 204 -2.08 43.02 7.50
N GLU I 205 -2.21 43.25 6.19
CA GLU I 205 -1.26 42.74 5.20
C GLU I 205 0.19 43.20 5.53
N ILE I 206 0.31 44.44 5.98
CA ILE I 206 1.61 45.04 6.40
C ILE I 206 2.19 44.34 7.64
N GLN I 207 1.33 44.06 8.63
CA GLN I 207 1.77 43.35 9.84
C GLN I 207 2.24 41.92 9.51
N GLU I 208 1.52 41.28 8.61
CA GLU I 208 1.87 39.98 8.06
C GLU I 208 3.28 40.04 7.44
N ILE I 209 3.48 41.04 6.59
CA ILE I 209 4.77 41.28 5.93
C ILE I 209 5.92 41.51 6.94
N ILE I 210 5.65 42.31 7.97
CA ILE I 210 6.63 42.53 9.04
C ILE I 210 6.99 41.22 9.73
N GLN I 211 5.98 40.37 9.99
CA GLN I 211 6.25 39.08 10.57
C GLN I 211 7.13 38.21 9.66
N LYS I 212 6.79 38.13 8.39
CA LYS I 212 7.62 37.33 7.47
C LYS I 212 9.05 37.84 7.40
N THR I 213 9.20 39.16 7.51
CA THR I 213 10.51 39.79 7.47
C THR I 213 11.33 39.34 8.66
N ARG I 214 10.68 39.31 9.82
CA ARG I 214 11.34 38.86 11.07
C ARG I 214 11.80 37.41 11.01
N ASN I 215 10.93 36.51 10.55
CA ASN I 215 11.24 35.10 10.48
C ASN I 215 11.99 34.64 9.25
N MET I 216 12.26 35.56 8.31
CA MET I 216 12.80 35.19 7.04
C MET I 216 14.11 34.40 7.13
N GLY I 217 15.02 34.85 7.96
CA GLY I 217 16.28 34.16 8.14
C GLY I 217 16.09 32.69 8.49
N ALA I 218 15.15 32.41 9.39
CA ALA I 218 14.84 31.06 9.81
C ALA I 218 14.14 30.27 8.73
N GLU I 219 13.21 30.93 8.03
CA GLU I 219 12.46 30.29 6.94
C GLU I 219 13.36 29.76 5.83
N ILE I 220 14.39 30.52 5.48
CA ILE I 220 15.36 30.10 4.48
C ILE I 220 16.18 28.90 5.01
N ILE I 221 16.59 28.96 6.27
CA ILE I 221 17.31 27.81 6.89
C ILE I 221 16.48 26.55 6.78
N LYS I 222 15.20 26.66 7.15
CA LYS I 222 14.24 25.54 7.09
C LYS I 222 14.12 25.00 5.66
N LEU I 223 13.89 25.87 4.69
CA LEU I 223 13.72 25.43 3.31
C LEU I 223 15.02 24.97 2.67
N ALA I 224 16.02 25.83 2.64
CA ALA I 224 17.26 25.53 1.92
C ALA I 224 18.21 24.62 2.68
N LYS I 225 17.93 24.34 3.95
CA LYS I 225 18.86 23.60 4.83
C LYS I 225 20.25 24.29 5.07
N ALA I 226 20.37 25.58 4.68
CA ALA I 226 21.56 26.39 4.90
C ALA I 226 21.07 27.81 5.03
N SER I 227 21.89 28.64 5.62
CA SER I 227 21.47 30.01 5.81
C SER I 227 21.70 30.83 4.51
N ALA I 228 20.95 31.92 4.41
CA ALA I 228 21.01 32.82 3.26
C ALA I 228 22.46 33.26 3.00
N ALA I 229 22.85 33.30 1.71
CA ALA I 229 24.23 33.63 1.32
C ALA I 229 24.31 34.75 0.26
N PHE I 230 23.41 34.74 -0.72
CA PHE I 230 23.50 35.70 -1.83
C PHE I 230 23.14 37.11 -1.40
N ALA I 231 21.99 37.25 -0.76
CA ALA I 231 21.51 38.60 -0.32
C ALA I 231 22.44 39.22 0.72
N PRO I 232 22.86 38.42 1.70
CA PRO I 232 23.91 38.96 2.59
C PRO I 232 25.14 39.48 1.87
N ALA I 233 25.62 38.74 0.88
CA ALA I 233 26.83 39.15 0.20
C ALA I 233 26.61 40.49 -0.59
N ALA I 234 25.41 40.65 -1.17
CA ALA I 234 25.08 41.81 -1.96
C ALA I 234 25.01 43.02 -1.05
N ALA I 235 24.33 42.86 0.06
CA ALA I 235 24.31 43.90 1.15
C ALA I 235 25.70 44.33 1.58
N ILE I 236 26.58 43.35 1.85
CA ILE I 236 27.97 43.64 2.24
C ILE I 236 28.68 44.48 1.20
N THR I 237 28.60 44.02 -0.06
CA THR I 237 29.19 44.69 -1.20
C THR I 237 28.69 46.13 -1.38
N LYS I 238 27.41 46.36 -1.14
CA LYS I 238 26.87 47.68 -1.20
C LYS I 238 27.55 48.61 -0.14
N MET I 239 27.79 48.13 1.06
CA MET I 239 28.45 48.88 2.08
C MET I 239 29.92 49.08 1.74
N ILE I 240 30.55 48.10 1.11
CA ILE I 240 31.95 48.24 0.76
C ILE I 240 32.07 49.43 -0.28
N LYS I 241 31.15 49.44 -1.22
CA LYS I 241 31.09 50.36 -2.32
C LYS I 241 30.90 51.79 -1.79
N SER I 242 29.99 51.91 -0.83
CA SER I 242 29.75 53.19 -0.20
C SER I 242 30.97 53.75 0.53
N TYR I 243 31.81 52.86 1.06
CA TYR I 243 33.06 53.30 1.72
C TYR I 243 34.13 53.65 0.71
N LEU I 244 34.45 52.74 -0.19
CA LEU I 244 35.50 52.92 -1.21
C LEU I 244 35.28 54.11 -2.13
N TYR I 245 34.04 54.36 -2.46
CA TYR I 245 33.74 55.40 -3.39
C TYR I 245 33.18 56.66 -2.70
N ASN I 246 33.28 56.75 -1.40
CA ASN I 246 32.83 57.89 -0.64
C ASN I 246 31.42 58.34 -0.89
N GLU I 247 30.51 57.40 -0.95
CA GLU I 247 29.20 57.70 -1.55
C GLU I 247 28.30 58.41 -0.62
N ASN I 248 28.54 58.22 0.66
CA ASN I 248 27.67 58.80 1.69
C ASN I 248 26.21 58.35 1.64
N ASN I 249 26.01 57.09 1.25
CA ASN I 249 24.68 56.51 1.16
C ASN I 249 24.08 56.36 2.60
N LEU I 250 22.76 56.47 2.70
CA LEU I 250 22.03 56.35 3.91
C LEU I 250 21.39 54.96 4.01
N PHE I 251 21.96 54.08 4.85
CA PHE I 251 21.48 52.69 5.06
C PHE I 251 20.98 52.48 6.49
N THR I 252 20.49 51.28 6.79
CA THR I 252 20.46 50.79 8.13
C THR I 252 21.55 49.74 8.27
N CYS I 253 22.38 49.90 9.31
CA CYS I 253 23.39 48.93 9.67
C CYS I 253 23.75 49.07 11.17
N ALA I 254 24.49 48.07 11.67
CA ALA I 254 24.86 48.06 13.08
C ALA I 254 25.95 49.08 13.17
N VAL I 255 25.71 50.09 13.98
CA VAL I 255 26.60 51.24 14.10
C VAL I 255 26.72 51.69 15.58
N TYR I 256 27.84 52.31 15.94
CA TYR I 256 28.03 52.92 17.28
C TYR I 256 27.06 54.07 17.54
N LEU I 257 26.12 53.86 18.43
CA LEU I 257 25.26 54.94 18.88
C LEU I 257 25.90 55.69 20.05
N ASN I 258 25.65 56.98 20.08
CA ASN I 258 26.30 57.92 21.01
C ASN I 258 25.46 59.14 21.40
N GLY I 259 24.35 58.87 22.07
CA GLY I 259 23.30 59.85 22.29
C GLY I 259 22.16 59.85 21.27
N HIS I 260 22.25 59.01 20.25
CA HIS I 260 21.23 58.92 19.20
C HIS I 260 20.18 57.92 19.64
N TYR I 261 18.92 58.29 19.47
CA TYR I 261 17.77 57.47 19.80
C TYR I 261 17.75 57.03 21.27
N ASN I 262 18.12 57.95 22.18
CA ASN I 262 18.28 57.70 23.62
C ASN I 262 19.19 56.57 23.96
N CYS I 263 20.22 56.35 23.16
CA CYS I 263 21.12 55.24 23.36
C CYS I 263 22.54 55.68 23.23
N SER I 264 23.41 55.12 24.07
CA SER I 264 24.82 55.49 24.02
C SER I 264 25.67 54.28 24.29
N ASN I 265 26.88 54.25 23.78
CA ASN I 265 27.83 53.18 24.01
C ASN I 265 27.40 51.76 23.65
N LEU I 266 26.82 51.62 22.46
CA LEU I 266 26.38 50.32 21.95
C LEU I 266 26.29 50.35 20.40
N PHE I 267 26.78 49.28 19.76
CA PHE I 267 26.56 49.05 18.34
C PHE I 267 25.21 48.37 18.22
N VAL I 268 24.34 48.95 17.40
CA VAL I 268 23.03 48.40 17.16
C VAL I 268 22.51 48.91 15.84
N GLY I 269 21.66 48.12 15.20
CA GLY I 269 21.05 48.49 13.94
C GLY I 269 20.36 49.86 13.97
N SER I 270 20.82 50.77 13.11
CA SER I 270 20.31 52.12 13.09
C SER I 270 20.55 52.74 11.74
N THR I 271 19.92 53.90 11.52
CA THR I 271 20.13 54.69 10.33
C THR I 271 21.51 55.30 10.35
N ALA I 272 22.27 55.10 9.29
CA ALA I 272 23.66 55.60 9.21
C ALA I 272 24.10 55.88 7.76
N LYS I 273 25.10 56.76 7.63
CA LYS I 273 25.71 57.09 6.36
C LYS I 273 27.07 56.43 6.34
N ILE I 274 27.45 55.89 5.19
CA ILE I 274 28.76 55.32 5.04
C ILE I 274 29.54 56.09 3.95
N ASN I 275 30.76 56.52 4.28
CA ASN I 275 31.62 57.26 3.42
C ASN I 275 33.08 56.88 3.65
N ASN I 276 34.00 57.55 2.97
CA ASN I 276 35.47 57.52 3.21
C ASN I 276 35.97 57.32 4.63
N LYS I 277 35.26 57.93 5.57
CA LYS I 277 35.68 58.01 6.96
C LYS I 277 35.01 56.95 7.84
N GLY I 278 34.06 56.19 7.31
CA GLY I 278 33.39 55.12 8.03
C GLY I 278 31.88 55.25 8.10
N ALA I 279 31.32 54.65 9.15
CA ALA I 279 29.85 54.60 9.39
C ALA I 279 29.45 55.56 10.48
N HIS I 280 28.49 56.43 10.20
CA HIS I 280 28.15 57.60 11.03
C HIS I 280 26.67 57.59 11.27
N PRO I 281 26.25 57.52 12.52
CA PRO I 281 24.81 57.40 12.76
C PRO I 281 24.12 58.71 12.48
N VAL I 282 22.84 58.65 12.18
CA VAL I 282 22.01 59.81 11.92
C VAL I 282 20.72 59.59 12.70
N GLU I 283 20.27 60.57 13.47
CA GLU I 283 19.04 60.44 14.21
C GLU I 283 17.89 61.10 13.49
N PHE I 284 16.80 60.37 13.28
CA PHE I 284 15.57 60.93 12.70
C PHE I 284 14.48 61.00 13.77
N PRO I 285 13.54 61.94 13.62
CA PRO I 285 12.54 62.16 14.67
C PRO I 285 11.50 61.04 14.70
N LEU I 286 11.62 60.15 15.66
CA LEU I 286 10.66 59.07 15.85
C LEU I 286 9.46 59.54 16.66
N THR I 287 8.30 58.89 16.46
CA THR I 287 7.14 59.04 17.40
C THR I 287 7.48 58.31 18.72
N LYS I 288 6.69 58.59 19.76
CA LYS I 288 6.88 57.94 21.07
C LYS I 288 6.83 56.43 20.90
N GLU I 289 5.85 55.96 20.15
CA GLU I 289 5.58 54.53 20.00
C GLU I 289 6.69 53.82 19.24
N GLU I 290 7.17 54.49 18.18
CA GLU I 290 8.30 54.01 17.42
C GLU I 290 9.56 53.89 18.28
N GLN I 291 9.87 54.96 19.02
CA GLN I 291 11.05 55.00 19.89
C GLN I 291 10.98 53.96 20.99
N ASP I 292 9.78 53.75 21.51
CA ASP I 292 9.53 52.71 22.56
C ASP I 292 9.85 51.32 22.05
N LEU I 293 9.37 51.00 20.84
CA LEU I 293 9.73 49.73 20.16
C LEU I 293 11.23 49.61 19.91
N TYR I 294 11.84 50.70 19.47
CA TYR I 294 13.28 50.72 19.20
C TYR I 294 14.09 50.50 20.49
N THR I 295 13.76 51.25 21.53
CA THR I 295 14.40 51.08 22.86
C THR I 295 14.30 49.64 23.41
N GLU I 296 13.12 49.05 23.27
CA GLU I 296 12.97 47.64 23.62
C GLU I 296 13.97 46.70 22.87
N SER I 297 14.16 46.92 21.55
CA SER I 297 15.13 46.17 20.75
C SER I 297 16.57 46.40 21.20
N ILE I 298 16.86 47.68 21.47
CA ILE I 298 18.12 48.09 22.02
C ILE I 298 18.39 47.35 23.35
N ALA I 299 17.37 47.21 24.19
CA ALA I 299 17.54 46.55 25.51
C ALA I 299 18.04 45.10 25.36
N SER I 300 17.42 44.29 24.46
CA SER I 300 17.92 42.93 24.16
C SER I 300 19.35 42.88 23.72
N VAL I 301 19.70 43.79 22.81
CA VAL I 301 21.05 43.88 22.34
C VAL I 301 22.02 44.21 23.47
N GLN I 302 21.66 45.20 24.29
CA GLN I 302 22.38 45.47 25.58
C GLN I 302 22.65 44.19 26.38
N SER I 303 21.55 43.51 26.74
CA SER I 303 21.59 42.30 27.61
C SER I 303 22.53 41.28 27.02
N ASN I 304 22.25 40.92 25.77
CA ASN I 304 22.95 39.84 25.10
C ASN I 304 24.42 40.17 24.85
N THR I 305 24.72 41.47 24.72
CA THR I 305 26.07 41.93 24.60
C THR I 305 26.82 41.71 25.88
N GLN I 306 26.20 42.08 27.00
CA GLN I 306 26.76 41.80 28.33
C GLN I 306 27.01 40.28 28.49
N LYS I 307 25.98 39.48 28.23
CA LYS I 307 26.08 38.02 28.24
C LYS I 307 27.29 37.56 27.44
N ALA I 308 27.49 38.13 26.25
CA ALA I 308 28.60 37.75 25.42
C ALA I 308 29.95 38.05 26.06
N PHE I 309 30.09 39.26 26.61
CA PHE I 309 31.34 39.63 27.34
C PHE I 309 31.59 38.72 28.51
N ASP I 310 30.53 38.42 29.26
CA ASP I 310 30.63 37.50 30.44
C ASP I 310 31.14 36.11 29.99
N LEU I 311 30.50 35.53 28.95
CA LEU I 311 30.84 34.19 28.46
C LEU I 311 32.21 34.11 27.83
N ILE I 312 32.81 35.23 27.49
CA ILE I 312 34.17 35.25 26.98
C ILE I 312 35.25 35.08 28.07
N LYS I 313 34.93 35.25 29.35
CA LYS I 313 35.84 34.81 30.43
C LYS I 313 35.39 33.45 30.99
N MET J 1 10.41 37.87 -20.72
CA MET J 1 9.63 36.68 -21.28
C MET J 1 10.45 35.35 -21.37
N THR J 2 11.77 35.44 -21.65
CA THR J 2 12.72 34.28 -21.62
C THR J 2 12.69 33.47 -20.29
N LYS J 3 12.53 32.15 -20.37
CA LYS J 3 12.50 31.31 -19.19
C LYS J 3 13.72 30.43 -19.15
N ILE J 4 14.49 30.53 -18.07
CA ILE J 4 15.70 29.74 -17.86
C ILE J 4 15.43 28.75 -16.73
N ALA J 5 15.51 27.47 -17.05
CA ALA J 5 15.28 26.43 -16.07
C ALA J 5 16.58 25.77 -15.61
N LEU J 6 16.80 25.77 -14.29
CA LEU J 6 17.97 25.16 -13.66
C LEU J 6 17.55 23.84 -13.02
N ILE J 7 17.90 22.74 -13.67
CA ILE J 7 17.57 21.42 -13.20
C ILE J 7 18.75 21.00 -12.35
N GLY J 8 18.55 21.19 -11.04
CA GLY J 8 19.58 21.02 -10.02
C GLY J 8 19.80 22.37 -9.38
N SER J 9 19.56 22.45 -8.07
CA SER J 9 19.70 23.70 -7.33
C SER J 9 20.85 23.67 -6.32
N GLY J 10 21.93 22.94 -6.63
CA GLY J 10 23.17 22.98 -5.88
C GLY J 10 23.97 24.28 -6.18
N GLN J 11 25.26 24.22 -5.86
CA GLN J 11 26.13 25.33 -5.87
C GLN J 11 26.15 25.96 -7.25
N ILE J 12 26.40 25.12 -8.23
CA ILE J 12 26.51 25.56 -9.61
C ILE J 12 25.22 26.19 -10.11
N GLY J 13 24.14 25.47 -9.97
CA GLY J 13 22.83 25.96 -10.39
C GLY J 13 22.50 27.31 -9.77
N ALA J 14 22.71 27.45 -8.48
CA ALA J 14 22.35 28.71 -7.81
C ALA J 14 23.19 29.87 -8.35
N ILE J 15 24.48 29.65 -8.53
CA ILE J 15 25.38 30.69 -8.97
C ILE J 15 25.02 31.08 -10.43
N VAL J 16 24.76 30.07 -11.28
CA VAL J 16 24.21 30.33 -12.67
C VAL J 16 22.95 31.18 -12.61
N GLY J 17 22.04 30.82 -11.71
CA GLY J 17 20.86 31.64 -11.47
C GLY J 17 21.26 33.07 -11.05
N GLU J 18 22.28 33.20 -10.21
CA GLU J 18 22.73 34.52 -9.76
C GLU J 18 23.25 35.34 -10.92
N LEU J 19 24.11 34.74 -11.74
CA LEU J 19 24.72 35.45 -12.89
C LEU J 19 23.66 35.78 -13.90
N CYS J 20 22.68 34.92 -14.08
CA CYS J 20 21.59 35.22 -15.03
C CYS J 20 20.77 36.41 -14.57
N LEU J 21 20.58 36.52 -13.27
CA LEU J 21 19.89 37.69 -12.70
C LEU J 21 20.71 38.97 -12.85
N LEU J 22 22.01 38.87 -12.65
CA LEU J 22 22.86 40.05 -12.83
C LEU J 22 22.84 40.68 -14.22
N GLU J 23 22.76 39.85 -15.27
CA GLU J 23 22.62 40.32 -16.64
C GLU J 23 21.19 40.33 -17.16
N ASN J 24 20.20 40.18 -16.30
CA ASN J 24 18.81 40.17 -16.78
C ASN J 24 18.55 39.19 -17.96
N LEU J 25 19.22 38.03 -17.98
CA LEU J 25 19.04 37.05 -19.04
C LEU J 25 17.65 36.44 -19.13
N GLY J 26 16.92 36.33 -18.04
CA GLY J 26 15.58 35.74 -18.09
C GLY J 26 14.97 35.50 -16.72
N ASP J 27 13.70 35.12 -16.71
CA ASP J 27 13.07 34.56 -15.53
C ASP J 27 13.67 33.20 -15.17
N LEU J 28 13.80 32.93 -13.87
CA LEU J 28 14.39 31.68 -13.44
C LEU J 28 13.37 30.71 -12.91
N ILE J 29 13.61 29.44 -13.22
CA ILE J 29 12.93 28.34 -12.61
C ILE J 29 14.01 27.46 -12.01
N LEU J 30 14.04 27.50 -10.68
CA LEU J 30 14.92 26.68 -9.85
C LEU J 30 14.23 25.37 -9.45
N TYR J 31 14.69 24.28 -10.05
CA TYR J 31 14.17 22.96 -9.81
C TYR J 31 15.20 22.11 -9.05
N ASP J 32 14.70 21.33 -8.06
CA ASP J 32 15.46 20.24 -7.50
C ASP J 32 14.51 19.14 -7.05
N VAL J 33 15.07 17.95 -6.91
CA VAL J 33 14.33 16.80 -6.40
C VAL J 33 14.07 16.92 -4.85
N VAL J 34 15.05 17.45 -4.11
CA VAL J 34 14.96 17.62 -2.65
C VAL J 34 13.95 18.73 -2.27
N PRO J 35 12.87 18.38 -1.52
CA PRO J 35 11.93 19.46 -1.16
C PRO J 35 12.54 20.58 -0.36
N GLY J 36 12.02 21.80 -0.57
CA GLY J 36 12.40 22.98 0.21
C GLY J 36 13.64 23.69 -0.34
N ILE J 37 14.62 22.96 -0.89
CA ILE J 37 15.92 23.56 -1.22
C ILE J 37 15.77 24.67 -2.27
N PRO J 38 15.08 24.40 -3.37
CA PRO J 38 14.89 25.44 -4.38
C PRO J 38 14.05 26.63 -3.93
N GLN J 39 13.08 26.39 -3.05
CA GLN J 39 12.23 27.48 -2.56
C GLN J 39 13.03 28.44 -1.69
N GLY J 40 13.97 27.89 -0.90
CA GLY J 40 14.83 28.68 -0.03
C GLY J 40 15.89 29.48 -0.77
N LYS J 41 16.50 28.87 -1.78
CA LYS J 41 17.45 29.58 -2.60
C LYS J 41 16.75 30.66 -3.42
N ALA J 42 15.52 30.39 -3.84
CA ALA J 42 14.73 31.36 -4.61
C ALA J 42 14.39 32.53 -3.77
N LEU J 43 14.10 32.30 -2.50
CA LEU J 43 13.92 33.43 -1.57
C LEU J 43 15.20 34.30 -1.49
N ASP J 44 16.34 33.65 -1.33
CA ASP J 44 17.59 34.36 -1.14
C ASP J 44 17.90 35.18 -2.42
N LEU J 45 17.75 34.55 -3.60
CA LEU J 45 17.92 35.21 -4.86
C LEU J 45 16.95 36.38 -5.13
N LYS J 46 15.70 36.31 -4.69
CA LYS J 46 14.78 37.45 -4.74
C LYS J 46 15.32 38.65 -3.92
N HIS J 47 15.84 38.39 -2.72
CA HIS J 47 16.35 39.45 -1.84
C HIS J 47 17.65 40.08 -2.44
N PHE J 48 18.42 39.22 -3.10
CA PHE J 48 19.61 39.60 -3.82
C PHE J 48 19.21 40.53 -4.93
N SER J 49 18.21 40.11 -5.66
CA SER J 49 17.65 40.87 -6.81
C SER J 49 17.14 42.20 -6.36
N THR J 50 16.49 42.24 -5.23
CA THR J 50 16.00 43.52 -4.69
C THR J 50 17.12 44.51 -4.33
N ILE J 51 18.23 44.01 -3.83
CA ILE J 51 19.32 44.88 -3.43
C ILE J 51 20.03 45.43 -4.67
N LEU J 52 20.19 44.63 -5.71
CA LEU J 52 20.90 45.01 -6.92
C LEU J 52 20.03 45.54 -8.02
N GLY J 53 18.74 45.75 -7.78
CA GLY J 53 17.87 46.42 -8.74
C GLY J 53 17.55 45.59 -9.96
N VAL J 54 17.61 44.25 -9.82
CA VAL J 54 17.16 43.32 -10.85
C VAL J 54 15.73 42.92 -10.53
N ASN J 55 14.89 42.73 -11.54
CA ASN J 55 13.45 42.53 -11.32
C ASN J 55 12.87 41.27 -11.94
N ARG J 56 13.72 40.37 -12.44
CA ARG J 56 13.22 39.15 -13.07
C ARG J 56 12.54 38.24 -12.07
N ASN J 57 11.66 37.42 -12.59
CA ASN J 57 10.93 36.49 -11.77
C ASN J 57 11.78 35.26 -11.39
N ILE J 58 11.59 34.76 -10.19
CA ILE J 58 12.32 33.61 -9.70
C ILE J 58 11.37 32.66 -8.99
N LEU J 59 11.29 31.42 -9.46
CA LEU J 59 10.40 30.40 -8.90
C LEU J 59 11.23 29.19 -8.49
N GLY J 60 11.19 28.86 -7.22
CA GLY J 60 11.77 27.61 -6.69
C GLY J 60 10.72 26.50 -6.60
N THR J 61 11.01 25.32 -7.14
CA THR J 61 10.00 24.28 -7.30
C THR J 61 10.57 22.86 -7.21
N ASN J 62 9.72 21.94 -6.74
CA ASN J 62 9.96 20.51 -6.79
C ASN J 62 9.11 19.78 -7.83
N GLN J 63 8.22 20.50 -8.50
CA GLN J 63 7.40 19.94 -9.57
C GLN J 63 8.13 20.19 -10.90
N ILE J 64 8.70 19.13 -11.46
CA ILE J 64 9.39 19.24 -12.76
C ILE J 64 8.54 19.72 -13.94
N GLU J 65 7.22 19.58 -13.85
CA GLU J 65 6.34 20.13 -14.89
C GLU J 65 6.38 21.66 -14.99
N ASP J 66 6.86 22.35 -13.95
CA ASP J 66 7.15 23.80 -14.00
C ASP J 66 8.26 24.22 -14.98
N ILE J 67 9.02 23.25 -15.48
CA ILE J 67 9.99 23.43 -16.52
C ILE J 67 9.38 23.74 -17.93
N LYS J 68 8.05 23.65 -18.06
CA LYS J 68 7.35 23.84 -19.34
C LYS J 68 7.72 25.14 -20.00
N ASP J 69 7.93 25.08 -21.31
CA ASP J 69 8.21 26.29 -22.10
C ASP J 69 9.49 27.04 -21.66
N ALA J 70 10.40 26.35 -20.98
CA ALA J 70 11.69 26.89 -20.75
C ALA J 70 12.36 27.06 -22.09
N ASP J 71 12.99 28.20 -22.28
CA ASP J 71 13.82 28.42 -23.46
C ASP J 71 15.17 27.79 -23.28
N ILE J 72 15.67 27.80 -22.06
CA ILE J 72 16.98 27.25 -21.73
C ILE J 72 16.84 26.31 -20.57
N ILE J 73 17.65 25.23 -20.59
CA ILE J 73 17.75 24.27 -19.52
C ILE J 73 19.21 24.03 -19.18
N VAL J 74 19.54 24.24 -17.91
CA VAL J 74 20.84 23.91 -17.35
C VAL J 74 20.73 22.70 -16.36
N ILE J 75 21.47 21.62 -16.62
CA ILE J 75 21.34 20.38 -15.88
C ILE J 75 22.58 20.17 -15.07
N THR J 76 22.42 20.31 -13.75
CA THR J 76 23.47 20.02 -12.79
C THR J 76 23.07 18.89 -11.86
N ALA J 77 21.87 18.34 -12.03
CA ALA J 77 21.38 17.23 -11.17
C ALA J 77 22.32 16.05 -11.23
N GLY J 78 22.59 15.47 -10.10
CA GLY J 78 23.56 14.43 -10.05
C GLY J 78 24.47 14.62 -8.86
N VAL J 79 25.30 13.62 -8.68
CA VAL J 79 26.20 13.56 -7.58
C VAL J 79 27.51 14.12 -8.08
N GLN J 80 28.24 14.80 -7.20
CA GLN J 80 29.60 15.23 -7.48
C GLN J 80 30.63 14.27 -6.85
N ARG J 81 31.83 14.24 -7.45
CA ARG J 81 32.91 13.39 -6.96
C ARG J 81 33.62 13.99 -5.75
N LYS J 82 34.13 13.11 -4.87
CA LYS J 82 34.89 13.49 -3.66
C LYS J 82 36.37 13.27 -3.93
N GLU J 83 37.21 13.69 -2.98
CA GLU J 83 38.65 13.41 -3.04
C GLU J 83 38.96 11.94 -3.36
N GLY J 84 39.96 11.71 -4.19
CA GLY J 84 40.38 10.38 -4.57
C GLY J 84 39.57 9.74 -5.72
N MET J 85 38.31 10.14 -5.91
CA MET J 85 37.50 9.66 -7.03
C MET J 85 37.84 10.35 -8.37
N THR J 86 37.61 9.65 -9.47
CA THR J 86 37.63 10.23 -10.80
C THR J 86 36.18 10.65 -11.12
N ARG J 87 36.04 11.49 -12.15
CA ARG J 87 34.71 11.87 -12.70
C ARG J 87 33.99 10.59 -13.19
N GLU J 88 34.76 9.66 -13.76
CA GLU J 88 34.22 8.42 -14.35
C GLU J 88 33.58 7.49 -13.26
N ASP J 89 34.00 7.58 -11.99
CA ASP J 89 33.37 6.80 -10.92
C ASP J 89 31.88 7.12 -10.70
N LEU J 90 31.39 8.27 -11.20
CA LEU J 90 29.98 8.69 -11.06
C LEU J 90 29.07 8.10 -12.14
N ILE J 91 29.69 7.48 -13.12
CA ILE J 91 29.01 6.92 -14.28
C ILE J 91 27.73 6.16 -13.99
N GLY J 92 27.80 5.25 -13.01
CA GLY J 92 26.63 4.48 -12.65
C GLY J 92 25.50 5.37 -12.19
N VAL J 93 25.76 6.13 -11.13
CA VAL J 93 24.68 6.84 -10.44
C VAL J 93 24.11 8.01 -11.24
N ASN J 94 24.98 8.72 -11.94
CA ASN J 94 24.56 9.93 -12.70
C ASN J 94 23.90 9.65 -14.07
N GLY J 95 24.30 8.55 -14.72
CA GLY J 95 23.65 8.07 -15.94
C GLY J 95 22.16 7.87 -15.72
N LYS J 96 21.79 7.26 -14.58
CA LYS J 96 20.38 6.94 -14.27
C LYS J 96 19.62 8.24 -14.05
N ILE J 97 20.22 9.18 -13.31
CA ILE J 97 19.64 10.52 -13.05
C ILE J 97 19.52 11.34 -14.36
N MET J 98 20.57 11.36 -15.17
CA MET J 98 20.50 12.01 -16.45
C MET J 98 19.37 11.47 -17.36
N LYS J 99 19.19 10.14 -17.38
CA LYS J 99 18.11 9.53 -18.18
C LYS J 99 16.74 10.02 -17.73
N SER J 100 16.55 10.07 -16.45
CA SER J 100 15.28 10.51 -15.89
C SER J 100 14.99 11.95 -16.26
N VAL J 101 16.03 12.80 -16.20
CA VAL J 101 15.90 14.23 -16.56
C VAL J 101 15.58 14.31 -18.05
N ALA J 102 16.28 13.51 -18.84
CA ALA J 102 16.04 13.48 -20.30
C ALA J 102 14.59 13.21 -20.57
N GLU J 103 14.05 12.22 -19.88
CA GLU J 103 12.66 11.82 -20.08
C GLU J 103 11.72 12.94 -19.72
N SER J 104 12.02 13.64 -18.64
CA SER J 104 11.20 14.78 -18.24
C SER J 104 11.27 15.98 -19.22
N VAL J 105 12.46 16.28 -19.72
CA VAL J 105 12.59 17.34 -20.75
C VAL J 105 11.79 16.96 -21.99
N LYS J 106 11.89 15.67 -22.37
CA LYS J 106 11.19 15.14 -23.54
C LYS J 106 9.69 15.47 -23.52
N LEU J 107 9.02 15.19 -22.42
CA LEU J 107 7.58 15.43 -22.39
C LEU J 107 7.16 16.85 -22.05
N HIS J 108 8.01 17.64 -21.38
CA HIS J 108 7.58 18.95 -20.86
C HIS J 108 8.03 20.18 -21.67
N CYS J 109 9.23 20.13 -22.25
CA CYS J 109 9.72 21.26 -23.08
C CYS J 109 10.74 20.79 -24.12
N SER J 110 10.22 20.22 -25.20
CA SER J 110 11.05 19.68 -26.26
C SER J 110 11.73 20.77 -27.13
N LYS J 111 11.36 22.05 -27.00
CA LYS J 111 12.00 23.12 -27.81
C LYS J 111 13.18 23.86 -27.16
N ALA J 112 13.55 23.46 -25.95
CA ALA J 112 14.59 24.14 -25.22
C ALA J 112 15.97 23.84 -25.77
N PHE J 113 16.89 24.75 -25.47
CA PHE J 113 18.32 24.56 -25.64
C PHE J 113 18.87 24.05 -24.30
N VAL J 114 19.64 22.97 -24.36
CA VAL J 114 20.01 22.26 -23.17
C VAL J 114 21.50 22.26 -22.95
N ILE J 115 21.92 22.80 -21.82
CA ILE J 115 23.32 22.75 -21.40
C ILE J 115 23.47 21.75 -20.22
N CYS J 116 24.19 20.67 -20.47
CA CYS J 116 24.42 19.61 -19.49
C CYS J 116 25.68 19.92 -18.78
N VAL J 117 25.69 19.71 -17.46
CA VAL J 117 26.88 19.92 -16.63
C VAL J 117 27.27 18.71 -15.72
N SER J 118 26.35 17.85 -15.33
CA SER J 118 26.69 16.61 -14.57
C SER J 118 27.86 15.80 -15.08
N ASN J 119 28.70 15.31 -14.19
CA ASN J 119 29.87 14.50 -14.57
C ASN J 119 29.59 13.00 -14.65
N PRO J 120 30.45 12.26 -15.32
CA PRO J 120 31.49 12.79 -16.24
C PRO J 120 30.87 13.43 -17.51
N LEU J 121 31.28 14.67 -17.79
CA LEU J 121 30.48 15.58 -18.63
C LEU J 121 30.14 15.00 -19.98
N ASP J 122 31.15 14.66 -20.74
CA ASP J 122 30.89 14.26 -22.11
C ASP J 122 29.96 13.05 -22.18
N ILE J 123 30.23 12.10 -21.34
CA ILE J 123 29.45 10.88 -21.25
C ILE J 123 27.96 11.21 -20.98
N MET J 124 27.71 12.06 -20.00
CA MET J 124 26.34 12.41 -19.60
C MET J 124 25.56 13.21 -20.65
N VAL J 125 26.28 14.00 -21.45
CA VAL J 125 25.67 14.65 -22.65
C VAL J 125 25.13 13.56 -23.59
N ASN J 126 25.95 12.57 -23.89
CA ASN J 126 25.50 11.44 -24.72
C ASN J 126 24.27 10.73 -24.16
N VAL J 127 24.23 10.55 -22.85
CA VAL J 127 23.09 9.92 -22.24
C VAL J 127 21.88 10.80 -22.46
N PHE J 128 22.01 12.08 -22.18
CA PHE J 128 20.87 12.97 -22.33
C PHE J 128 20.31 12.93 -23.75
N HIS J 129 21.19 12.94 -24.73
CA HIS J 129 20.74 12.90 -26.14
C HIS J 129 19.93 11.64 -26.42
N LYS J 130 20.46 10.50 -25.99
CA LYS J 130 19.81 9.21 -26.20
C LYS J 130 18.36 9.17 -25.73
N PHE J 131 18.07 9.67 -24.54
CA PHE J 131 16.73 9.50 -23.98
C PHE J 131 15.83 10.73 -24.08
N SER J 132 16.36 11.83 -24.62
CA SER J 132 15.62 13.10 -24.61
C SER J 132 14.81 13.29 -25.88
N ASN J 133 15.28 12.74 -27.00
CA ASN J 133 14.60 12.92 -28.27
C ASN J 133 14.60 14.39 -28.69
N LEU J 134 15.70 15.07 -28.45
CA LEU J 134 15.87 16.44 -28.96
C LEU J 134 16.89 16.45 -30.11
N PRO J 135 16.78 17.44 -30.99
CA PRO J 135 17.79 17.55 -32.02
C PRO J 135 19.17 17.68 -31.42
N HIS J 136 20.18 17.12 -32.07
CA HIS J 136 21.54 17.16 -31.49
C HIS J 136 22.19 18.58 -31.34
N GLU J 137 21.86 19.52 -32.22
CA GLU J 137 22.34 20.88 -32.10
C GLU J 137 21.75 21.56 -30.85
N LYS J 138 20.59 21.13 -30.39
CA LYS J 138 19.96 21.75 -29.22
C LYS J 138 20.51 21.24 -27.85
N ILE J 139 21.59 20.46 -27.87
CA ILE J 139 22.13 19.85 -26.71
C ILE J 139 23.61 20.08 -26.74
N CYS J 140 24.18 20.42 -25.58
CA CYS J 140 25.62 20.47 -25.45
C CYS J 140 25.95 20.31 -24.01
N GLY J 141 27.25 20.26 -23.74
CA GLY J 141 27.74 20.32 -22.38
C GLY J 141 28.85 21.30 -22.20
N MET J 142 28.89 21.96 -21.05
CA MET J 142 30.01 22.89 -20.82
C MET J 142 31.15 22.16 -20.14
N ALA J 143 32.33 22.36 -20.71
CA ALA J 143 33.54 21.93 -20.12
C ALA J 143 34.71 22.71 -20.68
N GLY J 144 34.87 22.73 -22.00
CA GLY J 144 36.00 23.41 -22.63
C GLY J 144 36.23 24.84 -22.17
N ILE J 145 35.17 25.57 -21.91
CA ILE J 145 35.34 26.98 -21.53
C ILE J 145 35.97 27.08 -20.13
N LEU J 146 35.61 26.14 -19.28
CA LEU J 146 36.28 25.96 -17.93
C LEU J 146 37.74 25.53 -18.04
N ASP J 147 38.03 24.49 -18.81
CA ASP J 147 39.39 24.02 -18.93
C ASP J 147 40.28 25.06 -19.59
N THR J 148 39.72 25.74 -20.63
CA THR J 148 40.39 26.84 -21.32
C THR J 148 40.66 28.00 -20.37
N SER J 149 39.68 28.39 -19.57
CA SER J 149 39.96 29.44 -18.56
C SER J 149 41.13 29.08 -17.59
N ARG J 150 41.25 27.80 -17.23
CA ARG J 150 42.31 27.37 -16.34
C ARG J 150 43.67 27.41 -17.02
N TYR J 151 43.73 26.78 -18.15
CA TYR J 151 44.95 26.80 -18.99
C TYR J 151 45.41 28.28 -19.35
N CYS J 152 44.46 29.10 -19.80
CA CYS J 152 44.78 30.51 -20.12
C CYS J 152 45.21 31.31 -18.87
N SER J 153 44.52 31.07 -17.77
CA SER J 153 44.89 31.67 -16.47
C SER J 153 46.37 31.35 -16.04
N LEU J 154 46.79 30.11 -16.20
CA LEU J 154 48.16 29.72 -15.92
C LEU J 154 49.18 30.27 -16.88
N ILE J 155 48.82 30.27 -18.17
CA ILE J 155 49.70 30.87 -19.22
C ILE J 155 49.89 32.32 -18.92
N ALA J 156 48.80 33.01 -18.66
CA ALA J 156 48.86 34.45 -18.33
C ALA J 156 49.78 34.79 -17.13
N ASP J 157 49.64 34.01 -16.06
CA ASP J 157 50.55 34.12 -14.84
C ASP J 157 52.04 33.92 -15.19
N LYS J 158 52.39 32.89 -15.94
CA LYS J 158 53.79 32.68 -16.31
C LYS J 158 54.35 33.75 -17.25
N LEU J 159 53.51 34.34 -18.15
CA LEU J 159 53.97 35.38 -19.05
C LEU J 159 53.86 36.79 -18.47
N LYS J 160 53.33 36.91 -17.27
CA LYS J 160 53.12 38.21 -16.61
C LYS J 160 52.23 39.10 -17.42
N VAL J 161 51.12 38.54 -17.90
CA VAL J 161 50.18 39.28 -18.67
C VAL J 161 48.82 39.07 -18.17
N SER J 162 47.94 39.98 -18.55
CA SER J 162 46.54 39.88 -18.27
C SER J 162 46.04 38.57 -18.90
N ALA J 163 45.22 37.86 -18.13
CA ALA J 163 44.46 36.76 -18.67
C ALA J 163 43.36 37.20 -19.64
N GLU J 164 42.96 38.47 -19.57
CA GLU J 164 41.79 38.99 -20.32
C GLU J 164 41.76 38.64 -21.79
N ASP J 165 42.90 38.72 -22.45
CA ASP J 165 42.86 38.35 -23.90
C ASP J 165 43.76 37.16 -24.28
N VAL J 166 43.99 36.24 -23.30
CA VAL J 166 44.68 35.02 -23.58
C VAL J 166 43.55 34.07 -24.00
N ASN J 167 43.63 33.60 -25.23
CA ASN J 167 42.65 32.66 -25.72
C ASN J 167 43.31 31.33 -26.10
N ALA J 168 42.51 30.28 -26.07
CA ALA J 168 43.01 28.96 -26.45
C ALA J 168 41.92 28.01 -26.85
N VAL J 169 42.30 27.00 -27.58
CA VAL J 169 41.42 25.88 -27.90
C VAL J 169 41.90 24.66 -27.03
N ILE J 170 40.95 24.02 -26.33
CA ILE J 170 41.17 22.70 -25.79
C ILE J 170 40.13 21.73 -26.31
N LEU J 171 40.62 20.67 -26.93
CA LEU J 171 39.77 19.64 -27.55
C LEU J 171 39.70 18.44 -26.69
N GLY J 172 38.61 17.71 -26.83
CA GLY J 172 38.47 16.44 -26.17
C GLY J 172 37.69 16.45 -24.88
N GLY J 173 37.66 15.25 -24.28
CA GLY J 173 36.83 14.97 -23.10
C GLY J 173 37.29 15.74 -21.92
N HIS J 174 36.33 16.06 -21.07
CA HIS J 174 36.64 16.83 -19.85
C HIS J 174 37.24 15.84 -18.83
N GLY J 175 38.54 15.63 -18.96
CA GLY J 175 39.21 14.62 -18.23
C GLY J 175 40.66 14.62 -18.63
N ASP J 176 41.33 13.57 -18.23
CA ASP J 176 42.79 13.47 -18.29
C ASP J 176 43.30 13.45 -19.67
N LEU J 177 42.41 13.22 -20.63
CA LEU J 177 42.78 13.17 -22.02
C LEU J 177 42.42 14.45 -22.80
N MET J 178 42.23 15.58 -22.14
CA MET J 178 42.18 16.87 -22.79
C MET J 178 43.37 17.08 -23.72
N VAL J 179 43.15 17.84 -24.82
CA VAL J 179 44.21 18.20 -25.77
C VAL J 179 44.24 19.72 -25.93
N PRO J 180 45.01 20.43 -25.06
CA PRO J 180 45.25 21.83 -25.31
C PRO J 180 46.15 22.06 -26.50
N LEU J 181 45.80 23.03 -27.34
CA LEU J 181 46.55 23.23 -28.54
C LEU J 181 47.35 24.49 -28.41
N GLN J 182 48.65 24.29 -28.32
CA GLN J 182 49.61 25.38 -28.34
C GLN J 182 49.52 26.23 -29.55
N ARG J 183 49.35 25.61 -30.71
CA ARG J 183 49.16 26.35 -31.99
C ARG J 183 47.99 27.29 -31.95
N TYR J 184 46.92 26.87 -31.25
CA TYR J 184 45.70 27.67 -31.12
C TYR J 184 45.60 28.39 -29.78
N THR J 185 46.74 28.91 -29.29
CA THR J 185 46.80 29.71 -28.07
C THR J 185 47.41 31.00 -28.42
N SER J 186 46.71 32.10 -28.10
CA SER J 186 47.20 33.46 -28.44
C SER J 186 47.01 34.44 -27.30
N VAL J 187 47.86 35.43 -27.28
CA VAL J 187 47.84 36.52 -26.26
C VAL J 187 47.55 37.85 -27.02
N ASN J 188 46.32 38.34 -26.85
CA ASN J 188 45.76 39.37 -27.63
C ASN J 188 46.19 39.29 -29.11
N GLY J 189 46.09 38.07 -29.68
CA GLY J 189 46.37 37.83 -31.10
C GLY J 189 47.68 37.12 -31.36
N VAL J 190 48.65 37.32 -30.47
CA VAL J 190 50.03 36.89 -30.74
C VAL J 190 50.13 35.46 -30.36
N PRO J 191 50.54 34.58 -31.28
CA PRO J 191 50.61 33.15 -30.98
C PRO J 191 51.58 32.85 -29.85
N LEU J 192 51.25 31.83 -29.06
CA LEU J 192 52.09 31.38 -27.92
C LEU J 192 53.53 31.05 -28.33
N SER J 193 53.71 30.54 -29.54
CA SER J 193 55.02 30.25 -30.12
C SER J 193 55.98 31.47 -30.19
N GLU J 194 55.42 32.69 -30.29
CA GLU J 194 56.24 33.89 -30.29
C GLU J 194 56.87 34.15 -28.91
N PHE J 195 56.14 33.81 -27.87
CA PHE J 195 56.67 33.92 -26.51
C PHE J 195 57.72 32.85 -26.18
N VAL J 196 57.67 31.66 -26.84
CA VAL J 196 58.73 30.65 -26.69
C VAL J 196 60.00 31.08 -27.36
N LYS J 197 59.88 31.60 -28.56
CA LYS J 197 61.03 32.19 -29.31
C LYS J 197 61.67 33.36 -28.61
N LYS J 198 60.86 34.17 -27.94
CA LYS J 198 61.37 35.30 -27.15
C LYS J 198 61.88 34.85 -25.76
N ASN J 199 61.88 33.53 -25.49
CA ASN J 199 62.34 32.92 -24.20
C ASN J 199 61.55 33.37 -22.96
N MET J 200 60.34 33.87 -23.15
CA MET J 200 59.52 34.27 -22.03
C MET J 200 58.85 33.07 -21.35
N ILE J 201 58.85 31.92 -22.03
CA ILE J 201 58.22 30.71 -21.54
C ILE J 201 58.80 29.54 -22.33
N SER J 202 58.96 28.39 -21.66
CA SER J 202 59.65 27.22 -22.25
C SER J 202 58.69 26.05 -22.45
N GLN J 203 59.07 25.14 -23.33
CA GLN J 203 58.20 24.03 -23.70
C GLN J 203 57.86 23.17 -22.50
N ASN J 204 58.81 23.06 -21.58
CA ASN J 204 58.62 22.35 -20.31
C ASN J 204 57.64 23.03 -19.39
N GLU J 205 57.80 24.35 -19.20
CA GLU J 205 56.83 25.19 -18.45
C GLU J 205 55.34 25.02 -18.99
N ILE J 206 55.21 24.96 -20.34
CA ILE J 206 53.93 24.71 -21.01
C ILE J 206 53.37 23.30 -20.71
N GLN J 207 54.23 22.28 -20.74
CA GLN J 207 53.80 20.91 -20.38
C GLN J 207 53.34 20.79 -18.92
N GLU J 208 54.08 21.47 -18.06
CA GLU J 208 53.70 21.66 -16.65
C GLU J 208 52.28 22.25 -16.54
N ILE J 209 52.07 23.36 -17.25
CA ILE J 209 50.78 24.08 -17.26
C ILE J 209 49.64 23.17 -17.77
N ILE J 210 49.90 22.43 -18.85
CA ILE J 210 48.94 21.48 -19.35
C ILE J 210 48.59 20.43 -18.25
N GLN J 211 49.60 19.94 -17.54
CA GLN J 211 49.34 19.00 -16.44
C GLN J 211 48.49 19.58 -15.31
N LYS J 212 48.82 20.79 -14.87
CA LYS J 212 47.98 21.44 -13.89
C LYS J 212 46.54 21.66 -14.37
N THR J 213 46.36 21.96 -15.68
CA THR J 213 45.03 22.19 -16.28
C THR J 213 44.21 20.93 -16.24
N ARG J 214 44.87 19.80 -16.54
CA ARG J 214 44.25 18.47 -16.40
C ARG J 214 43.77 18.17 -14.99
N ASN J 215 44.63 18.41 -14.02
CA ASN J 215 44.35 18.00 -12.62
C ASN J 215 43.62 19.00 -11.81
N MET J 216 43.33 20.13 -12.44
CA MET J 216 42.81 21.27 -11.71
C MET J 216 41.50 20.97 -10.96
N GLY J 217 40.58 20.31 -11.66
CA GLY J 217 39.33 19.91 -11.04
C GLY J 217 39.57 19.18 -9.73
N ALA J 218 40.52 18.25 -9.74
CA ALA J 218 40.82 17.42 -8.52
C ALA J 218 41.52 18.26 -7.44
N GLU J 219 42.42 19.15 -7.89
CA GLU J 219 43.18 19.97 -6.97
C GLU J 219 42.27 20.88 -6.17
N ILE J 220 41.25 21.45 -6.82
CA ILE J 220 40.27 22.29 -6.13
C ILE J 220 39.46 21.41 -5.12
N ILE J 221 39.05 20.23 -5.54
CA ILE J 221 38.35 19.33 -4.62
C ILE J 221 39.20 19.03 -3.33
N LYS J 222 40.48 18.69 -3.53
CA LYS J 222 41.44 18.49 -2.45
C LYS J 222 41.57 19.71 -1.51
N LEU J 223 41.78 20.87 -2.06
CA LEU J 223 41.94 22.08 -1.31
C LEU J 223 40.63 22.58 -0.69
N ALA J 224 39.63 22.84 -1.50
CA ALA J 224 38.38 23.45 -1.02
C ALA J 224 37.43 22.45 -0.39
N LYS J 225 37.74 21.16 -0.48
CA LYS J 225 36.83 20.10 0.02
C LYS J 225 35.43 20.07 -0.69
N ALA J 226 35.29 20.80 -1.81
CA ALA J 226 34.09 20.80 -2.66
C ALA J 226 34.57 21.08 -4.04
N SER J 227 33.77 20.73 -5.02
CA SER J 227 34.17 20.94 -6.40
C SER J 227 33.93 22.41 -6.81
N ALA J 228 34.66 22.81 -7.85
CA ALA J 228 34.60 24.18 -8.39
C ALA J 228 33.16 24.53 -8.70
N ALA J 229 32.74 25.72 -8.27
CA ALA J 229 31.37 26.21 -8.53
C ALA J 229 31.30 27.56 -9.39
N PHE J 230 32.17 28.52 -9.11
CA PHE J 230 32.02 29.86 -9.69
C PHE J 230 32.37 29.86 -11.18
N ALA J 231 33.54 29.29 -11.53
CA ALA J 231 34.00 29.24 -12.88
C ALA J 231 33.08 28.40 -13.76
N PRO J 232 32.69 27.21 -13.32
CA PRO J 232 31.67 26.52 -14.04
C PRO J 232 30.42 27.35 -14.33
N ALA J 233 29.94 28.06 -13.32
CA ALA J 233 28.70 28.84 -13.51
C ALA J 233 28.90 29.99 -14.57
N ALA J 234 30.08 30.62 -14.55
CA ALA J 234 30.41 31.71 -15.45
C ALA J 234 30.45 31.16 -16.91
N ALA J 235 31.18 30.07 -17.12
CA ALA J 235 31.19 29.35 -18.35
C ALA J 235 29.80 29.03 -18.87
N ILE J 236 28.96 28.46 -18.05
CA ILE J 236 27.57 28.13 -18.45
C ILE J 236 26.86 29.39 -18.94
N THR J 237 26.91 30.46 -18.12
CA THR J 237 26.27 31.75 -18.42
C THR J 237 26.75 32.30 -19.75
N LYS J 238 28.03 32.14 -20.05
CA LYS J 238 28.57 32.60 -21.30
C LYS J 238 27.90 31.84 -22.48
N MET J 239 27.63 30.53 -22.32
CA MET J 239 26.96 29.73 -23.36
C MET J 239 25.51 30.10 -23.48
N ILE J 240 24.89 30.45 -22.37
CA ILE J 240 23.48 30.84 -22.40
C ILE J 240 23.34 32.11 -23.22
N LYS J 241 24.26 33.03 -22.94
CA LYS J 241 24.27 34.37 -23.53
C LYS J 241 24.45 34.26 -25.07
N SER J 242 25.39 33.43 -25.49
CA SER J 242 25.60 33.22 -26.88
C SER J 242 24.40 32.66 -27.58
N TYR J 243 23.59 31.87 -26.87
CA TYR J 243 22.38 31.33 -27.46
C TYR J 243 21.27 32.35 -27.50
N LEU J 244 20.97 32.94 -26.35
CA LEU J 244 19.88 33.94 -26.28
C LEU J 244 20.06 35.15 -27.17
N TYR J 245 21.29 35.61 -27.29
CA TYR J 245 21.60 36.85 -28.04
C TYR J 245 22.16 36.54 -29.43
N ASN J 246 22.07 35.28 -29.85
CA ASN J 246 22.48 34.90 -31.19
C ASN J 246 23.88 35.37 -31.56
N GLU J 247 24.82 35.20 -30.64
CA GLU J 247 26.13 35.82 -30.79
C GLU J 247 27.03 35.09 -31.71
N ASN J 248 26.85 33.79 -31.85
CA ASN J 248 27.69 33.01 -32.74
C ASN J 248 29.14 33.00 -32.34
N ASN J 249 29.35 32.98 -31.04
CA ASN J 249 30.70 32.86 -30.49
C ASN J 249 31.29 31.49 -30.73
N LEU J 250 32.60 31.47 -30.83
CA LEU J 250 33.35 30.23 -31.05
C LEU J 250 34.00 29.77 -29.76
N PHE J 251 33.46 28.71 -29.19
CA PHE J 251 33.95 28.08 -27.90
C PHE J 251 34.43 26.64 -28.10
N THR J 252 34.96 26.02 -27.04
CA THR J 252 35.03 24.59 -26.97
C THR J 252 33.96 24.12 -25.95
N CYS J 253 33.15 23.16 -26.38
CA CYS J 253 32.16 22.55 -25.58
C CYS J 253 31.80 21.17 -26.15
N ALA J 254 31.06 20.40 -25.38
CA ALA J 254 30.70 19.06 -25.76
C ALA J 254 29.59 19.22 -26.70
N VAL J 255 29.82 18.72 -27.92
CA VAL J 255 28.93 18.94 -29.06
C VAL J 255 28.84 17.69 -29.91
N TYR J 256 27.71 17.54 -30.61
CA TYR J 256 27.53 16.39 -31.57
C TYR J 256 28.48 16.46 -32.77
N LEU J 257 29.43 15.54 -32.84
CA LEU J 257 30.31 15.43 -33.98
C LEU J 257 29.68 14.52 -34.99
N ASN J 258 29.89 14.92 -36.26
CA ASN J 258 29.28 14.28 -37.42
C ASN J 258 30.15 14.32 -38.66
N GLY J 259 31.25 13.61 -38.60
CA GLY J 259 32.27 13.63 -39.62
C GLY J 259 33.37 14.63 -39.35
N HIS J 260 33.26 15.38 -38.27
CA HIS J 260 34.27 16.31 -37.88
C HIS J 260 35.32 15.60 -37.06
N TYR J 261 36.58 15.85 -37.36
CA TYR J 261 37.76 15.32 -36.69
C TYR J 261 37.81 13.83 -36.69
N ASN J 262 37.45 13.23 -37.81
CA ASN J 262 37.29 11.74 -37.98
C ASN J 262 36.39 11.06 -36.94
N CYS J 263 35.36 11.77 -36.47
CA CYS J 263 34.46 11.26 -35.53
C CYS J 263 33.05 11.51 -35.89
N SER J 264 32.17 10.57 -35.60
CA SER J 264 30.76 10.69 -35.93
C SER J 264 29.91 10.07 -34.88
N ASN J 265 28.70 10.54 -34.72
CA ASN J 265 27.76 10.00 -33.76
C ASN J 265 28.20 9.96 -32.27
N LEU J 266 28.75 11.07 -31.80
CA LEU J 266 29.18 11.19 -30.40
C LEU J 266 29.24 12.66 -30.01
N PHE J 267 28.77 12.96 -28.80
CA PHE J 267 29.03 14.25 -28.16
C PHE J 267 30.39 14.18 -27.46
N VAL J 268 31.24 15.13 -27.75
CA VAL J 268 32.57 15.23 -27.17
C VAL J 268 33.11 16.66 -27.33
N GLY J 269 34.00 17.03 -26.43
CA GLY J 269 34.53 18.37 -26.40
C GLY J 269 35.17 18.70 -27.72
N SER J 270 34.70 19.78 -28.33
CA SER J 270 35.22 20.24 -29.65
C SER J 270 34.96 21.73 -29.86
N THR J 271 35.58 22.28 -30.89
CA THR J 271 35.35 23.66 -31.33
C THR J 271 33.97 23.81 -31.93
N ALA J 272 33.20 24.75 -31.42
CA ALA J 272 31.81 24.92 -31.84
C ALA J 272 31.35 26.38 -31.72
N LYS J 273 30.33 26.71 -32.50
CA LYS J 273 29.70 28.02 -32.44
C LYS J 273 28.35 27.86 -31.82
N ILE J 274 27.93 28.85 -31.06
CA ILE J 274 26.64 28.77 -30.46
C ILE J 274 25.88 29.96 -30.84
N ASN J 275 24.67 29.74 -31.33
CA ASN J 275 23.77 30.84 -31.75
C ASN J 275 22.31 30.46 -31.47
N ASN J 276 21.37 31.28 -31.96
CA ASN J 276 19.89 31.04 -31.98
C ASN J 276 19.39 29.66 -32.22
N LYS J 277 20.09 28.93 -33.07
CA LYS J 277 19.71 27.61 -33.52
C LYS J 277 20.41 26.50 -32.73
N GLY J 278 21.37 26.83 -31.85
CA GLY J 278 22.07 25.81 -31.04
C GLY J 278 23.57 25.78 -31.19
N ALA J 279 24.15 24.62 -30.90
CA ALA J 279 25.61 24.40 -30.91
C ALA J 279 26.03 23.62 -32.11
N HIS J 280 27.01 24.15 -32.85
CA HIS J 280 27.34 23.66 -34.18
C HIS J 280 28.82 23.44 -34.17
N PRO J 281 29.24 22.22 -34.48
CA PRO J 281 30.68 22.00 -34.53
C PRO J 281 31.36 22.67 -35.72
N VAL J 282 32.64 22.97 -35.57
CA VAL J 282 33.45 23.52 -36.61
C VAL J 282 34.73 22.73 -36.61
N GLU J 283 35.16 22.26 -37.78
CA GLU J 283 36.42 21.54 -37.90
C GLU J 283 37.56 22.46 -38.34
N PHE J 284 38.65 22.47 -37.60
CA PHE J 284 39.87 23.17 -38.00
C PHE J 284 40.94 22.16 -38.39
N PRO J 285 41.90 22.60 -39.24
CA PRO J 285 42.93 21.67 -39.72
C PRO J 285 43.97 21.34 -38.66
N LEU J 286 43.86 20.17 -38.10
CA LEU J 286 44.84 19.65 -37.16
C LEU J 286 46.06 19.01 -37.84
N THR J 287 47.21 19.03 -37.16
CA THR J 287 48.36 18.21 -37.58
C THR J 287 48.05 16.73 -37.26
N LYS J 288 48.85 15.81 -37.82
CA LYS J 288 48.66 14.38 -37.56
C LYS J 288 48.71 14.12 -36.07
N GLU J 289 49.72 14.71 -35.43
CA GLU J 289 50.00 14.43 -34.00
C GLU J 289 48.91 14.97 -33.08
N GLU J 290 48.40 16.14 -33.42
CA GLU J 290 47.26 16.74 -32.75
C GLU J 290 45.99 15.86 -32.88
N GLN J 291 45.68 15.46 -34.10
CA GLN J 291 44.50 14.62 -34.40
C GLN J 291 44.60 13.26 -33.73
N ASP J 292 45.82 12.72 -33.67
CA ASP J 292 46.07 11.45 -32.96
C ASP J 292 45.73 11.54 -31.50
N LEU J 293 46.20 12.61 -30.88
CA LEU J 293 45.86 12.87 -29.49
C LEU J 293 44.36 13.02 -29.29
N TYR J 294 43.74 13.78 -30.19
CA TYR J 294 42.29 14.04 -30.09
C TYR J 294 41.51 12.76 -30.25
N THR J 295 41.84 11.96 -31.26
CA THR J 295 41.21 10.63 -31.45
C THR J 295 41.32 9.76 -30.22
N GLU J 296 42.49 9.74 -29.62
CA GLU J 296 42.69 8.95 -28.36
C GLU J 296 41.73 9.37 -27.23
N SER J 297 41.53 10.68 -27.07
CA SER J 297 40.54 11.23 -26.12
C SER J 297 39.10 10.83 -26.48
N ILE J 298 38.80 10.93 -27.77
CA ILE J 298 37.51 10.52 -28.32
C ILE J 298 37.26 9.05 -28.00
N ALA J 299 38.30 8.23 -28.13
CA ALA J 299 38.13 6.76 -27.87
C ALA J 299 37.65 6.49 -26.45
N SER J 300 38.28 7.14 -25.45
CA SER J 300 37.80 7.01 -24.06
C SER J 300 36.34 7.39 -23.88
N VAL J 301 35.96 8.50 -24.50
CA VAL J 301 34.61 9.02 -24.41
C VAL J 301 33.65 8.03 -25.06
N GLN J 302 34.02 7.52 -26.26
CA GLN J 302 33.30 6.35 -26.86
C GLN J 302 33.08 5.17 -25.85
N SER J 303 34.18 4.62 -25.35
CA SER J 303 34.17 3.45 -24.38
C SER J 303 33.27 3.72 -23.21
N ASN J 304 33.55 4.82 -22.52
CA ASN J 304 32.83 5.16 -21.30
C ASN J 304 31.34 5.47 -21.55
N THR J 305 31.03 5.96 -22.73
CA THR J 305 29.63 6.20 -23.13
C THR J 305 28.90 4.90 -23.29
N GLN J 306 29.53 3.93 -23.97
CA GLN J 306 28.99 2.59 -24.06
C GLN J 306 28.78 2.00 -22.64
N LYS J 307 29.83 2.01 -21.82
CA LYS J 307 29.75 1.63 -20.39
C LYS J 307 28.56 2.24 -19.68
N ALA J 308 28.36 3.52 -19.87
CA ALA J 308 27.21 4.20 -19.31
C ALA J 308 25.87 3.64 -19.77
N PHE J 309 25.70 3.45 -21.10
CA PHE J 309 24.44 2.84 -21.65
C PHE J 309 24.22 1.45 -21.05
N ASP J 310 25.31 0.66 -20.96
CA ASP J 310 25.25 -0.71 -20.45
C ASP J 310 24.75 -0.70 -19.00
N LEU J 311 25.40 0.12 -18.16
CA LEU J 311 25.06 0.21 -16.73
C LEU J 311 23.66 0.78 -16.47
N ILE J 312 23.06 1.42 -17.46
CA ILE J 312 21.68 1.92 -17.33
C ILE J 312 20.64 0.79 -17.40
N LYS J 313 20.98 -0.42 -17.86
CA LYS J 313 20.10 -1.60 -17.70
C LYS J 313 20.60 -2.45 -16.51
N MET K 1 16.93 39.08 -30.48
CA MET K 1 15.70 39.19 -31.37
C MET K 1 14.95 40.56 -31.28
N THR K 2 14.91 41.20 -30.08
CA THR K 2 14.34 42.53 -29.85
C THR K 2 14.94 43.60 -30.78
N LYS K 3 14.09 44.38 -31.42
CA LYS K 3 14.55 45.45 -32.31
C LYS K 3 14.19 46.79 -31.70
N ILE K 4 15.22 47.61 -31.50
CA ILE K 4 15.03 48.99 -31.03
C ILE K 4 15.35 50.02 -32.15
N ALA K 5 14.34 50.82 -32.52
CA ALA K 5 14.47 51.79 -33.64
C ALA K 5 14.54 53.21 -33.11
N LEU K 6 15.63 53.88 -33.46
CA LEU K 6 15.92 55.24 -33.03
C LEU K 6 15.58 56.12 -34.25
N ILE K 7 14.43 56.78 -34.19
CA ILE K 7 14.04 57.72 -35.19
C ILE K 7 14.63 59.08 -34.85
N GLY K 8 15.77 59.36 -35.45
CA GLY K 8 16.60 60.50 -35.15
C GLY K 8 17.94 59.96 -34.66
N SER K 9 19.02 60.31 -35.35
CA SER K 9 20.36 59.88 -34.99
C SER K 9 21.26 60.98 -34.50
N GLY K 10 20.68 61.98 -33.81
CA GLY K 10 21.47 63.04 -33.19
C GLY K 10 22.12 62.56 -31.89
N GLN K 11 22.52 63.52 -31.06
CA GLN K 11 23.22 63.26 -29.83
C GLN K 11 22.46 62.27 -28.94
N ILE K 12 21.19 62.58 -28.68
CA ILE K 12 20.39 61.75 -27.81
C ILE K 12 20.23 60.35 -28.37
N GLY K 13 19.78 60.24 -29.62
CA GLY K 13 19.60 58.96 -30.27
C GLY K 13 20.84 58.10 -30.23
N ALA K 14 21.98 58.66 -30.56
CA ALA K 14 23.20 57.88 -30.56
C ALA K 14 23.54 57.34 -29.13
N ILE K 15 23.37 58.18 -28.12
CA ILE K 15 23.73 57.85 -26.79
C ILE K 15 22.77 56.77 -26.30
N VAL K 16 21.48 56.95 -26.53
CA VAL K 16 20.48 55.90 -26.27
C VAL K 16 20.92 54.59 -26.91
N GLY K 17 21.33 54.65 -28.16
CA GLY K 17 21.85 53.46 -28.84
C GLY K 17 23.07 52.89 -28.14
N GLU K 18 23.92 53.78 -27.67
CA GLU K 18 25.09 53.35 -26.90
C GLU K 18 24.68 52.57 -25.60
N LEU K 19 23.77 53.14 -24.83
CA LEU K 19 23.35 52.58 -23.55
C LEU K 19 22.65 51.26 -23.81
N CYS K 20 21.90 51.16 -24.90
CA CYS K 20 21.15 49.94 -25.21
C CYS K 20 22.12 48.82 -25.54
N LEU K 21 23.17 49.18 -26.24
CA LEU K 21 24.23 48.24 -26.48
C LEU K 21 24.91 47.79 -25.15
N LEU K 22 25.19 48.72 -24.25
CA LEU K 22 25.86 48.37 -23.03
C LEU K 22 25.13 47.34 -22.19
N GLU K 23 23.81 47.42 -22.16
CA GLU K 23 22.97 46.44 -21.50
C GLU K 23 22.38 45.39 -22.40
N ASN K 24 22.87 45.23 -23.62
CA ASN K 24 22.36 44.20 -24.51
C ASN K 24 20.83 44.21 -24.69
N LEU K 25 20.21 45.39 -24.70
CA LEU K 25 18.74 45.47 -24.74
C LEU K 25 18.17 45.02 -26.04
N GLY K 26 18.91 45.13 -27.12
CA GLY K 26 18.35 44.76 -28.44
C GLY K 26 19.19 45.17 -29.61
N ASP K 27 18.82 44.67 -30.79
CA ASP K 27 19.43 45.13 -32.04
C ASP K 27 18.99 46.55 -32.34
N LEU K 28 19.87 47.33 -32.92
CA LEU K 28 19.55 48.74 -33.17
C LEU K 28 19.29 49.01 -34.62
N ILE K 29 18.32 49.86 -34.84
CA ILE K 29 18.08 50.46 -36.13
C ILE K 29 18.18 51.97 -35.91
N LEU K 30 19.26 52.53 -36.43
CA LEU K 30 19.52 53.95 -36.44
C LEU K 30 19.00 54.56 -37.73
N TYR K 31 17.93 55.35 -37.59
CA TYR K 31 17.29 56.07 -38.69
C TYR K 31 17.48 57.60 -38.56
N ASP K 32 17.79 58.24 -39.70
CA ASP K 32 17.73 59.67 -39.82
C ASP K 32 17.37 60.02 -41.27
N VAL K 33 16.84 61.22 -41.40
CA VAL K 33 16.49 61.75 -42.71
C VAL K 33 17.77 62.14 -43.52
N VAL K 34 18.81 62.66 -42.83
CA VAL K 34 20.05 63.13 -43.46
C VAL K 34 20.91 61.95 -43.91
N PRO K 35 21.16 61.82 -45.25
CA PRO K 35 22.00 60.67 -45.68
C PRO K 35 23.39 60.62 -45.10
N GLY K 36 23.85 59.38 -44.89
CA GLY K 36 25.19 59.12 -44.37
C GLY K 36 25.32 59.17 -42.84
N ILE K 37 24.57 60.04 -42.15
CA ILE K 37 24.78 60.26 -40.75
C ILE K 37 24.58 58.98 -39.89
N PRO K 38 23.44 58.29 -40.06
CA PRO K 38 23.23 57.02 -39.32
C PRO K 38 24.20 55.92 -39.65
N GLN K 39 24.68 55.87 -40.88
CA GLN K 39 25.59 54.82 -41.27
C GLN K 39 26.91 55.00 -40.53
N GLY K 40 27.32 56.26 -40.42
CA GLY K 40 28.58 56.61 -39.85
C GLY K 40 28.58 56.42 -38.34
N LYS K 41 27.48 56.79 -37.71
CA LYS K 41 27.33 56.52 -36.27
C LYS K 41 27.21 55.03 -35.99
N ALA K 42 26.54 54.32 -36.88
CA ALA K 42 26.46 52.87 -36.79
C ALA K 42 27.87 52.27 -36.86
N LEU K 43 28.76 52.80 -37.71
CA LEU K 43 30.09 52.22 -37.80
C LEU K 43 30.81 52.40 -36.45
N ASP K 44 30.68 53.60 -35.89
CA ASP K 44 31.36 53.93 -34.68
C ASP K 44 30.85 53.05 -33.52
N LEU K 45 29.55 52.92 -33.42
CA LEU K 45 28.93 52.05 -32.48
C LEU K 45 29.27 50.59 -32.64
N LYS K 46 29.45 50.07 -33.85
CA LYS K 46 29.98 48.68 -34.03
C LYS K 46 31.38 48.50 -33.39
N HIS K 47 32.23 49.50 -33.59
CA HIS K 47 33.60 49.45 -33.15
C HIS K 47 33.62 49.58 -31.60
N PHE K 48 32.68 50.35 -31.08
CA PHE K 48 32.47 50.51 -29.68
C PHE K 48 32.07 49.15 -29.08
N SER K 49 31.11 48.54 -29.74
CA SER K 49 30.61 47.17 -29.44
C SER K 49 31.72 46.14 -29.46
N THR K 50 32.62 46.24 -30.41
CA THR K 50 33.70 45.28 -30.45
C THR K 50 34.64 45.43 -29.26
N ILE K 51 34.90 46.66 -28.84
CA ILE K 51 35.86 46.91 -27.78
C ILE K 51 35.30 46.39 -26.43
N LEU K 52 34.02 46.58 -26.22
CA LEU K 52 33.37 46.26 -24.99
C LEU K 52 32.70 44.90 -24.96
N GLY K 53 32.90 44.11 -25.98
CA GLY K 53 32.36 42.75 -26.02
C GLY K 53 30.88 42.61 -26.12
N VAL K 54 30.20 43.59 -26.68
CA VAL K 54 28.76 43.50 -26.99
C VAL K 54 28.61 43.07 -28.45
N ASN K 55 27.58 42.31 -28.78
CA ASN K 55 27.49 41.63 -30.05
C ASN K 55 26.17 41.79 -30.73
N ARG K 56 25.33 42.68 -30.23
CA ARG K 56 24.11 43.02 -30.95
C ARG K 56 24.32 43.69 -32.35
N ASN K 57 23.32 43.51 -33.19
CA ASN K 57 23.33 44.04 -34.50
C ASN K 57 22.96 45.54 -34.55
N ILE K 58 23.63 46.29 -35.43
CA ILE K 58 23.45 47.73 -35.56
C ILE K 58 23.37 48.12 -37.03
N LEU K 59 22.24 48.71 -37.43
CA LEU K 59 21.97 49.08 -38.83
C LEU K 59 21.63 50.58 -38.91
N GLY K 60 22.47 51.32 -39.63
CA GLY K 60 22.28 52.75 -39.91
C GLY K 60 21.57 52.87 -41.25
N THR K 61 20.46 53.60 -41.29
CA THR K 61 19.64 53.66 -42.48
C THR K 61 18.95 55.00 -42.69
N ASN K 62 18.69 55.29 -43.97
CA ASN K 62 17.83 56.43 -44.38
C ASN K 62 16.46 56.00 -44.86
N GLN K 63 16.24 54.70 -44.93
CA GLN K 63 14.99 54.14 -45.40
C GLN K 63 14.12 53.84 -44.19
N ILE K 64 13.09 54.64 -43.99
CA ILE K 64 12.24 54.47 -42.82
C ILE K 64 11.51 53.14 -42.77
N GLU K 65 11.36 52.48 -43.89
CA GLU K 65 10.75 51.15 -43.90
C GLU K 65 11.55 50.10 -43.16
N ASP K 66 12.82 50.36 -42.94
CA ASP K 66 13.67 49.50 -42.08
C ASP K 66 13.24 49.45 -40.59
N ILE K 67 12.36 50.37 -40.21
CA ILE K 67 11.76 50.40 -38.89
C ILE K 67 10.76 49.23 -38.64
N LYS K 68 10.45 48.43 -39.68
CA LYS K 68 9.44 47.35 -39.61
C LYS K 68 9.71 46.40 -38.49
N ASP K 69 8.64 46.04 -37.79
CA ASP K 69 8.74 45.07 -36.69
C ASP K 69 9.68 45.51 -35.55
N ALA K 70 9.95 46.81 -35.42
CA ALA K 70 10.60 47.32 -34.22
C ALA K 70 9.70 47.02 -33.03
N ASP K 71 10.27 46.52 -31.95
CA ASP K 71 9.55 46.39 -30.69
C ASP K 71 9.49 47.71 -29.95
N ILE K 72 10.54 48.51 -30.07
CA ILE K 72 10.61 49.80 -29.43
C ILE K 72 10.96 50.87 -30.47
N ILE K 73 10.39 52.07 -30.29
CA ILE K 73 10.71 53.24 -31.10
C ILE K 73 11.00 54.44 -30.20
N VAL K 74 12.15 55.06 -30.42
CA VAL K 74 12.54 56.30 -29.76
C VAL K 74 12.60 57.41 -30.80
N ILE K 75 11.81 58.46 -30.58
CA ILE K 75 11.72 59.57 -31.52
C ILE K 75 12.42 60.79 -30.93
N THR K 76 13.56 61.12 -31.52
CA THR K 76 14.26 62.37 -31.27
C THR K 76 14.33 63.30 -32.51
N ALA K 77 13.72 62.90 -33.63
CA ALA K 77 13.68 63.72 -34.84
C ALA K 77 13.08 65.06 -34.55
N GLY K 78 13.69 66.09 -35.07
CA GLY K 78 13.22 67.41 -34.81
C GLY K 78 14.35 68.33 -34.49
N VAL K 79 14.01 69.60 -34.36
CA VAL K 79 14.96 70.64 -34.16
C VAL K 79 15.02 70.88 -32.67
N GLN K 80 16.19 71.23 -32.18
CA GLN K 80 16.39 71.60 -30.78
C GLN K 80 16.45 73.12 -30.62
N ARG K 81 16.10 73.58 -29.42
CA ARG K 81 16.10 75.01 -29.17
C ARG K 81 17.49 75.51 -28.87
N LYS K 82 17.73 76.78 -29.22
CA LYS K 82 18.99 77.50 -28.93
C LYS K 82 18.79 78.43 -27.74
N GLU K 83 19.86 79.08 -27.31
CA GLU K 83 19.79 80.11 -26.27
C GLU K 83 18.72 81.16 -26.52
N GLY K 84 18.01 81.54 -25.46
CA GLY K 84 16.97 82.55 -25.57
C GLY K 84 15.60 82.05 -26.01
N MET K 85 15.55 80.95 -26.77
CA MET K 85 14.30 80.29 -27.15
C MET K 85 13.67 79.52 -25.98
N THR K 86 12.35 79.40 -26.00
CA THR K 86 11.61 78.42 -25.17
C THR K 86 11.45 77.11 -25.99
N ARG K 87 11.08 76.03 -25.30
CA ARG K 87 10.75 74.75 -25.96
C ARG K 87 9.53 74.95 -26.87
N GLU K 88 8.59 75.80 -26.43
CA GLU K 88 7.35 76.11 -27.16
C GLU K 88 7.59 76.81 -28.52
N ASP K 89 8.70 77.54 -28.69
CA ASP K 89 9.08 78.14 -30.00
C ASP K 89 9.29 77.13 -31.13
N LEU K 90 9.51 75.86 -30.81
CA LEU K 90 9.70 74.78 -31.80
C LEU K 90 8.39 74.17 -32.32
N ILE K 91 7.30 74.54 -31.66
CA ILE K 91 5.97 74.02 -31.95
C ILE K 91 5.66 73.89 -33.45
N GLY K 92 5.93 74.94 -34.22
CA GLY K 92 5.60 74.96 -35.64
C GLY K 92 6.38 73.90 -36.41
N VAL K 93 7.71 74.00 -36.34
CA VAL K 93 8.59 73.11 -37.12
C VAL K 93 8.56 71.63 -36.70
N ASN K 94 8.47 71.37 -35.40
CA ASN K 94 8.50 69.97 -34.89
C ASN K 94 7.18 69.21 -34.98
N GLY K 95 6.07 69.91 -34.82
CA GLY K 95 4.73 69.34 -35.01
C GLY K 95 4.60 68.68 -36.36
N LYS K 96 5.09 69.35 -37.40
CA LYS K 96 5.02 68.85 -38.78
C LYS K 96 5.89 67.58 -38.92
N ILE K 97 7.12 67.63 -38.37
CA ILE K 97 8.03 66.46 -38.34
C ILE K 97 7.41 65.31 -37.56
N MET K 98 6.87 65.59 -36.38
CA MET K 98 6.26 64.52 -35.58
C MET K 98 5.11 63.85 -36.30
N LYS K 99 4.29 64.64 -36.98
CA LYS K 99 3.18 64.07 -37.77
C LYS K 99 3.67 63.09 -38.85
N SER K 100 4.70 63.51 -39.56
CA SER K 100 5.31 62.68 -40.59
C SER K 100 5.84 61.34 -40.03
N VAL K 101 6.48 61.40 -38.85
CA VAL K 101 6.99 60.22 -38.18
C VAL K 101 5.83 59.34 -37.74
N ALA K 102 4.82 59.98 -37.15
CA ALA K 102 3.59 59.27 -36.79
C ALA K 102 3.03 58.46 -37.97
N GLU K 103 2.91 59.11 -39.13
CA GLU K 103 2.37 58.45 -40.31
C GLU K 103 3.21 57.26 -40.70
N SER K 104 4.53 57.41 -40.61
CA SER K 104 5.45 56.31 -40.93
C SER K 104 5.35 55.13 -39.95
N VAL K 105 5.24 55.41 -38.67
CA VAL K 105 5.08 54.36 -37.66
C VAL K 105 3.75 53.64 -37.89
N LYS K 106 2.71 54.40 -38.18
CA LYS K 106 1.39 53.86 -38.49
C LYS K 106 1.46 52.74 -39.54
N LEU K 107 2.10 53.00 -40.68
CA LEU K 107 2.10 51.99 -41.74
C LEU K 107 3.17 50.90 -41.61
N HIS K 108 4.26 51.15 -40.89
CA HIS K 108 5.39 50.21 -40.90
C HIS K 108 5.51 49.31 -39.65
N CYS K 109 5.15 49.81 -38.46
CA CYS K 109 5.20 49.00 -37.22
C CYS K 109 4.21 49.50 -36.17
N SER K 110 2.95 49.13 -36.37
CA SER K 110 1.87 49.58 -35.50
C SER K 110 1.91 48.90 -34.13
N LYS K 111 2.70 47.85 -33.93
CA LYS K 111 2.74 47.15 -32.62
C LYS K 111 3.79 47.64 -31.61
N ALA K 112 4.57 48.64 -32.00
CA ALA K 112 5.69 49.09 -31.22
C ALA K 112 5.25 49.89 -30.01
N PHE K 113 6.12 49.92 -29.00
CA PHE K 113 6.02 50.85 -27.89
C PHE K 113 6.84 52.08 -28.27
N VAL K 114 6.25 53.25 -28.11
CA VAL K 114 6.84 54.50 -28.66
C VAL K 114 7.18 55.50 -27.56
N ILE K 115 8.46 55.83 -27.46
CA ILE K 115 8.93 56.86 -26.55
C ILE K 115 9.30 58.12 -27.35
N CYS K 116 8.51 59.18 -27.17
CA CYS K 116 8.71 60.46 -27.84
C CYS K 116 9.63 61.31 -27.02
N VAL K 117 10.55 62.02 -27.67
CA VAL K 117 11.47 62.93 -27.02
C VAL K 117 11.55 64.35 -27.61
N SER K 118 11.27 64.54 -28.89
CA SER K 118 11.18 65.91 -29.48
C SER K 118 10.39 66.98 -28.69
N ASN K 119 10.91 68.19 -28.62
CA ASN K 119 10.28 69.24 -27.88
C ASN K 119 9.31 70.07 -28.70
N PRO K 120 8.41 70.81 -28.04
CA PRO K 120 8.12 70.69 -26.61
C PRO K 120 7.43 69.33 -26.32
N LEU K 121 7.98 68.63 -25.35
CA LEU K 121 7.75 67.21 -25.19
C LEU K 121 6.26 66.84 -25.12
N ASP K 122 5.55 67.34 -24.13
CA ASP K 122 4.17 66.89 -23.91
C ASP K 122 3.33 67.12 -25.14
N ILE K 123 3.51 68.28 -25.74
CA ILE K 123 2.77 68.67 -26.91
C ILE K 123 3.02 67.66 -28.05
N MET K 124 4.28 67.34 -28.30
CA MET K 124 4.64 66.46 -29.41
C MET K 124 4.18 65.01 -29.24
N VAL K 125 4.02 64.58 -27.98
CA VAL K 125 3.41 63.26 -27.68
C VAL K 125 1.96 63.26 -28.17
N ASN K 126 1.22 64.31 -27.81
CA ASN K 126 -0.16 64.48 -28.30
C ASN K 126 -0.27 64.49 -29.84
N VAL K 127 0.66 65.14 -30.52
CA VAL K 127 0.70 65.14 -32.00
C VAL K 127 0.95 63.71 -32.52
N PHE K 128 1.91 63.02 -31.93
CA PHE K 128 2.16 61.65 -32.35
C PHE K 128 0.93 60.77 -32.17
N HIS K 129 0.25 60.88 -31.04
CA HIS K 129 -0.94 60.06 -30.82
C HIS K 129 -2.00 60.29 -31.92
N LYS K 130 -2.29 61.56 -32.18
CA LYS K 130 -3.30 61.96 -33.17
C LYS K 130 -3.11 61.35 -34.55
N PHE K 131 -1.89 61.34 -35.08
CA PHE K 131 -1.66 60.88 -36.43
C PHE K 131 -1.10 59.45 -36.55
N SER K 132 -0.85 58.79 -35.43
CA SER K 132 -0.19 57.46 -35.45
C SER K 132 -1.18 56.35 -35.45
N ASN K 133 -2.33 56.54 -34.83
CA ASN K 133 -3.33 55.51 -34.75
C ASN K 133 -2.81 54.31 -33.91
N LEU K 134 -2.06 54.58 -32.85
CA LEU K 134 -1.66 53.53 -31.92
C LEU K 134 -2.43 53.67 -30.63
N PRO K 135 -2.59 52.55 -29.90
CA PRO K 135 -3.26 52.63 -28.64
C PRO K 135 -2.55 53.63 -27.72
N HIS K 136 -3.28 54.33 -26.86
CA HIS K 136 -2.67 55.36 -26.05
C HIS K 136 -1.67 54.87 -24.96
N GLU K 137 -1.84 53.65 -24.45
CA GLU K 137 -0.86 53.05 -23.53
C GLU K 137 0.46 52.69 -24.23
N LYS K 138 0.46 52.51 -25.55
CA LYS K 138 1.71 52.23 -26.28
C LYS K 138 2.53 53.48 -26.66
N ILE K 139 2.13 54.64 -26.17
CA ILE K 139 2.78 55.92 -26.49
C ILE K 139 3.08 56.64 -25.19
N CYS K 140 4.27 57.18 -25.05
CA CYS K 140 4.58 58.05 -23.95
C CYS K 140 5.73 58.97 -24.34
N GLY K 141 6.04 59.91 -23.47
CA GLY K 141 7.21 60.76 -23.67
C GLY K 141 8.08 60.80 -22.44
N MET K 142 9.39 60.85 -22.62
CA MET K 142 10.25 60.99 -21.46
C MET K 142 10.46 62.46 -21.11
N ALA K 143 10.24 62.79 -19.84
CA ALA K 143 10.59 64.09 -19.31
C ALA K 143 10.71 64.07 -17.83
N GLY K 144 9.66 63.64 -17.13
CA GLY K 144 9.70 63.53 -15.68
C GLY K 144 10.93 62.85 -15.06
N ILE K 145 11.48 61.82 -15.71
CA ILE K 145 12.61 61.14 -15.12
C ILE K 145 13.80 62.09 -15.15
N LEU K 146 13.88 62.89 -16.21
CA LEU K 146 14.95 63.89 -16.32
C LEU K 146 14.81 65.00 -15.30
N ASP K 147 13.63 65.56 -15.20
CA ASP K 147 13.39 66.66 -14.29
C ASP K 147 13.59 66.16 -12.87
N THR K 148 13.10 64.96 -12.58
CA THR K 148 13.28 64.32 -11.28
C THR K 148 14.77 64.12 -10.94
N SER K 149 15.54 63.66 -11.90
CA SER K 149 16.95 63.46 -11.62
C SER K 149 17.57 64.75 -11.20
N ARG K 150 17.14 65.83 -11.81
CA ARG K 150 17.75 67.15 -11.58
C ARG K 150 17.39 67.65 -10.18
N TYR K 151 16.10 67.61 -9.89
CA TYR K 151 15.60 67.96 -8.57
C TYR K 151 16.21 67.08 -7.45
N CYS K 152 16.25 65.77 -7.66
CA CYS K 152 16.84 64.87 -6.67
C CYS K 152 18.32 65.13 -6.50
N SER K 153 18.99 65.34 -7.61
CA SER K 153 20.40 65.64 -7.59
C SER K 153 20.73 66.89 -6.73
N LEU K 154 19.93 67.93 -6.86
CA LEU K 154 20.10 69.17 -6.10
C LEU K 154 19.75 69.00 -4.61
N ILE K 155 18.66 68.28 -4.32
CA ILE K 155 18.28 67.90 -2.95
C ILE K 155 19.41 67.09 -2.30
N ALA K 156 19.91 66.07 -2.98
CA ALA K 156 21.03 65.30 -2.46
C ALA K 156 22.24 66.14 -2.09
N ASP K 157 22.63 67.05 -2.99
CA ASP K 157 23.80 67.98 -2.75
C ASP K 157 23.60 68.83 -1.47
N LYS K 158 22.41 69.39 -1.28
CA LYS K 158 22.15 70.25 -0.13
C LYS K 158 22.10 69.47 1.17
N LEU K 159 21.66 68.21 1.13
CA LEU K 159 21.59 67.35 2.33
C LEU K 159 22.86 66.59 2.60
N LYS K 160 23.87 66.75 1.75
CA LYS K 160 25.13 66.01 1.81
C LYS K 160 24.86 64.52 1.85
N VAL K 161 24.02 64.05 0.94
CA VAL K 161 23.73 62.60 0.82
C VAL K 161 23.91 62.16 -0.60
N SER K 162 24.07 60.87 -0.77
CA SER K 162 24.03 60.22 -2.06
C SER K 162 22.70 60.53 -2.72
N ALA K 163 22.80 60.89 -3.99
CA ALA K 163 21.62 60.97 -4.86
C ALA K 163 21.00 59.58 -5.15
N GLU K 164 21.75 58.48 -4.94
CA GLU K 164 21.33 57.15 -5.29
C GLU K 164 19.94 56.78 -4.84
N ASP K 165 19.53 57.16 -3.65
CA ASP K 165 18.20 56.75 -3.21
C ASP K 165 17.31 57.93 -2.82
N VAL K 166 17.58 59.08 -3.44
CA VAL K 166 16.67 60.21 -3.34
C VAL K 166 15.66 60.04 -4.48
N ASN K 167 14.39 59.91 -4.10
CA ASN K 167 13.33 59.76 -5.07
C ASN K 167 12.30 60.84 -4.94
N ALA K 168 11.61 61.10 -6.04
CA ALA K 168 10.63 62.17 -6.06
C ALA K 168 9.62 62.03 -7.18
N VAL K 169 8.48 62.70 -7.01
CA VAL K 169 7.49 62.81 -8.05
C VAL K 169 7.44 64.28 -8.56
N ILE K 170 7.56 64.45 -9.87
CA ILE K 170 7.32 65.73 -10.51
C ILE K 170 6.22 65.54 -11.54
N LEU K 171 5.15 66.27 -11.33
CA LEU K 171 3.99 66.23 -12.20
C LEU K 171 4.01 67.39 -13.18
N GLY K 172 3.35 67.18 -14.31
CA GLY K 172 3.08 68.26 -15.24
C GLY K 172 4.01 68.32 -16.40
N GLY K 173 3.75 69.32 -17.22
CA GLY K 173 4.47 69.53 -18.45
C GLY K 173 5.94 69.76 -18.23
N HIS K 174 6.71 69.33 -19.21
CA HIS K 174 8.14 69.52 -19.21
C HIS K 174 8.41 70.99 -19.60
N GLY K 175 8.36 71.84 -18.59
CA GLY K 175 8.49 73.26 -18.80
C GLY K 175 8.42 73.98 -17.49
N ASP K 176 8.26 75.30 -17.59
CA ASP K 176 8.20 76.23 -16.44
C ASP K 176 7.06 75.95 -15.44
N LEU K 177 6.06 75.16 -15.84
CA LEU K 177 4.96 74.81 -14.96
C LEU K 177 5.05 73.41 -14.31
N MET K 178 6.24 72.82 -14.26
CA MET K 178 6.44 71.59 -13.48
C MET K 178 5.97 71.78 -12.07
N VAL K 179 5.51 70.68 -11.46
CA VAL K 179 5.08 70.67 -10.09
C VAL K 179 5.84 69.56 -9.34
N PRO K 180 7.01 69.89 -8.77
CA PRO K 180 7.68 68.96 -7.86
C PRO K 180 6.95 68.83 -6.53
N LEU K 181 6.77 67.60 -6.05
CA LEU K 181 5.99 67.37 -4.84
C LEU K 181 6.90 67.03 -3.69
N GLN K 182 7.03 67.99 -2.79
CA GLN K 182 7.78 67.81 -1.56
C GLN K 182 7.30 66.65 -0.75
N ARG K 183 5.98 66.53 -0.64
CA ARG K 183 5.35 65.40 0.08
C ARG K 183 5.80 64.04 -0.46
N TYR K 184 6.01 63.99 -1.80
CA TYR K 184 6.43 62.78 -2.48
C TYR K 184 7.91 62.79 -2.82
N THR K 185 8.73 63.35 -1.93
CA THR K 185 10.16 63.30 -2.04
C THR K 185 10.70 62.52 -0.82
N SER K 186 11.56 61.55 -1.04
CA SER K 186 12.15 60.80 0.06
C SER K 186 13.62 60.49 -0.16
N VAL K 187 14.33 60.28 0.95
CA VAL K 187 15.76 59.96 0.97
C VAL K 187 15.89 58.60 1.62
N ASN K 188 16.17 57.61 0.81
CA ASN K 188 16.09 56.20 1.16
C ASN K 188 14.91 55.87 2.09
N GLY K 189 13.75 56.39 1.73
CA GLY K 189 12.50 56.12 2.45
C GLY K 189 12.03 57.20 3.39
N VAL K 190 12.99 57.99 3.90
CA VAL K 190 12.68 59.07 4.86
C VAL K 190 12.13 60.34 4.14
N PRO K 191 10.90 60.79 4.46
CA PRO K 191 10.32 61.94 3.75
C PRO K 191 11.18 63.19 3.90
N LEU K 192 11.19 64.02 2.86
CA LEU K 192 11.91 65.29 2.87
C LEU K 192 11.56 66.14 4.09
N SER K 193 10.29 66.08 4.51
CA SER K 193 9.78 66.87 5.65
C SER K 193 10.52 66.60 6.98
N GLU K 194 11.11 65.41 7.10
CA GLU K 194 11.93 65.06 8.26
C GLU K 194 13.24 65.83 8.28
N PHE K 195 13.79 66.07 7.11
CA PHE K 195 15.02 66.86 7.00
C PHE K 195 14.79 68.36 7.27
N VAL K 196 13.59 68.88 6.97
CA VAL K 196 13.25 70.30 7.28
C VAL K 196 13.08 70.43 8.80
N LYS K 197 12.38 69.48 9.45
CA LYS K 197 12.24 69.45 10.90
C LYS K 197 13.58 69.34 11.62
N LYS K 198 14.50 68.59 11.04
CA LYS K 198 15.84 68.44 11.61
C LYS K 198 16.75 69.64 11.27
N ASN K 199 16.19 70.66 10.61
CA ASN K 199 16.95 71.85 10.15
C ASN K 199 18.13 71.58 9.21
N MET K 200 18.14 70.44 8.52
CA MET K 200 19.17 70.15 7.52
C MET K 200 18.89 70.80 6.14
N ILE K 201 17.68 71.30 5.92
CA ILE K 201 17.31 72.04 4.71
C ILE K 201 16.09 72.91 5.03
N SER K 202 15.96 74.06 4.37
CA SER K 202 14.86 75.01 4.67
C SER K 202 13.90 75.10 3.52
N GLN K 203 12.70 75.58 3.81
CA GLN K 203 11.67 75.74 2.79
C GLN K 203 12.12 76.64 1.65
N ASN K 204 12.91 77.66 1.97
CA ASN K 204 13.48 78.57 0.98
C ASN K 204 14.51 77.89 0.07
N GLU K 205 15.41 77.12 0.67
CA GLU K 205 16.40 76.32 -0.08
C GLU K 205 15.71 75.36 -1.08
N ILE K 206 14.59 74.78 -0.65
CA ILE K 206 13.78 73.90 -1.50
C ILE K 206 13.16 74.66 -2.69
N GLN K 207 12.65 75.86 -2.44
CA GLN K 207 12.05 76.68 -3.52
C GLN K 207 13.10 77.11 -4.56
N GLU K 208 14.27 77.47 -4.04
CA GLU K 208 15.45 77.71 -4.85
C GLU K 208 15.74 76.49 -5.77
N ILE K 209 15.79 75.30 -5.17
CA ILE K 209 16.04 74.03 -5.88
C ILE K 209 14.97 73.74 -6.96
N ILE K 210 13.71 73.98 -6.63
CA ILE K 210 12.62 73.89 -7.60
C ILE K 210 12.81 74.84 -8.78
N GLN K 211 13.23 76.08 -8.50
CA GLN K 211 13.54 77.04 -9.56
C GLN K 211 14.69 76.57 -10.45
N LYS K 212 15.78 76.08 -9.85
CA LYS K 212 16.90 75.58 -10.66
C LYS K 212 16.50 74.37 -11.49
N THR K 213 15.62 73.54 -10.94
CA THR K 213 15.10 72.38 -11.66
C THR K 213 14.30 72.79 -12.91
N ARG K 214 13.47 73.82 -12.75
CA ARG K 214 12.71 74.40 -13.89
C ARG K 214 13.58 74.96 -15.01
N ASN K 215 14.58 75.75 -14.66
CA ASN K 215 15.44 76.41 -15.63
C ASN K 215 16.60 75.58 -16.11
N MET K 216 16.75 74.35 -15.60
CA MET K 216 17.96 73.55 -15.83
C MET K 216 18.23 73.28 -17.31
N GLY K 217 17.19 72.90 -18.02
CA GLY K 217 17.29 72.73 -19.46
C GLY K 217 17.90 73.91 -20.19
N ALA K 218 17.45 75.13 -19.85
CA ALA K 218 17.99 76.39 -20.41
C ALA K 218 19.42 76.68 -19.94
N GLU K 219 19.71 76.43 -18.65
CA GLU K 219 21.03 76.70 -18.08
C GLU K 219 22.08 75.89 -18.76
N ILE K 220 21.77 74.64 -19.09
CA ILE K 220 22.73 73.76 -19.79
C ILE K 220 22.95 74.27 -21.21
N ILE K 221 21.86 74.69 -21.87
CA ILE K 221 21.98 75.28 -23.23
C ILE K 221 22.90 76.51 -23.22
N LYS K 222 22.70 77.40 -22.25
CA LYS K 222 23.54 78.58 -22.05
C LYS K 222 24.99 78.22 -21.81
N LEU K 223 25.25 77.29 -20.90
CA LEU K 223 26.65 76.90 -20.60
C LEU K 223 27.29 76.04 -21.69
N ALA K 224 26.68 74.93 -22.03
CA ALA K 224 27.28 73.99 -22.97
C ALA K 224 27.08 74.34 -24.43
N LYS K 225 26.26 75.36 -24.71
CA LYS K 225 25.93 75.77 -26.09
C LYS K 225 25.21 74.68 -26.91
N ALA K 226 24.74 73.64 -26.24
CA ALA K 226 23.96 72.55 -26.84
C ALA K 226 23.06 72.05 -25.74
N SER K 227 22.01 71.36 -26.10
CA SER K 227 21.09 70.90 -25.09
C SER K 227 21.62 69.62 -24.50
N ALA K 228 21.12 69.34 -23.31
CA ALA K 228 21.48 68.14 -22.57
C ALA K 228 21.29 66.90 -23.45
N ALA K 229 22.23 65.97 -23.40
CA ALA K 229 22.14 64.69 -24.16
C ALA K 229 22.28 63.37 -23.29
N PHE K 230 23.19 63.36 -22.31
CA PHE K 230 23.48 62.12 -21.54
C PHE K 230 22.36 61.72 -20.60
N ALA K 231 21.92 62.66 -19.75
CA ALA K 231 20.78 62.40 -18.90
C ALA K 231 19.48 62.03 -19.63
N PRO K 232 19.06 62.83 -20.68
CA PRO K 232 17.92 62.38 -21.49
C PRO K 232 18.05 60.95 -22.03
N ALA K 233 19.23 60.57 -22.47
CA ALA K 233 19.41 59.24 -22.99
C ALA K 233 19.26 58.13 -21.91
N ALA K 234 19.75 58.46 -20.69
CA ALA K 234 19.70 57.52 -19.59
C ALA K 234 18.25 57.32 -19.19
N ALA K 235 17.54 58.40 -19.04
CA ALA K 235 16.09 58.36 -18.77
C ALA K 235 15.34 57.50 -19.78
N ILE K 236 15.59 57.72 -21.08
CA ILE K 236 14.93 56.97 -22.14
C ILE K 236 15.21 55.49 -21.99
N THR K 237 16.48 55.15 -21.83
CA THR K 237 16.92 53.77 -21.63
C THR K 237 16.24 53.11 -20.39
N LYS K 238 16.02 53.87 -19.33
CA LYS K 238 15.34 53.35 -18.18
C LYS K 238 13.91 52.99 -18.54
N MET K 239 13.24 53.81 -19.33
CA MET K 239 11.86 53.51 -19.78
C MET K 239 11.80 52.33 -20.78
N ILE K 240 12.85 52.16 -21.60
CA ILE K 240 12.95 51.03 -22.52
C ILE K 240 13.04 49.73 -21.68
N LYS K 241 13.89 49.75 -20.67
CA LYS K 241 14.19 48.62 -19.80
C LYS K 241 12.92 48.16 -19.06
N SER K 242 12.20 49.13 -18.53
CA SER K 242 10.96 48.82 -17.85
C SER K 242 9.91 48.15 -18.73
N TYR K 243 9.91 48.50 -20.03
CA TYR K 243 8.98 47.90 -21.00
C TYR K 243 9.44 46.50 -21.40
N LEU K 244 10.69 46.39 -21.85
CA LEU K 244 11.23 45.09 -22.30
C LEU K 244 11.23 44.03 -21.25
N TYR K 245 11.52 44.43 -20.03
CA TYR K 245 11.68 43.48 -18.92
C TYR K 245 10.48 43.44 -18.00
N ASN K 246 9.39 44.04 -18.44
CA ASN K 246 8.15 43.98 -17.73
C ASN K 246 8.28 44.36 -16.27
N GLU K 247 9.01 45.42 -16.02
CA GLU K 247 9.41 45.72 -14.64
C GLU K 247 8.34 46.39 -13.81
N ASN K 248 7.43 47.08 -14.47
CA ASN K 248 6.32 47.75 -13.80
C ASN K 248 6.78 48.89 -12.86
N ASN K 249 7.86 49.55 -13.25
CA ASN K 249 8.44 50.63 -12.48
C ASN K 249 7.55 51.87 -12.50
N LEU K 250 7.58 52.64 -11.41
CA LEU K 250 6.71 53.77 -11.23
C LEU K 250 7.56 55.01 -11.47
N PHE K 251 7.37 55.64 -12.63
CA PHE K 251 8.04 56.87 -13.03
C PHE K 251 7.08 58.05 -13.14
N THR K 252 7.62 59.22 -13.46
CA THR K 252 6.83 60.28 -14.08
C THR K 252 7.22 60.38 -15.56
N CYS K 253 6.21 60.38 -16.43
CA CYS K 253 6.40 60.57 -17.83
C CYS K 253 5.13 61.11 -18.47
N ALA K 254 5.25 61.55 -19.70
CA ALA K 254 4.10 62.04 -20.43
C ALA K 254 3.27 60.81 -20.80
N VAL K 255 2.05 60.76 -20.30
CA VAL K 255 1.18 59.62 -20.45
C VAL K 255 -0.29 60.06 -20.70
N TYR K 256 -1.06 59.21 -21.35
CA TYR K 256 -2.48 59.49 -21.61
C TYR K 256 -3.30 59.51 -20.32
N LEU K 257 -3.79 60.68 -19.93
CA LEU K 257 -4.69 60.79 -18.80
C LEU K 257 -6.11 60.60 -19.27
N ASN K 258 -6.88 59.97 -18.40
CA ASN K 258 -8.21 59.56 -18.69
C ASN K 258 -9.05 59.55 -17.42
N GLY K 259 -9.32 60.74 -16.87
CA GLY K 259 -10.07 60.92 -15.62
C GLY K 259 -9.17 61.03 -14.42
N HIS K 260 -7.86 60.87 -14.65
CA HIS K 260 -6.89 60.94 -13.58
C HIS K 260 -6.50 62.39 -13.40
N TYR K 261 -6.45 62.82 -12.14
CA TYR K 261 -6.11 64.18 -11.76
C TYR K 261 -6.99 65.24 -12.44
N ASN K 262 -8.29 64.95 -12.51
CA ASN K 262 -9.32 65.80 -13.16
C ASN K 262 -9.00 66.16 -14.61
N CYS K 263 -8.33 65.27 -15.31
CA CYS K 263 -7.90 65.52 -16.67
C CYS K 263 -8.23 64.32 -17.52
N SER K 264 -8.69 64.57 -18.74
CA SER K 264 -9.03 63.49 -19.66
C SER K 264 -8.62 63.86 -21.06
N ASN K 265 -8.34 62.87 -21.89
CA ASN K 265 -7.99 63.09 -23.30
C ASN K 265 -6.79 64.00 -23.60
N LEU K 266 -5.72 63.76 -22.87
CA LEU K 266 -4.47 64.51 -23.05
C LEU K 266 -3.27 63.71 -22.52
N PHE K 267 -2.19 63.74 -23.28
CA PHE K 267 -0.89 63.26 -22.80
C PHE K 267 -0.24 64.40 -22.07
N VAL K 268 0.16 64.12 -20.84
CA VAL K 268 0.88 65.10 -20.00
C VAL K 268 1.71 64.37 -18.95
N GLY K 269 2.77 65.03 -18.50
CA GLY K 269 3.58 64.48 -17.45
C GLY K 269 2.77 64.06 -16.22
N SER K 270 2.85 62.77 -15.86
CA SER K 270 2.12 62.24 -14.71
C SER K 270 2.77 60.98 -14.19
N THR K 271 2.34 60.56 -13.02
CA THR K 271 2.81 59.33 -12.42
C THR K 271 2.28 58.17 -13.22
N ALA K 272 3.15 57.26 -13.61
CA ALA K 272 2.77 56.11 -14.39
C ALA K 272 3.65 54.89 -14.15
N LYS K 273 3.10 53.70 -14.43
CA LYS K 273 3.86 52.46 -14.41
C LYS K 273 4.13 52.04 -15.84
N ILE K 274 5.32 51.52 -16.10
CA ILE K 274 5.64 51.02 -17.45
C ILE K 274 5.96 49.53 -17.37
N ASN K 275 5.28 48.73 -18.21
CA ASN K 275 5.47 47.29 -18.26
C ASN K 275 5.35 46.79 -19.70
N ASN K 276 5.34 45.46 -19.89
CA ASN K 276 4.98 44.76 -21.14
C ASN K 276 3.93 45.33 -22.03
N LYS K 277 2.89 45.91 -21.43
CA LYS K 277 1.70 46.35 -22.12
C LYS K 277 1.74 47.84 -22.40
N GLY K 278 2.76 48.55 -21.91
CA GLY K 278 2.88 50.00 -22.12
C GLY K 278 2.93 50.86 -20.86
N ALA K 279 2.54 52.12 -21.02
CA ALA K 279 2.52 53.12 -19.95
C ALA K 279 1.12 53.34 -19.43
N HIS K 280 0.96 53.22 -18.11
CA HIS K 280 -0.36 53.23 -17.46
C HIS K 280 -0.37 54.26 -16.36
N PRO K 281 -1.24 55.27 -16.46
CA PRO K 281 -1.25 56.28 -15.41
C PRO K 281 -1.72 55.73 -14.07
N VAL K 282 -1.26 56.33 -12.98
CA VAL K 282 -1.70 55.99 -11.63
C VAL K 282 -2.02 57.32 -10.93
N GLU K 283 -3.19 57.41 -10.30
CA GLU K 283 -3.58 58.64 -9.61
C GLU K 283 -3.26 58.50 -8.15
N PHE K 284 -2.51 59.45 -7.60
CA PHE K 284 -2.30 59.54 -6.14
C PHE K 284 -3.09 60.72 -5.52
N PRO K 285 -3.46 60.63 -4.23
CA PRO K 285 -4.28 61.66 -3.62
C PRO K 285 -3.51 62.97 -3.38
N LEU K 286 -3.76 63.95 -4.23
CA LEU K 286 -3.16 65.29 -4.07
C LEU K 286 -3.95 66.16 -3.10
N THR K 287 -3.27 67.11 -2.46
CA THR K 287 -3.96 68.21 -1.75
C THR K 287 -4.61 69.16 -2.79
N LYS K 288 -5.52 70.02 -2.32
CA LYS K 288 -6.16 71.02 -3.19
C LYS K 288 -5.09 71.86 -3.91
N GLU K 289 -4.11 72.32 -3.13
CA GLU K 289 -3.11 73.25 -3.63
C GLU K 289 -2.19 72.63 -4.67
N GLU K 290 -1.81 71.37 -4.40
CA GLU K 290 -1.05 70.56 -5.35
C GLU K 290 -1.80 70.35 -6.65
N GLN K 291 -3.05 69.91 -6.55
CA GLN K 291 -3.91 69.68 -7.71
C GLN K 291 -4.15 70.95 -8.53
N ASP K 292 -4.32 72.08 -7.83
CA ASP K 292 -4.50 73.39 -8.48
C ASP K 292 -3.29 73.72 -9.34
N LEU K 293 -2.10 73.56 -8.77
CA LEU K 293 -0.84 73.77 -9.53
C LEU K 293 -0.75 72.82 -10.72
N TYR K 294 -1.09 71.55 -10.51
CA TYR K 294 -1.04 70.55 -11.56
C TYR K 294 -2.02 70.92 -12.69
N THR K 295 -3.27 71.23 -12.33
CA THR K 295 -4.28 71.67 -13.32
C THR K 295 -3.80 72.88 -14.16
N GLU K 296 -3.19 73.85 -13.50
CA GLU K 296 -2.62 74.99 -14.21
C GLU K 296 -1.59 74.57 -15.27
N SER K 297 -0.72 73.62 -14.92
CA SER K 297 0.24 73.05 -15.87
C SER K 297 -0.45 72.32 -17.05
N ILE K 298 -1.47 71.54 -16.69
CA ILE K 298 -2.27 70.80 -17.64
C ILE K 298 -2.94 71.78 -18.62
N ALA K 299 -3.38 72.93 -18.11
CA ALA K 299 -4.01 73.96 -18.99
C ALA K 299 -3.07 74.43 -20.11
N SER K 300 -1.83 74.80 -19.78
CA SER K 300 -0.83 75.17 -20.81
C SER K 300 -0.62 74.13 -21.85
N VAL K 301 -0.49 72.89 -21.38
CA VAL K 301 -0.31 71.76 -22.28
C VAL K 301 -1.51 71.64 -23.21
N GLN K 302 -2.72 71.74 -22.65
CA GLN K 302 -3.96 71.81 -23.46
C GLN K 302 -3.89 72.87 -24.57
N SER K 303 -3.65 74.12 -24.16
CA SER K 303 -3.60 75.28 -25.06
C SER K 303 -2.61 75.04 -26.18
N ASN K 304 -1.37 74.75 -25.78
CA ASN K 304 -0.26 74.59 -26.73
C ASN K 304 -0.45 73.39 -27.66
N THR K 305 -1.16 72.36 -27.18
CA THR K 305 -1.48 71.20 -27.99
C THR K 305 -2.46 71.56 -29.06
N GLN K 306 -3.49 72.33 -28.70
CA GLN K 306 -4.42 72.90 -29.69
C GLN K 306 -3.68 73.76 -30.74
N LYS K 307 -2.89 74.73 -30.26
CA LYS K 307 -2.01 75.54 -31.10
C LYS K 307 -1.24 74.67 -32.08
N ALA K 308 -0.69 73.56 -31.60
CA ALA K 308 0.08 72.68 -32.46
C ALA K 308 -0.75 72.06 -33.55
N PHE K 309 -1.94 71.56 -33.20
CA PHE K 309 -2.85 70.98 -34.19
C PHE K 309 -3.25 72.01 -35.22
N ASP K 310 -3.56 73.22 -34.76
CA ASP K 310 -3.92 74.33 -35.64
C ASP K 310 -2.80 74.61 -36.65
N LEU K 311 -1.57 74.78 -36.15
CA LEU K 311 -0.40 75.14 -37.00
C LEU K 311 -0.04 74.05 -37.98
N ILE K 312 -0.53 72.84 -37.75
CA ILE K 312 -0.27 71.74 -38.67
C ILE K 312 -1.10 71.84 -39.95
N LYS K 313 -2.16 72.64 -40.00
CA LYS K 313 -2.86 72.96 -41.27
C LYS K 313 -2.41 74.34 -41.77
N MET L 1 38.36 58.24 -4.36
CA MET L 1 39.60 59.10 -4.19
C MET L 1 40.38 59.39 -5.52
N THR L 2 40.40 58.41 -6.48
CA THR L 2 40.99 58.56 -7.82
C THR L 2 40.45 59.78 -8.56
N LYS L 3 41.33 60.61 -9.08
CA LYS L 3 40.94 61.77 -9.87
C LYS L 3 41.30 61.56 -11.31
N ILE L 4 40.28 61.63 -12.16
CA ILE L 4 40.51 61.57 -13.61
C ILE L 4 40.25 62.96 -14.26
N ALA L 5 41.27 63.49 -14.88
CA ALA L 5 41.13 64.82 -15.57
C ALA L 5 41.06 64.69 -17.06
N LEU L 6 39.99 65.23 -17.57
CA LEU L 6 39.73 65.29 -19.05
C LEU L 6 40.11 66.70 -19.58
N ILE L 7 41.25 66.81 -20.21
CA ILE L 7 41.70 68.04 -20.83
C ILE L 7 41.16 68.07 -22.24
N GLY L 8 40.02 68.79 -22.37
CA GLY L 8 39.19 68.81 -23.59
C GLY L 8 37.86 68.23 -23.25
N SER L 9 36.81 69.04 -23.39
CA SER L 9 35.44 68.63 -23.10
C SER L 9 34.55 68.53 -24.34
N GLY L 10 35.12 68.13 -25.48
CA GLY L 10 34.38 67.78 -26.66
C GLY L 10 33.75 66.40 -26.57
N GLN L 11 33.37 65.88 -27.73
CA GLN L 11 32.62 64.63 -27.82
C GLN L 11 33.36 63.52 -27.07
N ILE L 12 34.62 63.31 -27.43
CA ILE L 12 35.33 62.25 -26.93
C ILE L 12 35.48 62.35 -25.37
N GLY L 13 35.92 63.50 -24.90
CA GLY L 13 36.11 63.77 -23.53
C GLY L 13 34.85 63.47 -22.76
N ALA L 14 33.72 63.94 -23.23
CA ALA L 14 32.50 63.78 -22.47
C ALA L 14 32.11 62.33 -22.40
N ILE L 15 32.28 61.60 -23.51
CA ILE L 15 31.90 60.14 -23.51
C ILE L 15 32.85 59.30 -22.62
N VAL L 16 34.17 59.55 -22.70
CA VAL L 16 35.14 59.05 -21.72
C VAL L 16 34.67 59.32 -20.31
N GLY L 17 34.28 60.57 -20.02
CA GLY L 17 33.74 60.91 -18.68
C GLY L 17 32.51 60.10 -18.37
N GLU L 18 31.66 59.88 -19.37
CA GLU L 18 30.46 59.04 -19.19
C GLU L 18 30.85 57.61 -18.87
N LEU L 19 31.79 57.04 -19.61
CA LEU L 19 32.16 55.62 -19.41
C LEU L 19 32.87 55.41 -18.04
N CYS L 20 33.65 56.41 -17.63
CA CYS L 20 34.31 56.38 -16.37
C CYS L 20 33.30 56.39 -15.26
N LEU L 21 32.21 57.11 -15.43
CA LEU L 21 31.15 57.16 -14.44
C LEU L 21 30.42 55.85 -14.39
N LEU L 22 30.14 55.25 -15.54
CA LEU L 22 29.49 53.94 -15.53
C LEU L 22 30.24 52.84 -14.73
N GLU L 23 31.56 52.79 -14.82
CA GLU L 23 32.36 51.85 -14.10
C GLU L 23 32.94 52.40 -12.81
N ASN L 24 32.46 53.52 -12.32
CA ASN L 24 32.98 54.07 -11.08
C ASN L 24 34.51 54.18 -11.02
N LEU L 25 35.18 54.51 -12.12
CA LEU L 25 36.62 54.58 -12.13
C LEU L 25 37.20 55.68 -11.29
N GLY L 26 36.48 56.79 -11.10
CA GLY L 26 37.06 57.93 -10.42
C GLY L 26 36.24 59.21 -10.50
N ASP L 27 36.59 60.17 -9.67
CA ASP L 27 36.01 61.48 -9.77
C ASP L 27 36.47 62.15 -11.06
N LEU L 28 35.61 62.96 -11.69
CA LEU L 28 35.98 63.61 -12.91
C LEU L 28 36.30 65.04 -12.71
N ILE L 29 37.31 65.47 -13.44
CA ILE L 29 37.54 66.90 -13.68
C ILE L 29 37.48 67.15 -15.18
N LEU L 30 36.41 67.81 -15.57
CA LEU L 30 36.18 68.23 -16.96
C LEU L 30 36.74 69.63 -17.16
N TYR L 31 37.82 69.69 -17.92
CA TYR L 31 38.47 70.93 -18.29
C TYR L 31 38.29 71.26 -19.81
N ASP L 32 38.07 72.54 -20.07
CA ASP L 32 38.17 73.08 -21.43
C ASP L 32 38.55 74.56 -21.34
N VAL L 33 39.12 75.01 -22.44
CA VAL L 33 39.47 76.41 -22.58
C VAL L 33 38.20 77.31 -22.72
N VAL L 34 37.18 76.82 -23.44
CA VAL L 34 35.97 77.60 -23.71
C VAL L 34 35.16 77.72 -22.42
N PRO L 35 34.97 78.92 -21.89
CA PRO L 35 34.00 79.06 -20.79
C PRO L 35 32.57 78.53 -20.94
N GLY L 36 32.03 78.02 -19.85
CA GLY L 36 30.70 77.47 -19.81
C GLY L 36 30.51 76.05 -20.34
N ILE L 37 31.26 75.62 -21.33
CA ILE L 37 31.07 74.27 -21.89
C ILE L 37 31.25 73.11 -20.90
N PRO L 38 32.36 73.08 -20.14
CA PRO L 38 32.55 71.98 -19.16
C PRO L 38 31.54 72.00 -18.08
N GLN L 39 31.10 73.20 -17.70
CA GLN L 39 30.16 73.32 -16.55
C GLN L 39 28.80 72.75 -16.92
N GLY L 40 28.41 72.99 -18.16
CA GLY L 40 27.18 72.47 -18.67
C GLY L 40 27.17 70.97 -18.93
N LYS L 41 28.26 70.44 -19.49
CA LYS L 41 28.37 68.99 -19.63
C LYS L 41 28.42 68.32 -18.25
N ALA L 42 29.10 68.97 -17.28
CA ALA L 42 29.19 68.43 -15.91
C ALA L 42 27.84 68.34 -15.30
N LEU L 43 26.99 69.34 -15.57
CA LEU L 43 25.59 69.28 -15.09
C LEU L 43 24.81 68.10 -15.70
N ASP L 44 24.94 67.92 -17.00
CA ASP L 44 24.31 66.80 -17.66
C ASP L 44 24.79 65.44 -17.13
N LEU L 45 26.10 65.28 -17.00
CA LEU L 45 26.70 64.09 -16.45
C LEU L 45 26.32 63.80 -14.99
N LYS L 46 26.14 64.82 -14.15
CA LYS L 46 25.58 64.60 -12.81
C LYS L 46 24.19 63.99 -12.87
N HIS L 47 23.38 64.52 -13.77
CA HIS L 47 21.96 64.08 -13.86
C HIS L 47 21.91 62.64 -14.41
N PHE L 48 22.84 62.36 -15.30
CA PHE L 48 23.04 61.04 -15.84
C PHE L 48 23.44 60.08 -14.73
N SER L 49 24.44 60.49 -13.93
CA SER L 49 24.86 59.79 -12.72
C SER L 49 23.69 59.52 -11.76
N THR L 50 22.84 60.50 -11.52
CA THR L 50 21.72 60.30 -10.61
C THR L 50 20.72 59.27 -11.10
N ILE L 51 20.48 59.23 -12.41
CA ILE L 51 19.53 58.26 -13.01
C ILE L 51 20.10 56.84 -12.98
N LEU L 52 21.39 56.68 -13.17
CA LEU L 52 22.01 55.36 -13.13
C LEU L 52 22.58 54.88 -11.80
N GLY L 53 22.43 55.67 -10.76
CA GLY L 53 22.94 55.28 -9.47
C GLY L 53 24.45 55.26 -9.32
N VAL L 54 25.15 56.10 -10.06
CA VAL L 54 26.56 56.37 -9.83
C VAL L 54 26.73 57.66 -9.02
N ASN L 55 27.76 57.74 -8.20
CA ASN L 55 27.87 58.79 -7.17
C ASN L 55 29.21 59.46 -7.09
N ARG L 56 30.07 59.23 -8.07
CA ARG L 56 31.30 59.95 -8.16
C ARG L 56 31.11 61.48 -8.40
N ASN L 57 32.09 62.21 -7.96
CA ASN L 57 32.08 63.63 -8.10
C ASN L 57 32.46 64.08 -9.53
N ILE L 58 31.82 65.16 -10.01
CA ILE L 58 32.08 65.69 -11.34
C ILE L 58 32.23 67.21 -11.28
N LEU L 59 33.37 67.73 -11.70
CA LEU L 59 33.64 69.16 -11.67
C LEU L 59 33.99 69.64 -13.09
N GLY L 60 33.16 70.54 -13.59
CA GLY L 60 33.43 71.24 -14.84
C GLY L 60 34.20 72.50 -14.51
N THR L 61 35.32 72.71 -15.21
CA THR L 61 36.14 73.88 -14.95
C THR L 61 36.87 74.45 -16.16
N ASN L 62 37.17 75.75 -16.04
CA ASN L 62 38.05 76.50 -17.01
C ASN L 62 39.42 76.85 -16.43
N GLN L 63 39.61 76.53 -15.17
CA GLN L 63 40.85 76.79 -14.49
C GLN L 63 41.70 75.55 -14.53
N ILE L 64 42.72 75.56 -15.35
CA ILE L 64 43.55 74.39 -15.50
C ILE L 64 44.26 73.93 -14.23
N GLU L 65 44.42 74.83 -13.26
CA GLU L 65 45.02 74.44 -11.99
C GLU L 65 44.18 73.42 -11.23
N ASP L 66 42.89 73.30 -11.57
CA ASP L 66 42.02 72.24 -11.00
C ASP L 66 42.47 70.80 -11.36
N ILE L 67 43.37 70.68 -12.30
CA ILE L 67 43.90 69.44 -12.71
C ILE L 67 44.88 68.88 -11.68
N LYS L 68 45.20 69.66 -10.63
CA LYS L 68 46.16 69.23 -9.58
C LYS L 68 45.88 67.87 -8.98
N ASP L 69 46.92 67.08 -8.83
CA ASP L 69 46.79 65.77 -8.23
C ASP L 69 45.86 64.79 -9.01
N ALA L 70 45.61 65.04 -10.27
CA ALA L 70 44.93 64.08 -11.08
C ALA L 70 45.81 62.86 -11.11
N ASP L 71 45.18 61.72 -10.96
CA ASP L 71 45.90 60.43 -11.18
C ASP L 71 46.02 60.13 -12.67
N ILE L 72 45.00 60.51 -13.43
CA ILE L 72 44.91 60.21 -14.87
C ILE L 72 44.59 61.50 -15.57
N ILE L 73 45.24 61.70 -16.72
CA ILE L 73 44.94 62.83 -17.64
C ILE L 73 44.65 62.29 -19.05
N VAL L 74 43.48 62.63 -19.56
CA VAL L 74 43.10 62.37 -21.00
C VAL L 74 43.08 63.68 -21.78
N ILE L 75 43.90 63.77 -22.82
CA ILE L 75 44.04 65.02 -23.62
C ILE L 75 43.36 64.86 -24.98
N THR L 76 42.22 65.53 -25.15
CA THR L 76 41.56 65.62 -26.44
C THR L 76 41.58 67.05 -27.00
N ALA L 77 42.21 67.99 -26.31
CA ALA L 77 42.25 69.38 -26.68
C ALA L 77 42.87 69.55 -28.02
N GLY L 78 42.28 70.36 -28.87
CA GLY L 78 42.78 70.43 -30.22
C GLY L 78 41.65 70.39 -31.18
N VAL L 79 42.01 70.57 -32.43
CA VAL L 79 41.04 70.64 -33.48
C VAL L 79 40.94 69.25 -34.05
N GLN L 80 39.77 68.90 -34.51
CA GLN L 80 39.59 67.74 -35.33
C GLN L 80 39.57 68.02 -36.87
N ARG L 81 39.91 67.01 -37.66
CA ARG L 81 39.92 67.15 -39.14
C ARG L 81 38.54 67.04 -39.74
N LYS L 82 38.34 67.72 -40.90
CA LYS L 82 37.07 67.69 -41.67
C LYS L 82 37.26 66.80 -42.85
N GLU L 83 36.19 66.56 -43.58
CA GLU L 83 36.25 65.84 -44.88
C GLU L 83 37.35 66.37 -45.81
N GLY L 84 38.06 65.45 -46.47
CA GLY L 84 39.12 65.81 -47.37
C GLY L 84 40.46 66.09 -46.77
N MET L 85 40.49 66.51 -45.50
CA MET L 85 41.76 66.65 -44.75
C MET L 85 42.36 65.29 -44.32
N THR L 86 43.68 65.26 -44.18
CA THR L 86 44.39 64.18 -43.46
C THR L 86 44.64 64.64 -42.01
N ARG L 87 45.01 63.67 -41.17
CA ARG L 87 45.26 63.92 -39.72
C ARG L 87 46.49 64.80 -39.62
N GLU L 88 47.42 64.57 -40.52
CA GLU L 88 48.68 65.38 -40.61
C GLU L 88 48.46 66.88 -40.92
N ASP L 89 47.34 67.25 -41.57
CA ASP L 89 47.01 68.67 -41.80
C ASP L 89 46.82 69.49 -40.52
N LEU L 90 46.61 68.84 -39.39
CA LEU L 90 46.39 69.52 -38.11
C LEU L 90 47.67 69.87 -37.39
N ILE L 91 48.76 69.31 -37.90
CA ILE L 91 50.09 69.39 -37.28
C ILE L 91 50.44 70.78 -36.74
N GLY L 92 50.20 71.81 -37.54
CA GLY L 92 50.49 73.19 -37.14
C GLY L 92 49.71 73.67 -35.93
N VAL L 93 48.39 73.66 -36.07
CA VAL L 93 47.52 74.16 -35.00
C VAL L 93 47.53 73.33 -33.72
N ASN L 94 47.60 71.99 -33.84
CA ASN L 94 47.49 71.09 -32.64
C ASN L 94 48.80 70.92 -31.83
N GLY L 95 49.93 70.94 -32.53
CA GLY L 95 51.25 70.96 -31.90
C GLY L 95 51.41 72.09 -30.88
N LYS L 96 50.92 73.28 -31.22
CA LYS L 96 50.99 74.44 -30.35
C LYS L 96 50.13 74.22 -29.16
N ILE L 97 48.90 73.74 -29.38
CA ILE L 97 47.95 73.44 -28.27
C ILE L 97 48.58 72.34 -27.36
N MET L 98 49.09 71.27 -27.94
CA MET L 98 49.65 70.18 -27.15
C MET L 98 50.82 70.64 -26.30
N LYS L 99 51.66 71.52 -26.83
CA LYS L 99 52.74 72.14 -26.05
C LYS L 99 52.24 72.95 -24.84
N SER L 100 51.22 73.75 -25.06
CA SER L 100 50.63 74.49 -23.97
C SER L 100 50.08 73.57 -22.85
N VAL L 101 49.44 72.46 -23.24
CA VAL L 101 48.87 71.52 -22.29
C VAL L 101 50.01 70.81 -21.53
N ALA L 102 51.04 70.44 -22.28
CA ALA L 102 52.22 69.85 -21.71
C ALA L 102 52.79 70.72 -20.62
N GLU L 103 52.92 72.00 -20.90
CA GLU L 103 53.46 72.93 -19.91
C GLU L 103 52.60 73.01 -18.69
N SER L 104 51.28 72.99 -18.87
CA SER L 104 50.38 72.99 -17.74
C SER L 104 50.45 71.71 -16.89
N VAL L 105 50.52 70.54 -17.52
CA VAL L 105 50.63 69.31 -16.80
C VAL L 105 51.95 69.33 -16.02
N LYS L 106 53.00 69.82 -16.64
CA LYS L 106 54.34 69.91 -16.03
C LYS L 106 54.29 70.62 -14.66
N LEU L 107 53.68 71.79 -14.59
CA LEU L 107 53.64 72.49 -13.30
C LEU L 107 52.53 72.08 -12.31
N HIS L 108 51.44 71.50 -12.78
CA HIS L 108 50.29 71.22 -11.92
C HIS L 108 50.10 69.75 -11.45
N CYS L 109 50.45 68.76 -12.25
CA CYS L 109 50.41 67.34 -11.82
C CYS L 109 51.40 66.49 -12.57
N SER L 110 52.66 66.55 -12.14
CA SER L 110 53.74 65.81 -12.78
C SER L 110 53.68 64.31 -12.54
N LYS L 111 52.84 63.83 -11.61
CA LYS L 111 52.79 62.35 -11.31
C LYS L 111 51.74 61.55 -12.05
N ALA L 112 50.99 62.23 -12.88
CA ALA L 112 49.85 61.63 -13.58
C ALA L 112 50.31 60.68 -14.66
N PHE L 113 49.43 59.73 -14.97
CA PHE L 113 49.52 58.90 -16.22
C PHE L 113 48.70 59.65 -17.31
N VAL L 114 49.34 59.87 -18.43
CA VAL L 114 48.78 60.74 -19.50
C VAL L 114 48.43 59.93 -20.75
N ILE L 115 47.14 59.93 -21.10
CA ILE L 115 46.70 59.41 -22.39
C ILE L 115 46.39 60.61 -23.35
N CYS L 116 47.21 60.72 -24.37
CA CYS L 116 47.02 61.69 -25.43
C CYS L 116 46.09 61.12 -26.46
N VAL L 117 45.16 61.95 -26.96
CA VAL L 117 44.29 61.61 -28.09
C VAL L 117 44.32 62.57 -29.30
N SER L 118 44.63 63.84 -29.12
CA SER L 118 44.70 64.85 -30.26
C SER L 118 45.48 64.35 -31.48
N ASN L 119 44.93 64.58 -32.67
CA ASN L 119 45.62 64.20 -33.91
C ASN L 119 46.65 65.18 -34.41
N PRO L 120 47.62 64.73 -35.22
CA PRO L 120 47.81 63.34 -35.60
C PRO L 120 48.48 62.65 -34.40
N LEU L 121 47.87 61.53 -33.96
CA LEU L 121 48.07 61.01 -32.67
C LEU L 121 49.52 60.80 -32.30
N ASP L 122 50.21 59.99 -33.04
CA ASP L 122 51.58 59.66 -32.65
C ASP L 122 52.41 60.94 -32.47
N ILE L 123 52.27 61.84 -33.42
CA ILE L 123 53.09 63.01 -33.48
C ILE L 123 52.84 63.84 -32.23
N MET L 124 51.58 64.04 -31.90
CA MET L 124 51.21 64.82 -30.74
C MET L 124 51.68 64.23 -29.37
N VAL L 125 51.82 62.93 -29.32
CA VAL L 125 52.40 62.24 -28.11
C VAL L 125 53.81 62.69 -27.97
N ASN L 126 54.56 62.64 -29.06
CA ASN L 126 55.96 63.10 -29.05
C ASN L 126 56.08 64.57 -28.60
N VAL L 127 55.15 65.42 -29.04
CA VAL L 127 55.15 66.83 -28.65
C VAL L 127 54.86 66.97 -27.17
N PHE L 128 53.86 66.27 -26.68
CA PHE L 128 53.61 66.22 -25.23
C PHE L 128 54.84 65.81 -24.42
N HIS L 129 55.51 64.77 -24.84
CA HIS L 129 56.68 64.32 -24.12
C HIS L 129 57.72 65.40 -24.02
N LYS L 130 58.01 66.02 -25.15
CA LYS L 130 59.07 67.03 -25.23
C LYS L 130 58.92 68.18 -24.28
N PHE L 131 57.71 68.68 -24.15
CA PHE L 131 57.48 69.86 -23.30
C PHE L 131 56.90 69.57 -21.89
N SER L 132 56.62 68.30 -21.57
CA SER L 132 55.94 67.99 -20.30
C SER L 132 56.91 67.66 -19.23
N ASN L 133 58.04 67.07 -19.62
CA ASN L 133 59.03 66.64 -18.65
C ASN L 133 58.52 65.49 -17.75
N LEU L 134 57.75 64.58 -18.32
CA LEU L 134 57.28 63.44 -17.56
C LEU L 134 58.02 62.22 -18.03
N PRO L 135 58.08 61.21 -17.20
CA PRO L 135 58.81 60.05 -17.61
C PRO L 135 58.13 59.48 -18.81
N HIS L 136 58.87 58.80 -19.66
CA HIS L 136 58.25 58.31 -20.90
C HIS L 136 57.23 57.16 -20.76
N GLU L 137 57.37 56.34 -19.74
CA GLU L 137 56.37 55.30 -19.45
C GLU L 137 55.07 55.89 -18.95
N LYS L 138 55.07 57.09 -18.42
CA LYS L 138 53.84 57.74 -17.95
C LYS L 138 53.02 58.46 -19.04
N ILE L 139 53.41 58.30 -20.31
CA ILE L 139 52.81 59.02 -21.46
C ILE L 139 52.56 58.00 -22.52
N CYS L 140 51.37 58.00 -23.05
CA CYS L 140 51.07 57.20 -24.19
C CYS L 140 49.94 57.90 -25.01
N GLY L 141 49.61 57.30 -26.18
CA GLY L 141 48.46 57.73 -26.94
C GLY L 141 47.61 56.57 -27.33
N MET L 142 46.30 56.75 -27.34
CA MET L 142 45.42 55.68 -27.82
C MET L 142 45.19 55.82 -29.33
N ALA L 143 45.38 54.69 -30.00
CA ALA L 143 45.07 54.55 -31.39
C ALA L 143 44.95 53.12 -31.77
N GLY L 144 46.00 52.29 -31.46
CA GLY L 144 45.96 50.86 -31.80
C GLY L 144 44.73 50.10 -31.38
N ILE L 145 44.18 50.46 -30.27
CA ILE L 145 43.00 49.73 -29.85
C ILE L 145 41.86 50.01 -30.77
N LEU L 146 41.78 51.28 -31.22
CA LEU L 146 40.65 51.73 -32.14
C LEU L 146 40.81 51.08 -33.50
N ASP L 147 42.03 51.13 -34.05
CA ASP L 147 42.30 50.52 -35.33
C ASP L 147 42.06 49.01 -35.27
N THR L 148 42.52 48.37 -34.20
CA THR L 148 42.34 46.93 -33.97
C THR L 148 40.86 46.62 -33.88
N SER L 149 40.10 47.40 -33.14
CA SER L 149 38.67 47.10 -33.05
C SER L 149 38.03 47.09 -34.44
N ARG L 150 38.49 47.99 -35.34
CA ARG L 150 37.87 48.14 -36.67
C ARG L 150 38.23 46.96 -37.52
N TYR L 151 39.51 46.62 -37.53
CA TYR L 151 40.00 45.49 -38.24
C TYR L 151 39.32 44.21 -37.75
N CYS L 152 39.25 44.01 -36.44
CA CYS L 152 38.69 42.76 -35.88
C CYS L 152 37.22 42.70 -36.17
N SER L 153 36.57 43.82 -36.02
CA SER L 153 35.17 43.91 -36.36
C SER L 153 34.87 43.46 -37.84
N LEU L 154 35.67 43.91 -38.82
CA LEU L 154 35.50 43.55 -40.23
C LEU L 154 35.88 42.05 -40.51
N ILE L 155 36.95 41.53 -39.81
CA ILE L 155 37.31 40.11 -39.86
C ILE L 155 36.14 39.29 -39.33
N ALA L 156 35.59 39.73 -38.22
CA ALA L 156 34.46 38.97 -37.59
C ALA L 156 33.23 38.85 -38.48
N ASP L 157 32.85 39.98 -39.11
CA ASP L 157 31.74 40.03 -40.09
C ASP L 157 31.96 39.08 -41.25
N LYS L 158 33.15 39.04 -41.81
CA LYS L 158 33.41 38.16 -42.94
C LYS L 158 33.40 36.70 -42.58
N LEU L 159 33.85 36.35 -41.36
CA LEU L 159 33.92 34.97 -40.91
C LEU L 159 32.62 34.50 -40.28
N LYS L 160 31.64 35.38 -40.18
CA LYS L 160 30.38 35.07 -39.51
C LYS L 160 30.59 34.61 -38.08
N VAL L 161 31.44 35.34 -37.35
CA VAL L 161 31.72 35.03 -35.93
C VAL L 161 31.58 36.27 -35.09
N SER L 162 31.44 36.05 -33.78
CA SER L 162 31.43 37.11 -32.81
C SER L 162 32.74 37.84 -32.87
N ALA L 163 32.64 39.16 -32.78
CA ALA L 163 33.83 39.97 -32.67
C ALA L 163 34.42 39.85 -31.29
N GLU L 164 33.64 39.37 -30.30
CA GLU L 164 34.08 39.32 -28.92
C GLU L 164 35.49 38.73 -28.66
N ASP L 165 35.89 37.69 -29.33
CA ASP L 165 37.23 37.14 -29.10
C ASP L 165 38.12 37.07 -30.32
N VAL L 166 37.89 38.01 -31.26
CA VAL L 166 38.79 38.22 -32.36
C VAL L 166 39.77 39.22 -31.82
N ASN L 167 41.02 38.82 -31.79
CA ASN L 167 42.08 39.71 -31.42
C ASN L 167 43.11 39.92 -32.48
N ALA L 168 43.79 41.04 -32.39
CA ALA L 168 44.83 41.34 -33.37
C ALA L 168 45.88 42.34 -32.90
N VAL L 169 47.04 42.32 -33.52
CA VAL L 169 48.05 43.36 -33.34
C VAL L 169 48.07 44.26 -34.64
N ILE L 170 47.96 45.57 -34.44
CA ILE L 170 48.29 46.53 -35.47
C ILE L 170 49.42 47.41 -34.95
N LEU L 171 50.50 47.41 -35.69
CA LEU L 171 51.67 48.23 -35.39
C LEU L 171 51.70 49.50 -36.25
N GLY L 172 52.39 50.50 -35.73
CA GLY L 172 52.68 51.72 -36.46
C GLY L 172 51.77 52.89 -36.15
N GLY L 173 52.05 53.96 -36.86
CA GLY L 173 51.32 55.19 -36.73
C GLY L 173 49.87 55.04 -37.06
N HIS L 174 49.11 55.88 -36.39
CA HIS L 174 47.68 55.95 -36.61
C HIS L 174 47.48 56.75 -37.90
N GLY L 175 47.53 56.02 -39.00
CA GLY L 175 47.39 56.63 -40.30
C GLY L 175 47.49 55.58 -41.34
N ASP L 176 47.66 56.06 -42.57
CA ASP L 176 47.70 55.22 -43.78
C ASP L 176 48.81 54.20 -43.79
N LEU L 177 49.81 54.36 -42.95
CA LEU L 177 50.92 53.36 -42.83
C LEU L 177 50.78 52.32 -41.67
N MET L 178 49.58 52.13 -41.12
CA MET L 178 49.31 51.05 -40.18
C MET L 178 49.76 49.73 -40.76
N VAL L 179 50.19 48.82 -39.88
CA VAL L 179 50.64 47.47 -40.25
C VAL L 179 49.85 46.43 -39.42
N PRO L 180 48.67 45.99 -39.89
CA PRO L 180 47.96 44.90 -39.29
C PRO L 180 48.64 43.60 -39.58
N LEU L 181 48.84 42.81 -38.53
CA LEU L 181 49.59 41.58 -38.63
C LEU L 181 48.64 40.38 -38.66
N GLN L 182 48.50 39.80 -39.86
CA GLN L 182 47.75 38.60 -40.06
C GLN L 182 48.24 37.47 -39.18
N ARG L 183 49.57 37.32 -39.09
CA ARG L 183 50.14 36.30 -38.20
C ARG L 183 49.64 36.44 -36.74
N TYR L 184 49.45 37.69 -36.29
CA TYR L 184 49.04 38.00 -34.95
C TYR L 184 47.56 38.33 -34.84
N THR L 185 46.77 37.61 -35.62
CA THR L 185 45.33 37.74 -35.56
C THR L 185 44.78 36.35 -35.19
N SER L 186 43.89 36.30 -34.23
CA SER L 186 43.25 35.06 -33.85
C SER L 186 41.78 35.22 -33.54
N VAL L 187 41.05 34.14 -33.66
CA VAL L 187 39.62 34.05 -33.37
C VAL L 187 39.44 33.03 -32.26
N ASN L 188 39.17 33.54 -31.06
CA ASN L 188 39.25 32.78 -29.79
C ASN L 188 40.40 31.79 -29.74
N GLY L 189 41.59 32.26 -30.10
CA GLY L 189 42.81 31.46 -30.07
C GLY L 189 43.30 30.89 -31.41
N VAL L 190 42.37 30.67 -32.35
CA VAL L 190 42.68 30.02 -33.60
C VAL L 190 43.25 31.05 -34.59
N PRO L 191 44.49 30.85 -35.11
CA PRO L 191 45.08 31.84 -35.96
C PRO L 191 44.25 32.09 -37.23
N LEU L 192 44.28 33.32 -37.73
CA LEU L 192 43.55 33.70 -38.96
C LEU L 192 43.88 32.76 -40.16
N SER L 193 45.14 32.29 -40.19
CA SER L 193 45.66 31.44 -41.24
C SER L 193 44.88 30.13 -41.38
N GLU L 194 44.27 29.68 -40.28
CA GLU L 194 43.45 28.46 -40.31
C GLU L 194 42.16 28.68 -41.09
N PHE L 195 41.61 29.88 -40.98
CA PHE L 195 40.42 30.23 -41.70
C PHE L 195 40.67 30.44 -43.21
N VAL L 196 41.89 30.85 -43.62
CA VAL L 196 42.24 30.92 -45.06
C VAL L 196 42.40 29.51 -45.63
N LYS L 197 43.06 28.60 -44.88
CA LYS L 197 43.20 27.17 -45.26
C LYS L 197 41.85 26.47 -45.36
N LYS L 198 40.93 26.82 -44.50
CA LYS L 198 39.57 26.28 -44.52
C LYS L 198 38.67 27.03 -45.57
N ASN L 199 39.24 27.96 -46.36
CA ASN L 199 38.54 28.74 -47.40
C ASN L 199 37.38 29.58 -46.91
N MET L 200 37.36 29.89 -45.63
CA MET L 200 36.32 30.76 -45.09
C MET L 200 36.59 32.24 -45.37
N ILE L 201 37.81 32.56 -45.79
CA ILE L 201 38.21 33.91 -46.10
C ILE L 201 39.44 33.82 -46.98
N SER L 202 39.62 34.77 -47.86
CA SER L 202 40.75 34.76 -48.77
C SER L 202 41.75 35.85 -48.45
N GLN L 203 42.97 35.70 -48.96
CA GLN L 203 43.97 36.74 -48.88
C GLN L 203 43.54 38.13 -49.44
N ASN L 204 42.75 38.13 -50.52
CA ASN L 204 42.23 39.37 -51.12
C ASN L 204 41.19 40.04 -50.26
N GLU L 205 40.25 39.25 -49.75
CA GLU L 205 39.26 39.73 -48.77
C GLU L 205 39.94 40.42 -47.52
N ILE L 206 41.05 39.83 -47.07
CA ILE L 206 41.88 40.37 -45.98
C ILE L 206 42.52 41.74 -46.35
N GLN L 207 43.07 41.84 -47.56
CA GLN L 207 43.69 43.08 -48.04
C GLN L 207 42.67 44.22 -48.18
N GLU L 208 41.50 43.84 -48.67
CA GLU L 208 40.30 44.71 -48.68
C GLU L 208 39.99 45.26 -47.23
N ILE L 209 39.89 44.33 -46.25
CA ILE L 209 39.66 44.63 -44.84
C ILE L 209 40.76 45.56 -44.22
N ILE L 210 42.03 45.29 -44.51
CA ILE L 210 43.11 46.18 -44.14
C ILE L 210 42.91 47.55 -44.71
N GLN L 211 42.49 47.65 -45.97
CA GLN L 211 42.23 48.99 -46.59
C GLN L 211 41.11 49.73 -45.93
N LYS L 212 40.02 49.03 -45.70
CA LYS L 212 38.91 49.65 -44.99
C LYS L 212 39.32 50.10 -43.57
N THR L 213 40.22 49.34 -42.92
CA THR L 213 40.68 49.68 -41.56
C THR L 213 41.48 50.98 -41.60
N ARG L 214 42.33 51.09 -42.60
CA ARG L 214 43.13 52.36 -42.83
C ARG L 214 42.28 53.59 -43.08
N ASN L 215 41.27 53.48 -43.89
CA ASN L 215 40.41 54.62 -44.24
C ASN L 215 39.27 54.92 -43.33
N MET L 216 39.11 54.08 -42.28
CA MET L 216 37.86 54.07 -41.54
C MET L 216 37.62 55.38 -40.88
N GLY L 217 38.65 55.93 -40.29
CA GLY L 217 38.55 57.24 -39.71
C GLY L 217 37.95 58.29 -40.65
N ALA L 218 38.43 58.30 -41.91
CA ALA L 218 37.90 59.24 -42.99
C ALA L 218 36.47 58.88 -43.42
N GLU L 219 36.17 57.61 -43.55
CA GLU L 219 34.85 57.16 -43.94
C GLU L 219 33.79 57.57 -42.99
N ILE L 220 34.08 57.54 -41.69
CA ILE L 220 33.11 57.96 -40.68
C ILE L 220 32.91 59.46 -40.75
N ILE L 221 34.01 60.19 -40.91
CA ILE L 221 33.93 61.65 -41.12
C ILE L 221 33.00 61.98 -42.29
N LYS L 222 33.23 61.27 -43.42
CA LYS L 222 32.41 61.45 -44.63
C LYS L 222 30.92 61.16 -44.35
N LEU L 223 30.62 60.02 -43.70
CA LEU L 223 29.25 59.62 -43.47
C LEU L 223 28.60 60.46 -42.37
N ALA L 224 29.22 60.50 -41.21
CA ALA L 224 28.60 61.14 -40.05
C ALA L 224 28.80 62.65 -39.99
N LYS L 225 29.64 63.20 -40.88
CA LYS L 225 29.97 64.62 -40.85
C LYS L 225 30.65 65.07 -39.53
N ALA L 226 31.09 64.13 -38.71
CA ALA L 226 31.91 64.36 -37.51
C ALA L 226 32.81 63.13 -37.31
N SER L 227 33.86 63.30 -36.53
CA SER L 227 34.80 62.21 -36.37
C SER L 227 34.25 61.26 -35.32
N ALA L 228 34.67 60.03 -35.42
CA ALA L 228 34.28 59.00 -34.50
C ALA L 228 34.50 59.50 -33.06
N ALA L 229 33.54 59.21 -32.19
CA ALA L 229 33.60 59.58 -30.77
C ALA L 229 33.43 58.35 -29.74
N PHE L 230 32.51 57.43 -30.02
CA PHE L 230 32.18 56.35 -29.08
C PHE L 230 33.32 55.32 -28.96
N ALA L 231 33.80 54.80 -30.06
CA ALA L 231 34.90 53.86 -30.04
C ALA L 231 36.19 54.41 -29.47
N PRO L 232 36.63 55.55 -29.95
CA PRO L 232 37.73 56.19 -29.24
C PRO L 232 37.59 56.34 -27.73
N ALA L 233 36.42 56.76 -27.25
CA ALA L 233 36.21 56.89 -25.83
C ALA L 233 36.34 55.50 -25.08
N ALA L 234 35.85 54.44 -25.72
CA ALA L 234 35.87 53.08 -25.12
C ALA L 234 37.30 52.61 -25.06
N ALA L 235 38.03 52.78 -26.13
CA ALA L 235 39.44 52.48 -26.15
C ALA L 235 40.16 53.20 -25.04
N ILE L 236 39.92 54.52 -24.92
CA ILE L 236 40.63 55.33 -23.86
C ILE L 236 40.34 54.71 -22.46
N THR L 237 39.07 54.49 -22.18
CA THR L 237 38.59 53.89 -20.95
C THR L 237 39.21 52.55 -20.64
N LYS L 238 39.44 51.75 -21.65
CA LYS L 238 40.13 50.48 -21.48
C LYS L 238 41.57 50.68 -21.02
N MET L 239 42.26 51.66 -21.58
CA MET L 239 43.63 51.99 -21.14
C MET L 239 43.66 52.59 -19.71
N ILE L 240 42.65 53.41 -19.39
CA ILE L 240 42.54 53.94 -18.03
C ILE L 240 42.42 52.77 -16.99
N LYS L 241 41.57 51.82 -17.32
CA LYS L 241 41.20 50.71 -16.50
C LYS L 241 42.48 49.86 -16.25
N SER L 242 43.23 49.63 -17.32
CA SER L 242 44.42 48.85 -17.23
C SER L 242 45.43 49.51 -16.31
N TYR L 243 45.46 50.84 -16.27
CA TYR L 243 46.40 51.57 -15.41
C TYR L 243 45.91 51.56 -13.97
N LEU L 244 44.67 51.97 -13.76
CA LEU L 244 44.10 52.00 -12.42
C LEU L 244 44.06 50.67 -11.66
N TYR L 245 43.77 49.62 -12.38
CA TYR L 245 43.52 48.33 -11.81
C TYR L 245 44.73 47.44 -12.05
N ASN L 246 45.84 48.01 -12.44
CA ASN L 246 47.10 47.23 -12.55
C ASN L 246 46.94 45.94 -13.32
N GLU L 247 46.26 46.01 -14.45
CA GLU L 247 45.87 44.79 -15.15
C GLU L 247 46.97 44.18 -15.94
N ASN L 248 47.90 45.00 -16.36
CA ASN L 248 48.98 44.55 -17.24
C ASN L 248 48.54 43.98 -18.63
N ASN L 249 47.48 44.53 -19.16
CA ASN L 249 46.93 44.08 -20.43
C ASN L 249 47.89 44.42 -21.56
N LEU L 250 47.87 43.57 -22.58
CA LEU L 250 48.71 43.76 -23.74
C LEU L 250 47.88 44.40 -24.89
N PHE L 251 48.13 45.65 -25.17
CA PHE L 251 47.44 46.41 -26.23
C PHE L 251 48.43 46.85 -27.35
N THR L 252 47.92 47.53 -28.38
CA THR L 252 48.76 48.41 -29.18
C THR L 252 48.37 49.88 -28.83
N CYS L 253 49.37 50.71 -28.61
CA CYS L 253 49.21 52.08 -28.35
C CYS L 253 50.50 52.84 -28.57
N ALA L 254 50.40 54.15 -28.60
CA ALA L 254 51.57 54.95 -28.97
C ALA L 254 52.38 54.99 -27.74
N VAL L 255 53.60 54.52 -27.83
CA VAL L 255 54.46 54.27 -26.63
C VAL L 255 55.92 54.63 -26.97
N TYR L 256 56.67 55.00 -25.98
CA TYR L 256 58.10 55.26 -26.14
C TYR L 256 58.87 53.99 -26.51
N LEU L 257 59.37 53.93 -27.74
CA LEU L 257 60.28 52.88 -28.15
C LEU L 257 61.74 53.23 -27.78
N ASN L 258 62.48 52.19 -27.39
CA ASN L 258 63.83 52.29 -26.93
C ASN L 258 64.66 51.06 -27.23
N GLY L 259 64.95 50.86 -28.49
CA GLY L 259 65.67 49.73 -29.01
C GLY L 259 64.74 48.65 -29.47
N HIS L 260 63.48 48.81 -29.25
CA HIS L 260 62.47 47.85 -29.72
C HIS L 260 62.07 48.13 -31.21
N TYR L 261 61.99 47.06 -31.99
CA TYR L 261 61.73 47.08 -33.39
C TYR L 261 62.65 48.04 -34.15
N ASN L 262 63.93 48.04 -33.82
CA ASN L 262 64.99 48.85 -34.40
C ASN L 262 64.71 50.33 -34.37
N CYS L 263 64.00 50.77 -33.34
CA CYS L 263 63.58 52.16 -33.22
C CYS L 263 63.84 52.63 -31.83
N SER L 264 64.29 53.86 -31.72
CA SER L 264 64.68 54.43 -30.43
C SER L 264 64.32 55.86 -30.38
N ASN L 265 64.05 56.37 -29.20
CA ASN L 265 63.71 57.80 -29.00
C ASN L 265 62.51 58.38 -29.81
N LEU L 266 61.40 57.64 -29.82
CA LEU L 266 60.23 58.04 -30.49
C LEU L 266 59.02 57.33 -29.88
N PHE L 267 57.94 58.08 -29.68
CA PHE L 267 56.64 57.48 -29.41
C PHE L 267 56.00 57.09 -30.74
N VAL L 268 55.56 55.84 -30.82
CA VAL L 268 54.87 55.34 -31.99
C VAL L 268 54.02 54.14 -31.63
N GLY L 269 52.98 53.90 -32.40
CA GLY L 269 52.13 52.76 -32.18
C GLY L 269 52.91 51.45 -32.11
N SER L 270 52.79 50.72 -30.99
CA SER L 270 53.51 49.48 -30.81
C SER L 270 52.84 48.65 -29.75
N THR L 271 53.28 47.39 -29.64
CA THR L 271 52.73 46.49 -28.70
C THR L 271 53.21 46.98 -27.39
N ALA L 272 52.31 47.10 -26.43
CA ALA L 272 52.73 47.50 -25.05
C ALA L 272 51.83 46.92 -23.93
N LYS L 273 52.38 46.78 -22.70
CA LYS L 273 51.59 46.41 -21.55
C LYS L 273 51.34 47.64 -20.69
N ILE L 274 50.16 47.76 -20.11
CA ILE L 274 49.84 48.91 -19.29
C ILE L 274 49.50 48.41 -17.91
N ASN L 275 50.12 49.00 -16.90
CA ASN L 275 49.86 48.68 -15.51
C ASN L 275 49.97 49.93 -14.62
N ASN L 276 49.93 49.73 -13.28
CA ASN L 276 50.32 50.71 -12.21
C ASN L 276 51.39 51.72 -12.47
N LYS L 277 52.43 51.29 -13.18
CA LYS L 277 53.62 52.06 -13.43
C LYS L 277 53.62 52.80 -14.79
N GLY L 278 52.61 52.57 -15.63
CA GLY L 278 52.55 53.14 -16.98
C GLY L 278 52.52 52.18 -18.14
N ALA L 279 52.93 52.69 -19.30
CA ALA L 279 52.93 51.92 -20.58
C ALA L 279 54.36 51.45 -20.87
N HIS L 280 54.54 50.14 -21.14
CA HIS L 280 55.86 49.50 -21.33
C HIS L 280 55.90 48.72 -22.60
N PRO L 281 56.85 49.02 -23.46
CA PRO L 281 56.75 48.38 -24.80
C PRO L 281 57.20 46.96 -24.72
N VAL L 282 56.77 46.11 -25.65
CA VAL L 282 57.17 44.72 -25.69
C VAL L 282 57.50 44.42 -27.14
N GLU L 283 58.65 43.79 -27.39
CA GLU L 283 59.05 43.46 -28.76
C GLU L 283 58.69 42.01 -29.07
N PHE L 284 57.98 41.77 -30.14
CA PHE L 284 57.73 40.41 -30.65
C PHE L 284 58.49 40.16 -31.96
N PRO L 285 58.78 38.90 -32.27
CA PRO L 285 59.69 38.61 -33.37
C PRO L 285 58.95 38.77 -34.69
N LEU L 286 59.23 39.86 -35.37
CA LEU L 286 58.68 40.11 -36.71
C LEU L 286 59.49 39.43 -37.83
N THR L 287 58.82 39.09 -38.93
CA THR L 287 59.53 38.69 -40.16
C THR L 287 60.21 39.94 -40.77
N LYS L 288 61.13 39.72 -41.72
CA LYS L 288 61.81 40.83 -42.42
C LYS L 288 60.79 41.77 -43.06
N GLU L 289 59.82 41.18 -43.73
CA GLU L 289 58.84 41.94 -44.48
C GLU L 289 57.93 42.76 -43.58
N GLU L 290 57.54 42.16 -42.47
CA GLU L 290 56.74 42.83 -41.44
C GLU L 290 57.50 44.02 -40.86
N GLN L 291 58.74 43.78 -40.46
CA GLN L 291 59.58 44.82 -39.86
C GLN L 291 59.86 45.95 -40.83
N ASP L 292 60.07 45.58 -42.09
CA ASP L 292 60.25 46.58 -43.16
C ASP L 292 59.05 47.54 -43.26
N LEU L 293 57.85 46.98 -43.28
CA LEU L 293 56.64 47.76 -43.29
C LEU L 293 56.55 48.65 -42.05
N TYR L 294 56.87 48.08 -40.89
CA TYR L 294 56.80 48.80 -39.63
C TYR L 294 57.83 49.95 -39.62
N THR L 295 59.08 49.67 -39.99
CA THR L 295 60.10 50.71 -40.12
C THR L 295 59.65 51.89 -41.08
N GLU L 296 59.00 51.55 -42.18
CA GLU L 296 58.46 52.56 -43.08
C GLU L 296 57.41 53.47 -42.42
N SER L 297 56.54 52.88 -41.63
CA SER L 297 55.57 53.65 -40.79
C SER L 297 56.27 54.54 -39.75
N ILE L 298 57.29 53.97 -39.14
CA ILE L 298 58.10 54.68 -38.15
C ILE L 298 58.80 55.88 -38.77
N ALA L 299 59.31 55.69 -39.98
CA ALA L 299 59.95 56.82 -40.72
C ALA L 299 59.03 58.06 -40.93
N SER L 300 57.77 57.85 -41.38
CA SER L 300 56.78 58.94 -41.43
C SER L 300 56.59 59.65 -40.11
N VAL L 301 56.45 58.85 -39.06
CA VAL L 301 56.22 59.39 -37.74
C VAL L 301 57.43 60.24 -37.35
N GLN L 302 58.64 59.69 -37.54
CA GLN L 302 59.89 60.48 -37.36
C GLN L 302 59.84 61.85 -38.07
N SER L 303 59.60 61.82 -39.40
CA SER L 303 59.58 63.04 -40.26
C SER L 303 58.61 64.03 -39.73
N ASN L 304 57.37 63.57 -39.58
CA ASN L 304 56.27 64.45 -39.20
C ASN L 304 56.46 65.02 -37.78
N THR L 305 57.16 64.26 -36.93
CA THR L 305 57.46 64.69 -35.56
C THR L 305 58.45 65.82 -35.59
N GLN L 306 59.49 65.66 -36.41
CA GLN L 306 60.44 66.76 -36.67
C GLN L 306 59.73 68.01 -37.22
N LYS L 307 58.94 67.83 -38.29
CA LYS L 307 58.08 68.89 -38.83
C LYS L 307 57.34 69.61 -37.72
N ALA L 308 56.75 68.85 -36.81
CA ALA L 308 55.94 69.43 -35.76
C ALA L 308 56.76 70.30 -34.87
N PHE L 309 57.93 69.81 -34.48
CA PHE L 309 58.85 70.57 -33.60
C PHE L 309 59.28 71.85 -34.29
N ASP L 310 59.61 71.73 -35.57
CA ASP L 310 59.99 72.90 -36.39
C ASP L 310 58.86 73.95 -36.41
N LEU L 311 57.65 73.53 -36.71
CA LEU L 311 56.52 74.44 -36.82
C LEU L 311 56.14 75.07 -35.51
N ILE L 312 56.59 74.51 -34.39
CA ILE L 312 56.28 75.09 -33.09
C ILE L 312 57.12 76.30 -32.79
N LYS L 313 58.20 76.55 -33.53
CA LYS L 313 58.88 77.87 -33.47
C LYS L 313 58.48 78.76 -34.69
N MET M 1 48.67 -40.32 -22.90
CA MET M 1 48.85 -40.47 -24.41
C MET M 1 47.53 -40.32 -25.26
N THR M 2 46.39 -40.76 -24.72
CA THR M 2 45.05 -40.57 -25.32
C THR M 2 44.74 -39.11 -25.65
N LYS M 3 44.29 -38.84 -26.86
CA LYS M 3 43.92 -37.50 -27.27
C LYS M 3 42.44 -37.37 -27.51
N ILE M 4 41.79 -36.45 -26.81
CA ILE M 4 40.37 -36.22 -26.94
C ILE M 4 40.13 -34.82 -27.59
N ALA M 5 39.49 -34.81 -28.78
CA ALA M 5 39.26 -33.59 -29.52
C ALA M 5 37.81 -33.18 -29.46
N LEU M 6 37.59 -31.95 -29.02
CA LEU M 6 36.27 -31.39 -28.85
C LEU M 6 36.13 -30.44 -30.00
N ILE M 7 35.36 -30.84 -30.98
CA ILE M 7 35.02 -29.98 -32.07
C ILE M 7 33.78 -29.16 -31.71
N GLY M 8 34.03 -27.93 -31.25
CA GLY M 8 33.01 -27.05 -30.69
C GLY M 8 33.38 -26.81 -29.23
N SER M 9 33.59 -25.52 -28.89
CA SER M 9 34.02 -25.13 -27.57
C SER M 9 32.96 -24.33 -26.82
N GLY M 10 31.69 -24.60 -27.08
CA GLY M 10 30.59 -24.01 -26.33
C GLY M 10 30.42 -24.68 -24.96
N GLN M 11 29.23 -24.52 -24.40
CA GLN M 11 28.92 -24.97 -23.07
C GLN M 11 29.19 -26.44 -22.90
N ILE M 12 28.62 -27.22 -23.81
CA ILE M 12 28.73 -28.68 -23.72
C ILE M 12 30.19 -29.15 -23.82
N GLY M 13 30.84 -28.72 -24.89
CA GLY M 13 32.25 -29.05 -25.14
C GLY M 13 33.12 -28.74 -23.94
N ALA M 14 32.98 -27.55 -23.38
CA ALA M 14 33.84 -27.15 -22.27
C ALA M 14 33.60 -28.06 -21.06
N ILE M 15 32.35 -28.36 -20.77
CA ILE M 15 32.01 -29.19 -19.62
C ILE M 15 32.50 -30.63 -19.85
N VAL M 16 32.31 -31.17 -21.03
CA VAL M 16 32.92 -32.45 -21.42
C VAL M 16 34.40 -32.43 -21.18
N GLY M 17 35.05 -31.37 -21.61
CA GLY M 17 36.49 -31.21 -21.35
C GLY M 17 36.78 -31.16 -19.90
N GLU M 18 35.89 -30.52 -19.14
CA GLU M 18 36.05 -30.52 -17.68
C GLU M 18 35.97 -31.95 -17.08
N LEU M 19 34.93 -32.67 -17.43
CA LEU M 19 34.68 -34.01 -16.87
C LEU M 19 35.79 -34.96 -17.30
N CYS M 20 36.28 -34.78 -18.51
CA CYS M 20 37.38 -35.62 -18.97
C CYS M 20 38.63 -35.35 -18.14
N LEU M 21 38.86 -34.10 -17.76
CA LEU M 21 39.99 -33.77 -16.92
C LEU M 21 39.81 -34.33 -15.50
N LEU M 22 38.61 -34.27 -14.96
CA LEU M 22 38.36 -34.85 -13.64
C LEU M 22 38.71 -36.34 -13.52
N GLU M 23 38.42 -37.12 -14.54
CA GLU M 23 38.75 -38.55 -14.55
C GLU M 23 40.04 -38.89 -15.26
N ASN M 24 40.86 -37.91 -15.57
CA ASN M 24 42.09 -38.15 -16.31
C ASN M 24 41.90 -39.00 -17.57
N LEU M 25 40.82 -38.79 -18.33
CA LEU M 25 40.55 -39.59 -19.56
C LEU M 25 41.51 -39.35 -20.73
N GLY M 26 42.13 -38.18 -20.80
CA GLY M 26 43.09 -37.91 -21.90
C GLY M 26 43.47 -36.47 -22.00
N ASP M 27 44.45 -36.21 -22.85
CA ASP M 27 44.79 -34.84 -23.24
C ASP M 27 43.67 -34.21 -24.07
N LEU M 28 43.42 -32.91 -23.90
CA LEU M 28 42.33 -32.25 -24.59
C LEU M 28 42.81 -31.36 -25.70
N ILE M 29 42.05 -31.41 -26.77
CA ILE M 29 42.19 -30.48 -27.84
C ILE M 29 40.86 -29.81 -27.99
N LEU M 30 40.82 -28.54 -27.59
CA LEU M 30 39.66 -27.69 -27.72
C LEU M 30 39.72 -26.91 -29.00
N TYR M 31 38.82 -27.25 -29.92
CA TYR M 31 38.71 -26.60 -31.20
C TYR M 31 37.40 -25.80 -31.26
N ASP M 32 37.49 -24.62 -31.88
CA ASP M 32 36.32 -23.89 -32.37
C ASP M 32 36.71 -23.06 -33.60
N VAL M 33 35.70 -22.70 -34.35
CA VAL M 33 35.87 -21.83 -35.53
C VAL M 33 36.16 -20.38 -35.07
N VAL M 34 35.50 -19.93 -34.00
CA VAL M 34 35.62 -18.53 -33.51
C VAL M 34 37.00 -18.28 -32.85
N PRO M 35 37.83 -17.37 -33.39
CA PRO M 35 39.14 -17.15 -32.76
C PRO M 35 39.08 -16.70 -31.30
N GLY M 36 40.09 -17.14 -30.54
CA GLY M 36 40.23 -16.77 -29.14
C GLY M 36 39.42 -17.58 -28.15
N ILE M 37 38.22 -18.01 -28.53
CA ILE M 37 37.36 -18.70 -27.59
C ILE M 37 37.98 -20.00 -26.94
N PRO M 38 38.49 -20.93 -27.75
CA PRO M 38 39.10 -22.11 -27.20
C PRO M 38 40.33 -21.83 -26.43
N GLN M 39 41.09 -20.82 -26.80
CA GLN M 39 42.34 -20.51 -26.11
C GLN M 39 42.07 -19.98 -24.69
N GLY M 40 40.99 -19.22 -24.58
CA GLY M 40 40.55 -18.70 -23.31
C GLY M 40 39.93 -19.75 -22.37
N LYS M 41 39.16 -20.66 -22.93
CA LYS M 41 38.60 -21.73 -22.14
C LYS M 41 39.72 -22.66 -21.69
N ALA M 42 40.70 -22.85 -22.55
CA ALA M 42 41.81 -23.76 -22.26
C ALA M 42 42.60 -23.20 -21.15
N LEU M 43 42.74 -21.88 -21.12
CA LEU M 43 43.41 -21.24 -19.95
C LEU M 43 42.64 -21.54 -18.64
N ASP M 44 41.33 -21.36 -18.67
CA ASP M 44 40.53 -21.55 -17.50
C ASP M 44 40.60 -22.99 -17.01
N LEU M 45 40.50 -23.92 -17.95
CA LEU M 45 40.66 -25.36 -17.70
C LEU M 45 42.01 -25.79 -17.19
N LYS M 46 43.09 -25.16 -17.62
CA LYS M 46 44.41 -25.39 -17.00
C LYS M 46 44.45 -24.99 -15.54
N HIS M 47 43.82 -23.86 -15.22
CA HIS M 47 43.85 -23.31 -13.84
C HIS M 47 42.95 -24.17 -12.94
N PHE M 48 41.88 -24.68 -13.53
CA PHE M 48 40.98 -25.64 -12.89
C PHE M 48 41.75 -26.91 -12.57
N SER M 49 42.48 -27.38 -13.56
CA SER M 49 43.35 -28.58 -13.44
C SER M 49 44.40 -28.40 -12.36
N THR M 50 45.01 -27.23 -12.33
CA THR M 50 45.99 -26.96 -11.27
C THR M 50 45.40 -27.00 -9.81
N ILE M 51 44.19 -26.50 -9.63
CA ILE M 51 43.57 -26.48 -8.32
C ILE M 51 43.19 -27.90 -7.90
N LEU M 52 42.73 -28.73 -8.83
CA LEU M 52 42.27 -30.07 -8.53
C LEU M 52 43.30 -31.17 -8.68
N GLY M 53 44.55 -30.81 -8.99
CA GLY M 53 45.61 -31.77 -9.10
C GLY M 53 45.53 -32.71 -10.29
N VAL M 54 44.91 -32.27 -11.38
CA VAL M 54 44.92 -33.01 -12.65
C VAL M 54 45.98 -32.42 -13.56
N ASN M 55 46.63 -33.23 -14.38
CA ASN M 55 47.85 -32.79 -15.07
C ASN M 55 47.87 -33.01 -16.53
N ARG M 56 46.73 -33.38 -17.10
CA ARG M 56 46.66 -33.65 -18.53
C ARG M 56 46.86 -32.37 -19.32
N ASN M 57 47.29 -32.56 -20.55
CA ASN M 57 47.55 -31.45 -21.44
C ASN M 57 46.27 -30.89 -22.10
N ILE M 58 46.19 -29.57 -22.27
CA ILE M 58 44.98 -28.88 -22.79
C ILE M 58 45.41 -27.83 -23.78
N LEU M 59 44.95 -27.98 -25.02
CA LEU M 59 45.33 -27.09 -26.10
C LEU M 59 44.06 -26.51 -26.69
N GLY M 60 43.95 -25.18 -26.64
CA GLY M 60 42.89 -24.45 -27.31
C GLY M 60 43.33 -23.97 -28.68
N THR M 61 42.56 -24.25 -29.73
CA THR M 61 43.02 -24.02 -31.13
C THR M 61 41.89 -23.64 -32.09
N ASN M 62 42.25 -22.86 -33.09
CA ASN M 62 41.39 -22.59 -34.26
C ASN M 62 41.83 -23.30 -35.53
N GLN M 63 42.97 -24.00 -35.47
CA GLN M 63 43.48 -24.79 -36.57
C GLN M 63 42.96 -26.21 -36.45
N ILE M 64 42.01 -26.58 -37.30
CA ILE M 64 41.43 -27.92 -37.25
C ILE M 64 42.41 -29.06 -37.51
N GLU M 65 43.53 -28.78 -38.15
CA GLU M 65 44.57 -29.79 -38.33
C GLU M 65 45.18 -30.28 -37.02
N ASP M 66 45.03 -29.52 -35.94
CA ASP M 66 45.42 -29.96 -34.59
C ASP M 66 44.62 -31.16 -34.05
N ILE M 67 43.53 -31.49 -34.70
CA ILE M 67 42.75 -32.67 -34.40
C ILE M 67 43.43 -34.02 -34.80
N LYS M 68 44.58 -33.95 -35.47
CA LYS M 68 45.31 -35.14 -35.94
C LYS M 68 45.55 -36.14 -34.85
N ASP M 69 45.35 -37.41 -35.18
CA ASP M 69 45.62 -38.50 -34.25
C ASP M 69 44.79 -38.44 -32.97
N ALA M 70 43.67 -37.71 -32.98
CA ALA M 70 42.73 -37.78 -31.91
C ALA M 70 42.20 -39.20 -31.84
N ASP M 71 42.12 -39.75 -30.64
CA ASP M 71 41.50 -41.07 -30.44
C ASP M 71 40.01 -40.89 -30.40
N ILE M 72 39.56 -39.77 -29.82
CA ILE M 72 38.14 -39.55 -29.61
C ILE M 72 37.83 -38.16 -30.15
N ILE M 73 36.64 -38.03 -30.72
CA ILE M 73 36.14 -36.77 -31.25
C ILE M 73 34.73 -36.54 -30.76
N VAL M 74 34.50 -35.40 -30.11
CA VAL M 74 33.17 -34.95 -29.70
C VAL M 74 32.76 -33.71 -30.52
N ILE M 75 31.64 -33.80 -31.20
CA ILE M 75 31.20 -32.77 -32.09
C ILE M 75 29.99 -32.09 -31.50
N THR M 76 30.18 -30.84 -31.08
CA THR M 76 29.09 -29.95 -30.67
C THR M 76 28.94 -28.72 -31.55
N ALA M 77 29.77 -28.58 -32.59
CA ALA M 77 29.71 -27.44 -33.54
C ALA M 77 28.37 -27.32 -34.13
N GLY M 78 27.86 -26.13 -34.17
CA GLY M 78 26.55 -25.93 -34.65
C GLY M 78 25.79 -24.99 -33.79
N VAL M 79 24.62 -24.66 -34.27
CA VAL M 79 23.78 -23.68 -33.66
C VAL M 79 22.83 -24.46 -32.78
N GLN M 80 22.46 -23.86 -31.65
CA GLN M 80 21.45 -24.41 -30.77
C GLN M 80 20.10 -23.73 -30.96
N ARG M 81 19.05 -24.46 -30.64
CA ARG M 81 17.70 -23.93 -30.80
C ARG M 81 17.32 -23.02 -29.65
N LYS M 82 16.46 -22.03 -29.95
CA LYS M 82 15.91 -21.07 -28.98
C LYS M 82 14.48 -21.45 -28.67
N GLU M 83 13.89 -20.71 -27.72
CA GLU M 83 12.47 -20.90 -27.35
C GLU M 83 11.57 -20.90 -28.56
N GLY M 84 10.59 -21.80 -28.59
CA GLY M 84 9.63 -21.88 -29.69
C GLY M 84 10.07 -22.67 -30.92
N MET M 85 11.38 -22.77 -31.15
CA MET M 85 11.93 -23.64 -32.18
C MET M 85 11.92 -25.14 -31.81
N THR M 86 11.83 -26.00 -32.83
CA THR M 86 12.09 -27.44 -32.69
C THR M 86 13.56 -27.69 -33.06
N ARG M 87 14.05 -28.88 -32.72
CA ARG M 87 15.41 -29.28 -33.04
C ARG M 87 15.54 -29.34 -34.55
N GLU M 88 14.45 -29.77 -35.22
CA GLU M 88 14.41 -29.95 -36.67
C GLU M 88 14.60 -28.61 -37.40
N ASP M 89 14.25 -27.47 -36.78
CA ASP M 89 14.43 -26.14 -37.42
C ASP M 89 15.91 -25.82 -37.72
N LEU M 90 16.84 -26.55 -37.10
CA LEU M 90 18.29 -26.32 -37.30
C LEU M 90 18.87 -27.06 -38.48
N ILE M 91 18.05 -27.95 -39.02
CA ILE M 91 18.44 -28.85 -40.10
C ILE M 91 19.27 -28.18 -41.20
N GLY M 92 18.82 -27.04 -41.70
CA GLY M 92 19.50 -26.34 -42.75
C GLY M 92 20.91 -25.93 -42.36
N VAL M 93 20.99 -25.10 -41.34
CA VAL M 93 22.27 -24.51 -40.95
C VAL M 93 23.29 -25.54 -40.40
N ASN M 94 22.80 -26.51 -39.61
CA ASN M 94 23.71 -27.48 -38.97
C ASN M 94 24.24 -28.59 -39.87
N GLY M 95 23.39 -29.00 -40.85
CA GLY M 95 23.75 -30.00 -41.83
C GLY M 95 25.00 -29.59 -42.56
N LYS M 96 25.06 -28.31 -42.92
CA LYS M 96 26.19 -27.76 -43.67
C LYS M 96 27.44 -27.77 -42.79
N ILE M 97 27.30 -27.31 -41.53
CA ILE M 97 28.41 -27.32 -40.54
C ILE M 97 28.87 -28.76 -40.24
N MET M 98 27.92 -29.65 -40.01
CA MET M 98 28.30 -31.06 -39.85
C MET M 98 29.10 -31.67 -41.05
N LYS M 99 28.67 -31.37 -42.26
CA LYS M 99 29.40 -31.83 -43.45
C LYS M 99 30.87 -31.34 -43.44
N SER M 100 31.04 -30.08 -43.14
CA SER M 100 32.35 -29.49 -43.14
C SER M 100 33.25 -30.22 -42.11
N VAL M 101 32.68 -30.53 -40.93
CA VAL M 101 33.43 -31.19 -39.88
C VAL M 101 33.75 -32.59 -40.32
N ALA M 102 32.76 -33.26 -40.90
CA ALA M 102 32.99 -34.59 -41.52
C ALA M 102 34.17 -34.60 -42.46
N GLU M 103 34.21 -33.62 -43.35
CA GLU M 103 35.30 -33.53 -44.30
C GLU M 103 36.65 -33.37 -43.61
N SER M 104 36.69 -32.56 -42.57
CA SER M 104 37.92 -32.34 -41.82
C SER M 104 38.37 -33.58 -41.07
N VAL M 105 37.44 -34.27 -40.44
CA VAL M 105 37.79 -35.51 -39.77
C VAL M 105 38.35 -36.50 -40.81
N LYS M 106 37.69 -36.59 -41.96
CA LYS M 106 38.10 -37.49 -43.02
C LYS M 106 39.58 -37.36 -43.37
N LEU M 107 40.06 -36.14 -43.58
CA LEU M 107 41.46 -35.99 -43.97
C LEU M 107 42.45 -35.93 -42.82
N HIS M 108 42.03 -35.56 -41.60
CA HIS M 108 42.98 -35.37 -40.50
C HIS M 108 43.11 -36.54 -39.48
N CYS M 109 42.02 -37.24 -39.19
CA CYS M 109 42.08 -38.37 -38.24
C CYS M 109 40.96 -39.38 -38.50
N SER M 110 41.20 -40.21 -39.52
CA SER M 110 40.22 -41.21 -39.91
C SER M 110 40.06 -42.38 -38.92
N LYS M 111 40.96 -42.52 -37.92
CA LYS M 111 40.87 -43.67 -36.99
C LYS M 111 40.12 -43.41 -35.68
N ALA M 112 39.59 -42.22 -35.55
CA ALA M 112 38.96 -41.80 -34.30
C ALA M 112 37.61 -42.46 -34.12
N PHE M 113 37.17 -42.48 -32.85
CA PHE M 113 35.80 -42.77 -32.48
C PHE M 113 35.06 -41.45 -32.28
N VAL M 114 33.88 -41.37 -32.85
CA VAL M 114 33.23 -40.06 -33.03
C VAL M 114 31.89 -40.03 -32.34
N ILE M 115 31.75 -39.10 -31.37
CA ILE M 115 30.47 -38.85 -30.75
C ILE M 115 29.87 -37.51 -31.17
N CYS M 116 28.76 -37.59 -31.88
CA CYS M 116 28.10 -36.41 -32.46
C CYS M 116 27.09 -35.98 -31.48
N VAL M 117 26.99 -34.67 -31.31
CA VAL M 117 25.99 -34.08 -30.46
C VAL M 117 25.12 -32.98 -31.07
N SER M 118 25.57 -32.29 -32.10
CA SER M 118 24.72 -31.26 -32.81
C SER M 118 23.32 -31.69 -33.16
N ASN M 119 22.35 -30.82 -32.93
CA ASN M 119 20.94 -31.12 -33.26
C ASN M 119 20.50 -30.73 -34.68
N PRO M 120 19.36 -31.28 -35.13
CA PRO M 120 18.73 -32.49 -34.55
C PRO M 120 19.63 -33.77 -34.61
N LEU M 121 19.81 -34.39 -33.45
CA LEU M 121 20.90 -35.33 -33.24
C LEU M 121 20.96 -36.45 -34.24
N ASP M 122 19.90 -37.23 -34.34
CA ASP M 122 19.96 -38.46 -35.19
C ASP M 122 20.29 -38.09 -36.66
N ILE M 123 19.64 -37.02 -37.14
CA ILE M 123 19.80 -36.53 -38.49
C ILE M 123 21.27 -36.14 -38.72
N MET M 124 21.88 -35.39 -37.78
CA MET M 124 23.26 -34.95 -37.95
C MET M 124 24.31 -36.06 -37.89
N VAL M 125 24.01 -37.14 -37.20
CA VAL M 125 24.87 -38.31 -37.19
C VAL M 125 24.90 -38.86 -38.62
N ASN M 126 23.72 -39.04 -39.19
CA ASN M 126 23.63 -39.53 -40.60
C ASN M 126 24.40 -38.67 -41.58
N VAL M 127 24.34 -37.36 -41.40
CA VAL M 127 25.13 -36.44 -42.23
C VAL M 127 26.62 -36.67 -42.04
N PHE M 128 27.06 -36.78 -40.80
CA PHE M 128 28.47 -37.03 -40.53
C PHE M 128 28.95 -38.33 -41.19
N HIS M 129 28.15 -39.38 -41.11
CA HIS M 129 28.54 -40.66 -41.71
C HIS M 129 28.74 -40.53 -43.20
N LYS M 130 27.75 -39.91 -43.84
CA LYS M 130 27.77 -39.69 -45.31
C LYS M 130 29.06 -39.06 -45.81
N PHE M 131 29.55 -38.01 -45.15
CA PHE M 131 30.68 -37.22 -45.69
C PHE M 131 32.03 -37.51 -45.04
N SER M 132 32.04 -38.40 -44.05
CA SER M 132 33.26 -38.62 -43.26
C SER M 132 34.05 -39.75 -43.76
N ASN M 133 33.38 -40.75 -44.34
CA ASN M 133 34.07 -41.92 -44.85
C ASN M 133 34.73 -42.68 -43.70
N LEU M 134 34.05 -42.75 -42.57
CA LEU M 134 34.51 -43.61 -41.48
C LEU M 134 33.61 -44.85 -41.38
N PRO M 135 34.15 -45.92 -40.83
CA PRO M 135 33.29 -47.08 -40.56
C PRO M 135 32.08 -46.74 -39.70
N HIS M 136 30.94 -47.38 -39.91
CA HIS M 136 29.73 -46.98 -39.18
C HIS M 136 29.72 -47.29 -37.66
N GLU M 137 30.47 -48.32 -37.22
CA GLU M 137 30.63 -48.60 -35.82
C GLU M 137 31.46 -47.51 -35.14
N LYS M 138 32.29 -46.77 -35.87
CA LYS M 138 33.11 -45.70 -35.26
C LYS M 138 32.42 -44.35 -35.11
N ILE M 139 31.11 -44.33 -35.33
CA ILE M 139 30.34 -43.10 -35.29
C ILE M 139 29.08 -43.37 -34.51
N CYS M 140 28.72 -42.46 -33.63
CA CYS M 140 27.47 -42.54 -32.94
C CYS M 140 27.10 -41.15 -32.43
N GLY M 141 25.91 -41.06 -31.86
CA GLY M 141 25.45 -39.84 -31.30
C GLY M 141 24.90 -40.05 -29.92
N MET M 142 25.13 -39.09 -29.01
CA MET M 142 24.54 -39.22 -27.72
C MET M 142 23.19 -38.57 -27.68
N ALA M 143 22.23 -39.33 -27.17
CA ALA M 143 20.91 -38.82 -26.87
C ALA M 143 20.18 -39.68 -25.89
N GLY M 144 20.04 -40.97 -26.20
CA GLY M 144 19.35 -41.88 -25.31
C GLY M 144 19.78 -41.82 -23.82
N ILE M 145 21.05 -41.59 -23.54
CA ILE M 145 21.47 -41.62 -22.22
C ILE M 145 20.86 -40.42 -21.49
N LEU M 146 20.76 -39.31 -22.19
CA LEU M 146 20.16 -38.09 -21.66
C LEU M 146 18.69 -38.27 -21.45
N ASP M 147 18.00 -38.84 -22.38
CA ASP M 147 16.54 -38.96 -22.29
C ASP M 147 16.19 -39.99 -21.23
N THR M 148 17.00 -41.06 -21.16
CA THR M 148 16.89 -42.08 -20.15
C THR M 148 17.10 -41.45 -18.75
N SER M 149 18.13 -40.62 -18.59
CA SER M 149 18.40 -40.02 -17.28
C SER M 149 17.20 -39.20 -16.84
N ARG M 150 16.54 -38.54 -17.80
CA ARG M 150 15.38 -37.74 -17.48
C ARG M 150 14.21 -38.62 -17.06
N TYR M 151 13.92 -39.60 -17.85
CA TYR M 151 12.80 -40.53 -17.57
C TYR M 151 13.02 -41.26 -16.22
N CYS M 152 14.24 -41.76 -15.99
CA CYS M 152 14.57 -42.50 -14.78
C CYS M 152 14.52 -41.59 -13.56
N SER M 153 15.02 -40.38 -13.73
CA SER M 153 14.95 -39.37 -12.70
C SER M 153 13.49 -39.09 -12.24
N LEU M 154 12.57 -38.97 -13.19
CA LEU M 154 11.15 -38.74 -12.87
C LEU M 154 10.49 -39.98 -12.22
N ILE M 155 10.79 -41.18 -12.74
CA ILE M 155 10.27 -42.42 -12.22
C ILE M 155 10.76 -42.57 -10.78
N ALA M 156 12.06 -42.35 -10.56
CA ALA M 156 12.62 -42.38 -9.21
C ALA M 156 11.90 -41.42 -8.20
N ASP M 157 11.65 -40.17 -8.62
CA ASP M 157 10.93 -39.19 -7.78
C ASP M 157 9.54 -39.67 -7.43
N LYS M 158 8.80 -40.21 -8.38
CA LYS M 158 7.41 -40.68 -8.10
C LYS M 158 7.35 -41.90 -7.18
N LEU M 159 8.36 -42.77 -7.27
CA LEU M 159 8.42 -44.00 -6.45
C LEU M 159 9.13 -43.79 -5.12
N LYS M 160 9.61 -42.57 -4.87
CA LYS M 160 10.38 -42.24 -3.66
C LYS M 160 11.55 -43.21 -3.53
N VAL M 161 12.29 -43.40 -4.62
CA VAL M 161 13.53 -44.21 -4.57
C VAL M 161 14.68 -43.46 -5.16
N SER M 162 15.89 -43.90 -4.83
CA SER M 162 17.11 -43.41 -5.42
C SER M 162 17.00 -43.62 -6.95
N ALA M 163 17.41 -42.57 -7.71
CA ALA M 163 17.55 -42.70 -9.14
C ALA M 163 18.75 -43.67 -9.46
N GLU M 164 19.67 -43.89 -8.51
CA GLU M 164 20.92 -44.54 -8.78
C GLU M 164 20.79 -45.87 -9.48
N ASP M 165 19.79 -46.67 -9.15
CA ASP M 165 19.66 -47.94 -9.90
C ASP M 165 18.30 -48.14 -10.55
N VAL M 166 17.70 -47.02 -10.97
CA VAL M 166 16.62 -47.05 -11.93
C VAL M 166 17.23 -47.02 -13.32
N ASN M 167 16.94 -48.07 -14.08
CA ASN M 167 17.41 -48.19 -15.46
C ASN M 167 16.30 -48.33 -16.45
N ALA M 168 16.55 -47.91 -17.68
CA ALA M 168 15.52 -47.96 -18.69
C ALA M 168 16.07 -47.94 -20.10
N VAL M 169 15.25 -48.39 -21.04
CA VAL M 169 15.56 -48.30 -22.45
C VAL M 169 14.61 -47.31 -23.06
N ILE M 170 15.20 -46.36 -23.76
CA ILE M 170 14.40 -45.46 -24.66
C ILE M 170 14.95 -45.61 -26.06
N LEU M 171 14.07 -46.05 -26.94
CA LEU M 171 14.38 -46.22 -28.38
C LEU M 171 13.92 -44.99 -29.18
N GLY M 172 14.60 -44.78 -30.31
CA GLY M 172 14.11 -43.86 -31.28
C GLY M 172 14.79 -42.51 -31.23
N GLY M 173 14.34 -41.66 -32.16
CA GLY M 173 14.94 -40.37 -32.37
C GLY M 173 14.88 -39.52 -31.11
N HIS M 174 15.88 -38.66 -30.95
CA HIS M 174 15.89 -37.67 -29.92
C HIS M 174 14.90 -36.54 -30.24
N GLY M 175 13.65 -36.78 -29.88
CA GLY M 175 12.63 -35.87 -30.28
C GLY M 175 11.33 -36.41 -29.77
N ASP M 176 10.26 -35.81 -30.25
CA ASP M 176 8.88 -36.09 -29.80
C ASP M 176 8.44 -37.54 -30.00
N LEU M 177 9.14 -38.27 -30.82
CA LEU M 177 8.80 -39.64 -31.14
C LEU M 177 9.67 -40.68 -30.41
N MET M 178 10.31 -40.31 -29.29
CA MET M 178 10.94 -41.25 -28.40
C MET M 178 9.97 -42.33 -27.98
N VAL M 179 10.48 -43.53 -27.74
CA VAL M 179 9.69 -44.67 -27.28
C VAL M 179 10.29 -45.24 -26.01
N PRO M 180 9.86 -44.70 -24.84
CA PRO M 180 10.34 -45.28 -23.62
C PRO M 180 9.68 -46.64 -23.44
N LEU M 181 10.42 -47.65 -23.05
CA LEU M 181 9.86 -48.97 -22.85
C LEU M 181 9.67 -49.35 -21.36
N GLN M 182 8.41 -49.35 -20.94
CA GLN M 182 8.01 -49.69 -19.63
C GLN M 182 8.51 -51.05 -19.30
N ARG M 183 8.36 -52.00 -20.23
CA ARG M 183 8.83 -53.37 -20.05
C ARG M 183 10.32 -53.46 -19.72
N TYR M 184 11.10 -52.56 -20.29
CA TYR M 184 12.53 -52.47 -20.05
C TYR M 184 12.93 -51.35 -19.06
N THR M 185 12.10 -51.14 -18.04
CA THR M 185 12.41 -50.20 -16.98
C THR M 185 12.46 -50.96 -15.68
N SER M 186 13.53 -50.85 -14.93
CA SER M 186 13.67 -51.57 -13.67
C SER M 186 14.24 -50.69 -12.59
N VAL M 187 13.93 -51.06 -11.35
CA VAL M 187 14.43 -50.38 -10.14
C VAL M 187 15.26 -51.42 -9.36
N ASN M 188 16.58 -51.22 -9.36
CA ASN M 188 17.54 -52.18 -8.92
C ASN M 188 17.13 -53.64 -9.24
N GLY M 189 16.73 -53.87 -10.49
CA GLY M 189 16.39 -55.21 -11.00
C GLY M 189 14.92 -55.50 -11.11
N VAL M 190 14.14 -54.85 -10.24
CA VAL M 190 12.69 -55.10 -10.17
C VAL M 190 11.98 -54.34 -11.31
N PRO M 191 11.27 -55.05 -12.19
CA PRO M 191 10.52 -54.38 -13.27
C PRO M 191 9.49 -53.36 -12.80
N LEU M 192 9.31 -52.32 -13.60
CA LEU M 192 8.38 -51.24 -13.28
C LEU M 192 6.97 -51.75 -13.03
N SER M 193 6.59 -52.78 -13.75
CA SER M 193 5.25 -53.40 -13.68
C SER M 193 4.92 -53.91 -12.29
N GLU M 194 5.95 -54.23 -11.51
CA GLU M 194 5.74 -54.63 -10.10
C GLU M 194 5.28 -53.47 -9.22
N PHE M 195 5.80 -52.29 -9.51
CA PHE M 195 5.39 -51.10 -8.79
C PHE M 195 3.96 -50.64 -9.17
N VAL M 196 3.51 -50.92 -10.41
CA VAL M 196 2.11 -50.62 -10.79
C VAL M 196 1.15 -51.59 -10.09
N LYS M 197 1.51 -52.88 -10.05
CA LYS M 197 0.73 -53.90 -9.29
C LYS M 197 0.65 -53.59 -7.80
N LYS M 198 1.72 -53.06 -7.24
CA LYS M 198 1.77 -52.67 -5.83
C LYS M 198 1.10 -51.28 -5.60
N ASN M 199 0.50 -50.69 -6.64
CA ASN M 199 -0.15 -49.39 -6.60
C ASN M 199 0.75 -48.22 -6.17
N MET M 200 2.06 -48.37 -6.32
CA MET M 200 2.97 -47.29 -5.98
C MET M 200 3.09 -46.26 -7.10
N ILE M 201 2.60 -46.61 -8.28
CA ILE M 201 2.58 -45.72 -9.44
C ILE M 201 1.50 -46.20 -10.41
N SER M 202 0.87 -45.29 -11.14
CA SER M 202 -0.23 -45.65 -12.04
C SER M 202 0.17 -45.47 -13.51
N GLN M 203 -0.56 -46.15 -14.39
CA GLN M 203 -0.30 -46.05 -15.83
C GLN M 203 -0.40 -44.61 -16.37
N ASN M 204 -1.31 -43.83 -15.80
CA ASN M 204 -1.44 -42.41 -16.14
C ASN M 204 -0.25 -41.59 -15.68
N GLU M 205 0.21 -41.81 -14.44
CA GLU M 205 1.41 -41.14 -13.90
C GLU M 205 2.63 -41.39 -14.82
N ILE M 206 2.71 -42.62 -15.35
CA ILE M 206 3.78 -43.02 -16.28
C ILE M 206 3.68 -42.27 -17.59
N GLN M 207 2.47 -42.14 -18.10
CA GLN M 207 2.25 -41.44 -19.39
C GLN M 207 2.59 -39.95 -19.25
N GLU M 208 2.22 -39.39 -18.11
CA GLU M 208 2.64 -38.04 -17.69
C GLU M 208 4.18 -37.88 -17.71
N ILE M 209 4.87 -38.82 -17.03
CA ILE M 209 6.34 -38.87 -17.02
C ILE M 209 6.96 -38.97 -18.45
N ILE M 210 6.38 -39.81 -19.29
CA ILE M 210 6.85 -39.95 -20.64
C ILE M 210 6.71 -38.62 -21.39
N GLN M 211 5.58 -37.94 -21.21
CA GLN M 211 5.38 -36.58 -21.80
C GLN M 211 6.38 -35.53 -21.32
N LYS M 212 6.63 -35.49 -20.01
CA LYS M 212 7.68 -34.62 -19.49
C LYS M 212 9.08 -34.94 -20.04
N THR M 213 9.38 -36.24 -20.20
CA THR M 213 10.65 -36.66 -20.74
C THR M 213 10.80 -36.14 -22.18
N ARG M 214 9.72 -36.24 -22.97
CA ARG M 214 9.73 -35.74 -24.35
C ARG M 214 10.01 -34.26 -24.41
N ASN M 215 9.32 -33.49 -23.59
CA ASN M 215 9.39 -32.02 -23.65
C ASN M 215 10.52 -31.40 -22.87
N MET M 216 11.29 -32.25 -22.17
CA MET M 216 12.25 -31.79 -21.18
C MET M 216 13.33 -30.88 -21.75
N GLY M 217 13.86 -31.24 -22.90
CA GLY M 217 14.75 -30.34 -23.64
C GLY M 217 14.21 -28.92 -23.81
N ALA M 218 12.94 -28.80 -24.22
CA ALA M 218 12.29 -27.49 -24.48
C ALA M 218 12.02 -26.77 -23.15
N GLU M 219 11.60 -27.53 -22.15
CA GLU M 219 11.29 -26.98 -20.80
C GLU M 219 12.50 -26.32 -20.12
N ILE M 220 13.69 -26.92 -20.27
CA ILE M 220 14.92 -26.29 -19.85
C ILE M 220 15.24 -25.01 -20.61
N ILE M 221 15.07 -25.04 -21.97
CA ILE M 221 15.29 -23.86 -22.79
C ILE M 221 14.40 -22.69 -22.34
N LYS M 222 13.12 -22.99 -22.13
CA LYS M 222 12.17 -22.02 -21.60
C LYS M 222 12.60 -21.45 -20.25
N LEU M 223 12.95 -22.31 -19.29
CA LEU M 223 13.29 -21.88 -17.93
C LEU M 223 14.68 -21.23 -17.85
N ALA M 224 15.71 -21.95 -18.27
CA ALA M 224 17.09 -21.46 -18.17
C ALA M 224 17.49 -20.46 -19.26
N LYS M 225 16.64 -20.26 -20.29
CA LYS M 225 17.00 -19.42 -21.42
C LYS M 225 18.27 -19.91 -22.20
N ALA M 226 18.69 -21.15 -21.97
CA ALA M 226 19.75 -21.79 -22.72
C ALA M 226 19.43 -23.25 -22.70
N SER M 227 20.02 -23.98 -23.63
CA SER M 227 19.78 -25.42 -23.68
C SER M 227 20.66 -26.15 -22.62
N ALA M 228 20.19 -27.32 -22.22
CA ALA M 228 20.84 -28.15 -21.20
C ALA M 228 22.32 -28.35 -21.61
N ALA M 229 23.21 -28.26 -20.65
CA ALA M 229 24.66 -28.44 -20.88
C ALA M 229 25.35 -29.51 -19.95
N PHE M 230 24.98 -29.56 -18.65
CA PHE M 230 25.66 -30.51 -17.69
C PHE M 230 25.33 -32.01 -17.90
N ALA M 231 24.05 -32.33 -18.02
CA ALA M 231 23.64 -33.64 -18.33
C ALA M 231 24.10 -34.19 -19.70
N PRO M 232 23.98 -33.39 -20.79
CA PRO M 232 24.55 -33.81 -22.04
C PRO M 232 26.04 -34.12 -21.94
N ALA M 233 26.79 -33.29 -21.24
CA ALA M 233 28.22 -33.54 -21.12
C ALA M 233 28.50 -34.84 -20.39
N ALA M 234 27.68 -35.14 -19.38
CA ALA M 234 27.97 -36.31 -18.47
C ALA M 234 27.70 -37.54 -19.32
N ALA M 235 26.57 -37.56 -20.00
CA ALA M 235 26.25 -38.63 -20.99
C ALA M 235 27.39 -38.86 -21.95
N ILE M 236 27.94 -37.78 -22.53
CA ILE M 236 28.98 -37.89 -23.52
C ILE M 236 30.16 -38.58 -22.89
N THR M 237 30.58 -38.05 -21.78
CA THR M 237 31.72 -38.60 -20.93
C THR M 237 31.53 -40.08 -20.57
N LYS M 238 30.30 -40.51 -20.30
CA LYS M 238 30.03 -41.88 -20.10
C LYS M 238 30.34 -42.75 -21.36
N MET M 239 29.98 -42.22 -22.55
CA MET M 239 30.22 -42.94 -23.82
C MET M 239 31.72 -42.94 -24.12
N ILE M 240 32.44 -41.89 -23.71
CA ILE M 240 33.88 -41.83 -23.97
C ILE M 240 34.54 -42.92 -23.16
N LYS M 241 34.10 -43.03 -21.92
CA LYS M 241 34.69 -43.93 -20.90
C LYS M 241 34.49 -45.36 -21.37
N SER M 242 33.28 -45.65 -21.81
CA SER M 242 32.99 -46.98 -22.33
C SER M 242 33.79 -47.41 -23.56
N TYR M 243 34.18 -46.45 -24.39
CA TYR M 243 35.09 -46.71 -25.50
C TYR M 243 36.53 -46.86 -25.05
N LEU M 244 37.05 -45.90 -24.33
CA LEU M 244 38.47 -45.93 -23.87
C LEU M 244 38.84 -47.09 -22.98
N TYR M 245 37.92 -47.46 -22.10
CA TYR M 245 38.15 -48.50 -21.18
C TYR M 245 37.55 -49.81 -21.60
N ASN M 246 37.10 -49.92 -22.83
CA ASN M 246 36.59 -51.16 -23.36
C ASN M 246 35.52 -51.80 -22.50
N GLU M 247 34.61 -51.00 -22.01
CA GLU M 247 33.71 -51.47 -20.94
C GLU M 247 32.58 -52.32 -21.44
N ASN M 248 32.19 -52.12 -22.67
CA ASN M 248 31.09 -52.89 -23.27
C ASN M 248 29.72 -52.67 -22.60
N ASN M 249 29.53 -51.42 -22.15
CA ASN M 249 28.30 -51.03 -21.52
C ASN M 249 27.17 -51.04 -22.52
N LEU M 250 25.97 -51.31 -22.03
CA LEU M 250 24.76 -51.32 -22.85
C LEU M 250 23.95 -50.06 -22.64
N PHE M 251 23.95 -49.18 -23.66
CA PHE M 251 23.23 -47.88 -23.60
C PHE M 251 22.14 -47.80 -24.63
N THR M 252 21.43 -46.68 -24.65
CA THR M 252 20.79 -46.21 -25.89
C THR M 252 21.57 -45.02 -26.44
N CYS M 253 21.95 -45.14 -27.70
CA CYS M 253 22.51 -44.01 -28.45
C CYS M 253 22.22 -44.14 -29.98
N ALA M 254 22.52 -43.10 -30.72
CA ALA M 254 22.25 -43.10 -32.16
C ALA M 254 23.33 -43.95 -32.71
N VAL M 255 22.93 -45.03 -33.37
CA VAL M 255 23.84 -46.04 -33.85
C VAL M 255 23.37 -46.57 -35.26
N TYR M 256 24.32 -47.08 -36.00
CA TYR M 256 24.00 -47.62 -37.37
C TYR M 256 23.17 -48.90 -37.24
N LEU M 257 21.90 -48.86 -37.63
CA LEU M 257 21.10 -50.06 -37.73
C LEU M 257 21.29 -50.74 -39.10
N ASN M 258 21.25 -52.08 -39.05
CA ASN M 258 21.60 -52.94 -40.17
C ASN M 258 20.86 -54.26 -40.16
N GLY M 259 19.54 -54.17 -40.25
CA GLY M 259 18.62 -55.27 -40.13
C GLY M 259 18.02 -55.39 -38.78
N HIS M 260 18.44 -54.52 -37.87
CA HIS M 260 17.95 -54.54 -36.49
C HIS M 260 16.70 -53.72 -36.39
N TYR M 261 15.70 -54.26 -35.71
CA TYR M 261 14.40 -53.63 -35.53
C TYR M 261 13.79 -53.22 -36.89
N ASN M 262 13.89 -54.10 -37.89
CA ASN M 262 13.34 -53.95 -39.22
C ASN M 262 13.84 -52.69 -39.93
N CYS M 263 15.07 -52.28 -39.62
CA CYS M 263 15.60 -51.05 -40.11
C CYS M 263 16.98 -51.30 -40.58
N SER M 264 17.34 -50.65 -41.69
CA SER M 264 18.68 -50.82 -42.25
C SER M 264 19.15 -49.51 -42.78
N ASN M 265 20.46 -49.31 -42.81
CA ASN M 265 21.05 -48.14 -43.42
C ASN M 265 20.60 -46.76 -42.87
N LEU M 266 20.57 -46.65 -41.56
CA LEU M 266 20.23 -45.42 -40.89
C LEU M 266 20.79 -45.41 -39.48
N PHE M 267 21.32 -44.27 -39.07
CA PHE M 267 21.68 -44.01 -37.67
C PHE M 267 20.44 -43.50 -36.97
N VAL M 268 20.10 -44.16 -35.88
CA VAL M 268 18.95 -43.79 -35.09
C VAL M 268 19.10 -44.34 -33.68
N GLY M 269 18.48 -43.68 -32.74
CA GLY M 269 18.53 -44.06 -31.35
C GLY M 269 18.10 -45.50 -31.13
N SER M 270 19.00 -46.29 -30.59
CA SER M 270 18.73 -47.70 -30.36
C SER M 270 19.59 -48.25 -29.20
N THR M 271 19.30 -49.48 -28.79
CA THR M 271 20.13 -50.21 -27.87
C THR M 271 21.43 -50.61 -28.48
N ALA M 272 22.53 -50.26 -27.85
CA ALA M 272 23.86 -50.57 -28.33
C ALA M 272 24.89 -50.79 -27.20
N LYS M 273 25.96 -51.50 -27.52
CA LYS M 273 27.09 -51.66 -26.64
C LYS M 273 28.24 -50.85 -27.16
N ILE M 274 29.00 -50.23 -26.27
CA ILE M 274 30.18 -49.46 -26.70
C ILE M 274 31.42 -50.07 -26.07
N ASN M 275 32.43 -50.33 -26.88
CA ASN M 275 33.70 -50.89 -26.46
C ASN M 275 34.84 -50.32 -27.32
N ASN M 276 36.05 -50.89 -27.17
CA ASN M 276 37.26 -50.64 -27.99
C ASN M 276 37.09 -50.44 -29.47
N LYS M 277 36.14 -51.18 -30.05
CA LYS M 277 35.91 -51.25 -31.49
C LYS M 277 34.78 -50.34 -31.95
N GLY M 278 34.06 -49.69 -31.02
CA GLY M 278 33.01 -48.70 -31.36
C GLY M 278 31.66 -49.00 -30.79
N ALA M 279 30.64 -48.49 -31.47
CA ALA M 279 29.23 -48.68 -31.08
C ALA M 279 28.57 -49.78 -31.92
N HIS M 280 27.96 -50.76 -31.27
CA HIS M 280 27.45 -51.98 -31.93
C HIS M 280 25.99 -52.15 -31.50
N PRO M 281 25.08 -52.09 -32.44
CA PRO M 281 23.66 -52.28 -32.05
C PRO M 281 23.34 -53.67 -31.54
N VAL M 282 22.30 -53.77 -30.77
CA VAL M 282 21.84 -55.05 -30.20
C VAL M 282 20.34 -55.04 -30.31
N GLU M 283 19.77 -56.12 -30.82
CA GLU M 283 18.32 -56.15 -30.99
C GLU M 283 17.72 -56.95 -29.87
N PHE M 284 16.71 -56.41 -29.22
CA PHE M 284 15.93 -57.13 -28.23
C PHE M 284 14.51 -57.38 -28.78
N PRO M 285 13.85 -58.42 -28.30
CA PRO M 285 12.53 -58.77 -28.78
C PRO M 285 11.43 -57.84 -28.35
N LEU M 286 10.99 -57.00 -29.25
CA LEU M 286 9.89 -56.09 -28.99
C LEU M 286 8.56 -56.72 -29.23
N THR M 287 7.52 -56.23 -28.56
CA THR M 287 6.11 -56.54 -28.97
C THR M 287 5.75 -55.84 -30.28
N LYS M 288 4.65 -56.25 -30.91
CA LYS M 288 4.17 -55.62 -32.15
C LYS M 288 3.98 -54.12 -31.94
N GLU M 289 3.33 -53.78 -30.84
CA GLU M 289 2.97 -52.39 -30.57
C GLU M 289 4.19 -51.52 -30.32
N GLU M 290 5.16 -52.07 -29.60
CA GLU M 290 6.40 -51.41 -29.34
C GLU M 290 7.16 -51.15 -30.62
N GLN M 291 7.30 -52.20 -31.42
CA GLN M 291 8.00 -52.11 -32.73
C GLN M 291 7.33 -51.12 -33.70
N ASP M 292 6.00 -51.10 -33.68
CA ASP M 292 5.23 -50.15 -34.47
C ASP M 292 5.62 -48.74 -34.09
N LEU M 293 5.64 -48.45 -32.78
CA LEU M 293 5.99 -47.09 -32.30
C LEU M 293 7.39 -46.77 -32.70
N TYR M 294 8.29 -47.75 -32.57
CA TYR M 294 9.69 -47.52 -32.91
C TYR M 294 9.81 -47.26 -34.40
N THR M 295 9.18 -48.07 -35.24
CA THR M 295 9.19 -47.87 -36.70
C THR M 295 8.65 -46.46 -37.12
N GLU M 296 7.60 -46.02 -36.48
CA GLU M 296 7.09 -44.67 -36.68
C GLU M 296 8.14 -43.59 -36.38
N SER M 297 8.87 -43.73 -35.31
CA SER M 297 9.99 -42.81 -35.03
C SER M 297 11.07 -42.85 -36.12
N ILE M 298 11.40 -44.09 -36.52
CA ILE M 298 12.45 -44.37 -37.50
C ILE M 298 12.07 -43.74 -38.81
N ALA M 299 10.77 -43.77 -39.14
CA ALA M 299 10.29 -43.07 -40.33
C ALA M 299 10.60 -41.56 -40.31
N SER M 300 10.30 -40.83 -39.21
CA SER M 300 10.66 -39.38 -39.13
C SER M 300 12.10 -39.12 -39.36
N VAL M 301 12.91 -39.92 -38.74
CA VAL M 301 14.34 -39.79 -38.86
C VAL M 301 14.76 -40.00 -40.32
N GLN M 302 14.23 -41.06 -40.95
CA GLN M 302 14.40 -41.29 -42.41
C GLN M 302 14.08 -40.03 -43.28
N SER M 303 12.83 -39.52 -43.15
CA SER M 303 12.36 -38.33 -43.85
C SER M 303 13.28 -37.14 -43.66
N ASN M 304 13.50 -36.79 -42.40
CA ASN M 304 14.30 -35.61 -42.06
C ASN M 304 15.76 -35.73 -42.45
N THR M 305 16.26 -36.97 -42.46
CA THR M 305 17.62 -37.24 -42.93
C THR M 305 17.71 -36.97 -44.44
N GLN M 306 16.72 -37.43 -45.19
CA GLN M 306 16.62 -37.13 -46.62
C GLN M 306 16.57 -35.60 -46.84
N LYS M 307 15.63 -34.94 -46.14
CA LYS M 307 15.51 -33.47 -46.13
C LYS M 307 16.86 -32.80 -45.90
N ALA M 308 17.63 -33.33 -44.97
CA ALA M 308 18.94 -32.77 -44.66
C ALA M 308 19.93 -32.90 -45.80
N PHE M 309 20.02 -34.08 -46.39
CA PHE M 309 20.86 -34.30 -47.59
C PHE M 309 20.44 -33.37 -48.77
N ASP M 310 19.13 -33.25 -48.99
CA ASP M 310 18.58 -32.35 -50.02
C ASP M 310 19.03 -30.89 -49.77
N LEU M 311 18.81 -30.39 -48.56
CA LEU M 311 19.14 -29.00 -48.19
C LEU M 311 20.64 -28.71 -48.16
N ILE M 312 21.48 -29.73 -48.14
CA ILE M 312 22.91 -29.54 -48.26
C ILE M 312 23.38 -29.16 -49.69
N LYS M 313 22.55 -29.33 -50.73
CA LYS M 313 22.84 -28.73 -52.06
C LYS M 313 22.02 -27.44 -52.25
N MET N 1 22.41 -33.93 4.80
CA MET N 1 21.78 -32.84 5.66
C MET N 1 22.34 -31.40 5.35
N THR N 2 23.64 -31.27 5.02
CA THR N 2 24.33 -30.02 4.72
C THR N 2 23.62 -29.26 3.60
N LYS N 3 23.33 -27.99 3.81
CA LYS N 3 22.67 -27.15 2.74
C LYS N 3 23.63 -26.10 2.21
N ILE N 4 23.90 -26.18 0.92
CA ILE N 4 24.77 -25.22 0.22
C ILE N 4 23.94 -24.29 -0.69
N ALA N 5 23.96 -22.99 -0.39
CA ALA N 5 23.14 -22.02 -1.09
C ALA N 5 24.00 -21.18 -2.02
N LEU N 6 23.62 -21.20 -3.33
CA LEU N 6 24.34 -20.47 -4.38
C LEU N 6 23.48 -19.24 -4.67
N ILE N 7 23.91 -18.08 -4.17
CA ILE N 7 23.21 -16.84 -4.41
C ILE N 7 23.78 -16.23 -5.70
N GLY N 8 23.08 -16.52 -6.82
CA GLY N 8 23.60 -16.28 -8.15
C GLY N 8 23.68 -17.62 -8.84
N SER N 9 22.97 -17.75 -9.97
CA SER N 9 22.94 -18.96 -10.77
C SER N 9 23.49 -18.75 -12.20
N GLY N 10 24.51 -17.90 -12.32
CA GLY N 10 25.32 -17.85 -13.53
C GLY N 10 26.32 -18.96 -13.68
N GLN N 11 27.31 -18.71 -14.50
CA GLN N 11 28.28 -19.70 -14.86
C GLN N 11 28.94 -20.29 -13.62
N ILE N 12 29.46 -19.40 -12.80
CA ILE N 12 30.27 -19.80 -11.65
C ILE N 12 29.46 -20.62 -10.58
N GLY N 13 28.31 -20.07 -10.22
CA GLY N 13 27.34 -20.70 -9.38
C GLY N 13 26.98 -22.08 -9.86
N ALA N 14 26.65 -22.22 -11.14
CA ALA N 14 26.24 -23.56 -11.64
C ALA N 14 27.37 -24.57 -11.56
N ILE N 15 28.58 -24.16 -11.90
CA ILE N 15 29.72 -25.07 -11.91
C ILE N 15 30.08 -25.45 -10.48
N VAL N 16 30.10 -24.46 -9.55
CA VAL N 16 30.20 -24.76 -8.16
C VAL N 16 29.17 -25.82 -7.73
N GLY N 17 27.92 -25.60 -8.06
CA GLY N 17 26.88 -26.55 -7.78
C GLY N 17 27.24 -27.94 -8.38
N GLU N 18 27.79 -27.95 -9.59
CA GLU N 18 28.18 -29.17 -10.21
C GLU N 18 29.28 -29.88 -9.40
N LEU N 19 30.33 -29.14 -9.06
CA LEU N 19 31.47 -29.70 -8.32
C LEU N 19 31.03 -30.17 -6.90
N CYS N 20 30.08 -29.47 -6.33
CA CYS N 20 29.57 -29.88 -5.03
C CYS N 20 28.80 -31.19 -5.15
N LEU N 21 28.05 -31.34 -6.23
CA LEU N 21 27.36 -32.62 -6.49
C LEU N 21 28.34 -33.77 -6.79
N LEU N 22 29.39 -33.52 -7.54
CA LEU N 22 30.41 -34.54 -7.73
C LEU N 22 31.04 -35.14 -6.44
N GLU N 23 31.32 -34.29 -5.46
CA GLU N 23 31.88 -34.73 -4.19
C GLU N 23 30.87 -34.97 -3.08
N ASN N 24 29.59 -34.94 -3.41
CA ASN N 24 28.56 -35.11 -2.41
C ASN N 24 28.64 -34.14 -1.23
N LEU N 25 29.04 -32.91 -1.44
CA LEU N 25 29.23 -31.97 -0.33
C LEU N 25 27.98 -31.59 0.37
N GLY N 26 26.85 -31.65 -0.29
CA GLY N 26 25.61 -31.20 0.30
C GLY N 26 24.43 -31.15 -0.66
N ASP N 27 23.24 -30.97 -0.11
CA ASP N 27 22.09 -30.48 -0.89
C ASP N 27 22.33 -29.02 -1.48
N LEU N 28 21.83 -28.76 -2.69
CA LEU N 28 21.97 -27.44 -3.27
C LEU N 28 20.70 -26.67 -3.20
N ILE N 29 20.87 -25.41 -2.93
CA ILE N 29 19.83 -24.39 -3.22
C ILE N 29 20.40 -23.40 -4.24
N LEU N 30 19.87 -23.46 -5.45
CA LEU N 30 20.20 -22.52 -6.55
C LEU N 30 19.24 -21.36 -6.59
N TYR N 31 19.76 -20.20 -6.20
CA TYR N 31 18.99 -18.95 -6.17
C TYR N 31 19.47 -17.99 -7.26
N ASP N 32 18.50 -17.33 -7.89
CA ASP N 32 18.79 -16.14 -8.73
C ASP N 32 17.56 -15.19 -8.71
N VAL N 33 17.84 -13.95 -8.99
CA VAL N 33 16.79 -12.98 -9.09
C VAL N 33 15.90 -13.20 -10.38
N VAL N 34 16.52 -13.62 -11.48
CA VAL N 34 15.82 -13.81 -12.79
C VAL N 34 14.93 -15.04 -12.77
N PRO N 35 13.60 -14.89 -12.98
CA PRO N 35 12.74 -16.10 -12.90
C PRO N 35 13.05 -17.16 -13.96
N GLY N 36 12.87 -18.42 -13.56
CA GLY N 36 13.08 -19.57 -14.42
C GLY N 36 14.52 -20.05 -14.51
N ILE N 37 15.52 -19.17 -14.42
CA ILE N 37 16.91 -19.59 -14.67
C ILE N 37 17.39 -20.70 -13.71
N PRO N 38 17.19 -20.52 -12.40
CA PRO N 38 17.67 -21.51 -11.45
C PRO N 38 16.91 -22.79 -11.55
N GLN N 39 15.62 -22.70 -11.88
CA GLN N 39 14.78 -23.91 -11.97
C GLN N 39 15.23 -24.81 -13.18
N GLY N 40 15.65 -24.17 -14.25
CA GLY N 40 16.15 -24.86 -15.37
C GLY N 40 17.52 -25.47 -15.15
N LYS N 41 18.41 -24.72 -14.56
CA LYS N 41 19.71 -25.26 -14.31
C LYS N 41 19.58 -26.45 -13.29
N ALA N 42 18.63 -26.34 -12.37
CA ALA N 42 18.42 -27.36 -11.38
C ALA N 42 17.96 -28.61 -12.06
N LEU N 43 17.12 -28.48 -13.07
CA LEU N 43 16.70 -29.64 -13.85
C LEU N 43 17.86 -30.31 -14.55
N ASP N 44 18.70 -29.52 -15.18
CA ASP N 44 19.88 -30.05 -15.81
C ASP N 44 20.77 -30.80 -14.80
N LEU N 45 21.02 -30.17 -13.66
CA LEU N 45 21.86 -30.71 -12.58
C LEU N 45 21.31 -31.95 -11.91
N LYS N 46 19.99 -32.08 -11.81
CA LYS N 46 19.37 -33.35 -11.46
C LYS N 46 19.70 -34.48 -12.45
N HIS N 47 19.65 -34.17 -13.75
CA HIS N 47 19.82 -35.20 -14.83
C HIS N 47 21.29 -35.61 -14.83
N PHE N 48 22.14 -34.61 -14.54
CA PHE N 48 23.58 -34.83 -14.49
C PHE N 48 23.81 -35.76 -13.31
N SER N 49 23.20 -35.42 -12.16
CA SER N 49 23.27 -36.25 -10.91
C SER N 49 22.81 -37.71 -11.17
N THR N 50 21.73 -37.90 -11.93
CA THR N 50 21.27 -39.24 -12.26
C THR N 50 22.23 -40.09 -13.10
N ILE N 51 22.93 -39.45 -14.03
CA ILE N 51 23.89 -40.14 -14.88
C ILE N 51 25.12 -40.53 -14.08
N LEU N 52 25.57 -39.67 -13.21
CA LEU N 52 26.82 -39.91 -12.40
C LEU N 52 26.58 -40.56 -11.04
N GLY N 53 25.37 -40.93 -10.73
CA GLY N 53 25.08 -41.66 -9.51
C GLY N 53 25.18 -40.83 -8.23
N VAL N 54 24.97 -39.50 -8.32
CA VAL N 54 24.91 -38.62 -7.15
C VAL N 54 23.47 -38.43 -6.84
N ASN N 55 23.14 -38.33 -5.56
CA ASN N 55 21.73 -38.39 -5.13
C ASN N 55 21.32 -37.21 -4.25
N ARG N 56 22.18 -36.21 -4.09
CA ARG N 56 21.81 -35.04 -3.30
C ARG N 56 20.63 -34.25 -3.88
N ASN N 57 19.95 -33.55 -3.00
CA ASN N 57 18.82 -32.77 -3.39
C ASN N 57 19.22 -31.44 -4.05
N ILE N 58 18.48 -31.01 -5.08
CA ILE N 58 18.77 -29.77 -5.80
C ILE N 58 17.47 -28.96 -6.01
N LEU N 59 17.45 -27.72 -5.54
CA LEU N 59 16.27 -26.88 -5.61
C LEU N 59 16.70 -25.60 -6.29
N GLY N 60 16.04 -25.31 -7.43
CA GLY N 60 16.15 -24.00 -8.08
C GLY N 60 15.04 -23.06 -7.61
N THR N 61 15.38 -21.84 -7.23
CA THR N 61 14.38 -20.93 -6.65
C THR N 61 14.63 -19.45 -6.92
N ASN N 62 13.53 -18.69 -6.96
CA ASN N 62 13.57 -17.21 -6.98
C ASN N 62 13.19 -16.57 -5.65
N GLN N 63 12.78 -17.38 -4.69
CA GLN N 63 12.44 -16.92 -3.35
C GLN N 63 13.67 -17.01 -2.43
N ILE N 64 14.26 -15.87 -2.11
CA ILE N 64 15.47 -15.83 -1.30
C ILE N 64 15.27 -16.33 0.16
N GLU N 65 14.04 -16.38 0.67
CA GLU N 65 13.77 -17.06 1.88
C GLU N 65 14.09 -18.57 1.90
N ASP N 66 14.19 -19.22 0.73
CA ASP N 66 14.65 -20.62 0.64
C ASP N 66 16.12 -20.86 1.08
N ILE N 67 16.86 -19.77 1.24
CA ILE N 67 18.20 -19.80 1.70
C ILE N 67 18.30 -20.10 3.21
N LYS N 68 17.15 -20.20 3.91
CA LYS N 68 17.10 -20.49 5.37
C LYS N 68 17.88 -21.72 5.77
N ASP N 69 18.63 -21.56 6.84
CA ASP N 69 19.38 -22.69 7.39
C ASP N 69 20.42 -23.26 6.42
N ALA N 70 20.84 -22.48 5.44
CA ALA N 70 21.99 -22.85 4.65
C ALA N 70 23.21 -22.92 5.60
N ASP N 71 24.02 -23.95 5.46
CA ASP N 71 25.29 -24.01 6.17
C ASP N 71 26.32 -23.21 5.45
N ILE N 72 26.24 -23.17 4.13
CA ILE N 72 27.23 -22.45 3.27
C ILE N 72 26.49 -21.57 2.28
N ILE N 73 27.06 -20.39 2.01
CA ILE N 73 26.53 -19.46 1.07
C ILE N 73 27.64 -19.04 0.15
N VAL N 74 27.43 -19.27 -1.15
CA VAL N 74 28.32 -18.74 -2.22
C VAL N 74 27.64 -17.59 -3.04
N ILE N 75 28.24 -16.43 -3.03
CA ILE N 75 27.62 -15.21 -3.62
C ILE N 75 28.35 -14.88 -4.88
N THR N 76 27.66 -15.07 -6.00
CA THR N 76 28.13 -14.65 -7.32
C THR N 76 27.23 -13.61 -7.93
N ALA N 77 26.16 -13.21 -7.26
CA ALA N 77 25.19 -12.22 -7.79
C ALA N 77 25.89 -10.95 -8.11
N GLY N 78 25.56 -10.38 -9.22
CA GLY N 78 26.26 -9.20 -9.67
C GLY N 78 26.60 -9.30 -11.13
N VAL N 79 27.11 -8.20 -11.63
CA VAL N 79 27.43 -8.06 -13.03
C VAL N 79 28.90 -8.43 -13.15
N GLN N 80 29.26 -9.04 -14.26
CA GLN N 80 30.66 -9.26 -14.60
C GLN N 80 31.21 -8.18 -15.58
N ARG N 81 32.52 -7.98 -15.55
CA ARG N 81 33.15 -7.00 -16.41
C ARG N 81 33.34 -7.53 -17.82
N LYS N 82 33.29 -6.61 -18.80
CA LYS N 82 33.52 -6.90 -20.26
C LYS N 82 34.92 -6.44 -20.64
N GLU N 83 35.31 -6.72 -21.88
CA GLU N 83 36.58 -6.26 -22.43
C GLU N 83 36.79 -4.78 -22.24
N GLY N 84 38.02 -4.40 -21.89
CA GLY N 84 38.35 -3.01 -21.64
C GLY N 84 38.06 -2.46 -20.27
N MET N 85 37.08 -3.04 -19.56
CA MET N 85 36.76 -2.65 -18.17
C MET N 85 37.77 -3.20 -17.20
N THR N 86 37.94 -2.49 -16.10
CA THR N 86 38.58 -3.04 -14.86
C THR N 86 37.49 -3.65 -13.95
N ARG N 87 37.93 -4.44 -12.99
CA ARG N 87 37.01 -5.00 -11.94
C ARG N 87 36.39 -3.87 -11.13
N GLU N 88 37.20 -2.82 -10.90
CA GLU N 88 36.78 -1.65 -10.13
C GLU N 88 35.63 -0.88 -10.80
N ASP N 89 35.49 -0.91 -12.13
CA ASP N 89 34.36 -0.24 -12.82
C ASP N 89 32.96 -0.76 -12.38
N LEU N 90 32.90 -1.96 -11.77
CA LEU N 90 31.64 -2.61 -11.27
C LEU N 90 31.22 -2.13 -9.85
N ILE N 91 32.12 -1.42 -9.20
CA ILE N 91 31.95 -0.91 -7.89
C ILE N 91 30.54 -0.36 -7.64
N GLY N 92 30.03 0.50 -8.51
CA GLY N 92 28.73 1.16 -8.32
C GLY N 92 27.62 0.12 -8.27
N VAL N 93 27.50 -0.61 -9.36
CA VAL N 93 26.34 -1.49 -9.55
C VAL N 93 26.36 -2.69 -8.60
N ASN N 94 27.54 -3.24 -8.38
CA ASN N 94 27.66 -4.49 -7.56
C ASN N 94 27.57 -4.26 -6.03
N GLY N 95 28.08 -3.12 -5.56
CA GLY N 95 27.98 -2.71 -4.16
C GLY N 95 26.54 -2.70 -3.69
N LYS N 96 25.64 -2.19 -4.52
CA LYS N 96 24.22 -2.13 -4.21
C LYS N 96 23.61 -3.49 -4.16
N ILE N 97 23.95 -4.34 -5.13
CA ILE N 97 23.52 -5.76 -5.14
C ILE N 97 24.09 -6.50 -3.88
N MET N 98 25.37 -6.34 -3.59
CA MET N 98 25.96 -7.01 -2.47
C MET N 98 25.32 -6.62 -1.10
N LYS N 99 25.02 -5.32 -0.93
CA LYS N 99 24.25 -4.86 0.20
C LYS N 99 22.88 -5.56 0.36
N SER N 100 22.12 -5.60 -0.72
CA SER N 100 20.83 -6.29 -0.73
C SER N 100 20.94 -7.78 -0.31
N VAL N 101 21.99 -8.46 -0.78
CA VAL N 101 22.21 -9.87 -0.47
C VAL N 101 22.58 -9.99 0.97
N ALA N 102 23.46 -9.09 1.41
CA ALA N 102 23.83 -8.99 2.84
C ALA N 102 22.61 -8.90 3.72
N GLU N 103 21.71 -8.02 3.37
CA GLU N 103 20.49 -7.84 4.14
C GLU N 103 19.67 -9.10 4.21
N SER N 104 19.58 -9.79 3.10
CA SER N 104 18.83 -11.04 3.06
C SER N 104 19.47 -12.13 3.89
N VAL N 105 20.79 -12.26 3.81
CA VAL N 105 21.48 -13.27 4.60
C VAL N 105 21.25 -12.98 6.09
N LYS N 106 21.35 -11.69 6.44
CA LYS N 106 21.14 -11.24 7.77
C LYS N 106 19.85 -11.80 8.35
N LEU N 107 18.73 -11.62 7.64
CA LEU N 107 17.45 -12.05 8.25
C LEU N 107 17.14 -13.54 8.08
N HIS N 108 17.73 -14.22 7.10
CA HIS N 108 17.28 -15.57 6.76
C HIS N 108 18.21 -16.71 7.17
N CYS N 109 19.53 -16.50 7.15
CA CYS N 109 20.47 -17.47 7.71
C CYS N 109 21.73 -16.80 8.24
N SER N 110 21.65 -16.31 9.50
CA SER N 110 22.77 -15.65 10.15
C SER N 110 23.91 -16.62 10.60
N LYS N 111 23.71 -17.94 10.58
CA LYS N 111 24.75 -18.87 11.00
C LYS N 111 25.64 -19.51 9.90
N ALA N 112 25.42 -19.07 8.65
CA ALA N 112 26.14 -19.62 7.54
C ALA N 112 27.57 -19.14 7.48
N PHE N 113 28.38 -19.95 6.83
CA PHE N 113 29.70 -19.54 6.36
C PHE N 113 29.55 -18.94 4.88
N VAL N 114 30.10 -17.78 4.63
CA VAL N 114 29.82 -16.99 3.46
C VAL N 114 31.06 -16.79 2.60
N ILE N 115 31.02 -17.33 1.36
CA ILE N 115 32.07 -17.11 0.41
C ILE N 115 31.55 -16.13 -0.68
N CYS N 116 32.13 -14.94 -0.70
CA CYS N 116 31.80 -13.88 -1.68
C CYS N 116 32.66 -14.01 -2.86
N VAL N 117 32.06 -13.86 -4.05
CA VAL N 117 32.82 -13.92 -5.36
C VAL N 117 32.62 -12.74 -6.28
N SER N 118 31.49 -12.04 -6.23
CA SER N 118 31.26 -10.72 -7.01
C SER N 118 32.39 -9.70 -7.00
N ASN N 119 32.69 -9.13 -8.17
CA ASN N 119 33.81 -8.23 -8.27
C ASN N 119 33.43 -6.81 -8.06
N PRO N 120 34.40 -5.94 -7.81
CA PRO N 120 35.78 -6.30 -7.44
C PRO N 120 35.83 -6.97 -6.04
N LEU N 121 36.49 -8.12 -6.00
CA LEU N 121 36.29 -9.08 -4.94
C LEU N 121 36.49 -8.53 -3.50
N ASP N 122 37.69 -8.06 -3.20
CA ASP N 122 37.99 -7.61 -1.83
C ASP N 122 37.02 -6.56 -1.36
N ILE N 123 36.73 -5.63 -2.24
CA ILE N 123 35.81 -4.54 -1.95
C ILE N 123 34.41 -5.04 -1.59
N MET N 124 33.88 -5.94 -2.42
CA MET N 124 32.53 -6.51 -2.19
C MET N 124 32.43 -7.38 -0.91
N VAL N 125 33.53 -7.99 -0.47
CA VAL N 125 33.59 -8.72 0.81
C VAL N 125 33.36 -7.70 1.96
N ASN N 126 34.06 -6.57 1.89
CA ASN N 126 33.88 -5.50 2.88
C ASN N 126 32.46 -4.96 2.92
N VAL N 127 31.83 -4.83 1.79
CA VAL N 127 30.44 -4.40 1.75
C VAL N 127 29.59 -5.43 2.45
N PHE N 128 29.78 -6.71 2.11
CA PHE N 128 28.92 -7.77 2.68
C PHE N 128 29.05 -7.80 4.20
N HIS N 129 30.25 -7.63 4.72
CA HIS N 129 30.44 -7.57 6.16
C HIS N 129 29.66 -6.44 6.79
N LYS N 130 29.81 -5.25 6.22
CA LYS N 130 29.14 -4.08 6.72
C LYS N 130 27.62 -4.23 6.93
N PHE N 131 26.92 -4.81 5.98
CA PHE N 131 25.45 -4.84 6.03
C PHE N 131 24.88 -6.20 6.48
N SER N 132 25.74 -7.20 6.75
CA SER N 132 25.24 -8.59 6.98
C SER N 132 25.09 -8.85 8.42
N ASN N 133 25.91 -8.19 9.24
CA ASN N 133 25.89 -8.44 10.67
C ASN N 133 26.28 -9.90 11.03
N LEU N 134 27.26 -10.44 10.32
CA LEU N 134 27.83 -11.71 10.65
C LEU N 134 29.22 -11.54 11.20
N PRO N 135 29.65 -12.50 11.98
CA PRO N 135 30.98 -12.39 12.53
C PRO N 135 31.96 -12.32 11.38
N HIS N 136 33.06 -11.65 11.55
CA HIS N 136 34.02 -11.52 10.49
C HIS N 136 34.77 -12.82 10.04
N GLU N 137 34.97 -13.78 10.96
CA GLU N 137 35.54 -15.05 10.59
C GLU N 137 34.56 -15.87 9.70
N LYS N 138 33.26 -15.59 9.73
CA LYS N 138 32.30 -16.34 8.93
C LYS N 138 32.15 -15.82 7.47
N ILE N 139 33.01 -14.91 7.04
CA ILE N 139 32.88 -14.25 5.80
C ILE N 139 34.25 -14.30 5.21
N CYS N 140 34.32 -14.62 3.94
CA CYS N 140 35.56 -14.45 3.20
C CYS N 140 35.23 -14.27 1.70
N GLY N 141 36.27 -14.01 0.90
CA GLY N 141 36.13 -14.04 -0.51
C GLY N 141 37.19 -14.91 -1.18
N MET N 142 36.84 -15.60 -2.26
CA MET N 142 37.84 -16.36 -2.97
C MET N 142 38.48 -15.52 -4.04
N ALA N 143 39.80 -15.54 -4.02
CA ALA N 143 40.58 -14.94 -5.04
C ALA N 143 41.95 -15.49 -5.07
N GLY N 144 42.68 -15.36 -3.98
CA GLY N 144 44.04 -15.91 -3.90
C GLY N 144 44.24 -17.33 -4.47
N ILE N 145 43.26 -18.22 -4.33
CA ILE N 145 43.47 -19.57 -4.76
C ILE N 145 43.48 -19.58 -6.29
N LEU N 146 42.65 -18.75 -6.89
CA LEU N 146 42.62 -18.56 -8.35
C LEU N 146 43.90 -17.92 -8.88
N ASP N 147 44.35 -16.84 -8.27
CA ASP N 147 45.55 -16.17 -8.70
C ASP N 147 46.78 -17.09 -8.51
N THR N 148 46.81 -17.82 -7.39
CA THR N 148 47.88 -18.75 -7.09
C THR N 148 47.90 -19.85 -8.15
N SER N 149 46.73 -20.34 -8.52
CA SER N 149 46.70 -21.43 -9.50
C SER N 149 47.27 -21.01 -10.82
N ARG N 150 47.01 -19.76 -11.17
CA ARG N 150 47.53 -19.19 -12.39
C ARG N 150 49.05 -19.06 -12.32
N TYR N 151 49.54 -18.43 -11.26
CA TYR N 151 50.98 -18.23 -11.07
C TYR N 151 51.71 -19.59 -11.02
N CYS N 152 51.16 -20.54 -10.26
CA CYS N 152 51.81 -21.83 -10.11
C CYS N 152 51.79 -22.60 -11.41
N SER N 153 50.66 -22.52 -12.10
CA SER N 153 50.53 -23.12 -13.46
C SER N 153 51.61 -22.62 -14.44
N LEU N 154 51.88 -21.32 -14.45
CA LEU N 154 52.94 -20.72 -15.32
C LEU N 154 54.37 -21.09 -14.89
N ILE N 155 54.61 -21.09 -13.59
CA ILE N 155 55.89 -21.54 -13.03
C ILE N 155 56.14 -22.99 -13.41
N ALA N 156 55.15 -23.84 -13.18
CA ALA N 156 55.27 -25.25 -13.56
C ALA N 156 55.63 -25.45 -15.04
N ASP N 157 54.95 -24.73 -15.95
CA ASP N 157 55.23 -24.82 -17.40
C ASP N 157 56.66 -24.45 -17.71
N LYS N 158 57.17 -23.38 -17.13
CA LYS N 158 58.55 -22.93 -17.41
C LYS N 158 59.60 -23.88 -16.86
N LEU N 159 59.31 -24.55 -15.76
CA LEU N 159 60.26 -25.48 -15.14
C LEU N 159 60.12 -26.89 -15.66
N LYS N 160 59.17 -27.11 -16.56
CA LYS N 160 58.87 -28.43 -17.06
C LYS N 160 58.60 -29.40 -15.92
N VAL N 161 57.75 -28.98 -14.98
CA VAL N 161 57.31 -29.85 -13.90
C VAL N 161 55.82 -29.86 -13.79
N SER N 162 55.30 -30.88 -13.11
CA SER N 162 53.90 -30.97 -12.74
C SER N 162 53.54 -29.73 -11.93
N ALA N 163 52.38 -29.14 -12.25
CA ALA N 163 51.78 -28.14 -11.44
C ALA N 163 51.26 -28.72 -10.12
N GLU N 164 51.05 -30.04 -10.04
CA GLU N 164 50.44 -30.66 -8.85
C GLU N 164 51.02 -30.27 -7.50
N ASP N 165 52.33 -30.14 -7.38
CA ASP N 165 52.89 -29.75 -6.08
C ASP N 165 53.72 -28.47 -6.09
N VAL N 166 53.38 -27.56 -7.03
CA VAL N 166 53.88 -26.19 -7.03
C VAL N 166 52.93 -25.38 -6.18
N ASN N 167 53.44 -24.83 -5.08
CA ASN N 167 52.64 -24.03 -4.15
C ASN N 167 53.19 -22.66 -4.02
N ALA N 168 52.31 -21.74 -3.70
CA ALA N 168 52.72 -20.35 -3.58
C ALA N 168 51.78 -19.52 -2.75
N VAL N 169 52.29 -18.41 -2.25
CA VAL N 169 51.48 -17.44 -1.54
C VAL N 169 51.39 -16.19 -2.42
N ILE N 170 50.16 -15.74 -2.66
CA ILE N 170 49.91 -14.41 -3.24
C ILE N 170 49.05 -13.59 -2.26
N LEU N 171 49.63 -12.47 -1.84
CA LEU N 171 48.99 -11.54 -0.93
C LEU N 171 48.36 -10.38 -1.69
N GLY N 172 47.34 -9.78 -1.08
CA GLY N 172 46.80 -8.56 -1.55
C GLY N 172 45.52 -8.71 -2.32
N GLY N 173 45.04 -7.56 -2.76
CA GLY N 173 43.80 -7.46 -3.55
C GLY N 173 43.82 -8.19 -4.85
N HIS N 174 42.66 -8.69 -5.22
CA HIS N 174 42.49 -9.44 -6.48
C HIS N 174 42.47 -8.43 -7.63
N GLY N 175 43.67 -8.06 -8.07
CA GLY N 175 43.79 -6.97 -9.01
C GLY N 175 45.23 -6.77 -9.33
N ASP N 176 45.50 -5.65 -10.01
CA ASP N 176 46.83 -5.29 -10.49
C ASP N 176 47.89 -5.13 -9.41
N LEU N 177 47.46 -4.98 -8.15
CA LEU N 177 48.39 -4.85 -7.02
C LEU N 177 48.61 -6.16 -6.21
N MET N 178 48.32 -7.33 -6.78
CA MET N 178 48.75 -8.61 -6.19
C MET N 178 50.22 -8.63 -5.89
N VAL N 179 50.59 -9.38 -4.87
CA VAL N 179 51.99 -9.52 -4.47
C VAL N 179 52.30 -11.01 -4.37
N PRO N 180 52.77 -11.60 -5.48
CA PRO N 180 53.24 -12.98 -5.41
C PRO N 180 54.59 -13.04 -4.70
N LEU N 181 54.75 -13.99 -3.80
CA LEU N 181 55.97 -14.09 -3.01
C LEU N 181 56.83 -15.23 -3.48
N GLN N 182 57.90 -14.85 -4.13
CA GLN N 182 58.91 -15.80 -4.61
C GLN N 182 59.44 -16.63 -3.47
N ARG N 183 59.71 -15.98 -2.33
CA ARG N 183 60.24 -16.66 -1.14
C ARG N 183 59.30 -17.76 -0.70
N TYR N 184 57.99 -17.53 -0.88
CA TYR N 184 56.96 -18.48 -0.49
C TYR N 184 56.39 -19.23 -1.69
N THR N 185 57.25 -19.56 -2.64
CA THR N 185 56.92 -20.44 -3.78
C THR N 185 57.80 -21.69 -3.70
N SER N 186 57.20 -22.87 -3.72
CA SER N 186 57.98 -24.12 -3.69
C SER N 186 57.47 -25.13 -4.70
N VAL N 187 58.36 -26.04 -5.10
CA VAL N 187 58.06 -27.15 -6.02
C VAL N 187 58.31 -28.44 -5.26
N ASN N 188 57.22 -29.10 -4.91
CA ASN N 188 57.22 -30.20 -3.95
C ASN N 188 58.19 -30.02 -2.79
N GLY N 189 58.16 -28.82 -2.20
CA GLY N 189 58.99 -28.50 -1.04
C GLY N 189 60.22 -27.66 -1.33
N VAL N 190 60.75 -27.77 -2.54
CA VAL N 190 61.99 -27.11 -2.91
C VAL N 190 61.70 -25.64 -3.27
N PRO N 191 62.29 -24.68 -2.54
CA PRO N 191 62.05 -23.27 -2.86
C PRO N 191 62.37 -22.91 -4.31
N LEU N 192 61.60 -21.97 -4.86
CA LEU N 192 61.83 -21.45 -6.21
C LEU N 192 63.26 -20.93 -6.44
N SER N 193 63.87 -20.36 -5.40
CA SER N 193 65.25 -19.82 -5.44
C SER N 193 66.29 -20.88 -5.83
N GLU N 194 66.01 -22.15 -5.55
CA GLU N 194 66.91 -23.26 -5.95
C GLU N 194 66.91 -23.49 -7.45
N PHE N 195 65.76 -23.28 -8.07
CA PHE N 195 65.64 -23.36 -9.51
C PHE N 195 66.30 -22.17 -10.25
N VAL N 196 66.35 -20.99 -9.64
CA VAL N 196 67.09 -19.84 -10.23
C VAL N 196 68.61 -20.09 -10.16
N LYS N 197 69.09 -20.59 -9.01
CA LYS N 197 70.51 -20.96 -8.83
C LYS N 197 70.93 -22.06 -9.78
N LYS N 198 70.04 -22.99 -10.07
CA LYS N 198 70.30 -24.07 -11.01
C LYS N 198 70.09 -23.61 -12.46
N ASN N 199 69.81 -22.32 -12.68
CA ASN N 199 69.57 -21.72 -14.01
C ASN N 199 68.42 -22.33 -14.81
N MET N 200 67.50 -22.97 -14.13
CA MET N 200 66.33 -23.51 -14.81
C MET N 200 65.27 -22.44 -15.09
N ILE N 201 65.40 -21.27 -14.45
CA ILE N 201 64.47 -20.15 -14.60
C ILE N 201 65.20 -18.90 -14.16
N SER N 202 64.88 -17.76 -14.78
CA SER N 202 65.54 -16.49 -14.47
C SER N 202 64.61 -15.49 -13.79
N GLN N 203 65.20 -14.51 -13.12
CA GLN N 203 64.43 -13.48 -12.43
C GLN N 203 63.49 -12.74 -13.38
N ASN N 204 63.93 -12.55 -14.62
CA ASN N 204 63.13 -11.89 -15.66
C ASN N 204 61.94 -12.73 -16.09
N GLU N 205 62.18 -14.02 -16.31
CA GLU N 205 61.10 -14.98 -16.61
C GLU N 205 60.00 -14.97 -15.52
N ILE N 206 60.44 -14.87 -14.25
CA ILE N 206 59.55 -14.81 -13.08
C ILE N 206 58.70 -13.52 -13.10
N GLN N 207 59.33 -12.40 -13.43
CA GLN N 207 58.62 -11.10 -13.50
C GLN N 207 57.56 -11.09 -14.61
N GLU N 208 57.94 -11.69 -15.73
CA GLU N 208 57.04 -11.97 -16.85
C GLU N 208 55.82 -12.78 -16.38
N ILE N 209 56.09 -13.87 -15.67
CA ILE N 209 55.04 -14.74 -15.08
C ILE N 209 54.12 -13.98 -14.11
N ILE N 210 54.73 -13.15 -13.25
CA ILE N 210 53.95 -12.31 -12.35
C ILE N 210 53.01 -11.39 -13.14
N GLN N 211 53.52 -10.81 -14.23
CA GLN N 211 52.70 -9.94 -15.07
C GLN N 211 51.55 -10.69 -15.71
N LYS N 212 51.82 -11.86 -16.27
CA LYS N 212 50.74 -12.66 -16.85
C LYS N 212 49.69 -13.06 -15.80
N THR N 213 50.13 -13.29 -14.56
CA THR N 213 49.22 -13.67 -13.46
C THR N 213 48.28 -12.53 -13.13
N ARG N 214 48.83 -11.32 -13.09
CA ARG N 214 48.04 -10.09 -12.88
C ARG N 214 47.00 -9.86 -13.97
N ASN N 215 47.39 -10.00 -15.23
CA ASN N 215 46.48 -9.72 -16.35
C ASN N 215 45.59 -10.88 -16.80
N MET N 216 45.74 -12.04 -16.14
CA MET N 216 45.13 -13.27 -16.60
C MET N 216 43.61 -13.20 -16.69
N GLY N 217 43.01 -12.63 -15.67
CA GLY N 217 41.57 -12.39 -15.69
C GLY N 217 41.11 -11.64 -16.95
N ALA N 218 41.82 -10.57 -17.33
CA ALA N 218 41.48 -9.78 -18.51
C ALA N 218 41.76 -10.57 -19.80
N GLU N 219 42.88 -11.30 -19.82
CA GLU N 219 43.29 -12.08 -20.98
C GLU N 219 42.27 -13.18 -21.36
N ILE N 220 41.71 -13.87 -20.36
CA ILE N 220 40.61 -14.80 -20.59
C ILE N 220 39.32 -14.10 -21.10
N ILE N 221 38.96 -12.95 -20.53
CA ILE N 221 37.83 -12.16 -21.04
C ILE N 221 38.03 -11.79 -22.54
N LYS N 222 39.21 -11.28 -22.90
CA LYS N 222 39.56 -10.95 -24.28
C LYS N 222 39.41 -12.20 -25.20
N LEU N 223 39.98 -13.34 -24.79
CA LEU N 223 40.00 -14.50 -25.63
C LEU N 223 38.64 -15.21 -25.64
N ALA N 224 38.12 -15.58 -24.49
CA ALA N 224 36.88 -16.33 -24.41
C ALA N 224 35.63 -15.50 -24.54
N LYS N 225 35.75 -14.17 -24.53
CA LYS N 225 34.58 -13.25 -24.58
C LYS N 225 33.64 -13.38 -23.36
N ALA N 226 34.11 -14.07 -22.31
CA ALA N 226 33.40 -14.24 -21.01
C ALA N 226 34.46 -14.40 -19.98
N SER N 227 34.12 -14.10 -18.74
CA SER N 227 35.09 -14.23 -17.68
C SER N 227 35.23 -15.71 -17.25
N ALA N 228 36.41 -16.00 -16.69
CA ALA N 228 36.76 -17.34 -16.24
C ALA N 228 35.66 -17.89 -15.31
N ALA N 229 35.31 -19.16 -15.48
CA ALA N 229 34.23 -19.80 -14.71
C ALA N 229 34.68 -21.13 -14.02
N PHE N 230 35.47 -21.97 -14.70
CA PHE N 230 35.83 -23.28 -14.16
C PHE N 230 36.79 -23.17 -12.97
N ALA N 231 37.87 -22.44 -13.15
CA ALA N 231 38.87 -22.29 -12.06
C ALA N 231 38.29 -21.59 -10.84
N PRO N 232 37.51 -20.50 -11.06
CA PRO N 232 36.85 -19.85 -9.89
C PRO N 232 35.97 -20.82 -9.14
N ALA N 233 35.24 -21.64 -9.85
CA ALA N 233 34.38 -22.62 -9.21
C ALA N 233 35.16 -23.70 -8.40
N ALA N 234 36.28 -24.15 -8.94
CA ALA N 234 37.09 -25.13 -8.29
C ALA N 234 37.67 -24.53 -6.99
N ALA N 235 38.21 -23.31 -7.08
CA ALA N 235 38.73 -22.56 -5.90
C ALA N 235 37.68 -22.43 -4.81
N ILE N 236 36.47 -22.05 -5.20
CA ILE N 236 35.34 -21.92 -4.26
C ILE N 236 35.04 -23.22 -3.55
N THR N 237 34.88 -24.26 -4.36
CA THR N 237 34.70 -25.66 -3.85
C THR N 237 35.79 -26.11 -2.87
N LYS N 238 37.04 -25.74 -3.12
CA LYS N 238 38.10 -26.07 -2.24
C LYS N 238 37.91 -25.39 -0.85
N MET N 239 37.45 -24.15 -0.84
CA MET N 239 37.19 -23.44 0.41
C MET N 239 35.97 -24.00 1.11
N ILE N 240 34.97 -24.45 0.36
CA ILE N 240 33.77 -25.05 0.95
C ILE N 240 34.17 -26.35 1.68
N LYS N 241 35.01 -27.13 1.03
CA LYS N 241 35.49 -28.42 1.52
C LYS N 241 36.31 -28.23 2.81
N SER N 242 37.22 -27.26 2.80
CA SER N 242 37.95 -26.94 3.95
C SER N 242 37.11 -26.51 5.18
N TYR N 243 35.96 -25.87 4.93
CA TYR N 243 35.03 -25.52 6.02
C TYR N 243 34.24 -26.73 6.49
N LEU N 244 33.56 -27.40 5.55
CA LEU N 244 32.70 -28.53 5.89
C LEU N 244 33.43 -29.69 6.66
N TYR N 245 34.67 -29.98 6.26
CA TYR N 245 35.40 -31.09 6.72
C TYR N 245 36.43 -30.67 7.71
N ASN N 246 36.36 -29.43 8.19
CA ASN N 246 37.26 -28.93 9.22
C ASN N 246 38.75 -29.15 8.95
N GLU N 247 39.16 -28.85 7.74
CA GLU N 247 40.46 -29.32 7.29
C GLU N 247 41.57 -28.48 7.81
N ASN N 248 41.28 -27.20 8.04
CA ASN N 248 42.28 -26.27 8.47
C ASN N 248 43.38 -26.00 7.44
N ASN N 249 43.02 -26.03 6.18
CA ASN N 249 43.96 -25.77 5.11
C ASN N 249 44.43 -24.32 5.12
N LEU N 250 45.66 -24.09 4.68
CA LEU N 250 46.27 -22.78 4.60
C LEU N 250 46.23 -22.24 3.14
N PHE N 251 45.33 -21.28 2.88
CA PHE N 251 45.13 -20.68 1.56
C PHE N 251 45.48 -19.21 1.57
N THR N 252 45.37 -18.56 0.44
CA THR N 252 45.17 -17.11 0.39
C THR N 252 43.72 -16.85 -0.02
N CYS N 253 43.06 -16.01 0.75
CA CYS N 253 41.74 -15.55 0.44
C CYS N 253 41.45 -14.19 1.13
N ALA N 254 40.36 -13.55 0.75
CA ALA N 254 40.00 -12.24 1.30
C ALA N 254 39.43 -12.48 2.64
N VAL N 255 40.12 -11.96 3.63
CA VAL N 255 39.86 -12.31 5.05
C VAL N 255 39.97 -11.04 5.94
N TYR N 256 39.26 -11.03 7.06
CA TYR N 256 39.33 -9.93 8.01
C TYR N 256 40.70 -9.86 8.63
N LEU N 257 41.45 -8.82 8.31
CA LEU N 257 42.68 -8.51 9.03
C LEU N 257 42.44 -7.64 10.26
N ASN N 258 43.24 -7.92 11.27
CA ASN N 258 43.07 -7.37 12.64
C ASN N 258 44.38 -7.25 13.43
N GLY N 259 45.25 -6.38 12.93
CA GLY N 259 46.60 -6.22 13.41
C GLY N 259 47.61 -7.06 12.66
N HIS N 260 47.15 -7.83 11.68
CA HIS N 260 48.04 -8.65 10.88
C HIS N 260 48.55 -7.80 9.72
N TYR N 261 49.85 -7.89 9.48
CA TYR N 261 50.50 -7.24 8.38
C TYR N 261 50.28 -5.73 8.40
N ASN N 262 50.33 -5.16 9.61
CA ASN N 262 50.11 -3.72 9.88
C ASN N 262 48.77 -3.18 9.42
N CYS N 263 47.75 -4.03 9.41
CA CYS N 263 46.46 -3.68 8.82
C CYS N 263 45.38 -4.17 9.75
N SER N 264 44.35 -3.36 9.90
CA SER N 264 43.25 -3.66 10.81
C SER N 264 41.96 -3.17 10.25
N ASN N 265 40.87 -3.83 10.57
CA ASN N 265 39.54 -3.47 10.08
C ASN N 265 39.31 -3.39 8.55
N LEU N 266 39.80 -4.41 7.85
CA LEU N 266 39.59 -4.54 6.44
C LEU N 266 39.69 -6.00 5.97
N PHE N 267 38.80 -6.39 5.05
CA PHE N 267 38.91 -7.67 4.35
C PHE N 267 39.81 -7.43 3.19
N VAL N 268 40.86 -8.26 3.10
CA VAL N 268 41.78 -8.18 1.99
C VAL N 268 42.49 -9.52 1.81
N GLY N 269 42.91 -9.82 0.57
CA GLY N 269 43.63 -11.03 0.27
C GLY N 269 44.83 -11.25 1.17
N SER N 270 44.82 -12.37 1.88
CA SER N 270 45.89 -12.68 2.83
C SER N 270 45.97 -14.18 3.09
N THR N 271 47.04 -14.59 3.71
CA THR N 271 47.20 -15.96 4.17
C THR N 271 46.21 -16.25 5.30
N ALA N 272 45.44 -17.31 5.13
CA ALA N 272 44.44 -17.72 6.14
C ALA N 272 44.18 -19.22 6.19
N LYS N 273 43.70 -19.67 7.34
CA LYS N 273 43.30 -21.09 7.54
C LYS N 273 41.78 -21.14 7.57
N ILE N 274 41.20 -22.15 6.92
CA ILE N 274 39.77 -22.31 6.93
C ILE N 274 39.42 -23.62 7.60
N ASN N 275 38.52 -23.57 8.58
CA ASN N 275 38.06 -24.73 9.29
C ASN N 275 36.59 -24.59 9.66
N ASN N 276 36.06 -25.51 10.48
CA ASN N 276 34.73 -25.46 11.15
C ASN N 276 34.20 -24.16 11.67
N LYS N 277 35.11 -23.34 12.18
CA LYS N 277 34.78 -22.07 12.74
C LYS N 277 34.91 -20.86 11.76
N GLY N 278 35.37 -21.07 10.52
CA GLY N 278 35.51 -20.02 9.54
C GLY N 278 36.92 -19.78 9.08
N ALA N 279 37.15 -18.54 8.64
CA ALA N 279 38.44 -18.13 8.00
C ALA N 279 39.21 -17.28 8.99
N HIS N 280 40.47 -17.64 9.25
CA HIS N 280 41.30 -17.07 10.30
C HIS N 280 42.61 -16.64 9.70
N PRO N 281 42.95 -15.35 9.81
CA PRO N 281 44.18 -14.91 9.21
C PRO N 281 45.38 -15.45 9.94
N VAL N 282 46.49 -15.60 9.25
CA VAL N 282 47.77 -16.02 9.85
C VAL N 282 48.87 -15.06 9.31
N GLU N 283 49.71 -14.50 10.18
CA GLU N 283 50.74 -13.56 9.76
C GLU N 283 52.05 -14.25 9.65
N PHE N 284 52.71 -14.12 8.51
CA PHE N 284 54.06 -14.65 8.34
C PHE N 284 55.04 -13.53 8.25
N PRO N 285 56.31 -13.78 8.64
CA PRO N 285 57.31 -12.71 8.65
C PRO N 285 57.77 -12.25 7.25
N LEU N 286 57.25 -11.12 6.80
CA LEU N 286 57.62 -10.53 5.53
C LEU N 286 58.90 -9.68 5.65
N THR N 287 59.63 -9.54 4.55
CA THR N 287 60.72 -8.53 4.46
C THR N 287 60.12 -7.14 4.36
N LYS N 288 60.94 -6.10 4.55
CA LYS N 288 60.48 -4.70 4.45
C LYS N 288 59.87 -4.45 3.09
N GLU N 289 60.57 -4.91 2.07
CA GLU N 289 60.14 -4.69 0.69
C GLU N 289 58.83 -5.40 0.33
N GLU N 290 58.69 -6.62 0.82
CA GLU N 290 57.46 -7.41 0.67
C GLU N 290 56.26 -6.75 1.34
N GLN N 291 56.45 -6.36 2.61
CA GLN N 291 55.41 -5.67 3.38
C GLN N 291 55.02 -4.33 2.79
N ASP N 292 56.02 -3.59 2.27
CA ASP N 292 55.78 -2.32 1.53
C ASP N 292 54.86 -2.53 0.32
N LEU N 293 55.15 -3.54 -0.50
CA LEU N 293 54.27 -3.89 -1.60
C LEU N 293 52.88 -4.29 -1.13
N TYR N 294 52.82 -5.12 -0.11
CA TYR N 294 51.54 -5.55 0.42
C TYR N 294 50.73 -4.36 0.96
N THR N 295 51.35 -3.48 1.77
CA THR N 295 50.68 -2.28 2.26
C THR N 295 50.11 -1.39 1.15
N GLU N 296 50.90 -1.22 0.08
CA GLU N 296 50.43 -0.49 -1.11
C GLU N 296 49.13 -1.09 -1.70
N SER N 297 49.07 -2.42 -1.80
CA SER N 297 47.86 -3.11 -2.24
C SER N 297 46.68 -2.88 -1.32
N ILE N 298 46.99 -2.97 -0.04
CA ILE N 298 46.02 -2.75 1.04
C ILE N 298 45.43 -1.34 0.94
N ALA N 299 46.28 -0.37 0.61
CA ALA N 299 45.83 1.03 0.47
C ALA N 299 44.75 1.19 -0.60
N SER N 300 44.95 0.60 -1.80
CA SER N 300 43.92 0.60 -2.84
C SER N 300 42.62 0.01 -2.39
N VAL N 301 42.71 -1.14 -1.73
CA VAL N 301 41.53 -1.80 -1.24
C VAL N 301 40.80 -0.91 -0.23
N GLN N 302 41.57 -0.32 0.71
CA GLN N 302 41.02 0.70 1.58
C GLN N 302 40.22 1.77 0.80
N SER N 303 40.89 2.46 -0.16
CA SER N 303 40.33 3.60 -0.91
C SER N 303 39.05 3.17 -1.57
N ASN N 304 39.13 2.08 -2.33
CA ASN N 304 38.03 1.62 -3.14
C ASN N 304 36.89 1.10 -2.32
N THR N 305 37.19 0.58 -1.11
CA THR N 305 36.16 0.17 -0.19
C THR N 305 35.40 1.38 0.31
N GLN N 306 36.12 2.44 0.67
CA GLN N 306 35.47 3.70 1.05
C GLN N 306 34.59 4.20 -0.11
N LYS N 307 35.18 4.29 -1.30
CA LYS N 307 34.44 4.65 -2.50
C LYS N 307 33.14 3.85 -2.61
N ALA N 308 33.20 2.55 -2.37
CA ALA N 308 32.03 1.71 -2.50
C ALA N 308 30.97 2.08 -1.51
N PHE N 309 31.35 2.29 -0.23
CA PHE N 309 30.40 2.73 0.80
C PHE N 309 29.76 4.08 0.42
N ASP N 310 30.57 5.02 -0.07
CA ASP N 310 30.09 6.34 -0.50
C ASP N 310 29.05 6.20 -1.60
N LEU N 311 29.37 5.45 -2.64
CA LEU N 311 28.45 5.28 -3.79
C LEU N 311 27.17 4.53 -3.45
N ILE N 312 27.14 3.84 -2.33
CA ILE N 312 25.93 3.12 -1.91
C ILE N 312 24.87 4.07 -1.40
N LYS N 313 25.20 5.32 -1.05
CA LYS N 313 24.19 6.34 -0.75
C LYS N 313 24.02 7.25 -2.00
N MET O 1 32.94 -33.53 10.59
CA MET O 1 32.23 -33.75 11.92
C MET O 1 31.73 -35.21 12.15
N THR O 2 31.28 -35.90 11.07
CA THR O 2 30.81 -37.28 11.07
C THR O 2 31.84 -38.22 11.67
N LYS O 3 31.44 -39.06 12.64
CA LYS O 3 32.34 -40.05 13.26
C LYS O 3 31.95 -41.45 12.89
N ILE O 4 32.87 -42.17 12.26
CA ILE O 4 32.66 -43.56 11.87
C ILE O 4 33.50 -44.47 12.76
N ALA O 5 32.83 -45.34 13.51
CA ALA O 5 33.53 -46.29 14.40
C ALA O 5 33.56 -47.71 13.87
N LEU O 6 34.78 -48.24 13.73
CA LEU O 6 35.00 -49.57 13.25
C LEU O 6 35.30 -50.43 14.51
N ILE O 7 34.32 -51.25 14.93
CA ILE O 7 34.50 -52.18 16.00
C ILE O 7 35.04 -53.50 15.45
N GLY O 8 36.35 -53.60 15.47
CA GLY O 8 37.09 -54.67 14.82
C GLY O 8 38.02 -54.07 13.81
N SER O 9 39.32 -54.25 13.97
CA SER O 9 40.35 -53.66 13.10
C SER O 9 41.13 -54.70 12.30
N GLY O 10 40.47 -55.80 11.98
CA GLY O 10 41.03 -56.74 11.03
C GLY O 10 41.03 -56.24 9.56
N GLN O 11 41.09 -57.19 8.64
CA GLN O 11 41.17 -56.91 7.22
C GLN O 11 40.02 -56.08 6.74
N ILE O 12 38.80 -56.53 7.03
CA ILE O 12 37.61 -55.82 6.60
C ILE O 12 37.51 -54.41 7.16
N GLY O 13 37.60 -54.30 8.47
CA GLY O 13 37.55 -53.02 9.12
C GLY O 13 38.54 -52.05 8.53
N ALA O 14 39.78 -52.49 8.33
CA ALA O 14 40.82 -51.54 7.86
C ALA O 14 40.52 -51.04 6.46
N ILE O 15 40.06 -51.94 5.63
CA ILE O 15 39.76 -51.59 4.27
C ILE O 15 38.54 -50.66 4.24
N VAL O 16 37.49 -50.98 5.00
CA VAL O 16 36.37 -50.04 5.18
C VAL O 16 36.88 -48.65 5.57
N GLY O 17 37.77 -48.60 6.53
CA GLY O 17 38.37 -47.34 6.96
C GLY O 17 39.10 -46.66 5.83
N GLU O 18 39.78 -47.48 5.00
CA GLU O 18 40.50 -46.96 3.79
C GLU O 18 39.50 -46.32 2.80
N LEU O 19 38.43 -47.03 2.51
CA LEU O 19 37.44 -46.59 1.56
C LEU O 19 36.66 -45.37 2.07
N CYS O 20 36.41 -45.33 3.36
CA CYS O 20 35.79 -44.12 3.95
C CYS O 20 36.70 -42.88 3.75
N LEU O 21 37.98 -43.06 3.87
CA LEU O 21 38.91 -41.98 3.77
C LEU O 21 38.96 -41.54 2.36
N LEU O 22 38.95 -42.47 1.41
CA LEU O 22 38.99 -42.10 -0.01
C LEU O 22 37.83 -41.22 -0.41
N GLU O 23 36.65 -41.46 0.14
CA GLU O 23 35.51 -40.62 -0.10
C GLU O 23 35.20 -39.59 0.98
N ASN O 24 36.14 -39.30 1.85
CA ASN O 24 35.92 -38.28 2.88
C ASN O 24 34.62 -38.46 3.67
N LEU O 25 34.22 -39.71 3.95
CA LEU O 25 32.94 -39.91 4.58
C LEU O 25 32.88 -39.42 6.00
N GLY O 26 34.03 -39.37 6.65
CA GLY O 26 34.06 -39.04 8.07
C GLY O 26 35.40 -39.23 8.73
N ASP O 27 35.52 -38.74 9.95
CA ASP O 27 36.61 -39.15 10.88
C ASP O 27 36.48 -40.65 11.27
N LEU O 28 37.61 -41.33 11.41
CA LEU O 28 37.58 -42.72 11.81
C LEU O 28 37.95 -42.92 13.25
N ILE O 29 37.26 -43.87 13.86
CA ILE O 29 37.69 -44.47 15.13
C ILE O 29 37.87 -45.96 14.86
N LEU O 30 39.13 -46.37 14.84
CA LEU O 30 39.52 -47.76 14.76
C LEU O 30 39.69 -48.40 16.16
N TYR O 31 38.76 -49.31 16.48
CA TYR O 31 38.74 -50.04 17.76
C TYR O 31 39.03 -51.51 17.56
N ASP O 32 39.85 -52.05 18.43
CA ASP O 32 40.02 -53.49 18.58
C ASP O 32 40.34 -53.83 20.02
N VAL O 33 40.04 -55.07 20.36
CA VAL O 33 40.34 -55.58 21.72
C VAL O 33 41.88 -55.80 21.91
N VAL O 34 42.57 -56.25 20.86
CA VAL O 34 44.01 -56.51 20.90
C VAL O 34 44.84 -55.23 20.97
N PRO O 35 45.62 -55.01 22.04
CA PRO O 35 46.43 -53.77 22.09
C PRO O 35 47.46 -53.58 20.99
N GLY O 36 47.66 -52.31 20.61
CA GLY O 36 48.59 -51.94 19.57
C GLY O 36 48.08 -52.06 18.13
N ILE O 37 47.23 -53.04 17.82
CA ILE O 37 46.82 -53.27 16.42
C ILE O 37 46.14 -52.03 15.78
N PRO O 38 45.14 -51.43 16.45
CA PRO O 38 44.47 -50.29 15.85
C PRO O 38 45.36 -49.11 15.72
N GLN O 39 46.29 -48.96 16.65
CA GLN O 39 47.15 -47.76 16.66
C GLN O 39 48.10 -47.83 15.47
N GLY O 40 48.54 -49.03 15.14
CA GLY O 40 49.43 -49.23 14.05
C GLY O 40 48.76 -49.06 12.69
N LYS O 41 47.54 -49.58 12.57
CA LYS O 41 46.80 -49.43 11.32
C LYS O 41 46.41 -47.98 11.13
N ALA O 42 46.08 -47.29 12.22
CA ALA O 42 45.81 -45.87 12.16
C ALA O 42 47.00 -45.11 11.65
N LEU O 43 48.20 -45.46 12.04
CA LEU O 43 49.38 -44.75 11.57
C LEU O 43 49.50 -44.92 10.09
N ASP O 44 49.33 -46.15 9.63
CA ASP O 44 49.49 -46.43 8.26
C ASP O 44 48.44 -45.62 7.48
N LEU O 45 47.21 -45.66 7.95
CA LEU O 45 46.12 -44.95 7.31
C LEU O 45 46.33 -43.42 7.26
N LYS O 46 46.92 -42.83 8.30
CA LYS O 46 47.29 -41.42 8.25
C LYS O 46 48.29 -41.11 7.14
N HIS O 47 49.27 -41.98 6.98
CA HIS O 47 50.29 -41.78 5.93
C HIS O 47 49.66 -41.93 4.55
N PHE O 48 48.71 -42.84 4.47
CA PHE O 48 47.98 -43.11 3.23
C PHE O 48 47.19 -41.87 2.90
N SER O 49 46.47 -41.35 3.91
CA SER O 49 45.72 -40.09 3.83
C SER O 49 46.61 -38.95 3.38
N THR O 50 47.83 -38.85 3.92
CA THR O 50 48.75 -37.77 3.51
C THR O 50 49.19 -37.86 2.04
N ILE O 51 49.39 -39.07 1.53
CA ILE O 51 49.78 -39.23 0.14
C ILE O 51 48.60 -38.87 -0.79
N LEU O 52 47.37 -39.22 -0.42
CA LEU O 52 46.23 -39.07 -1.30
C LEU O 52 45.43 -37.82 -1.03
N GLY O 53 45.93 -36.95 -0.17
CA GLY O 53 45.34 -35.64 0.02
C GLY O 53 44.01 -35.66 0.74
N VAL O 54 43.80 -36.69 1.58
CA VAL O 54 42.62 -36.74 2.43
C VAL O 54 43.05 -36.24 3.76
N ASN O 55 42.17 -35.57 4.47
CA ASN O 55 42.53 -34.89 5.70
C ASN O 55 41.69 -35.23 6.93
N ARG O 56 40.87 -36.26 6.86
CA ARG O 56 40.07 -36.67 8.01
C ARG O 56 40.92 -37.21 9.14
N ASN O 57 40.35 -37.11 10.32
CA ASN O 57 40.98 -37.58 11.51
C ASN O 57 40.85 -39.11 11.69
N ILE O 58 41.90 -39.73 12.23
CA ILE O 58 41.96 -41.17 12.43
C ILE O 58 42.54 -41.49 13.75
N LEU O 59 41.78 -42.21 14.56
CA LEU O 59 42.19 -42.56 15.94
C LEU O 59 42.11 -44.06 16.11
N GLY O 60 43.25 -44.66 16.41
CA GLY O 60 43.32 -46.09 16.77
C GLY O 60 43.24 -46.24 18.29
N THR O 61 42.34 -47.09 18.77
CA THR O 61 42.12 -47.21 20.20
C THR O 61 41.77 -48.63 20.67
N ASN O 62 42.12 -48.91 21.95
CA ASN O 62 41.65 -50.09 22.67
C ASN O 62 40.56 -49.76 23.71
N GLN O 63 40.23 -48.48 23.87
CA GLN O 63 39.21 -48.05 24.82
C GLN O 63 37.90 -47.91 24.11
N ILE O 64 36.98 -48.83 24.36
CA ILE O 64 35.72 -48.79 23.66
C ILE O 64 34.89 -47.54 23.91
N GLU O 65 35.13 -46.84 25.00
CA GLU O 65 34.41 -45.60 25.29
C GLU O 65 34.73 -44.52 24.30
N ASP O 66 35.83 -44.64 23.57
CA ASP O 66 36.11 -43.75 22.40
C ASP O 66 35.13 -43.86 21.22
N ILE O 67 34.27 -44.86 21.24
CA ILE O 67 33.16 -44.99 20.31
C ILE O 67 32.02 -43.91 20.51
N LYS O 68 32.10 -43.07 21.54
CA LYS O 68 31.02 -42.13 21.91
C LYS O 68 30.68 -41.23 20.81
N ASP O 69 29.39 -41.04 20.62
CA ASP O 69 28.89 -40.12 19.61
C ASP O 69 29.26 -40.51 18.17
N ALA O 70 29.59 -41.77 17.92
CA ALA O 70 29.79 -42.26 16.56
C ALA O 70 28.47 -42.16 15.85
N ASP O 71 28.49 -41.67 14.61
CA ASP O 71 27.27 -41.61 13.80
C ASP O 71 27.06 -42.94 13.18
N ILE O 72 28.15 -43.64 12.90
CA ILE O 72 28.12 -44.95 12.25
C ILE O 72 28.99 -45.93 13.02
N ILE O 73 28.55 -47.18 13.10
CA ILE O 73 29.30 -48.28 13.72
C ILE O 73 29.31 -49.51 12.82
N VAL O 74 30.53 -49.99 12.53
CA VAL O 74 30.74 -51.22 11.72
C VAL O 74 31.32 -52.25 12.62
N ILE O 75 30.62 -53.36 12.77
CA ILE O 75 31.05 -54.42 13.63
C ILE O 75 31.58 -55.62 12.86
N THR O 76 32.89 -55.82 12.91
CA THR O 76 33.57 -56.97 12.33
C THR O 76 34.22 -57.85 13.43
N ALA O 77 34.08 -57.48 14.71
CA ALA O 77 34.68 -58.22 15.84
C ALA O 77 34.14 -59.62 15.86
N GLY O 78 35.01 -60.57 16.07
CA GLY O 78 34.60 -61.95 15.99
C GLY O 78 35.61 -62.78 15.26
N VAL O 79 35.38 -64.08 15.30
CA VAL O 79 36.25 -65.05 14.67
C VAL O 79 35.71 -65.35 13.29
N GLN O 80 36.61 -65.60 12.33
CA GLN O 80 36.24 -65.97 10.96
C GLN O 80 36.40 -67.48 10.78
N ARG O 81 35.64 -68.03 9.84
CA ARG O 81 35.67 -69.44 9.57
C ARG O 81 36.86 -69.81 8.69
N LYS O 82 37.35 -71.05 8.88
CA LYS O 82 38.45 -71.64 8.10
C LYS O 82 37.87 -72.60 7.08
N GLU O 83 38.75 -73.15 6.23
CA GLU O 83 38.36 -74.21 5.28
C GLU O 83 37.60 -75.35 5.93
N GLY O 84 36.56 -75.81 5.25
CA GLY O 84 35.75 -76.91 5.74
C GLY O 84 34.63 -76.54 6.70
N MET O 85 34.80 -75.43 7.44
CA MET O 85 33.75 -74.93 8.36
C MET O 85 32.62 -74.24 7.60
N THR O 86 31.43 -74.27 8.18
CA THR O 86 30.33 -73.41 7.76
C THR O 86 30.39 -72.11 8.61
N ARG O 87 29.65 -71.09 8.14
CA ARG O 87 29.48 -69.83 8.89
C ARG O 87 28.77 -70.11 10.23
N GLU O 88 27.84 -71.07 10.22
CA GLU O 88 27.05 -71.51 11.41
C GLU O 88 27.90 -72.13 12.54
N ASP O 89 29.04 -72.75 12.22
CA ASP O 89 29.99 -73.25 13.26
C ASP O 89 30.52 -72.17 14.24
N LEU O 90 30.45 -70.88 13.86
CA LEU O 90 30.94 -69.75 14.68
C LEU O 90 29.90 -69.26 15.71
N ILE O 91 28.68 -69.74 15.55
CA ILE O 91 27.54 -69.35 16.38
C ILE O 91 27.86 -69.19 17.89
N GLY O 92 28.55 -70.16 18.46
CA GLY O 92 28.86 -70.15 19.92
C GLY O 92 29.79 -69.05 20.35
N VAL O 93 30.97 -69.07 19.74
CA VAL O 93 31.95 -68.02 20.04
C VAL O 93 31.56 -66.54 19.66
N ASN O 94 30.94 -66.33 18.48
CA ASN O 94 30.65 -64.95 17.99
C ASN O 94 29.42 -64.31 18.66
N GLY O 95 28.41 -65.13 18.99
CA GLY O 95 27.21 -64.70 19.72
C GLY O 95 27.56 -63.99 21.00
N LYS O 96 28.51 -64.54 21.71
CA LYS O 96 28.99 -63.98 23.00
C LYS O 96 29.68 -62.65 22.75
N ILE O 97 30.57 -62.62 21.75
CA ILE O 97 31.28 -61.38 21.36
C ILE O 97 30.27 -60.30 20.91
N MET O 98 29.32 -60.69 20.07
CA MET O 98 28.34 -59.73 19.59
C MET O 98 27.52 -59.13 20.73
N LYS O 99 27.12 -59.95 21.70
CA LYS O 99 26.39 -59.46 22.89
C LYS O 99 27.18 -58.40 23.69
N SER O 100 28.45 -58.67 23.88
CA SER O 100 29.34 -57.74 24.55
C SER O 100 29.43 -56.43 23.82
N VAL O 101 29.54 -56.48 22.49
CA VAL O 101 29.61 -55.22 21.63
C VAL O 101 28.27 -54.49 21.73
N ALA O 102 27.18 -55.25 21.67
CA ALA O 102 25.84 -54.68 21.84
C ALA O 102 25.72 -53.90 23.12
N GLU O 103 26.16 -54.52 24.22
CA GLU O 103 26.11 -53.85 25.51
C GLU O 103 26.91 -52.55 25.48
N SER O 104 28.11 -52.57 24.87
CA SER O 104 28.95 -51.37 24.80
C SER O 104 28.35 -50.26 23.94
N VAL O 105 27.78 -50.62 22.81
CA VAL O 105 27.07 -49.63 21.97
C VAL O 105 25.87 -49.03 22.72
N LYS O 106 25.11 -49.88 23.40
CA LYS O 106 24.00 -49.44 24.26
C LYS O 106 24.39 -48.28 25.19
N LEU O 107 25.47 -48.42 25.96
CA LEU O 107 25.80 -47.36 26.92
C LEU O 107 26.55 -46.18 26.34
N HIS O 108 27.27 -46.34 25.23
CA HIS O 108 28.23 -45.33 24.77
C HIS O 108 27.74 -44.49 23.57
N CYS O 109 26.97 -45.07 22.65
CA CYS O 109 26.39 -44.30 21.51
C CYS O 109 25.10 -44.88 20.94
N SER O 110 24.02 -44.60 21.64
CA SER O 110 22.75 -45.24 21.33
C SER O 110 22.13 -44.67 20.05
N LYS O 111 22.67 -43.59 19.52
CA LYS O 111 22.07 -42.93 18.34
C LYS O 111 22.69 -43.30 17.00
N ALA O 112 23.65 -44.20 17.03
CA ALA O 112 24.37 -44.62 15.86
C ALA O 112 23.57 -45.53 14.95
N PHE O 113 23.96 -45.54 13.70
CA PHE O 113 23.46 -46.51 12.73
C PHE O 113 24.49 -47.65 12.65
N VAL O 114 24.03 -48.88 12.80
CA VAL O 114 24.93 -50.01 13.10
C VAL O 114 24.91 -51.09 12.02
N ILE O 115 26.07 -51.30 11.39
CA ILE O 115 26.20 -52.27 10.32
C ILE O 115 26.99 -53.43 10.90
N CYS O 116 26.32 -54.57 11.07
CA CYS O 116 26.95 -55.81 11.59
C CYS O 116 27.47 -56.64 10.47
N VAL O 117 28.64 -57.20 10.65
CA VAL O 117 29.31 -58.03 9.65
C VAL O 117 29.79 -59.40 10.13
N SER O 118 30.10 -59.55 11.40
CA SER O 118 30.40 -60.89 11.99
C SER O 118 29.48 -62.05 11.63
N ASN O 119 30.07 -63.22 11.36
CA ASN O 119 29.29 -64.41 10.92
C ASN O 119 28.87 -65.31 12.05
N PRO O 120 27.86 -66.18 11.83
CA PRO O 120 26.95 -66.09 10.65
C PRO O 120 26.08 -64.82 10.67
N LEU O 121 26.07 -64.11 9.53
CA LEU O 121 25.64 -62.76 9.52
C LEU O 121 24.27 -62.58 10.12
N ASP O 122 23.28 -63.24 9.55
CA ASP O 122 21.88 -62.88 9.88
C ASP O 122 21.63 -63.10 11.34
N ILE O 123 22.19 -64.19 11.80
CA ILE O 123 22.04 -64.59 13.20
C ILE O 123 22.64 -63.58 14.19
N MET O 124 23.85 -63.13 13.90
CA MET O 124 24.51 -62.14 14.74
C MET O 124 23.80 -60.75 14.78
N VAL O 125 23.08 -60.38 13.70
CA VAL O 125 22.34 -59.11 13.66
C VAL O 125 21.28 -59.24 14.71
N ASN O 126 20.55 -60.34 14.66
CA ASN O 126 19.50 -60.59 15.63
C ASN O 126 20.03 -60.58 17.10
N VAL O 127 21.22 -61.14 17.34
CA VAL O 127 21.85 -61.04 18.64
C VAL O 127 22.10 -59.59 18.97
N PHE O 128 22.72 -58.85 18.07
CA PHE O 128 22.99 -57.42 18.37
C PHE O 128 21.71 -56.64 18.73
N HIS O 129 20.62 -56.89 18.00
CA HIS O 129 19.37 -56.17 18.26
C HIS O 129 18.91 -56.47 19.71
N LYS O 130 18.88 -57.75 20.06
CA LYS O 130 18.42 -58.18 21.36
C LYS O 130 19.08 -57.42 22.52
N PHE O 131 20.39 -57.24 22.48
CA PHE O 131 21.12 -56.74 23.67
C PHE O 131 21.48 -55.28 23.59
N SER O 132 21.21 -54.65 22.46
CA SER O 132 21.69 -53.32 22.22
C SER O 132 20.68 -52.28 22.62
N ASN O 133 19.40 -52.62 22.52
CA ASN O 133 18.37 -51.69 22.87
C ASN O 133 18.32 -50.50 21.89
N LEU O 134 18.58 -50.75 20.60
CA LEU O 134 18.49 -49.73 19.61
C LEU O 134 17.25 -50.00 18.74
N PRO O 135 16.75 -48.95 18.08
CA PRO O 135 15.60 -49.16 17.24
C PRO O 135 15.98 -50.14 16.12
N HIS O 136 15.06 -50.99 15.70
CA HIS O 136 15.40 -51.96 14.68
C HIS O 136 15.78 -51.40 13.26
N GLU O 137 15.23 -50.25 12.85
CA GLU O 137 15.68 -49.62 11.61
C GLU O 137 17.12 -49.13 11.70
N LYS O 138 17.64 -48.85 12.89
CA LYS O 138 19.05 -48.42 13.05
C LYS O 138 20.11 -49.56 13.07
N ILE O 139 19.70 -50.79 12.79
CA ILE O 139 20.58 -51.96 12.81
C ILE O 139 20.37 -52.76 11.57
N CYS O 140 21.44 -53.22 10.99
CA CYS O 140 21.32 -54.05 9.80
C CYS O 140 22.59 -54.80 9.67
N GLY O 141 22.62 -55.68 8.66
CA GLY O 141 23.86 -56.43 8.36
C GLY O 141 24.13 -56.50 6.88
N MET O 142 25.40 -56.44 6.49
CA MET O 142 25.71 -56.50 5.08
C MET O 142 25.95 -57.92 4.69
N ALA O 143 25.26 -58.34 3.64
CA ALA O 143 25.48 -59.61 2.99
C ALA O 143 24.95 -59.65 1.58
N GLY O 144 23.66 -59.37 1.41
CA GLY O 144 23.08 -59.31 0.05
C GLY O 144 23.95 -58.58 -1.00
N ILE O 145 24.57 -57.48 -0.63
CA ILE O 145 25.22 -56.62 -1.62
C ILE O 145 26.38 -57.45 -2.14
N LEU O 146 26.97 -58.22 -1.24
CA LEU O 146 28.13 -59.03 -1.59
C LEU O 146 27.67 -60.16 -2.48
N ASP O 147 26.60 -60.82 -2.12
CA ASP O 147 26.16 -61.99 -2.85
C ASP O 147 25.67 -61.56 -4.23
N THR O 148 24.96 -60.43 -4.27
CA THR O 148 24.49 -59.83 -5.49
C THR O 148 25.64 -59.44 -6.40
N SER O 149 26.66 -58.82 -5.85
CA SER O 149 27.82 -58.50 -6.66
C SER O 149 28.41 -59.78 -7.34
N ARG O 150 28.42 -60.90 -6.64
CA ARG O 150 29.04 -62.10 -7.14
C ARG O 150 28.16 -62.65 -8.24
N TYR O 151 26.87 -62.79 -7.97
CA TYR O 151 25.94 -63.28 -8.96
C TYR O 151 25.95 -62.36 -10.26
N CYS O 152 25.86 -61.05 -10.09
CA CYS O 152 25.82 -60.10 -11.20
C CYS O 152 27.12 -60.15 -11.96
N SER O 153 28.22 -60.23 -11.22
CA SER O 153 29.54 -60.39 -11.85
C SER O 153 29.57 -61.61 -12.78
N LEU O 154 29.03 -62.75 -12.33
CA LEU O 154 29.08 -64.01 -13.13
C LEU O 154 28.15 -63.90 -14.34
N ILE O 155 26.96 -63.32 -14.14
CA ILE O 155 25.98 -63.07 -15.23
C ILE O 155 26.59 -62.18 -16.27
N ALA O 156 27.20 -61.08 -15.84
CA ALA O 156 27.91 -60.18 -16.75
C ALA O 156 28.97 -60.87 -17.58
N ASP O 157 29.81 -61.69 -16.96
CA ASP O 157 30.84 -62.47 -17.68
C ASP O 157 30.23 -63.35 -18.77
N LYS O 158 29.15 -64.08 -18.45
CA LYS O 158 28.58 -65.05 -19.39
C LYS O 158 27.93 -64.33 -20.54
N LEU O 159 27.38 -63.14 -20.30
CA LEU O 159 26.69 -62.36 -21.33
C LEU O 159 27.61 -61.44 -22.11
N LYS O 160 28.89 -61.46 -21.77
CA LYS O 160 29.88 -60.57 -22.37
C LYS O 160 29.42 -59.11 -22.26
N VAL O 161 28.98 -58.69 -21.08
CA VAL O 161 28.59 -57.29 -20.84
C VAL O 161 29.26 -56.77 -19.62
N SER O 162 29.27 -55.45 -19.52
CA SER O 162 29.70 -54.76 -18.33
C SER O 162 28.86 -55.17 -17.12
N ALA O 163 29.54 -55.42 -16.00
CA ALA O 163 28.85 -55.67 -14.73
C ALA O 163 28.24 -54.42 -14.20
N GLU O 164 28.70 -53.27 -14.69
CA GLU O 164 28.25 -51.98 -14.16
C GLU O 164 26.75 -51.82 -13.97
N ASP O 165 25.95 -52.28 -14.91
CA ASP O 165 24.51 -52.05 -14.76
C ASP O 165 23.71 -53.33 -14.79
N VAL O 166 24.35 -54.41 -14.33
CA VAL O 166 23.65 -55.65 -14.07
C VAL O 166 23.21 -55.53 -12.65
N ASN O 167 21.91 -55.57 -12.47
CA ASN O 167 21.30 -55.54 -11.13
C ASN O 167 20.48 -56.77 -10.82
N ALA O 168 20.43 -57.11 -9.54
CA ALA O 168 19.69 -58.29 -9.13
C ALA O 168 19.25 -58.20 -7.68
N VAL O 169 18.22 -58.94 -7.38
CA VAL O 169 17.76 -59.13 -6.05
C VAL O 169 18.10 -60.54 -5.56
N ILE O 170 18.78 -60.63 -4.42
CA ILE O 170 18.98 -61.95 -3.73
C ILE O 170 18.41 -61.84 -2.33
N LEU O 171 17.43 -62.72 -2.06
CA LEU O 171 16.75 -62.75 -0.77
C LEU O 171 17.32 -63.80 0.10
N GLY O 172 17.18 -63.61 1.40
CA GLY O 172 17.43 -64.68 2.38
C GLY O 172 18.79 -64.62 3.03
N GLY O 173 19.00 -65.60 3.88
CA GLY O 173 20.18 -65.65 4.73
C GLY O 173 21.43 -65.72 3.90
N HIS O 174 22.50 -65.16 4.46
CA HIS O 174 23.81 -65.20 3.85
C HIS O 174 24.37 -66.63 4.06
N GLY O 175 24.00 -67.52 3.15
CA GLY O 175 24.36 -68.90 3.28
C GLY O 175 23.83 -69.69 2.12
N ASP O 176 23.86 -71.01 2.25
CA ASP O 176 23.44 -71.98 1.22
C ASP O 176 21.97 -71.89 0.82
N LEU O 177 21.16 -71.22 1.64
CA LEU O 177 19.75 -70.99 1.34
C LEU O 177 19.42 -69.58 0.74
N MET O 178 20.40 -68.88 0.17
CA MET O 178 20.12 -67.70 -0.65
C MET O 178 19.10 -68.00 -1.73
N VAL O 179 18.29 -67.00 -2.07
CA VAL O 179 17.32 -67.10 -3.15
C VAL O 179 17.56 -65.98 -4.18
N PRO O 180 18.38 -66.25 -5.23
CA PRO O 180 18.54 -65.24 -6.29
C PRO O 180 17.31 -65.25 -7.15
N LEU O 181 16.80 -64.09 -7.49
CA LEU O 181 15.58 -63.99 -8.28
C LEU O 181 15.86 -63.59 -9.73
N GLN O 182 15.74 -64.56 -10.62
CA GLN O 182 15.92 -64.36 -12.05
C GLN O 182 14.99 -63.30 -12.59
N ARG O 183 13.73 -63.35 -12.17
CA ARG O 183 12.76 -62.33 -12.53
C ARG O 183 13.26 -60.93 -12.24
N TYR O 184 14.00 -60.79 -11.13
CA TYR O 184 14.49 -59.49 -10.65
C TYR O 184 15.95 -59.32 -10.94
N THR O 185 16.37 -59.82 -12.09
CA THR O 185 17.68 -59.59 -12.59
C THR O 185 17.59 -58.85 -13.93
N SER O 186 18.33 -57.75 -14.09
CA SER O 186 18.30 -56.97 -15.32
C SER O 186 19.67 -56.51 -15.72
N VAL O 187 19.81 -56.20 -17.02
CA VAL O 187 21.03 -55.69 -17.62
C VAL O 187 20.66 -54.37 -18.23
N ASN O 188 21.11 -53.33 -17.58
CA ASN O 188 20.70 -51.93 -17.84
C ASN O 188 19.24 -51.74 -18.18
N GLY O 189 18.41 -52.39 -17.42
CA GLY O 189 16.97 -52.32 -17.59
C GLY O 189 16.28 -53.48 -18.28
N VAL O 190 17.04 -54.20 -19.10
CA VAL O 190 16.51 -55.34 -19.83
C VAL O 190 16.49 -56.63 -18.97
N PRO O 191 15.29 -57.25 -18.77
CA PRO O 191 15.22 -58.46 -17.92
C PRO O 191 16.08 -59.61 -18.43
N LEU O 192 16.62 -60.40 -17.51
CA LEU O 192 17.47 -61.54 -17.85
C LEU O 192 16.77 -62.45 -18.83
N SER O 193 15.44 -62.56 -18.70
CA SER O 193 14.61 -63.48 -19.50
C SER O 193 14.72 -63.19 -20.98
N GLU O 194 15.04 -61.93 -21.31
CA GLU O 194 15.24 -61.54 -22.73
C GLU O 194 16.52 -62.14 -23.30
N PHE O 195 17.53 -62.26 -22.46
CA PHE O 195 18.78 -62.87 -22.88
C PHE O 195 18.65 -64.40 -23.05
N VAL O 196 17.75 -65.04 -22.30
CA VAL O 196 17.52 -66.49 -22.46
C VAL O 196 16.81 -66.70 -23.81
N LYS O 197 15.79 -65.87 -24.09
CA LYS O 197 15.03 -65.93 -25.37
C LYS O 197 15.89 -65.67 -26.58
N LYS O 198 16.86 -64.79 -26.43
CA LYS O 198 17.82 -64.51 -27.46
C LYS O 198 18.93 -65.57 -27.55
N ASN O 199 18.83 -66.64 -26.74
CA ASN O 199 19.88 -67.70 -26.64
C ASN O 199 21.32 -67.23 -26.29
N MET O 200 21.45 -66.07 -25.63
CA MET O 200 22.74 -65.65 -25.15
C MET O 200 23.15 -66.31 -23.83
N ILE O 201 22.20 -66.97 -23.15
CA ILE O 201 22.46 -67.68 -21.89
C ILE O 201 21.36 -68.71 -21.70
N SER O 202 21.67 -69.83 -21.03
CA SER O 202 20.68 -70.91 -20.80
C SER O 202 20.29 -71.07 -19.35
N GLN O 203 19.15 -71.70 -19.12
CA GLN O 203 18.65 -71.91 -17.75
C GLN O 203 19.66 -72.68 -16.90
N ASN O 204 20.36 -73.61 -17.55
CA ASN O 204 21.38 -74.42 -16.88
C ASN O 204 22.58 -73.58 -16.49
N GLU O 205 23.05 -72.75 -17.41
CA GLU O 205 24.15 -71.80 -17.14
C GLU O 205 23.84 -70.87 -15.93
N ILE O 206 22.57 -70.43 -15.85
CA ILE O 206 22.08 -69.64 -14.72
C ILE O 206 22.12 -70.44 -13.38
N GLN O 207 21.70 -71.70 -13.42
CA GLN O 207 21.70 -72.55 -12.19
C GLN O 207 23.13 -72.80 -11.69
N GLU O 208 24.02 -73.00 -12.66
CA GLU O 208 25.45 -73.07 -12.43
C GLU O 208 25.98 -71.80 -11.70
N ILE O 209 25.64 -70.64 -12.27
CA ILE O 209 25.94 -69.32 -11.68
C ILE O 209 25.39 -69.12 -10.26
N ILE O 210 24.14 -69.53 -10.04
CA ILE O 210 23.55 -69.55 -8.67
C ILE O 210 24.37 -70.38 -7.71
N GLN O 211 24.81 -71.56 -8.16
CA GLN O 211 25.62 -72.45 -7.32
C GLN O 211 26.97 -71.87 -6.98
N LYS O 212 27.65 -71.29 -7.99
CA LYS O 212 28.90 -70.58 -7.71
C LYS O 212 28.74 -69.38 -6.77
N THR O 213 27.61 -68.71 -6.86
CA THR O 213 27.33 -67.61 -5.98
C THR O 213 27.20 -68.07 -4.54
N ARG O 214 26.48 -69.19 -4.34
CA ARG O 214 26.30 -69.79 -2.98
C ARG O 214 27.61 -70.20 -2.35
N ASN O 215 28.46 -70.87 -3.12
CA ASN O 215 29.75 -71.40 -2.60
C ASN O 215 30.90 -70.42 -2.63
N MET O 216 30.68 -69.20 -3.17
CA MET O 216 31.76 -68.27 -3.45
C MET O 216 32.56 -67.90 -2.19
N GLY O 217 31.86 -67.62 -1.10
CA GLY O 217 32.54 -67.37 0.21
C GLY O 217 33.55 -68.45 0.56
N ALA O 218 33.12 -69.72 0.44
CA ALA O 218 33.98 -70.88 0.77
C ALA O 218 35.12 -71.02 -0.27
N GLU O 219 34.82 -70.78 -1.55
CA GLU O 219 35.79 -70.92 -2.63
C GLU O 219 36.96 -69.96 -2.50
N ILE O 220 36.68 -68.75 -2.07
CA ILE O 220 37.73 -67.78 -1.78
C ILE O 220 38.56 -68.21 -0.55
N ILE O 221 37.91 -68.72 0.50
CA ILE O 221 38.64 -69.25 1.68
C ILE O 221 39.62 -70.34 1.23
N LYS O 222 39.12 -71.26 0.41
CA LYS O 222 39.93 -72.39 -0.10
C LYS O 222 41.12 -71.88 -0.89
N LEU O 223 40.90 -70.95 -1.82
CA LEU O 223 41.98 -70.44 -2.71
C LEU O 223 42.92 -69.46 -2.01
N ALA O 224 42.37 -68.41 -1.44
CA ALA O 224 43.17 -67.40 -0.78
C ALA O 224 43.65 -67.75 0.64
N LYS O 225 43.13 -68.83 1.24
CA LYS O 225 43.48 -69.21 2.63
C LYS O 225 43.04 -68.14 3.68
N ALA O 226 42.21 -67.19 3.26
CA ALA O 226 41.61 -66.19 4.14
C ALA O 226 40.29 -65.81 3.51
N SER O 227 39.41 -65.24 4.31
CA SER O 227 38.09 -64.94 3.80
C SER O 227 38.16 -63.63 3.03
N ALA O 228 37.20 -63.46 2.14
CA ALA O 228 37.11 -62.25 1.33
C ALA O 228 37.18 -61.01 2.23
N ALA O 229 37.91 -60.00 1.80
CA ALA O 229 38.02 -58.71 2.53
C ALA O 229 37.65 -57.43 1.69
N PHE O 230 38.06 -57.35 0.40
CA PHE O 230 37.84 -56.14 -0.38
C PHE O 230 36.37 -55.89 -0.74
N ALA O 231 35.72 -56.90 -1.29
CA ALA O 231 34.32 -56.76 -1.63
C ALA O 231 33.46 -56.49 -0.41
N PRO O 232 33.64 -57.25 0.67
CA PRO O 232 32.83 -56.95 1.87
C PRO O 232 32.97 -55.51 2.37
N ALA O 233 34.18 -55.01 2.32
CA ALA O 233 34.42 -53.63 2.70
C ALA O 233 33.73 -52.59 1.74
N ALA O 234 33.70 -52.88 0.44
CA ALA O 234 33.07 -52.02 -0.53
C ALA O 234 31.55 -52.03 -0.27
N ALA O 235 30.97 -53.19 -0.10
CA ALA O 235 29.60 -53.30 0.21
C ALA O 235 29.24 -52.50 1.44
N ILE O 236 30.02 -52.62 2.51
CA ILE O 236 29.78 -51.90 3.77
C ILE O 236 29.77 -50.39 3.55
N THR O 237 30.84 -49.93 2.92
CA THR O 237 30.96 -48.52 2.50
C THR O 237 29.76 -48.00 1.67
N LYS O 238 29.20 -48.82 0.78
CA LYS O 238 28.04 -48.43 0.01
C LYS O 238 26.86 -48.21 0.92
N MET O 239 26.72 -49.08 1.95
CA MET O 239 25.65 -48.92 2.97
C MET O 239 25.87 -47.74 3.94
N ILE O 240 27.11 -47.44 4.23
CA ILE O 240 27.39 -46.24 4.97
C ILE O 240 26.94 -44.95 4.17
N LYS O 241 27.27 -44.93 2.87
CA LYS O 241 27.11 -43.79 2.00
C LYS O 241 25.63 -43.51 1.86
N SER O 242 24.88 -44.59 1.69
CA SER O 242 23.46 -44.46 1.57
C SER O 242 22.80 -43.84 2.79
N TYR O 243 23.40 -44.10 3.96
CA TYR O 243 22.89 -43.53 5.24
C TYR O 243 23.31 -42.10 5.45
N LEU O 244 24.58 -41.84 5.41
CA LEU O 244 25.11 -40.53 5.55
C LEU O 244 24.57 -39.46 4.53
N TYR O 245 24.37 -39.85 3.25
CA TYR O 245 23.99 -38.96 2.25
C TYR O 245 22.50 -39.07 2.00
N ASN O 246 21.77 -39.74 2.87
CA ASN O 246 20.32 -39.88 2.68
C ASN O 246 19.93 -40.28 1.25
N GLU O 247 20.58 -41.29 0.70
CA GLU O 247 20.38 -41.62 -0.71
C GLU O 247 19.15 -42.43 -1.01
N ASN O 248 18.72 -43.24 -0.03
CA ASN O 248 17.52 -44.05 -0.24
C ASN O 248 17.66 -45.16 -1.28
N ASN O 249 18.85 -45.72 -1.34
CA ASN O 249 19.15 -46.76 -2.29
C ASN O 249 18.53 -48.04 -1.90
N LEU O 250 18.22 -48.85 -2.88
CA LEU O 250 17.50 -50.10 -2.69
C LEU O 250 18.53 -51.18 -2.86
N PHE O 251 18.90 -51.79 -1.74
CA PHE O 251 19.80 -52.94 -1.63
C PHE O 251 19.11 -54.21 -1.05
N THR O 252 19.86 -55.29 -0.98
CA THR O 252 19.49 -56.43 -0.15
C THR O 252 20.48 -56.51 0.99
N CYS O 253 19.93 -56.60 2.18
CA CYS O 253 20.73 -56.65 3.39
C CYS O 253 19.90 -57.31 4.50
N ALA O 254 20.55 -57.69 5.59
CA ALA O 254 19.87 -58.19 6.74
C ALA O 254 19.15 -57.02 7.43
N VAL O 255 17.82 -57.13 7.50
CA VAL O 255 16.97 -56.05 7.96
C VAL O 255 15.78 -56.60 8.77
N TYR O 256 15.24 -55.78 9.69
CA TYR O 256 14.10 -56.19 10.50
C TYR O 256 12.86 -56.34 9.62
N LEU O 257 12.38 -57.54 9.46
CA LEU O 257 11.09 -57.76 8.84
C LEU O 257 9.98 -57.63 9.87
N ASN O 258 8.85 -57.08 9.40
CA ASN O 258 7.70 -56.79 10.18
C ASN O 258 6.45 -56.91 9.41
N GLY O 259 6.10 -58.15 9.06
CA GLY O 259 4.91 -58.45 8.24
C GLY O 259 5.23 -58.46 6.74
N HIS O 260 6.48 -58.19 6.41
CA HIS O 260 6.98 -58.36 5.07
C HIS O 260 7.43 -59.79 4.73
N TYR O 261 7.01 -60.27 3.57
CA TYR O 261 7.27 -61.63 3.11
C TYR O 261 6.83 -62.72 4.09
N ASN O 262 5.66 -62.55 4.69
CA ASN O 262 5.07 -63.46 5.70
C ASN O 262 5.95 -63.70 6.93
N CYS O 263 6.76 -62.71 7.28
CA CYS O 263 7.73 -62.86 8.34
C CYS O 263 7.65 -61.65 9.22
N SER O 264 7.77 -61.88 10.52
CA SER O 264 7.77 -60.81 11.50
C SER O 264 8.77 -61.09 12.60
N ASN O 265 9.28 -60.05 13.21
CA ASN O 265 10.19 -60.17 14.34
C ASN O 265 11.52 -60.92 14.13
N LEU O 266 12.17 -60.62 13.02
CA LEU O 266 13.42 -61.26 12.66
C LEU O 266 14.20 -60.37 11.68
N PHE O 267 15.50 -60.26 11.92
CA PHE O 267 16.44 -59.73 10.98
C PHE O 267 16.81 -60.85 10.01
N VAL O 268 16.66 -60.57 8.70
CA VAL O 268 17.07 -61.51 7.66
C VAL O 268 17.30 -60.80 6.37
N GLY O 269 18.13 -61.36 5.50
CA GLY O 269 18.40 -60.78 4.19
C GLY O 269 17.15 -60.52 3.35
N SER O 270 16.94 -59.26 3.00
CA SER O 270 15.74 -58.85 2.27
C SER O 270 16.01 -57.60 1.51
N THR O 271 15.09 -57.29 0.62
CA THR O 271 15.10 -56.02 -0.03
C THR O 271 14.85 -54.88 0.95
N ALA O 272 15.70 -53.87 0.94
CA ALA O 272 15.51 -52.68 1.78
C ALA O 272 16.10 -51.41 1.26
N LYS O 273 15.61 -50.30 1.77
CA LYS O 273 16.12 -48.99 1.40
C LYS O 273 16.92 -48.48 2.58
N ILE O 274 18.02 -47.79 2.33
CA ILE O 274 18.76 -47.17 3.37
C ILE O 274 18.83 -45.68 3.19
N ASN O 275 18.46 -44.94 4.21
CA ASN O 275 18.48 -43.50 4.20
C ASN O 275 18.88 -42.94 5.62
N ASN O 276 18.81 -41.61 5.79
CA ASN O 276 18.97 -40.87 7.06
C ASN O 276 18.49 -41.55 8.35
N LYS O 277 17.36 -42.23 8.23
CA LYS O 277 16.60 -42.75 9.31
C LYS O 277 16.91 -44.24 9.52
N GLY O 278 17.72 -44.89 8.66
CA GLY O 278 18.11 -46.26 8.80
C GLY O 278 17.72 -47.18 7.64
N ALA O 279 17.58 -48.48 7.93
CA ALA O 279 17.26 -49.54 6.95
C ALA O 279 15.83 -49.98 7.04
N HIS O 280 15.13 -49.93 5.90
CA HIS O 280 13.68 -50.06 5.89
C HIS O 280 13.42 -51.14 4.89
N PRO O 281 12.82 -52.23 5.34
CA PRO O 281 12.39 -53.21 4.37
C PRO O 281 11.36 -52.74 3.34
N VAL O 282 11.37 -53.40 2.17
CA VAL O 282 10.35 -53.17 1.16
C VAL O 282 9.90 -54.53 0.66
N GLU O 283 8.59 -54.76 0.57
CA GLU O 283 8.05 -56.03 0.07
C GLU O 283 7.75 -55.90 -1.44
N PHE O 284 8.29 -56.81 -2.25
CA PHE O 284 7.89 -56.98 -3.65
C PHE O 284 7.08 -58.28 -3.89
N PRO O 285 6.21 -58.31 -4.92
CA PRO O 285 5.26 -59.40 -5.08
C PRO O 285 5.96 -60.62 -5.59
N LEU O 286 6.19 -61.59 -4.71
CA LEU O 286 6.82 -62.86 -5.09
C LEU O 286 5.79 -63.87 -5.62
N THR O 287 6.22 -64.78 -6.50
CA THR O 287 5.41 -65.96 -6.84
C THR O 287 5.36 -66.92 -5.63
N LYS O 288 4.44 -67.88 -5.66
CA LYS O 288 4.34 -68.91 -4.58
C LYS O 288 5.66 -69.62 -4.39
N GLU O 289 6.26 -70.02 -5.50
CA GLU O 289 7.48 -70.81 -5.47
C GLU O 289 8.65 -70.01 -4.90
N GLU O 290 8.74 -68.75 -5.28
CA GLU O 290 9.76 -67.86 -4.80
C GLU O 290 9.61 -67.68 -3.29
N GLN O 291 8.40 -67.36 -2.86
CA GLN O 291 8.08 -67.13 -1.43
C GLN O 291 8.29 -68.36 -0.57
N ASP O 292 7.97 -69.52 -1.14
CA ASP O 292 8.29 -70.82 -0.51
C ASP O 292 9.80 -71.01 -0.24
N LEU O 293 10.62 -70.81 -1.27
CA LEU O 293 12.06 -70.83 -1.09
C LEU O 293 12.48 -69.85 0.03
N TYR O 294 11.95 -68.64 -0.05
CA TYR O 294 12.38 -67.56 0.84
C TYR O 294 12.01 -67.97 2.26
N THR O 295 10.78 -68.45 2.47
CA THR O 295 10.29 -68.90 3.78
C THR O 295 11.16 -70.04 4.36
N GLU O 296 11.55 -70.96 3.51
CA GLU O 296 12.53 -71.96 3.91
C GLU O 296 13.84 -71.33 4.45
N SER O 297 14.40 -70.33 3.76
CA SER O 297 15.64 -69.66 4.19
C SER O 297 15.38 -68.99 5.57
N ILE O 298 14.22 -68.35 5.67
CA ILE O 298 13.80 -67.63 6.86
C ILE O 298 13.65 -68.58 8.05
N ALA O 299 13.15 -69.78 7.80
CA ALA O 299 13.12 -70.84 8.83
C ALA O 299 14.49 -71.19 9.44
N SER O 300 15.50 -71.46 8.61
CA SER O 300 16.89 -71.67 9.12
C SER O 300 17.34 -70.54 10.00
N VAL O 301 17.13 -69.31 9.51
CA VAL O 301 17.61 -68.12 10.23
C VAL O 301 16.87 -68.04 11.59
N GLN O 302 15.56 -68.27 11.59
CA GLN O 302 14.80 -68.48 12.85
C GLN O 302 15.42 -69.47 13.85
N SER O 303 15.59 -70.73 13.40
CA SER O 303 16.15 -71.83 14.19
C SER O 303 17.50 -71.46 14.78
N ASN O 304 18.43 -71.08 13.91
CA ASN O 304 19.78 -70.77 14.31
C ASN O 304 19.84 -69.59 15.27
N THR O 305 18.89 -68.67 15.15
CA THR O 305 18.85 -67.46 15.96
C THR O 305 18.43 -67.81 17.33
N GLN O 306 17.43 -68.67 17.42
CA GLN O 306 17.08 -69.31 18.70
C GLN O 306 18.28 -70.09 19.36
N LYS O 307 18.88 -71.00 18.59
CA LYS O 307 20.11 -71.66 18.96
C LYS O 307 21.11 -70.66 19.55
N ALA O 308 21.28 -69.53 18.88
CA ALA O 308 22.30 -68.54 19.32
C ALA O 308 21.95 -67.95 20.67
N PHE O 309 20.68 -67.60 20.87
CA PHE O 309 20.19 -67.07 22.14
C PHE O 309 20.33 -68.10 23.27
N ASP O 310 19.97 -69.35 22.97
CA ASP O 310 20.17 -70.47 23.91
C ASP O 310 21.65 -70.61 24.36
N LEU O 311 22.56 -70.72 23.39
CA LEU O 311 23.99 -70.89 23.67
C LEU O 311 24.58 -69.72 24.47
N ILE O 312 23.87 -68.58 24.54
CA ILE O 312 24.19 -67.39 25.39
C ILE O 312 23.31 -67.43 26.88
N LYS O 313 23.14 -68.61 27.44
CA LYS O 313 22.85 -68.72 28.93
C LYS O 313 23.63 -69.92 29.51
N MET P 1 43.29 -50.82 -22.30
CA MET P 1 44.45 -51.52 -23.00
C MET P 1 45.75 -51.65 -22.13
N THR P 2 46.04 -50.66 -21.27
CA THR P 2 47.18 -50.66 -20.32
C THR P 2 47.19 -51.90 -19.43
N LYS P 3 48.32 -52.58 -19.35
CA LYS P 3 48.46 -53.76 -18.49
C LYS P 3 49.39 -53.47 -17.34
N ILE P 4 48.87 -53.64 -16.12
CA ILE P 4 49.65 -53.46 -14.91
C ILE P 4 49.88 -54.84 -14.25
N ALA P 5 51.15 -55.21 -14.11
CA ALA P 5 51.52 -56.50 -13.49
C ALA P 5 52.09 -56.33 -12.12
N LEU P 6 51.45 -57.02 -11.19
CA LEU P 6 51.85 -57.01 -9.80
C LEU P 6 52.57 -58.32 -9.53
N ILE P 7 53.89 -58.23 -9.44
CA ILE P 7 54.69 -59.37 -9.10
C ILE P 7 54.82 -59.46 -7.57
N GLY P 8 53.97 -60.30 -7.00
CA GLY P 8 53.77 -60.39 -5.57
C GLY P 8 52.33 -59.99 -5.30
N SER P 9 51.58 -60.91 -4.71
CA SER P 9 50.15 -60.68 -4.37
C SER P 9 49.85 -60.60 -2.88
N GLY P 10 50.82 -60.11 -2.10
CA GLY P 10 50.61 -59.87 -0.68
C GLY P 10 49.78 -58.62 -0.42
N GLN P 11 49.88 -58.10 0.81
CA GLN P 11 49.12 -56.95 1.22
C GLN P 11 49.27 -55.77 0.29
N ILE P 12 50.52 -55.40 0.06
CA ILE P 12 50.82 -54.24 -0.73
C ILE P 12 50.34 -54.39 -2.17
N GLY P 13 50.70 -55.50 -2.82
CA GLY P 13 50.28 -55.77 -4.17
C GLY P 13 48.77 -55.67 -4.33
N ALA P 14 48.02 -56.29 -3.41
CA ALA P 14 46.55 -56.33 -3.54
C ALA P 14 45.98 -54.95 -3.43
N ILE P 15 46.49 -54.17 -2.48
CA ILE P 15 45.99 -52.82 -2.29
C ILE P 15 46.33 -51.94 -3.49
N VAL P 16 47.57 -52.02 -3.99
CA VAL P 16 47.95 -51.37 -5.25
C VAL P 16 46.95 -51.74 -6.33
N GLY P 17 46.64 -53.02 -6.44
CA GLY P 17 45.67 -53.47 -7.41
C GLY P 17 44.32 -52.84 -7.17
N GLU P 18 43.96 -52.72 -5.89
CA GLU P 18 42.72 -52.06 -5.54
C GLU P 18 42.67 -50.58 -6.01
N LEU P 19 43.74 -49.86 -5.70
CA LEU P 19 43.81 -48.44 -6.01
C LEU P 19 43.84 -48.25 -7.52
N CYS P 20 44.52 -49.14 -8.24
CA CYS P 20 44.58 -49.05 -9.69
C CYS P 20 43.19 -49.25 -10.30
N LEU P 21 42.40 -50.12 -9.69
CA LEU P 21 41.01 -50.29 -10.10
C LEU P 21 40.17 -49.10 -9.81
N LEU P 22 40.33 -48.50 -8.65
CA LEU P 22 39.57 -47.26 -8.32
C LEU P 22 39.73 -46.10 -9.29
N GLU P 23 40.94 -45.90 -9.79
CA GLU P 23 41.20 -44.87 -10.82
C GLU P 23 41.22 -45.39 -12.26
N ASN P 24 40.74 -46.61 -12.51
CA ASN P 24 40.76 -47.16 -13.85
C ASN P 24 42.15 -47.10 -14.55
N LEU P 25 43.26 -47.30 -13.83
CA LEU P 25 44.57 -47.12 -14.42
C LEU P 25 44.90 -48.16 -15.44
N GLY P 26 44.33 -49.35 -15.32
CA GLY P 26 44.66 -50.43 -16.26
C GLY P 26 44.10 -51.77 -15.89
N ASP P 27 44.20 -52.71 -16.81
CA ASP P 27 43.96 -54.12 -16.48
C ASP P 27 45.02 -54.64 -15.51
N LEU P 28 44.62 -55.51 -14.59
CA LEU P 28 45.57 -56.07 -13.65
C LEU P 28 45.97 -57.47 -13.97
N ILE P 29 47.24 -57.73 -13.72
CA ILE P 29 47.76 -59.11 -13.68
C ILE P 29 48.38 -59.29 -12.31
N LEU P 30 47.68 -60.07 -11.50
CA LEU P 30 48.13 -60.46 -10.18
C LEU P 30 48.90 -61.76 -10.24
N TYR P 31 50.21 -61.65 -10.01
CA TYR P 31 51.13 -62.82 -10.00
C TYR P 31 51.67 -63.10 -8.58
N ASP P 32 51.72 -64.38 -8.24
CA ASP P 32 52.47 -64.83 -7.09
C ASP P 32 52.99 -66.23 -7.35
N VAL P 33 54.04 -66.58 -6.60
CA VAL P 33 54.62 -67.92 -6.67
C VAL P 33 53.67 -68.96 -6.00
N VAL P 34 53.01 -68.59 -4.91
CA VAL P 34 52.13 -69.50 -4.14
C VAL P 34 50.83 -69.81 -4.86
N PRO P 35 50.53 -71.08 -5.17
CA PRO P 35 49.32 -71.35 -5.95
C PRO P 35 48.03 -71.00 -5.22
N GLY P 36 47.03 -70.58 -6.01
CA GLY P 36 45.72 -70.19 -5.50
C GLY P 36 45.59 -68.77 -4.94
N ILE P 37 46.64 -68.21 -4.35
CA ILE P 37 46.53 -66.90 -3.69
C ILE P 37 46.09 -65.78 -4.65
N PRO P 38 46.78 -65.61 -5.82
CA PRO P 38 46.39 -64.55 -6.75
C PRO P 38 45.03 -64.77 -7.34
N GLN P 39 44.62 -66.03 -7.51
CA GLN P 39 43.32 -66.33 -8.11
C GLN P 39 42.19 -65.93 -7.16
N GLY P 40 42.41 -66.16 -5.86
CA GLY P 40 41.46 -65.79 -4.83
C GLY P 40 41.33 -64.30 -4.52
N LYS P 41 42.45 -63.60 -4.51
CA LYS P 41 42.41 -62.15 -4.42
C LYS P 41 41.81 -61.51 -5.69
N ALA P 42 42.09 -62.08 -6.87
CA ALA P 42 41.47 -61.60 -8.13
C ALA P 42 39.98 -61.76 -8.10
N LEU P 43 39.48 -62.85 -7.52
CA LEU P 43 38.03 -62.99 -7.37
C LEU P 43 37.44 -61.89 -6.50
N ASP P 44 38.10 -61.67 -5.37
CA ASP P 44 37.64 -60.63 -4.46
C ASP P 44 37.62 -59.22 -5.13
N LEU P 45 38.72 -58.90 -5.78
CA LEU P 45 38.87 -57.67 -6.49
C LEU P 45 37.86 -57.50 -7.67
N LYS P 46 37.48 -58.58 -8.37
CA LYS P 46 36.36 -58.51 -9.32
C LYS P 46 35.03 -58.10 -8.67
N HIS P 47 34.74 -58.67 -7.52
CA HIS P 47 33.50 -58.41 -6.82
C HIS P 47 33.51 -56.98 -6.26
N PHE P 48 34.70 -56.54 -5.86
CA PHE P 48 34.93 -55.17 -5.39
C PHE P 48 34.64 -54.21 -6.57
N SER P 49 35.25 -54.51 -7.72
CA SER P 49 35.02 -53.78 -9.00
C SER P 49 33.56 -53.72 -9.35
N THR P 50 32.83 -54.82 -9.18
CA THR P 50 31.41 -54.81 -9.51
C THR P 50 30.59 -53.90 -8.61
N ILE P 51 30.91 -53.85 -7.33
CA ILE P 51 30.15 -53.00 -6.39
C ILE P 51 30.44 -51.53 -6.64
N LEU P 52 31.67 -51.20 -6.97
CA LEU P 52 32.04 -49.79 -7.25
C LEU P 52 31.92 -49.29 -8.69
N GLY P 53 31.42 -50.12 -9.59
CA GLY P 53 31.28 -49.75 -10.98
C GLY P 53 32.57 -49.57 -11.78
N VAL P 54 33.64 -50.26 -11.43
CA VAL P 54 34.83 -50.30 -12.22
C VAL P 54 34.80 -51.58 -13.08
N ASN P 55 35.35 -51.54 -14.29
CA ASN P 55 35.16 -52.63 -15.24
C ASN P 55 36.44 -53.22 -15.81
N ARG P 56 37.59 -52.85 -15.29
CA ARG P 56 38.84 -53.34 -15.83
C ARG P 56 38.99 -54.81 -15.60
N ASN P 57 39.80 -55.42 -16.45
CA ASN P 57 40.07 -56.82 -16.33
C ASN P 57 41.07 -57.15 -15.21
N ILE P 58 40.86 -58.29 -14.53
CA ILE P 58 41.73 -58.74 -13.41
C ILE P 58 42.02 -60.23 -13.53
N LEU P 59 43.30 -60.58 -13.63
CA LEU P 59 43.72 -61.97 -13.85
C LEU P 59 44.69 -62.35 -12.77
N GLY P 60 44.30 -63.36 -11.99
CA GLY P 60 45.18 -63.94 -10.95
C GLY P 60 45.92 -65.16 -11.49
N THR P 61 47.24 -65.19 -11.36
CA THR P 61 48.04 -66.23 -12.06
C THR P 61 49.29 -66.65 -11.29
N ASN P 62 49.69 -67.90 -11.51
CA ASN P 62 50.99 -68.43 -11.06
C ASN P 62 51.98 -68.65 -12.19
N GLN P 63 51.56 -68.39 -13.43
CA GLN P 63 52.42 -68.47 -14.59
C GLN P 63 53.02 -67.11 -14.90
N ILE P 64 54.30 -66.94 -14.59
CA ILE P 64 54.94 -65.64 -14.77
C ILE P 64 54.99 -65.17 -16.22
N GLU P 65 54.85 -66.08 -17.18
CA GLU P 65 54.77 -65.68 -18.57
C GLU P 65 53.53 -64.81 -18.89
N ASP P 66 52.52 -64.83 -18.01
CA ASP P 66 51.36 -63.93 -18.13
C ASP P 66 51.68 -62.45 -17.94
N ILE P 67 52.89 -62.17 -17.46
CA ILE P 67 53.40 -60.83 -17.35
C ILE P 67 53.76 -60.16 -18.71
N LYS P 68 53.67 -60.92 -19.81
CA LYS P 68 54.02 -60.43 -21.16
C LYS P 68 53.31 -59.17 -21.53
N ASP P 69 54.07 -58.25 -22.12
CA ASP P 69 53.49 -56.98 -22.60
C ASP P 69 52.87 -56.12 -21.47
N ALA P 70 53.24 -56.35 -20.20
CA ALA P 70 52.85 -55.44 -19.15
C ALA P 70 53.48 -54.10 -19.46
N ASP P 71 52.70 -53.04 -19.33
CA ASP P 71 53.26 -51.67 -19.44
C ASP P 71 53.93 -51.28 -18.13
N ILE P 72 53.39 -51.76 -17.02
CA ILE P 72 53.92 -51.43 -15.68
C ILE P 72 54.12 -52.74 -14.92
N ILE P 73 55.19 -52.76 -14.12
CA ILE P 73 55.49 -53.87 -13.22
C ILE P 73 55.78 -53.36 -11.83
N VAL P 74 55.03 -53.87 -10.85
CA VAL P 74 55.25 -53.58 -9.45
C VAL P 74 55.76 -54.87 -8.78
N ILE P 75 56.95 -54.78 -8.17
CA ILE P 75 57.56 -55.93 -7.53
C ILE P 75 57.50 -55.79 -6.01
N THR P 76 56.68 -56.62 -5.39
CA THR P 76 56.65 -56.76 -3.93
C THR P 76 57.11 -58.14 -3.47
N ALA P 77 57.47 -59.02 -4.39
CA ALA P 77 57.88 -60.40 -4.07
C ALA P 77 59.03 -60.39 -3.10
N GLY P 78 58.97 -61.23 -2.09
CA GLY P 78 60.00 -61.23 -1.12
C GLY P 78 59.41 -61.32 0.23
N VAL P 79 60.31 -61.47 1.20
CA VAL P 79 59.94 -61.65 2.58
C VAL P 79 59.96 -60.28 3.21
N GLN P 80 59.08 -60.08 4.18
CA GLN P 80 59.05 -58.85 4.97
C GLN P 80 59.70 -59.07 6.32
N ARG P 81 60.22 -57.99 6.90
CA ARG P 81 60.86 -58.06 8.20
C ARG P 81 59.85 -58.10 9.34
N LYS P 82 60.24 -58.79 10.43
CA LYS P 82 59.44 -58.89 11.67
C LYS P 82 60.03 -57.96 12.71
N GLU P 83 59.38 -57.89 13.87
CA GLU P 83 59.87 -57.13 15.02
C GLU P 83 61.31 -57.48 15.36
N GLY P 84 62.10 -56.45 15.68
CA GLY P 84 63.50 -56.62 16.04
C GLY P 84 64.47 -56.71 14.88
N MET P 85 64.01 -57.13 13.69
CA MET P 85 64.84 -57.14 12.47
C MET P 85 64.98 -55.74 11.85
N THR P 86 66.10 -55.53 11.16
CA THR P 86 66.27 -54.40 10.25
C THR P 86 65.83 -54.84 8.86
N ARG P 87 65.64 -53.86 7.98
CA ARG P 87 65.38 -54.13 6.56
C ARG P 87 66.58 -54.87 5.94
N GLU P 88 67.79 -54.51 6.37
CA GLU P 88 69.04 -55.09 5.85
C GLU P 88 69.19 -56.60 6.16
N ASP P 89 68.56 -57.10 7.24
CA ASP P 89 68.53 -58.57 7.54
C ASP P 89 67.91 -59.46 6.44
N LEU P 90 67.13 -58.87 5.53
CA LEU P 90 66.49 -59.59 4.43
C LEU P 90 67.37 -59.73 3.18
N ILE P 91 68.47 -59.00 3.19
CA ILE P 91 69.41 -58.94 2.10
C ILE P 91 69.68 -60.31 1.43
N GLY P 92 69.96 -61.33 2.23
CA GLY P 92 70.27 -62.65 1.69
C GLY P 92 69.09 -63.23 0.91
N VAL P 93 67.96 -63.41 1.60
CA VAL P 93 66.80 -64.11 1.01
C VAL P 93 66.13 -63.33 -0.15
N ASN P 94 66.06 -62.01 -0.03
CA ASN P 94 65.36 -61.17 -1.05
C ASN P 94 66.16 -60.87 -2.33
N GLY P 95 67.47 -60.73 -2.18
CA GLY P 95 68.40 -60.58 -3.30
C GLY P 95 68.28 -61.70 -4.30
N LYS P 96 68.16 -62.93 -3.80
CA LYS P 96 67.97 -64.13 -4.64
C LYS P 96 66.62 -64.07 -5.37
N ILE P 97 65.55 -63.73 -4.64
CA ILE P 97 64.21 -63.59 -5.22
C ILE P 97 64.16 -62.45 -6.26
N MET P 98 64.73 -61.29 -5.91
CA MET P 98 64.78 -60.18 -6.86
C MET P 98 65.51 -60.54 -8.18
N LYS P 99 66.64 -61.24 -8.09
CA LYS P 99 67.37 -61.72 -9.28
C LYS P 99 66.49 -62.63 -10.18
N SER P 100 65.81 -63.58 -9.56
CA SER P 100 64.89 -64.45 -10.28
C SER P 100 63.78 -63.66 -11.02
N VAL P 101 63.24 -62.65 -10.35
CA VAL P 101 62.21 -61.81 -10.94
C VAL P 101 62.83 -60.99 -12.08
N ALA P 102 64.01 -60.43 -11.84
CA ALA P 102 64.76 -59.69 -12.89
C ALA P 102 64.94 -60.52 -14.14
N GLU P 103 65.34 -61.78 -13.96
CA GLU P 103 65.48 -62.69 -15.09
C GLU P 103 64.19 -62.92 -15.84
N SER P 104 63.08 -63.07 -15.11
CA SER P 104 61.79 -63.25 -15.74
C SER P 104 61.32 -62.03 -16.52
N VAL P 105 61.49 -60.84 -15.94
CA VAL P 105 61.11 -59.60 -16.63
C VAL P 105 61.93 -59.49 -17.93
N LYS P 106 63.22 -59.79 -17.82
CA LYS P 106 64.15 -59.73 -18.94
C LYS P 106 63.62 -60.48 -20.17
N LEU P 107 63.19 -61.74 -19.98
CA LEU P 107 62.73 -62.50 -21.14
C LEU P 107 61.28 -62.28 -21.54
N HIS P 108 60.42 -61.82 -20.63
CA HIS P 108 58.96 -61.75 -20.90
C HIS P 108 58.40 -60.35 -21.24
N CYS P 109 58.93 -59.27 -20.64
CA CYS P 109 58.49 -57.89 -20.97
C CYS P 109 59.58 -56.88 -20.68
N SER P 110 60.53 -56.80 -21.61
CA SER P 110 61.64 -55.89 -21.49
C SER P 110 61.26 -54.41 -21.67
N LYS P 111 60.05 -54.09 -22.15
CA LYS P 111 59.67 -52.66 -22.36
C LYS P 111 58.93 -51.98 -21.19
N ALA P 112 58.73 -52.72 -20.11
CA ALA P 112 57.94 -52.23 -18.99
C ALA P 112 58.70 -51.19 -18.16
N PHE P 113 57.92 -50.36 -17.46
CA PHE P 113 58.42 -49.49 -16.39
C PHE P 113 58.27 -50.25 -15.09
N VAL P 114 59.33 -50.32 -14.32
CA VAL P 114 59.39 -51.22 -13.19
C VAL P 114 59.55 -50.48 -11.87
N ILE P 115 58.59 -50.66 -10.98
CA ILE P 115 58.66 -50.11 -9.64
C ILE P 115 58.94 -51.25 -8.65
N CYS P 116 60.13 -51.21 -8.05
CA CYS P 116 60.56 -52.19 -7.05
C CYS P 116 60.15 -51.74 -5.69
N VAL P 117 59.69 -52.67 -4.87
CA VAL P 117 59.31 -52.38 -3.51
C VAL P 117 59.89 -53.31 -2.42
N SER P 118 60.24 -54.55 -2.75
CA SER P 118 60.97 -55.46 -1.80
C SER P 118 62.12 -54.83 -1.01
N ASN P 119 62.21 -55.13 0.29
CA ASN P 119 63.29 -54.57 1.14
C ASN P 119 64.55 -55.41 1.14
N PRO P 120 65.68 -54.82 1.50
CA PRO P 120 65.84 -53.37 1.71
C PRO P 120 65.82 -52.65 0.37
N LEU P 121 64.99 -51.62 0.29
CA LEU P 121 64.53 -51.11 -0.97
C LEU P 121 65.67 -50.73 -1.94
N ASP P 122 66.51 -49.79 -1.56
CA ASP P 122 67.51 -49.25 -2.49
C ASP P 122 68.41 -50.36 -3.01
N ILE P 123 68.79 -51.25 -2.11
CA ILE P 123 69.65 -52.39 -2.44
C ILE P 123 69.00 -53.31 -3.49
N MET P 124 67.74 -53.68 -3.27
CA MET P 124 67.02 -54.54 -4.20
C MET P 124 66.76 -53.93 -5.59
N VAL P 125 66.65 -52.60 -5.67
CA VAL P 125 66.54 -51.89 -6.97
C VAL P 125 67.83 -52.15 -7.74
N ASN P 126 68.97 -51.96 -7.08
CA ASN P 126 70.29 -52.25 -7.71
C ASN P 126 70.43 -53.71 -8.19
N VAL P 127 69.92 -54.66 -7.39
CA VAL P 127 69.93 -56.06 -7.80
C VAL P 127 69.06 -56.23 -9.05
N PHE P 128 67.85 -55.66 -9.05
CA PHE P 128 66.97 -55.78 -10.22
C PHE P 128 67.63 -55.21 -11.49
N HIS P 129 68.29 -54.06 -11.38
CA HIS P 129 68.96 -53.49 -12.55
C HIS P 129 70.03 -54.42 -13.11
N LYS P 130 70.89 -54.91 -12.23
CA LYS P 130 71.97 -55.81 -12.61
C LYS P 130 71.55 -57.00 -13.46
N PHE P 131 70.47 -57.69 -13.08
CA PHE P 131 70.08 -58.95 -13.77
C PHE P 131 68.94 -58.80 -14.79
N SER P 132 68.38 -57.61 -14.91
CA SER P 132 67.17 -57.43 -15.73
C SER P 132 67.51 -57.01 -17.11
N ASN P 133 68.61 -56.27 -17.27
CA ASN P 133 68.98 -55.78 -18.58
C ASN P 133 67.96 -54.78 -19.13
N LEU P 134 67.41 -53.93 -18.26
CA LEU P 134 66.55 -52.85 -18.70
C LEU P 134 67.28 -51.54 -18.57
N PRO P 135 66.89 -50.56 -19.39
CA PRO P 135 67.47 -49.24 -19.24
C PRO P 135 67.28 -48.72 -17.82
N HIS P 136 68.23 -47.95 -17.31
CA HIS P 136 68.15 -47.50 -15.91
C HIS P 136 67.02 -46.50 -15.58
N GLU P 137 66.60 -45.70 -16.56
CA GLU P 137 65.44 -44.81 -16.38
C GLU P 137 64.12 -45.61 -16.26
N LYS P 138 64.07 -46.83 -16.77
CA LYS P 138 62.85 -47.65 -16.69
C LYS P 138 62.72 -48.44 -15.38
N ILE P 139 63.60 -48.18 -14.43
CA ILE P 139 63.61 -48.90 -13.17
C ILE P 139 63.67 -47.87 -12.05
N CYS P 140 62.89 -48.08 -11.01
CA CYS P 140 63.00 -47.27 -9.82
C CYS P 140 62.43 -48.03 -8.65
N GLY P 141 62.57 -47.45 -7.45
CA GLY P 141 61.94 -48.01 -6.27
C GLY P 141 61.21 -46.98 -5.48
N MET P 142 60.06 -47.36 -4.92
CA MET P 142 59.35 -46.40 -4.10
C MET P 142 59.82 -46.48 -2.67
N ALA P 143 60.13 -45.32 -2.12
CA ALA P 143 60.40 -45.17 -0.70
C ALA P 143 60.23 -43.75 -0.25
N GLY P 144 60.93 -42.81 -0.89
CA GLY P 144 60.84 -41.40 -0.56
C GLY P 144 59.43 -40.85 -0.41
N ILE P 145 58.48 -41.30 -1.22
CA ILE P 145 57.14 -40.76 -1.12
C ILE P 145 56.51 -41.18 0.21
N LEU P 146 56.84 -42.39 0.62
CA LEU P 146 56.37 -42.89 1.89
C LEU P 146 56.99 -42.15 3.05
N ASP P 147 58.31 -42.01 3.04
CA ASP P 147 59.03 -41.39 4.14
C ASP P 147 58.61 -39.92 4.23
N THR P 148 58.47 -39.29 3.08
CA THR P 148 58.00 -37.90 2.97
C THR P 148 56.58 -37.76 3.54
N SER P 149 55.69 -38.68 3.18
CA SER P 149 54.33 -38.63 3.75
C SER P 149 54.31 -38.70 5.28
N ARG P 150 55.23 -39.49 5.85
CA ARG P 150 55.32 -39.62 7.30
C ARG P 150 55.85 -38.33 7.95
N TYR P 151 56.96 -37.85 7.44
CA TYR P 151 57.55 -36.61 7.90
C TYR P 151 56.54 -35.43 7.75
N CYS P 152 55.91 -35.29 6.56
CA CYS P 152 54.95 -34.18 6.31
C CYS P 152 53.74 -34.30 7.22
N SER P 153 53.26 -35.53 7.41
CA SER P 153 52.18 -35.82 8.32
C SER P 153 52.46 -35.35 9.76
N LEU P 154 53.67 -35.60 10.25
CA LEU P 154 54.07 -35.21 11.60
C LEU P 154 54.24 -33.67 11.70
N ILE P 155 54.83 -33.06 10.67
CA ILE P 155 55.01 -31.62 10.61
C ILE P 155 53.64 -30.97 10.64
N ALA P 156 52.75 -31.44 9.81
CA ALA P 156 51.37 -30.91 9.77
C ALA P 156 50.67 -30.95 11.14
N ASP P 157 50.79 -32.09 11.84
CA ASP P 157 50.20 -32.25 13.17
C ASP P 157 50.74 -31.20 14.14
N LYS P 158 52.05 -30.99 14.15
CA LYS P 158 52.65 -30.06 15.12
C LYS P 158 52.27 -28.63 14.82
N LEU P 159 52.07 -28.30 13.55
CA LEU P 159 51.75 -26.93 13.14
C LEU P 159 50.26 -26.66 13.11
N LYS P 160 49.46 -27.67 13.43
CA LYS P 160 47.99 -27.58 13.38
C LYS P 160 47.52 -27.15 12.01
N VAL P 161 48.07 -27.76 10.97
CA VAL P 161 47.64 -27.48 9.58
C VAL P 161 47.29 -28.78 8.87
N SER P 162 46.55 -28.64 7.79
CA SER P 162 46.33 -29.69 6.84
C SER P 162 47.65 -30.23 6.32
N ALA P 163 47.76 -31.56 6.30
CA ALA P 163 48.86 -32.21 5.63
C ALA P 163 48.80 -32.03 4.11
N GLU P 164 47.62 -31.69 3.56
CA GLU P 164 47.39 -31.67 2.12
C GLU P 164 48.43 -30.92 1.30
N ASP P 165 48.92 -29.79 1.78
CA ASP P 165 49.93 -29.06 1.00
C ASP P 165 51.25 -28.83 1.75
N VAL P 166 51.57 -29.74 2.69
CA VAL P 166 52.88 -29.80 3.28
C VAL P 166 53.72 -30.70 2.38
N ASN P 167 54.77 -30.12 1.81
CA ASN P 167 55.66 -30.86 0.90
C ASN P 167 57.10 -30.88 1.45
N ALA P 168 57.84 -31.92 1.08
CA ALA P 168 59.21 -32.03 1.53
C ALA P 168 60.05 -32.93 0.63
N VAL P 169 61.36 -32.74 0.71
CA VAL P 169 62.33 -33.61 0.05
C VAL P 169 63.05 -34.42 1.13
N ILE P 170 63.04 -35.74 0.96
CA ILE P 170 63.89 -36.63 1.77
C ILE P 170 64.80 -37.41 0.82
N LEU P 171 66.10 -37.23 1.02
CA LEU P 171 67.13 -37.86 0.22
C LEU P 171 67.67 -39.07 0.94
N GLY P 172 68.18 -40.00 0.14
CA GLY P 172 68.93 -41.12 0.67
C GLY P 172 68.14 -42.39 0.84
N GLY P 173 68.86 -43.39 1.36
CA GLY P 173 68.35 -44.73 1.45
C GLY P 173 67.16 -44.81 2.36
N HIS P 174 66.29 -45.76 2.05
CA HIS P 174 65.11 -46.02 2.86
C HIS P 174 65.57 -46.78 4.10
N GLY P 175 66.00 -46.01 5.10
CA GLY P 175 66.56 -46.58 6.29
C GLY P 175 66.94 -45.49 7.23
N ASP P 176 67.70 -45.88 8.24
CA ASP P 176 68.13 -45.00 9.33
C ASP P 176 68.95 -43.79 8.87
N LEU P 177 69.48 -43.84 7.65
CA LEU P 177 70.29 -42.76 7.12
C LEU P 177 69.55 -41.82 6.14
N MET P 178 68.22 -41.77 6.19
CA MET P 178 67.44 -40.75 5.47
C MET P 178 67.92 -39.38 5.82
N VAL P 179 67.78 -38.47 4.87
CA VAL P 179 68.16 -37.08 5.06
C VAL P 179 66.98 -36.20 4.69
N PRO P 180 66.11 -35.89 5.68
CA PRO P 180 65.03 -34.91 5.43
C PRO P 180 65.59 -33.52 5.37
N LEU P 181 65.17 -32.75 4.38
CA LEU P 181 65.72 -31.42 4.20
C LEU P 181 64.72 -30.38 4.65
N GLN P 182 65.03 -29.78 5.79
CA GLN P 182 64.26 -28.68 6.30
C GLN P 182 64.14 -27.54 5.31
N ARG P 183 65.26 -27.20 4.64
CA ARG P 183 65.28 -26.14 3.63
C ARG P 183 64.27 -26.38 2.51
N TYR P 184 64.07 -27.66 2.18
CA TYR P 184 63.14 -28.08 1.15
C TYR P 184 61.85 -28.65 1.73
N THR P 185 61.36 -28.07 2.84
CA THR P 185 60.05 -28.37 3.43
C THR P 185 59.19 -27.10 3.39
N SER P 186 57.97 -27.19 2.83
CA SER P 186 57.08 -26.03 2.73
C SER P 186 55.64 -26.40 3.07
N VAL P 187 54.89 -25.41 3.53
CA VAL P 187 53.50 -25.53 3.87
C VAL P 187 52.77 -24.59 2.93
N ASN P 188 52.06 -25.17 1.98
CA ASN P 188 51.45 -24.46 0.87
C ASN P 188 52.31 -23.32 0.37
N GLY P 189 53.60 -23.62 0.19
CA GLY P 189 54.57 -22.66 -0.41
C GLY P 189 55.48 -21.95 0.57
N VAL P 190 55.00 -21.81 1.80
CA VAL P 190 55.75 -21.12 2.85
C VAL P 190 56.82 -22.07 3.45
N PRO P 191 58.12 -21.72 3.35
CA PRO P 191 59.17 -22.55 3.95
C PRO P 191 58.99 -22.84 5.42
N LEU P 192 59.39 -24.03 5.84
CA LEU P 192 59.35 -24.44 7.24
C LEU P 192 60.05 -23.44 8.21
N SER P 193 61.14 -22.83 7.74
CA SER P 193 61.90 -21.83 8.49
C SER P 193 61.07 -20.62 8.95
N GLU P 194 59.99 -20.30 8.22
CA GLU P 194 59.09 -19.20 8.62
C GLU P 194 58.28 -19.57 9.85
N PHE P 195 57.94 -20.84 9.97
CA PHE P 195 57.23 -21.34 11.13
C PHE P 195 58.14 -21.44 12.39
N VAL P 196 59.46 -21.67 12.22
CA VAL P 196 60.41 -21.62 13.37
C VAL P 196 60.59 -20.18 13.87
N LYS P 197 60.75 -19.23 12.94
CA LYS P 197 60.81 -17.77 13.24
C LYS P 197 59.55 -17.25 13.94
N LYS P 198 58.38 -17.76 13.53
CA LYS P 198 57.11 -17.40 14.15
C LYS P 198 56.87 -18.21 15.46
N ASN P 199 57.86 -19.01 15.91
CA ASN P 199 57.78 -19.82 17.13
C ASN P 199 56.64 -20.84 17.16
N MET P 200 56.13 -21.22 16.00
CA MET P 200 55.10 -22.25 15.92
C MET P 200 55.67 -23.67 16.00
N ILE P 201 56.99 -23.79 15.86
CA ILE P 201 57.67 -25.06 15.96
C ILE P 201 59.13 -24.79 16.25
N SER P 202 59.79 -25.69 16.97
CA SER P 202 61.20 -25.50 17.35
C SER P 202 62.14 -26.48 16.65
N GLN P 203 63.42 -26.14 16.59
CA GLN P 203 64.43 -27.00 15.99
C GLN P 203 64.47 -28.41 16.63
N ASN P 204 64.23 -28.46 17.94
CA ASN P 204 64.19 -29.73 18.68
C ASN P 204 62.97 -30.56 18.31
N GLU P 205 61.80 -29.93 18.25
CA GLU P 205 60.58 -30.60 17.80
C GLU P 205 60.72 -31.21 16.37
N ILE P 206 61.43 -30.50 15.49
CA ILE P 206 61.78 -30.98 14.15
C ILE P 206 62.72 -32.22 14.19
N GLN P 207 63.73 -32.19 15.05
CA GLN P 207 64.68 -33.34 15.19
C GLN P 207 63.98 -34.58 15.74
N GLU P 208 63.06 -34.36 16.68
CA GLU P 208 62.12 -35.37 17.18
C GLU P 208 61.30 -36.00 16.04
N ILE P 209 60.69 -35.14 15.23
CA ILE P 209 59.95 -35.56 14.02
C ILE P 209 60.79 -36.37 13.01
N ILE P 210 62.00 -35.91 12.74
CA ILE P 210 62.92 -36.65 11.86
C ILE P 210 63.18 -38.03 12.43
N GLN P 211 63.39 -38.12 13.74
CA GLN P 211 63.61 -39.42 14.40
C GLN P 211 62.39 -40.34 14.27
N LYS P 212 61.19 -39.82 14.52
CA LYS P 212 59.98 -40.62 14.34
C LYS P 212 59.79 -41.07 12.89
N THR P 213 60.18 -40.22 11.93
CA THR P 213 60.11 -40.55 10.50
C THR P 213 61.02 -41.74 10.17
N ARG P 214 62.24 -41.72 10.73
CA ARG P 214 63.21 -42.81 10.54
C ARG P 214 62.70 -44.13 11.08
N ASN P 215 62.16 -44.13 12.30
CA ASN P 215 61.75 -45.36 12.98
C ASN P 215 60.36 -45.81 12.66
N MET P 216 59.66 -45.03 11.85
CA MET P 216 58.23 -45.25 11.63
C MET P 216 57.89 -46.64 11.08
N GLY P 217 58.65 -47.08 10.09
CA GLY P 217 58.50 -48.44 9.55
C GLY P 217 58.53 -49.50 10.64
N ALA P 218 59.50 -49.39 11.58
CA ALA P 218 59.63 -50.34 12.70
C ALA P 218 58.49 -50.16 13.71
N GLU P 219 58.09 -48.91 13.96
CA GLU P 219 57.03 -48.62 14.95
C GLU P 219 55.71 -49.24 14.54
N ILE P 220 55.41 -49.19 13.25
CA ILE P 220 54.18 -49.81 12.73
C ILE P 220 54.24 -51.32 12.85
N ILE P 221 55.40 -51.91 12.55
CA ILE P 221 55.58 -53.35 12.73
C ILE P 221 55.28 -53.73 14.17
N LYS P 222 55.86 -52.97 15.11
CA LYS P 222 55.71 -53.23 16.53
C LYS P 222 54.25 -53.16 16.93
N LEU P 223 53.58 -52.11 16.53
CA LEU P 223 52.17 -51.91 16.92
C LEU P 223 51.22 -52.83 16.18
N ALA P 224 51.25 -52.80 14.85
CA ALA P 224 50.30 -53.57 14.05
C ALA P 224 50.67 -55.02 13.86
N LYS P 225 51.87 -55.42 14.27
CA LYS P 225 52.34 -56.81 14.07
C LYS P 225 52.43 -57.23 12.58
N ALA P 226 52.34 -56.26 11.67
CA ALA P 226 52.59 -56.44 10.24
C ALA P 226 53.13 -55.12 9.72
N SER P 227 53.78 -55.15 8.58
CA SER P 227 54.39 -53.93 8.09
C SER P 227 53.33 -53.10 7.41
N ALA P 228 53.61 -51.82 7.31
CA ALA P 228 52.73 -50.90 6.64
C ALA P 228 52.36 -51.42 5.22
N ALA P 229 51.08 -51.26 4.86
CA ALA P 229 50.59 -51.68 3.55
C ALA P 229 49.85 -50.54 2.77
N PHE P 230 49.04 -49.71 3.44
CA PHE P 230 48.17 -48.77 2.73
C PHE P 230 48.96 -47.63 2.15
N ALA P 231 49.81 -47.03 2.98
CA ALA P 231 50.63 -45.92 2.50
C ALA P 231 51.60 -46.34 1.39
N PRO P 232 52.32 -47.46 1.57
CA PRO P 232 53.16 -47.95 0.46
C PRO P 232 52.37 -48.10 -0.84
N ALA P 233 51.16 -48.61 -0.77
CA ALA P 233 50.38 -48.85 -2.00
C ALA P 233 49.97 -47.53 -2.66
N ALA P 234 49.63 -46.54 -1.85
CA ALA P 234 49.25 -45.22 -2.34
C ALA P 234 50.46 -44.56 -3.03
N ALA P 235 51.62 -44.59 -2.39
CA ALA P 235 52.85 -44.08 -2.98
C ALA P 235 53.14 -44.74 -4.34
N ILE P 236 53.04 -46.05 -4.40
CA ILE P 236 53.29 -46.79 -5.63
C ILE P 236 52.35 -46.30 -6.72
N THR P 237 51.06 -46.30 -6.42
CA THR P 237 50.02 -45.82 -7.33
C THR P 237 50.27 -44.42 -7.84
N LYS P 238 50.76 -43.54 -6.98
CA LYS P 238 51.12 -42.19 -7.39
C LYS P 238 52.25 -42.21 -8.47
N MET P 239 53.25 -43.09 -8.29
CA MET P 239 54.31 -43.23 -9.29
C MET P 239 53.80 -43.85 -10.60
N ILE P 240 52.84 -44.78 -10.50
CA ILE P 240 52.28 -45.42 -11.68
C ILE P 240 51.59 -44.33 -12.52
N LYS P 241 50.85 -43.47 -11.82
CA LYS P 241 50.00 -42.45 -12.40
C LYS P 241 50.91 -41.46 -13.15
N SER P 242 51.98 -41.08 -12.51
CA SER P 242 52.90 -40.14 -13.09
C SER P 242 53.56 -40.68 -14.37
N TYR P 243 53.75 -42.00 -14.44
CA TYR P 243 54.29 -42.65 -15.65
C TYR P 243 53.21 -42.74 -16.74
N LEU P 244 52.06 -43.32 -16.42
CA LEU P 244 50.97 -43.52 -17.39
C LEU P 244 50.41 -42.27 -17.99
N TYR P 245 50.32 -41.23 -17.17
CA TYR P 245 49.72 -39.99 -17.60
C TYR P 245 50.77 -38.94 -17.91
N ASN P 246 52.04 -39.34 -18.01
CA ASN P 246 53.09 -38.43 -18.42
C ASN P 246 53.10 -37.13 -17.63
N GLU P 247 52.93 -37.25 -16.34
CA GLU P 247 52.71 -36.07 -15.49
C GLU P 247 53.98 -35.28 -15.17
N ASN P 248 55.12 -35.95 -15.16
CA ASN P 248 56.38 -35.28 -14.91
C ASN P 248 56.46 -34.70 -13.47
N ASN P 249 55.84 -35.39 -12.55
CA ASN P 249 55.85 -35.00 -11.16
C ASN P 249 57.24 -35.17 -10.55
N LEU P 250 57.55 -34.33 -9.57
CA LEU P 250 58.84 -34.33 -8.92
C LEU P 250 58.70 -34.98 -7.55
N PHE P 251 59.21 -36.21 -7.42
CA PHE P 251 59.17 -37.00 -6.18
C PHE P 251 60.57 -37.26 -5.65
N THR P 252 60.63 -37.92 -4.50
CA THR P 252 61.84 -38.65 -4.14
C THR P 252 61.56 -40.15 -4.30
N CYS P 253 62.48 -40.82 -4.98
CA CYS P 253 62.43 -42.26 -5.12
C CYS P 253 63.82 -42.82 -5.41
N ALA P 254 63.96 -44.15 -5.36
CA ALA P 254 65.21 -44.80 -5.66
C ALA P 254 65.37 -44.74 -7.16
N VAL P 255 66.43 -44.07 -7.61
CA VAL P 255 66.66 -43.76 -9.03
C VAL P 255 68.15 -43.88 -9.38
N TYR P 256 68.46 -44.19 -10.63
CA TYR P 256 69.85 -44.29 -11.09
C TYR P 256 70.53 -42.92 -11.06
N LEU P 257 71.50 -42.75 -10.16
CA LEU P 257 72.34 -41.55 -10.17
C LEU P 257 73.53 -41.73 -11.11
N ASN P 258 73.89 -40.62 -11.74
CA ASN P 258 74.89 -40.59 -12.79
C ASN P 258 75.65 -39.27 -12.86
N GLY P 259 76.44 -38.99 -11.82
CA GLY P 259 77.09 -37.71 -11.63
C GLY P 259 76.32 -36.73 -10.75
N HIS P 260 75.12 -37.13 -10.35
CA HIS P 260 74.28 -36.27 -9.54
C HIS P 260 74.64 -36.52 -8.11
N TYR P 261 74.75 -35.43 -7.37
CA TYR P 261 75.05 -35.44 -5.93
C TYR P 261 76.34 -36.21 -5.62
N ASN P 262 77.36 -36.01 -6.47
CA ASN P 262 78.67 -36.66 -6.38
C ASN P 262 78.59 -38.17 -6.36
N CYS P 263 77.59 -38.73 -7.02
CA CYS P 263 77.36 -40.16 -7.00
C CYS P 263 77.12 -40.63 -8.42
N SER P 264 77.67 -41.79 -8.76
CA SER P 264 77.48 -42.37 -10.09
C SER P 264 77.33 -43.87 -9.98
N ASN P 265 76.63 -44.48 -10.93
CA ASN P 265 76.44 -45.92 -10.97
C ASN P 265 75.81 -46.60 -9.72
N LEU P 266 74.74 -46.00 -9.22
CA LEU P 266 74.01 -46.55 -8.08
C LEU P 266 72.57 -46.05 -8.10
N PHE P 267 71.64 -46.95 -7.82
CA PHE P 267 70.28 -46.57 -7.51
C PHE P 267 70.21 -46.22 -6.05
N VAL P 268 69.69 -45.04 -5.76
CA VAL P 268 69.48 -44.61 -4.37
C VAL P 268 68.39 -43.55 -4.32
N GLY P 269 67.74 -43.44 -3.18
CA GLY P 269 66.73 -42.40 -2.97
C GLY P 269 67.24 -41.00 -3.32
N SER P 270 66.57 -40.36 -4.27
CA SER P 270 66.95 -39.02 -4.73
C SER P 270 65.76 -38.32 -5.36
N THR P 271 65.93 -37.03 -5.58
CA THR P 271 64.92 -36.21 -6.25
C THR P 271 64.86 -36.62 -7.71
N ALA P 272 63.66 -36.92 -8.21
CA ALA P 272 63.48 -37.35 -9.59
C ALA P 272 62.11 -36.96 -10.16
N LYS P 273 62.04 -36.84 -11.47
CA LYS P 273 60.79 -36.62 -12.18
C LYS P 273 60.37 -37.93 -12.83
N ILE P 274 59.09 -38.24 -12.84
CA ILE P 274 58.61 -39.44 -13.51
C ILE P 274 57.63 -39.04 -14.60
N ASN P 275 57.87 -39.55 -15.81
CA ASN P 275 57.01 -39.29 -16.96
C ASN P 275 56.92 -40.55 -17.85
N ASN P 276 56.31 -40.40 -19.04
CA ASN P 276 56.32 -41.40 -20.15
C ASN P 276 57.53 -42.24 -20.40
N LYS P 277 58.69 -41.64 -20.20
CA LYS P 277 59.97 -42.24 -20.53
C LYS P 277 60.64 -42.89 -19.31
N GLY P 278 60.07 -42.73 -18.11
CA GLY P 278 60.65 -43.29 -16.91
C GLY P 278 61.00 -42.30 -15.79
N ALA P 279 61.93 -42.71 -14.92
CA ALA P 279 62.40 -41.93 -13.77
C ALA P 279 63.74 -41.27 -14.07
N HIS P 280 63.81 -39.94 -13.89
CA HIS P 280 64.96 -39.11 -14.30
C HIS P 280 65.43 -38.31 -13.10
N PRO P 281 66.67 -38.52 -12.66
CA PRO P 281 67.12 -37.76 -11.49
C PRO P 281 67.25 -36.26 -11.79
N VAL P 282 67.11 -35.44 -10.76
CA VAL P 282 67.31 -33.99 -10.86
C VAL P 282 68.19 -33.61 -9.68
N GLU P 283 69.27 -32.84 -9.95
CA GLU P 283 70.17 -32.41 -8.88
C GLU P 283 69.79 -30.99 -8.42
N PHE P 284 69.57 -30.81 -7.12
CA PHE P 284 69.38 -29.49 -6.53
C PHE P 284 70.62 -29.08 -5.72
N PRO P 285 70.87 -27.76 -5.59
CA PRO P 285 72.07 -27.29 -4.89
C PRO P 285 72.02 -27.50 -3.38
N LEU P 286 72.71 -28.51 -2.90
CA LEU P 286 72.81 -28.79 -1.46
C LEU P 286 73.91 -27.96 -0.79
N THR P 287 73.75 -27.67 0.49
CA THR P 287 74.85 -27.13 1.31
C THR P 287 75.88 -28.24 1.52
N LYS P 288 77.08 -27.86 1.98
CA LYS P 288 78.13 -28.85 2.31
C LYS P 288 77.61 -29.90 3.31
N GLU P 289 76.95 -29.42 4.35
CA GLU P 289 76.51 -30.29 5.45
C GLU P 289 75.42 -31.25 5.03
N GLU P 290 74.50 -30.75 4.21
CA GLU P 290 73.46 -31.56 3.59
C GLU P 290 74.05 -32.66 2.69
N GLN P 291 74.94 -32.26 1.79
CA GLN P 291 75.62 -33.20 0.88
C GLN P 291 76.45 -34.25 1.62
N ASP P 292 77.10 -33.82 2.71
CA ASP P 292 77.88 -34.73 3.57
C ASP P 292 76.99 -35.82 4.17
N LEU P 293 75.84 -35.42 4.73
CA LEU P 293 74.85 -36.37 5.22
C LEU P 293 74.36 -37.31 4.11
N TYR P 294 74.07 -36.73 2.94
CA TYR P 294 73.58 -37.52 1.82
C TYR P 294 74.64 -38.54 1.36
N THR P 295 75.89 -38.10 1.18
CA THR P 295 77.00 -39.00 0.81
C THR P 295 77.15 -40.17 1.81
N GLU P 296 77.03 -39.87 3.10
CA GLU P 296 77.09 -40.91 4.13
C GLU P 296 76.01 -41.97 3.91
N SER P 297 74.79 -41.55 3.57
CA SER P 297 73.68 -42.47 3.26
C SER P 297 73.95 -43.30 2.00
N ILE P 298 74.49 -42.62 1.00
CA ILE P 298 74.91 -43.24 -0.26
C ILE P 298 75.99 -44.30 -0.01
N ALA P 299 76.92 -44.03 0.90
CA ALA P 299 77.97 -45.02 1.27
C ALA P 299 77.40 -46.35 1.80
N SER P 300 76.45 -46.31 2.74
CA SER P 300 75.75 -47.55 3.21
C SER P 300 75.10 -48.32 2.11
N VAL P 301 74.39 -47.59 1.24
CA VAL P 301 73.71 -48.21 0.12
C VAL P 301 74.73 -48.88 -0.80
N GLN P 302 75.83 -48.18 -1.12
CA GLN P 302 76.97 -48.79 -1.82
C GLN P 302 77.42 -50.13 -1.19
N SER P 303 77.78 -50.08 0.10
CA SER P 303 78.31 -51.25 0.87
C SER P 303 77.35 -52.40 0.81
N ASN P 304 76.11 -52.13 1.22
CA ASN P 304 75.08 -53.14 1.30
C ASN P 304 74.69 -53.72 -0.07
N THR P 305 74.84 -52.91 -1.13
CA THR P 305 74.61 -53.36 -2.49
C THR P 305 75.66 -54.33 -2.92
N GLN P 306 76.92 -54.01 -2.63
CA GLN P 306 78.04 -54.96 -2.84
C GLN P 306 77.79 -56.27 -2.07
N LYS P 307 77.53 -56.16 -0.77
CA LYS P 307 77.15 -57.30 0.09
C LYS P 307 76.08 -58.16 -0.57
N ALA P 308 75.06 -57.52 -1.12
CA ALA P 308 73.97 -58.23 -1.79
C ALA P 308 74.45 -59.02 -3.01
N PHE P 309 75.24 -58.38 -3.88
CA PHE P 309 75.83 -59.05 -5.06
C PHE P 309 76.71 -60.25 -4.65
N ASP P 310 77.53 -60.06 -3.61
CA ASP P 310 78.39 -61.12 -3.05
C ASP P 310 77.56 -62.32 -2.58
N LEU P 311 76.56 -62.06 -1.72
CA LEU P 311 75.69 -63.12 -1.17
C LEU P 311 74.85 -63.85 -2.22
N ILE P 312 74.72 -63.27 -3.42
CA ILE P 312 73.96 -63.91 -4.50
C ILE P 312 74.67 -65.03 -5.25
N LYS P 313 75.98 -64.97 -5.41
CA LYS P 313 76.67 -66.09 -6.03
C LYS P 313 77.32 -66.95 -4.93
C1 CIT Q . -19.04 -13.39 13.25
O1 CIT Q . -17.81 -13.50 13.03
O2 CIT Q . -19.66 -12.36 12.81
C2 CIT Q . -19.77 -14.24 14.33
C3 CIT Q . -19.39 -15.58 14.94
O7 CIT Q . -20.18 -16.61 14.30
C4 CIT Q . -19.93 -15.56 16.32
C5 CIT Q . -21.44 -15.74 16.23
O3 CIT Q . -21.97 -16.81 16.00
O4 CIT Q . -22.26 -14.83 16.29
C6 CIT Q . -17.98 -16.09 14.70
O5 CIT Q . -17.77 -16.95 13.77
O6 CIT Q . -17.10 -15.57 15.34
C1 CIT R . -39.69 -28.72 -1.89
O1 CIT R . -40.89 -28.97 -1.75
O2 CIT R . -39.29 -27.80 -2.59
C2 CIT R . -38.49 -29.36 -1.28
C3 CIT R . -38.71 -30.79 -0.82
O7 CIT R . -37.57 -31.23 -0.14
C4 CIT R . -38.26 -31.71 -1.89
C5 CIT R . -36.69 -31.94 -1.76
O3 CIT R . -36.38 -33.18 -1.87
O4 CIT R . -35.80 -31.06 -1.55
C6 CIT R . -39.81 -30.98 0.21
O5 CIT R . -40.71 -31.80 0.30
O6 CIT R . -39.87 -30.15 1.08
C1 CIT S . -7.59 -56.39 37.17
O1 CIT S . -7.44 -57.57 37.46
O2 CIT S . -7.46 -55.52 38.05
C2 CIT S . -7.78 -56.11 35.70
C3 CIT S . -8.59 -54.91 35.24
O7 CIT S . -10.06 -55.19 35.36
C4 CIT S . -8.08 -54.66 33.83
C5 CIT S . -8.48 -55.59 32.71
O3 CIT S . -9.62 -56.05 32.60
O4 CIT S . -7.60 -55.84 31.81
C6 CIT S . -8.25 -53.72 36.11
O5 CIT S . -9.11 -53.20 36.89
O6 CIT S . -7.08 -53.31 36.06
C1 CIT T . -35.46 -65.84 32.21
O1 CIT T . -35.65 -66.34 33.37
O2 CIT T . -35.79 -66.55 31.28
C2 CIT T . -34.84 -64.47 32.07
C3 CIT T . -35.68 -63.49 31.17
O7 CIT T . -34.94 -62.28 30.89
C4 CIT T . -36.76 -62.72 31.86
C5 CIT T . -36.10 -61.47 32.67
O3 CIT T . -34.97 -61.38 33.21
O4 CIT T . -36.74 -60.34 32.79
C6 CIT T . -35.58 -63.97 29.72
O5 CIT T . -36.50 -64.48 29.14
O6 CIT T . -34.49 -64.04 29.11
C1 CIT U . -37.66 20.95 28.28
O1 CIT U . -36.80 20.03 28.56
O2 CIT U . -38.85 20.79 28.52
C2 CIT U . -37.12 22.27 27.78
C3 CIT U . -37.78 22.87 26.58
O7 CIT U . -37.04 21.75 25.99
C4 CIT U . -37.37 24.23 26.10
C5 CIT U . -36.01 24.82 26.26
O3 CIT U . -35.12 24.07 25.87
O4 CIT U . -35.79 26.07 26.67
C6 CIT U . -39.29 22.75 26.55
O5 CIT U . -39.90 23.43 27.40
O6 CIT U . -39.90 21.97 25.79
C1 CIT V . -24.04 9.87 3.95
O1 CIT V . -24.14 8.87 4.65
O2 CIT V . -22.89 10.10 3.44
C2 CIT V . -25.42 10.57 3.74
C3 CIT V . -25.75 12.00 3.24
O7 CIT V . -26.21 12.80 4.38
C4 CIT V . -26.98 11.99 2.28
C5 CIT V . -28.20 11.56 3.05
O3 CIT V . -28.30 11.85 4.27
O4 CIT V . -29.12 10.90 2.57
C6 CIT V . -24.52 12.56 2.58
O5 CIT V . -23.80 13.38 3.14
O6 CIT V . -24.20 12.16 1.48
C1 CIT W . -36.04 53.22 -20.08
O1 CIT W . -36.25 52.44 -21.05
O2 CIT W . -35.70 54.38 -20.37
C2 CIT W . -36.20 52.87 -18.61
C3 CIT W . -35.54 51.60 -18.03
O7 CIT W . -36.18 51.37 -16.72
C4 CIT W . -34.05 51.75 -17.68
C5 CIT W . -33.72 52.04 -16.17
O3 CIT W . -32.57 51.66 -15.76
O4 CIT W . -34.52 52.62 -15.34
C6 CIT W . -35.86 50.34 -18.89
O5 CIT W . -34.93 49.74 -19.47
O6 CIT W . -37.05 49.88 -19.02
C1 CIT X . 20.61 33.53 10.39
O1 CIT X . 20.99 32.44 10.77
O2 CIT X . 19.29 33.77 10.45
C2 CIT X . 21.62 34.73 9.66
C3 CIT X . 21.26 35.23 8.18
O7 CIT X . 21.49 34.23 7.17
C4 CIT X . 22.24 36.36 7.68
C5 CIT X . 23.65 36.32 8.31
O3 CIT X . 23.82 36.44 9.57
O4 CIT X . 24.70 36.19 7.64
C6 CIT X . 19.74 35.75 8.06
O5 CIT X . 18.93 35.14 7.30
O6 CIT X . 19.23 36.90 8.57
C1 CIT Y . 35.30 18.07 -11.34
O1 CIT Y . 34.79 16.96 -10.80
O2 CIT Y . 36.39 17.98 -11.91
C2 CIT Y . 34.67 19.32 -11.23
C3 CIT Y . 34.63 20.28 -12.53
O7 CIT Y . 34.22 21.61 -12.13
C4 CIT Y . 33.58 19.77 -13.49
C5 CIT Y . 32.30 19.86 -12.65
O3 CIT Y . 31.75 18.86 -11.96
O4 CIT Y . 31.84 21.03 -12.54
C6 CIT Y . 36.01 20.55 -13.17
O5 CIT Y . 36.48 19.77 -14.05
O6 CIT Y . 36.86 21.25 -12.59
C1 CIT Z . 15.68 71.56 -23.41
O1 CIT Z . 15.59 72.15 -22.34
O2 CIT Z . 16.06 72.29 -24.35
C2 CIT Z . 15.26 70.13 -23.63
C3 CIT Z . 16.02 69.04 -22.91
O7 CIT Z . 17.19 68.94 -23.78
C4 CIT Z . 15.29 67.70 -22.80
C5 CIT Z . 14.95 67.05 -24.09
O3 CIT Z . 13.83 66.46 -24.10
O4 CIT Z . 15.70 67.07 -25.12
C6 CIT Z . 16.28 69.46 -21.46
O5 CIT Z . 17.42 69.54 -20.90
O6 CIT Z . 15.24 69.71 -20.77
C1 CIT AA . 40.38 60.73 -37.21
O1 CIT AA . 40.13 59.90 -38.07
O2 CIT AA . 40.35 61.95 -37.47
C2 CIT AA . 40.85 60.29 -35.80
C3 CIT AA . 39.85 59.44 -35.20
O7 CIT AA . 38.89 60.60 -35.33
C4 CIT AA . 40.26 58.92 -33.84
C5 CIT AA . 40.73 59.86 -32.77
O3 CIT AA . 41.82 59.58 -32.17
O4 CIT AA . 40.05 60.79 -32.45
C6 CIT AA . 39.52 58.23 -36.03
O5 CIT AA . 40.39 57.43 -36.42
O6 CIT AA . 38.31 58.09 -36.36
C1 CIT BA . 17.71 -29.23 -26.98
O1 CIT BA . 16.63 -29.77 -26.61
O2 CIT BA . 17.50 -28.25 -27.82
C2 CIT BA . 19.14 -29.69 -26.57
C3 CIT BA . 19.43 -31.14 -25.97
O7 CIT BA . 20.56 -31.14 -25.03
C4 CIT BA . 20.17 -32.09 -26.87
C5 CIT BA . 21.61 -31.59 -26.85
O3 CIT BA . 22.60 -32.25 -26.66
O4 CIT BA . 21.88 -30.40 -26.97
C6 CIT BA . 18.30 -31.66 -25.03
O5 CIT BA . 17.55 -32.57 -25.43
O6 CIT BA . 18.06 -31.12 -23.87
C1 CIT CA . 37.41 -10.73 -13.65
O1 CIT CA . 38.64 -10.55 -13.90
O2 CIT CA . 36.52 -9.97 -14.10
C2 CIT CA . 36.78 -11.97 -12.97
C3 CIT CA . 37.60 -13.10 -12.38
O7 CIT CA . 37.50 -14.12 -13.42
C4 CIT CA . 37.03 -13.49 -10.95
C5 CIT CA . 35.53 -13.88 -10.91
O3 CIT CA . 34.70 -13.82 -9.94
O4 CIT CA . 35.02 -14.33 -11.97
C6 CIT CA . 39.11 -12.98 -12.27
O5 CIT CA . 39.51 -12.53 -11.19
O6 CIT CA . 39.97 -13.35 -13.07
C1 CIT DA . 32.78 -65.00 5.36
O1 CIT DA . 33.22 -66.09 5.84
O2 CIT DA . 31.53 -64.76 5.36
C2 CIT DA . 33.76 -64.01 4.78
C3 CIT DA . 33.16 -63.00 3.75
O7 CIT DA . 34.39 -62.26 3.38
C4 CIT DA . 31.94 -62.05 4.12
C5 CIT DA . 31.62 -61.42 5.52
O3 CIT DA . 32.45 -61.35 6.49
O4 CIT DA . 30.43 -60.95 5.69
C6 CIT DA . 32.67 -63.85 2.51
O5 CIT DA . 33.48 -64.28 1.65
O6 CIT DA . 31.46 -64.19 2.34
C1 CIT EA . 58.95 -51.78 6.43
O1 CIT EA . 57.99 -52.28 7.00
O2 CIT EA . 59.90 -51.40 7.10
C2 CIT EA . 58.97 -51.57 4.96
C3 CIT EA . 58.13 -50.39 4.43
O7 CIT EA . 56.79 -50.90 4.21
C4 CIT EA . 58.65 -49.97 3.02
C5 CIT EA . 58.30 -50.79 1.75
O3 CIT EA . 57.58 -51.83 1.80
O4 CIT EA . 58.78 -50.44 0.60
C6 CIT EA . 57.95 -49.28 5.52
O5 CIT EA . 56.98 -49.32 6.33
O6 CIT EA . 58.76 -48.32 5.66
#